data_2KJE
#
_entry.id   2KJE
#
loop_
_entity.id
_entity.type
_entity.pdbx_description
1 polymer 'CREB-binding protein'
2 polymer 'Early E1A 32 kDa protein'
3 non-polymer 'ZINC ION'
#
loop_
_entity_poly.entity_id
_entity_poly.type
_entity_poly.pdbx_seq_one_letter_code
_entity_poly.pdbx_strand_id
1 'polypeptide(L)'
;SPQESRRLSIQRCIQSLVHACQCRNANCSLPSCQKMKRVVQHTKGCKRKTNGGCPVCKQLIALCCYHAKHCQENKCPVPF
CLNIKHKLRQQQ
;
A
2 'polypeptide(L)' SHMAPEDPNEEAVSQIFPDSVMLAVQEGIDLLTFPPAPGSPE B
#
# COMPACT_ATOMS: atom_id res chain seq x y z
N SER A 1 -16.63 15.44 -7.61
CA SER A 1 -15.31 14.95 -7.21
C SER A 1 -15.18 13.42 -7.43
N PRO A 2 -14.99 12.95 -8.69
CA PRO A 2 -14.87 11.52 -9.01
C PRO A 2 -13.59 10.87 -8.46
N GLN A 3 -12.60 11.66 -8.06
CA GLN A 3 -11.33 11.22 -7.44
C GLN A 3 -11.51 10.74 -6.00
N GLU A 4 -12.61 11.12 -5.33
CA GLU A 4 -12.91 10.79 -3.94
C GLU A 4 -12.83 9.27 -3.65
N SER A 5 -13.60 8.45 -4.37
CA SER A 5 -13.64 6.99 -4.20
C SER A 5 -12.25 6.33 -4.30
N ARG A 6 -11.45 6.74 -5.28
CA ARG A 6 -10.08 6.22 -5.50
C ARG A 6 -9.13 6.67 -4.39
N ARG A 7 -9.14 7.96 -4.03
CA ARG A 7 -8.35 8.54 -2.93
C ARG A 7 -8.67 7.88 -1.59
N LEU A 8 -9.95 7.60 -1.33
CA LEU A 8 -10.42 6.89 -0.14
C LEU A 8 -9.92 5.43 -0.14
N SER A 9 -9.99 4.74 -1.27
CA SER A 9 -9.50 3.35 -1.39
C SER A 9 -7.99 3.27 -1.09
N ILE A 10 -7.21 4.21 -1.63
CA ILE A 10 -5.77 4.34 -1.39
C ILE A 10 -5.49 4.48 0.12
N GLN A 11 -6.01 5.53 0.78
CA GLN A 11 -5.77 5.77 2.21
C GLN A 11 -6.29 4.65 3.13
N ARG A 12 -7.42 4.00 2.79
CA ARG A 12 -7.96 2.84 3.54
C ARG A 12 -6.98 1.67 3.50
N CYS A 13 -6.49 1.29 2.32
CA CYS A 13 -5.49 0.23 2.16
C CYS A 13 -4.16 0.58 2.87
N ILE A 14 -3.80 1.86 2.94
CA ILE A 14 -2.59 2.33 3.66
C ILE A 14 -2.70 2.09 5.17
N GLN A 15 -3.90 2.06 5.77
CA GLN A 15 -4.01 1.67 7.18
C GLN A 15 -3.60 0.20 7.36
N SER A 16 -4.01 -0.65 6.41
CA SER A 16 -3.65 -2.08 6.33
C SER A 16 -2.14 -2.26 6.15
N LEU A 17 -1.51 -1.41 5.32
CA LEU A 17 -0.06 -1.35 5.11
C LEU A 17 0.65 -1.11 6.45
N VAL A 18 0.31 0.00 7.14
CA VAL A 18 0.88 0.34 8.46
C VAL A 18 0.69 -0.81 9.45
N HIS A 19 -0.54 -1.34 9.59
CA HIS A 19 -0.84 -2.48 10.46
C HIS A 19 0.10 -3.65 10.17
N ALA A 20 0.08 -4.20 8.95
CA ALA A 20 0.90 -5.35 8.55
C ALA A 20 2.42 -5.14 8.74
N CYS A 21 2.91 -3.89 8.70
CA CYS A 21 4.32 -3.55 8.93
C CYS A 21 4.70 -3.49 10.43
N GLN A 22 3.74 -3.44 11.36
CA GLN A 22 3.96 -3.41 12.82
C GLN A 22 3.34 -4.59 13.60
N CYS A 23 2.46 -5.38 12.96
CA CYS A 23 1.75 -6.53 13.50
C CYS A 23 2.71 -7.58 14.10
N ARG A 24 2.53 -7.85 15.39
CA ARG A 24 3.36 -8.75 16.23
C ARG A 24 3.26 -10.25 15.91
N ASN A 25 2.36 -10.68 15.03
CA ASN A 25 2.13 -12.08 14.67
C ASN A 25 1.87 -12.27 13.17
N ALA A 26 2.76 -12.97 12.45
CA ALA A 26 2.61 -13.27 11.03
C ALA A 26 1.32 -14.06 10.67
N ASN A 27 0.67 -14.68 11.66
CA ASN A 27 -0.56 -15.48 11.53
C ASN A 27 -1.86 -14.69 11.83
N CYS A 28 -1.80 -13.37 12.02
CA CYS A 28 -2.93 -12.48 12.33
C CYS A 28 -4.17 -12.74 11.45
N SER A 29 -5.32 -12.96 12.10
CA SER A 29 -6.60 -13.30 11.47
C SER A 29 -7.38 -12.11 10.89
N LEU A 30 -6.92 -10.88 11.07
CA LEU A 30 -7.55 -9.64 10.59
C LEU A 30 -7.58 -9.67 9.04
N PRO A 31 -8.76 -9.69 8.37
CA PRO A 31 -8.86 -9.82 6.91
C PRO A 31 -7.93 -8.91 6.11
N SER A 32 -7.80 -7.65 6.51
CA SER A 32 -6.93 -6.67 5.85
C SER A 32 -5.45 -7.04 5.99
N CYS A 33 -5.01 -7.47 7.19
CA CYS A 33 -3.66 -7.93 7.48
C CYS A 33 -3.33 -9.17 6.62
N GLN A 34 -4.22 -10.17 6.63
CA GLN A 34 -4.11 -11.39 5.82
C GLN A 34 -3.86 -11.07 4.33
N LYS A 35 -4.67 -10.18 3.75
CA LYS A 35 -4.55 -9.74 2.36
C LYS A 35 -3.23 -9.00 2.11
N MET A 36 -2.86 -8.07 2.99
CA MET A 36 -1.60 -7.32 2.92
C MET A 36 -0.36 -8.24 2.96
N LYS A 37 -0.36 -9.26 3.81
CA LYS A 37 0.73 -10.24 3.97
C LYS A 37 1.20 -10.84 2.64
N ARG A 38 0.29 -11.15 1.71
CA ARG A 38 0.63 -11.67 0.37
C ARG A 38 1.53 -10.72 -0.42
N VAL A 39 1.08 -9.48 -0.66
CA VAL A 39 1.89 -8.47 -1.39
C VAL A 39 3.18 -8.11 -0.66
N VAL A 40 3.17 -8.05 0.67
CA VAL A 40 4.36 -7.79 1.50
C VAL A 40 5.39 -8.91 1.31
N GLN A 41 4.99 -10.18 1.43
CA GLN A 41 5.84 -11.35 1.19
C GLN A 41 6.34 -11.43 -0.27
N HIS A 42 5.56 -10.93 -1.23
CA HIS A 42 5.93 -10.87 -2.64
C HIS A 42 7.07 -9.86 -2.84
N THR A 43 6.84 -8.56 -2.62
CA THR A 43 7.83 -7.51 -2.89
C THR A 43 9.19 -7.71 -2.19
N LYS A 44 9.20 -8.27 -0.97
CA LYS A 44 10.46 -8.53 -0.23
C LYS A 44 11.33 -9.67 -0.81
N GLY A 45 10.77 -10.52 -1.68
CA GLY A 45 11.44 -11.66 -2.30
C GLY A 45 11.47 -11.68 -3.84
N CYS A 46 10.67 -10.84 -4.51
CA CYS A 46 10.58 -10.73 -5.97
C CYS A 46 11.93 -10.41 -6.62
N LYS A 47 12.44 -11.35 -7.42
CA LYS A 47 13.71 -11.27 -8.16
C LYS A 47 13.68 -10.26 -9.32
N ARG A 48 12.50 -9.72 -9.65
CA ARG A 48 12.24 -8.73 -10.71
C ARG A 48 11.95 -7.36 -10.11
N LYS A 49 10.88 -7.25 -9.31
CA LYS A 49 10.33 -6.04 -8.69
C LYS A 49 10.21 -4.82 -9.62
N THR A 50 9.98 -3.64 -9.07
CA THR A 50 9.83 -2.38 -9.83
C THR A 50 11.04 -2.07 -10.73
N ASN A 51 12.24 -2.51 -10.34
CA ASN A 51 13.47 -2.38 -11.11
C ASN A 51 13.39 -3.09 -12.48
N GLY A 52 12.77 -4.29 -12.52
CA GLY A 52 12.56 -5.09 -13.72
C GLY A 52 11.17 -4.91 -14.37
N GLY A 53 10.26 -4.15 -13.74
CA GLY A 53 8.92 -3.85 -14.25
C GLY A 53 7.76 -4.67 -13.65
N CYS A 54 7.98 -5.41 -12.55
CA CYS A 54 6.96 -6.23 -11.90
C CYS A 54 5.74 -5.38 -11.45
N PRO A 55 4.51 -5.70 -11.92
CA PRO A 55 3.31 -4.92 -11.59
C PRO A 55 2.90 -5.00 -10.11
N VAL A 56 3.00 -6.18 -9.46
CA VAL A 56 2.63 -6.38 -8.04
C VAL A 56 3.36 -5.41 -7.12
N CYS A 57 4.70 -5.45 -7.14
CA CYS A 57 5.59 -4.60 -6.36
C CYS A 57 5.24 -3.11 -6.56
N LYS A 58 4.97 -2.70 -7.81
CA LYS A 58 4.56 -1.33 -8.17
C LYS A 58 3.25 -0.94 -7.47
N GLN A 59 2.23 -1.81 -7.46
CA GLN A 59 0.96 -1.52 -6.77
C GLN A 59 1.18 -1.27 -5.27
N LEU A 60 2.02 -2.07 -4.62
CA LEU A 60 2.35 -1.88 -3.20
C LEU A 60 3.07 -0.54 -2.98
N ILE A 61 4.15 -0.30 -3.74
CA ILE A 61 4.97 0.91 -3.67
C ILE A 61 4.19 2.19 -4.01
N ALA A 62 3.15 2.14 -4.85
CA ALA A 62 2.29 3.29 -5.14
C ALA A 62 1.61 3.82 -3.86
N LEU A 63 1.10 2.91 -3.02
CA LEU A 63 0.49 3.24 -1.71
C LEU A 63 1.57 3.69 -0.72
N CYS A 64 2.74 3.06 -0.72
CA CYS A 64 3.88 3.49 0.10
C CYS A 64 4.28 4.94 -0.25
N CYS A 65 4.24 5.30 -1.54
CA CYS A 65 4.51 6.64 -2.05
C CYS A 65 3.47 7.64 -1.54
N TYR A 66 2.17 7.36 -1.71
CA TYR A 66 1.08 8.21 -1.20
C TYR A 66 1.24 8.42 0.32
N HIS A 67 1.53 7.37 1.08
CA HIS A 67 1.78 7.43 2.52
C HIS A 67 2.96 8.38 2.81
N ALA A 68 4.15 8.09 2.28
CA ALA A 68 5.39 8.85 2.47
C ALA A 68 5.28 10.35 2.09
N LYS A 69 4.48 10.67 1.06
CA LYS A 69 4.20 12.04 0.58
C LYS A 69 3.66 12.92 1.72
N HIS A 70 2.73 12.37 2.51
CA HIS A 70 2.12 13.01 3.68
C HIS A 70 2.86 12.75 5.02
N CYS A 71 3.55 11.62 5.16
CA CYS A 71 4.30 11.22 6.36
C CYS A 71 5.49 12.15 6.68
N GLN A 72 6.01 12.05 7.89
CA GLN A 72 7.14 12.81 8.44
C GLN A 72 7.93 12.09 9.56
N GLU A 73 7.52 10.89 9.99
CA GLU A 73 8.19 10.12 11.05
C GLU A 73 9.53 9.54 10.54
N ASN A 74 10.66 10.00 11.08
CA ASN A 74 12.01 9.57 10.69
C ASN A 74 12.31 8.06 10.89
N LYS A 75 11.47 7.33 11.64
CA LYS A 75 11.60 5.89 11.97
C LYS A 75 10.29 5.09 11.77
N CYS A 76 9.45 5.53 10.82
CA CYS A 76 8.16 4.93 10.45
C CYS A 76 8.27 3.40 10.24
N PRO A 77 7.33 2.57 10.74
CA PRO A 77 7.39 1.10 10.63
C PRO A 77 7.33 0.56 9.20
N VAL A 78 6.76 1.32 8.24
CA VAL A 78 6.69 0.95 6.81
C VAL A 78 8.11 1.03 6.21
N PRO A 79 8.67 -0.06 5.63
CA PRO A 79 10.05 -0.06 5.13
C PRO A 79 10.29 0.89 3.95
N PHE A 80 9.36 0.93 2.99
CA PHE A 80 9.45 1.79 1.80
C PHE A 80 9.25 3.28 2.11
N CYS A 81 8.47 3.62 3.14
CA CYS A 81 8.14 4.99 3.55
C CYS A 81 9.40 5.89 3.60
N LEU A 82 10.32 5.58 4.52
CA LEU A 82 11.58 6.30 4.73
C LEU A 82 12.42 6.44 3.44
N ASN A 83 12.45 5.41 2.58
CA ASN A 83 13.16 5.49 1.30
C ASN A 83 12.50 6.56 0.41
N ILE A 84 11.18 6.50 0.22
CA ILE A 84 10.44 7.50 -0.55
C ILE A 84 10.65 8.91 0.04
N LYS A 85 10.54 9.10 1.37
CA LYS A 85 10.80 10.40 2.05
C LYS A 85 12.16 10.98 1.65
N HIS A 86 13.20 10.16 1.62
CA HIS A 86 14.54 10.56 1.19
C HIS A 86 14.62 10.88 -0.31
N LYS A 87 13.89 10.14 -1.16
CA LYS A 87 13.81 10.33 -2.62
C LYS A 87 13.10 11.63 -2.99
N LEU A 88 12.01 11.97 -2.29
CA LEU A 88 11.25 13.21 -2.45
C LEU A 88 12.14 14.46 -2.28
N ARG A 89 13.06 14.44 -1.31
CA ARG A 89 14.02 15.54 -1.07
C ARG A 89 14.96 15.79 -2.26
N GLN A 90 15.24 14.77 -3.07
CA GLN A 90 16.09 14.89 -4.28
C GLN A 90 15.36 15.60 -5.44
N GLN A 91 14.02 15.61 -5.43
CA GLN A 91 13.17 16.24 -6.46
C GLN A 91 13.09 17.77 -6.31
N GLN A 92 13.36 18.31 -5.12
CA GLN A 92 13.33 19.75 -4.83
C GLN A 92 14.42 20.52 -5.57
N SER B 1 -15.42 -14.19 19.86
CA SER B 1 -14.19 -13.41 20.07
C SER B 1 -12.90 -14.21 19.80
N HIS B 2 -13.01 -15.51 19.49
CA HIS B 2 -11.89 -16.42 19.20
C HIS B 2 -11.15 -16.12 17.89
N MET B 3 -11.75 -15.32 17.00
CA MET B 3 -11.20 -14.90 15.70
C MET B 3 -11.65 -13.47 15.33
N ALA B 4 -11.01 -12.87 14.31
CA ALA B 4 -11.31 -11.52 13.83
C ALA B 4 -12.64 -11.49 13.04
N PRO B 5 -13.63 -10.66 13.43
CA PRO B 5 -14.93 -10.59 12.77
C PRO B 5 -14.85 -10.05 11.33
N GLU B 6 -14.48 -8.78 11.17
CA GLU B 6 -14.33 -8.05 9.90
C GLU B 6 -13.52 -6.76 10.11
N ASP B 7 -13.20 -6.04 9.04
CA ASP B 7 -12.50 -4.76 9.05
C ASP B 7 -13.04 -3.87 7.91
N PRO B 8 -13.64 -2.69 8.18
CA PRO B 8 -14.21 -1.81 7.14
C PRO B 8 -13.30 -1.50 5.96
N ASN B 9 -11.98 -1.43 6.17
CA ASN B 9 -10.98 -1.13 5.15
C ASN B 9 -10.74 -2.32 4.18
N GLU B 10 -11.16 -3.54 4.51
CA GLU B 10 -10.92 -4.73 3.66
C GLU B 10 -11.54 -4.62 2.26
N GLU B 11 -12.59 -3.83 2.09
CA GLU B 11 -13.23 -3.55 0.79
C GLU B 11 -12.32 -2.73 -0.13
N ALA B 12 -11.49 -1.85 0.46
CA ALA B 12 -10.49 -1.06 -0.25
C ALA B 12 -9.25 -1.90 -0.60
N VAL B 13 -8.93 -2.93 0.19
CA VAL B 13 -7.81 -3.85 -0.06
C VAL B 13 -8.18 -4.85 -1.15
N SER B 14 -9.34 -5.50 -1.03
CA SER B 14 -9.85 -6.55 -1.92
C SER B 14 -9.87 -6.18 -3.40
N GLN B 15 -10.27 -4.95 -3.73
CA GLN B 15 -10.30 -4.48 -5.13
C GLN B 15 -8.89 -4.34 -5.75
N ILE B 16 -7.84 -4.23 -4.92
CA ILE B 16 -6.43 -4.19 -5.33
C ILE B 16 -5.84 -5.62 -5.36
N PHE B 17 -5.96 -6.35 -4.24
CA PHE B 17 -5.51 -7.73 -4.01
C PHE B 17 -6.39 -8.46 -2.97
N PRO B 18 -7.36 -9.30 -3.39
CA PRO B 18 -8.23 -10.05 -2.48
C PRO B 18 -7.51 -11.28 -1.87
N ASP B 19 -8.21 -11.99 -0.97
CA ASP B 19 -7.70 -13.19 -0.31
C ASP B 19 -7.53 -14.38 -1.29
N SER B 20 -8.35 -14.43 -2.35
CA SER B 20 -8.39 -15.51 -3.34
C SER B 20 -7.20 -15.57 -4.33
N VAL B 21 -6.81 -14.42 -4.92
CA VAL B 21 -5.75 -14.34 -5.95
C VAL B 21 -4.88 -13.08 -5.86
N MET B 22 -3.71 -13.10 -6.50
CA MET B 22 -2.79 -11.96 -6.60
C MET B 22 -3.25 -10.99 -7.72
N LEU B 23 -4.42 -10.36 -7.55
CA LEU B 23 -5.01 -9.41 -8.51
C LEU B 23 -4.09 -8.23 -8.84
N ALA B 24 -3.16 -7.88 -7.95
CA ALA B 24 -2.15 -6.84 -8.15
C ALA B 24 -1.23 -7.10 -9.37
N VAL B 25 -1.14 -8.34 -9.87
CA VAL B 25 -0.35 -8.68 -11.07
C VAL B 25 -1.00 -8.16 -12.37
N GLN B 26 -2.29 -7.79 -12.34
CA GLN B 26 -3.05 -7.27 -13.48
C GLN B 26 -3.72 -5.90 -13.20
N GLU B 27 -3.97 -5.53 -11.94
CA GLU B 27 -4.54 -4.24 -11.55
C GLU B 27 -3.54 -3.07 -11.73
N GLY B 28 -4.04 -1.84 -11.90
CA GLY B 28 -3.26 -0.62 -12.08
C GLY B 28 -3.85 0.56 -11.29
N ILE B 29 -3.36 0.77 -10.07
CA ILE B 29 -3.79 1.86 -9.15
C ILE B 29 -3.49 3.23 -9.79
N ASP B 30 -4.52 4.04 -10.01
CA ASP B 30 -4.42 5.40 -10.58
C ASP B 30 -4.00 6.44 -9.52
N LEU B 31 -2.77 6.31 -9.00
CA LEU B 31 -2.16 7.18 -7.98
C LEU B 31 -2.28 8.68 -8.27
N LEU B 32 -2.39 9.07 -9.54
CA LEU B 32 -2.60 10.44 -10.04
C LEU B 32 -3.85 11.12 -9.45
N THR B 33 -4.77 10.34 -8.87
CA THR B 33 -6.00 10.78 -8.19
C THR B 33 -5.77 11.63 -6.93
N PHE B 34 -4.53 11.69 -6.40
CA PHE B 34 -4.16 12.49 -5.22
C PHE B 34 -4.40 14.01 -5.45
N PRO B 35 -4.53 14.83 -4.38
CA PRO B 35 -4.81 16.26 -4.52
C PRO B 35 -3.62 17.06 -5.11
N PRO B 36 -3.85 18.00 -6.04
CA PRO B 36 -2.81 18.81 -6.66
C PRO B 36 -2.26 19.91 -5.73
N ALA B 37 -1.23 20.62 -6.19
CA ALA B 37 -0.60 21.75 -5.48
C ALA B 37 -1.58 22.93 -5.29
N PRO B 38 -1.35 23.83 -4.31
CA PRO B 38 -2.22 24.99 -4.06
C PRO B 38 -2.18 26.06 -5.17
N GLY B 39 -1.20 26.01 -6.07
CA GLY B 39 -1.02 26.89 -7.23
C GLY B 39 0.08 26.40 -8.17
N SER B 40 -0.01 26.78 -9.44
CA SER B 40 0.92 26.43 -10.52
C SER B 40 1.10 27.59 -11.53
N PRO B 41 2.18 27.62 -12.35
CA PRO B 41 2.43 28.67 -13.34
C PRO B 41 1.31 28.86 -14.39
N GLU B 42 0.65 27.78 -14.81
CA GLU B 42 -0.43 27.71 -15.81
C GLU B 42 -0.27 28.70 -16.97
N SER A 1 -18.18 11.60 -5.37
CA SER A 1 -17.17 11.92 -6.38
C SER A 1 -16.20 10.74 -6.62
N PRO A 2 -15.79 10.46 -7.87
CA PRO A 2 -14.83 9.39 -8.16
C PRO A 2 -13.45 9.71 -7.57
N GLN A 3 -13.04 11.00 -7.54
CA GLN A 3 -11.79 11.45 -6.93
C GLN A 3 -11.80 11.18 -5.42
N GLU A 4 -12.90 11.52 -4.74
CA GLU A 4 -13.09 11.26 -3.31
C GLU A 4 -13.03 9.75 -3.04
N SER A 5 -13.81 8.95 -3.77
CA SER A 5 -13.85 7.49 -3.67
C SER A 5 -12.45 6.87 -3.82
N ARG A 6 -11.68 7.28 -4.84
CA ARG A 6 -10.30 6.87 -5.09
C ARG A 6 -9.37 7.24 -3.92
N ARG A 7 -9.41 8.50 -3.45
CA ARG A 7 -8.60 8.97 -2.31
C ARG A 7 -8.91 8.20 -1.02
N LEU A 8 -10.19 7.92 -0.76
CA LEU A 8 -10.64 7.11 0.38
C LEU A 8 -10.14 5.66 0.26
N SER A 9 -10.22 5.07 -0.93
CA SER A 9 -9.72 3.71 -1.21
C SER A 9 -8.23 3.59 -0.91
N ILE A 10 -7.44 4.54 -1.40
CA ILE A 10 -5.99 4.65 -1.18
C ILE A 10 -5.67 4.67 0.32
N GLN A 11 -6.18 5.67 1.07
CA GLN A 11 -5.90 5.80 2.51
C GLN A 11 -6.38 4.60 3.35
N ARG A 12 -7.53 3.99 3.02
CA ARG A 12 -8.06 2.79 3.70
C ARG A 12 -7.07 1.63 3.57
N CYS A 13 -6.68 1.27 2.33
CA CYS A 13 -5.69 0.22 2.08
C CYS A 13 -4.35 0.51 2.80
N ILE A 14 -3.94 1.79 2.84
CA ILE A 14 -2.74 2.23 3.56
C ILE A 14 -2.82 1.95 5.08
N GLN A 15 -4.00 1.94 5.71
CA GLN A 15 -4.11 1.55 7.13
C GLN A 15 -3.71 0.09 7.31
N SER A 16 -4.22 -0.80 6.44
CA SER A 16 -3.88 -2.23 6.40
C SER A 16 -2.39 -2.45 6.15
N LEU A 17 -1.79 -1.64 5.25
CA LEU A 17 -0.36 -1.66 4.93
C LEU A 17 0.48 -1.32 6.18
N VAL A 18 0.19 -0.20 6.86
CA VAL A 18 0.88 0.20 8.10
C VAL A 18 0.76 -0.91 9.14
N HIS A 19 -0.45 -1.44 9.38
CA HIS A 19 -0.69 -2.56 10.31
C HIS A 19 0.22 -3.74 9.97
N ALA A 20 0.16 -4.25 8.74
CA ALA A 20 0.99 -5.36 8.27
C ALA A 20 2.50 -5.12 8.43
N CYS A 21 2.98 -3.88 8.34
CA CYS A 21 4.39 -3.52 8.54
C CYS A 21 4.84 -3.50 10.01
N GLN A 22 3.91 -3.52 10.98
CA GLN A 22 4.19 -3.52 12.43
C GLN A 22 3.65 -4.74 13.20
N CYS A 23 2.77 -5.54 12.60
CA CYS A 23 2.13 -6.72 13.17
C CYS A 23 3.16 -7.81 13.54
N ARG A 24 3.38 -7.97 14.85
CA ARG A 24 4.35 -8.91 15.46
C ARG A 24 4.00 -10.40 15.39
N ASN A 25 2.82 -10.77 14.86
CA ASN A 25 2.37 -12.16 14.77
C ASN A 25 1.75 -12.47 13.39
N ALA A 26 2.43 -13.28 12.57
CA ALA A 26 1.94 -13.69 11.25
C ALA A 26 0.58 -14.44 11.26
N ASN A 27 0.14 -14.92 12.42
CA ASN A 27 -1.13 -15.62 12.63
C ASN A 27 -2.32 -14.68 12.97
N CYS A 28 -2.11 -13.35 12.95
CA CYS A 28 -3.11 -12.30 13.21
C CYS A 28 -4.42 -12.56 12.41
N SER A 29 -5.55 -12.60 13.12
CA SER A 29 -6.86 -12.96 12.56
C SER A 29 -7.55 -11.88 11.71
N LEU A 30 -6.98 -10.67 11.54
CA LEU A 30 -7.60 -9.61 10.73
C LEU A 30 -7.65 -10.06 9.25
N PRO A 31 -8.78 -9.94 8.54
CA PRO A 31 -8.90 -10.42 7.16
C PRO A 31 -7.94 -9.71 6.18
N SER A 32 -7.72 -8.42 6.39
CA SER A 32 -6.81 -7.59 5.58
C SER A 32 -5.33 -7.89 5.84
N CYS A 33 -4.90 -8.05 7.09
CA CYS A 33 -3.52 -8.32 7.50
C CYS A 33 -2.95 -9.60 6.85
N GLN A 34 -3.72 -10.68 6.83
CA GLN A 34 -3.34 -12.00 6.31
C GLN A 34 -3.02 -11.92 4.83
N LYS A 35 -3.94 -11.35 4.06
CA LYS A 35 -3.80 -11.10 2.62
C LYS A 35 -2.65 -10.13 2.35
N MET A 36 -2.60 -8.98 3.04
CA MET A 36 -1.53 -7.98 2.90
C MET A 36 -0.14 -8.61 3.10
N LYS A 37 0.03 -9.50 4.09
CA LYS A 37 1.29 -10.24 4.35
C LYS A 37 1.83 -10.94 3.10
N ARG A 38 0.99 -11.60 2.29
CA ARG A 38 1.42 -12.27 1.04
C ARG A 38 2.03 -11.28 0.06
N VAL A 39 1.41 -10.11 -0.10
CA VAL A 39 1.91 -9.03 -0.98
C VAL A 39 3.21 -8.42 -0.43
N VAL A 40 3.27 -8.16 0.88
CA VAL A 40 4.47 -7.66 1.58
C VAL A 40 5.65 -8.63 1.40
N GLN A 41 5.39 -9.94 1.55
CA GLN A 41 6.37 -11.01 1.36
C GLN A 41 6.84 -11.14 -0.12
N HIS A 42 6.01 -10.73 -1.08
CA HIS A 42 6.36 -10.73 -2.51
C HIS A 42 7.42 -9.64 -2.78
N THR A 43 7.07 -8.36 -2.63
CA THR A 43 7.95 -7.24 -2.98
C THR A 43 9.32 -7.26 -2.29
N LYS A 44 9.41 -7.70 -1.03
CA LYS A 44 10.69 -7.77 -0.29
C LYS A 44 11.71 -8.79 -0.85
N GLY A 45 11.28 -9.71 -1.72
CA GLY A 45 12.12 -10.77 -2.31
C GLY A 45 11.97 -10.99 -3.83
N CYS A 46 11.16 -10.18 -4.52
CA CYS A 46 10.89 -10.29 -5.95
C CYS A 46 12.17 -10.19 -6.81
N LYS A 47 12.34 -11.16 -7.72
CA LYS A 47 13.46 -11.27 -8.67
C LYS A 47 13.38 -10.22 -9.80
N ARG A 48 12.27 -9.48 -9.91
CA ARG A 48 12.00 -8.44 -10.92
C ARG A 48 11.80 -7.06 -10.28
N LYS A 49 10.84 -6.94 -9.35
CA LYS A 49 10.44 -5.72 -8.64
C LYS A 49 10.06 -4.55 -9.58
N THR A 50 9.80 -3.37 -9.03
CA THR A 50 9.48 -2.16 -9.79
C THR A 50 10.59 -1.76 -10.77
N ASN A 51 11.86 -2.08 -10.45
CA ASN A 51 13.02 -1.84 -11.30
C ASN A 51 12.90 -2.57 -12.66
N GLY A 52 12.40 -3.81 -12.65
CA GLY A 52 12.15 -4.63 -13.83
C GLY A 52 10.73 -4.51 -14.41
N GLY A 53 9.83 -3.79 -13.72
CA GLY A 53 8.44 -3.55 -14.13
C GLY A 53 7.38 -4.46 -13.51
N CYS A 54 7.69 -5.21 -12.44
CA CYS A 54 6.76 -6.12 -11.77
C CYS A 54 5.48 -5.40 -11.29
N PRO A 55 4.28 -5.79 -11.76
CA PRO A 55 3.02 -5.13 -11.42
C PRO A 55 2.65 -5.26 -9.93
N VAL A 56 2.87 -6.42 -9.29
CA VAL A 56 2.56 -6.65 -7.86
C VAL A 56 3.26 -5.61 -6.99
N CYS A 57 4.59 -5.54 -7.09
CA CYS A 57 5.45 -4.60 -6.40
C CYS A 57 4.98 -3.16 -6.64
N LYS A 58 4.66 -2.79 -7.90
CA LYS A 58 4.16 -1.45 -8.25
C LYS A 58 2.91 -1.07 -7.45
N GLN A 59 1.94 -1.97 -7.26
CA GLN A 59 0.73 -1.68 -6.46
C GLN A 59 1.09 -1.32 -5.01
N LEU A 60 2.02 -2.07 -4.39
CA LEU A 60 2.51 -1.78 -3.04
C LEU A 60 3.28 -0.45 -2.99
N ILE A 61 4.29 -0.27 -3.84
CA ILE A 61 5.11 0.95 -3.90
C ILE A 61 4.25 2.20 -4.17
N ALA A 62 3.18 2.11 -4.97
CA ALA A 62 2.26 3.23 -5.20
C ALA A 62 1.64 3.73 -3.87
N LEU A 63 1.06 2.84 -3.08
CA LEU A 63 0.47 3.15 -1.77
C LEU A 63 1.55 3.56 -0.75
N CYS A 64 2.73 2.95 -0.77
CA CYS A 64 3.87 3.38 0.06
C CYS A 64 4.26 4.83 -0.26
N CYS A 65 4.29 5.20 -1.55
CA CYS A 65 4.58 6.54 -2.03
C CYS A 65 3.51 7.54 -1.56
N TYR A 66 2.22 7.22 -1.76
CA TYR A 66 1.12 8.06 -1.29
C TYR A 66 1.20 8.30 0.23
N HIS A 67 1.47 7.24 1.01
CA HIS A 67 1.67 7.32 2.45
C HIS A 67 2.84 8.27 2.78
N ALA A 68 4.03 8.01 2.24
CA ALA A 68 5.25 8.80 2.43
C ALA A 68 5.10 10.31 2.10
N LYS A 69 4.22 10.65 1.15
CA LYS A 69 3.91 12.02 0.73
C LYS A 69 3.48 12.88 1.93
N HIS A 70 2.52 12.38 2.71
CA HIS A 70 1.96 13.02 3.90
C HIS A 70 2.69 12.68 5.21
N CYS A 71 3.34 11.52 5.30
CA CYS A 71 4.03 11.05 6.52
C CYS A 71 5.19 11.99 6.96
N GLN A 72 5.35 12.12 8.28
CA GLN A 72 6.32 12.99 8.95
C GLN A 72 7.12 12.27 10.08
N GLU A 73 6.85 11.00 10.37
CA GLU A 73 7.56 10.21 11.39
C GLU A 73 8.95 9.75 10.89
N ASN A 74 10.02 10.23 11.52
CA ASN A 74 11.41 9.93 11.15
C ASN A 74 11.79 8.43 11.21
N LYS A 75 11.05 7.60 11.97
CA LYS A 75 11.27 6.16 12.19
C LYS A 75 10.03 5.29 11.90
N CYS A 76 9.20 5.71 10.92
CA CYS A 76 7.96 5.04 10.50
C CYS A 76 8.16 3.51 10.25
N PRO A 77 7.26 2.61 10.73
CA PRO A 77 7.41 1.16 10.59
C PRO A 77 7.36 0.63 9.14
N VAL A 78 6.78 1.35 8.19
CA VAL A 78 6.69 0.97 6.76
C VAL A 78 8.10 1.04 6.13
N PRO A 79 8.71 -0.09 5.69
CA PRO A 79 10.07 -0.11 5.13
C PRO A 79 10.32 0.90 3.99
N PHE A 80 9.39 0.99 3.05
CA PHE A 80 9.49 1.85 1.88
C PHE A 80 9.20 3.34 2.15
N CYS A 81 8.43 3.68 3.19
CA CYS A 81 8.04 5.05 3.54
C CYS A 81 9.26 5.99 3.60
N LEU A 82 10.14 5.77 4.58
CA LEU A 82 11.39 6.52 4.81
C LEU A 82 12.27 6.62 3.56
N ASN A 83 12.36 5.54 2.77
CA ASN A 83 13.10 5.50 1.51
C ASN A 83 12.47 6.48 0.50
N ILE A 84 11.15 6.45 0.29
CA ILE A 84 10.45 7.41 -0.57
C ILE A 84 10.68 8.85 -0.07
N LYS A 85 10.57 9.13 1.24
CA LYS A 85 10.84 10.48 1.80
C LYS A 85 12.22 10.99 1.36
N HIS A 86 13.25 10.16 1.43
CA HIS A 86 14.60 10.50 0.95
C HIS A 86 14.57 10.83 -0.55
N LYS A 87 13.98 9.97 -1.39
CA LYS A 87 13.84 10.20 -2.84
C LYS A 87 13.15 11.54 -3.14
N LEU A 88 12.06 11.86 -2.43
CA LEU A 88 11.33 13.14 -2.53
C LEU A 88 12.22 14.34 -2.23
N ARG A 89 13.02 14.30 -1.16
CA ARG A 89 13.98 15.37 -0.78
C ARG A 89 15.21 15.45 -1.72
N GLN A 90 15.55 14.36 -2.40
CA GLN A 90 16.69 14.25 -3.32
C GLN A 90 16.42 14.82 -4.73
N GLN A 91 15.16 15.21 -5.04
CA GLN A 91 14.77 15.80 -6.32
C GLN A 91 15.48 17.13 -6.63
N GLN A 92 15.54 17.50 -7.92
CA GLN A 92 16.14 18.73 -8.46
C GLN A 92 17.49 19.10 -7.80
N SER B 1 -11.54 -21.48 16.70
CA SER B 1 -12.77 -22.21 16.42
C SER B 1 -13.67 -21.55 15.37
N HIS B 2 -13.28 -20.37 14.86
CA HIS B 2 -14.00 -19.59 13.84
C HIS B 2 -13.06 -18.87 12.86
N MET B 3 -13.62 -18.34 11.77
CA MET B 3 -12.92 -17.58 10.73
C MET B 3 -12.63 -16.12 11.16
N ALA B 4 -11.98 -15.34 10.28
CA ALA B 4 -11.67 -13.92 10.51
C ALA B 4 -12.96 -13.08 10.76
N PRO B 5 -12.92 -12.05 11.64
CA PRO B 5 -14.07 -11.20 11.95
C PRO B 5 -14.34 -10.20 10.80
N GLU B 6 -13.84 -8.96 10.89
CA GLU B 6 -13.96 -7.90 9.88
C GLU B 6 -12.93 -6.77 10.11
N ASP B 7 -12.79 -5.89 9.12
CA ASP B 7 -11.95 -4.69 9.15
C ASP B 7 -12.47 -3.67 8.12
N PRO B 8 -12.92 -2.46 8.49
CA PRO B 8 -13.46 -1.47 7.55
C PRO B 8 -12.62 -1.21 6.29
N ASN B 9 -11.29 -1.30 6.40
CA ASN B 9 -10.36 -1.10 5.28
C ASN B 9 -10.40 -2.24 4.24
N GLU B 10 -10.92 -3.43 4.60
CA GLU B 10 -10.95 -4.58 3.69
C GLU B 10 -11.79 -4.33 2.44
N GLU B 11 -12.77 -3.44 2.54
CA GLU B 11 -13.64 -2.99 1.45
C GLU B 11 -12.81 -2.31 0.35
N ALA B 12 -11.79 -1.54 0.74
CA ALA B 12 -10.85 -0.85 -0.15
C ALA B 12 -9.71 -1.77 -0.61
N VAL B 13 -9.26 -2.72 0.21
CA VAL B 13 -8.21 -3.69 -0.13
C VAL B 13 -8.71 -4.67 -1.21
N SER B 14 -9.93 -5.20 -1.04
CA SER B 14 -10.59 -6.19 -1.91
C SER B 14 -10.52 -5.87 -3.40
N GLN B 15 -10.89 -4.66 -3.82
CA GLN B 15 -10.85 -4.22 -5.23
C GLN B 15 -9.43 -4.17 -5.83
N ILE B 16 -8.37 -4.06 -4.99
CA ILE B 16 -6.96 -4.02 -5.39
C ILE B 16 -6.38 -5.45 -5.42
N PHE B 17 -6.51 -6.16 -4.30
CA PHE B 17 -6.09 -7.54 -4.05
C PHE B 17 -6.95 -8.21 -2.94
N PRO B 18 -7.96 -9.03 -3.30
CA PRO B 18 -8.83 -9.70 -2.33
C PRO B 18 -8.17 -10.95 -1.74
N ASP B 19 -8.74 -11.50 -0.66
CA ASP B 19 -8.24 -12.73 0.00
C ASP B 19 -8.24 -13.97 -0.91
N SER B 20 -9.02 -13.96 -2.00
CA SER B 20 -9.19 -15.06 -2.96
C SER B 20 -8.17 -15.10 -4.12
N VAL B 21 -7.47 -14.00 -4.46
CA VAL B 21 -6.52 -13.97 -5.59
C VAL B 21 -5.43 -12.90 -5.48
N MET B 22 -4.27 -13.18 -6.07
CA MET B 22 -3.11 -12.29 -6.23
C MET B 22 -3.34 -11.20 -7.30
N LEU B 23 -4.58 -10.70 -7.46
CA LEU B 23 -5.01 -9.65 -8.41
C LEU B 23 -4.05 -8.46 -8.61
N ALA B 24 -3.18 -8.14 -7.64
CA ALA B 24 -2.14 -7.12 -7.76
C ALA B 24 -1.25 -7.31 -9.01
N VAL B 25 -1.08 -8.55 -9.49
CA VAL B 25 -0.31 -8.88 -10.71
C VAL B 25 -1.02 -8.42 -12.01
N GLN B 26 -2.30 -8.08 -11.95
CA GLN B 26 -3.13 -7.63 -13.07
C GLN B 26 -3.60 -6.16 -12.92
N GLU B 27 -3.79 -5.71 -11.68
CA GLU B 27 -4.25 -4.36 -11.30
C GLU B 27 -3.26 -3.22 -11.67
N GLY B 28 -3.74 -1.98 -11.67
CA GLY B 28 -2.98 -0.76 -11.98
C GLY B 28 -3.60 0.48 -11.32
N ILE B 29 -3.29 0.70 -10.04
CA ILE B 29 -3.79 1.82 -9.21
C ILE B 29 -3.48 3.18 -9.86
N ASP B 30 -4.51 4.03 -10.02
CA ASP B 30 -4.44 5.37 -10.61
C ASP B 30 -3.79 6.43 -9.68
N LEU B 31 -2.50 6.28 -9.38
CA LEU B 31 -1.72 7.25 -8.59
C LEU B 31 -1.26 8.46 -9.44
N LEU B 32 -1.15 8.28 -10.75
CA LEU B 32 -0.67 9.24 -11.76
C LEU B 32 -1.37 10.60 -11.71
N THR B 33 -2.67 10.59 -11.38
CA THR B 33 -3.55 11.76 -11.30
C THR B 33 -3.35 12.62 -10.04
N PHE B 34 -2.49 12.20 -9.11
CA PHE B 34 -2.17 12.92 -7.86
C PHE B 34 -0.78 13.61 -7.92
N PRO B 35 -0.55 14.69 -7.13
CA PRO B 35 0.73 15.40 -7.12
C PRO B 35 1.85 14.60 -6.41
N PRO B 36 3.13 14.87 -6.72
CA PRO B 36 4.29 14.19 -6.11
C PRO B 36 4.61 14.66 -4.68
N ALA B 37 4.02 15.77 -4.21
CA ALA B 37 4.22 16.38 -2.90
C ALA B 37 2.90 16.91 -2.30
N PRO B 38 2.80 17.09 -0.96
CA PRO B 38 1.58 17.57 -0.31
C PRO B 38 1.40 19.11 -0.36
N GLY B 39 2.41 19.86 -0.82
CA GLY B 39 2.43 21.33 -0.86
C GLY B 39 1.60 22.01 -1.97
N SER B 40 0.97 21.25 -2.87
CA SER B 40 0.13 21.77 -3.97
C SER B 40 -1.04 22.62 -3.46
N PRO B 41 -1.14 23.93 -3.81
CA PRO B 41 -2.19 24.82 -3.32
C PRO B 41 -3.58 24.59 -3.95
N GLU B 42 -3.65 23.86 -5.07
CA GLU B 42 -4.88 23.54 -5.80
C GLU B 42 -5.87 22.72 -4.95
N SER A 1 -18.91 11.65 -8.00
CA SER A 1 -17.50 12.01 -8.15
C SER A 1 -16.57 10.78 -8.02
N PRO A 2 -16.35 10.00 -9.11
CA PRO A 2 -15.47 8.82 -9.10
C PRO A 2 -14.08 9.06 -8.49
N GLN A 3 -13.51 10.25 -8.72
CA GLN A 3 -12.22 10.68 -8.18
C GLN A 3 -12.14 10.64 -6.64
N GLU A 4 -13.29 10.76 -5.94
CA GLU A 4 -13.35 10.65 -4.48
C GLU A 4 -13.03 9.20 -4.07
N SER A 5 -13.82 8.23 -4.54
CA SER A 5 -13.63 6.79 -4.30
C SER A 5 -12.23 6.33 -4.70
N ARG A 6 -11.72 6.81 -5.84
CA ARG A 6 -10.38 6.54 -6.39
C ARG A 6 -9.24 6.94 -5.43
N ARG A 7 -9.42 8.02 -4.66
CA ARG A 7 -8.48 8.52 -3.64
C ARG A 7 -8.73 7.86 -2.27
N LEU A 8 -9.98 7.57 -1.93
CA LEU A 8 -10.39 6.91 -0.68
C LEU A 8 -9.89 5.46 -0.58
N SER A 9 -9.83 4.72 -1.68
CA SER A 9 -9.33 3.33 -1.70
C SER A 9 -7.86 3.27 -1.30
N ILE A 10 -7.03 4.18 -1.84
CA ILE A 10 -5.61 4.33 -1.55
C ILE A 10 -5.39 4.51 -0.04
N GLN A 11 -5.90 5.59 0.55
CA GLN A 11 -5.73 5.89 1.98
C GLN A 11 -6.30 4.81 2.92
N ARG A 12 -7.42 4.16 2.57
CA ARG A 12 -7.99 3.05 3.35
C ARG A 12 -7.06 1.84 3.33
N CYS A 13 -6.63 1.39 2.15
CA CYS A 13 -5.68 0.28 1.99
C CYS A 13 -4.37 0.56 2.76
N ILE A 14 -3.90 1.81 2.78
CA ILE A 14 -2.72 2.25 3.54
C ILE A 14 -2.86 1.99 5.05
N GLN A 15 -4.07 2.02 5.63
CA GLN A 15 -4.26 1.67 7.05
C GLN A 15 -3.87 0.20 7.29
N SER A 16 -4.36 -0.69 6.43
CA SER A 16 -4.04 -2.13 6.40
C SER A 16 -2.53 -2.35 6.20
N LEU A 17 -1.91 -1.56 5.32
CA LEU A 17 -0.46 -1.56 5.01
C LEU A 17 0.35 -1.27 6.28
N VAL A 18 0.05 -0.16 6.98
CA VAL A 18 0.70 0.21 8.25
C VAL A 18 0.57 -0.92 9.27
N HIS A 19 -0.64 -1.45 9.49
CA HIS A 19 -0.87 -2.58 10.42
C HIS A 19 0.09 -3.74 10.10
N ALA A 20 0.07 -4.25 8.86
CA ALA A 20 0.90 -5.36 8.43
C ALA A 20 2.42 -5.10 8.63
N CYS A 21 2.88 -3.85 8.56
CA CYS A 21 4.28 -3.46 8.78
C CYS A 21 4.69 -3.40 10.28
N GLN A 22 3.74 -3.41 11.22
CA GLN A 22 3.99 -3.36 12.68
C GLN A 22 3.47 -4.58 13.46
N CYS A 23 2.66 -5.43 12.84
CA CYS A 23 2.06 -6.63 13.43
C CYS A 23 3.12 -7.64 13.94
N ARG A 24 3.04 -7.98 15.23
CA ARG A 24 3.94 -8.87 15.97
C ARG A 24 3.76 -10.38 15.71
N ASN A 25 2.73 -10.79 14.94
CA ASN A 25 2.41 -12.19 14.66
C ASN A 25 2.07 -12.42 13.18
N ALA A 26 2.91 -13.16 12.46
CA ALA A 26 2.70 -13.50 11.03
C ALA A 26 1.37 -14.27 10.75
N ASN A 27 0.73 -14.84 11.77
CA ASN A 27 -0.52 -15.61 11.69
C ASN A 27 -1.80 -14.76 11.91
N CYS A 28 -1.69 -13.44 12.15
CA CYS A 28 -2.79 -12.50 12.40
C CYS A 28 -3.97 -12.68 11.42
N SER A 29 -5.11 -13.16 11.93
CA SER A 29 -6.33 -13.50 11.17
C SER A 29 -7.15 -12.31 10.64
N LEU A 30 -6.72 -11.07 10.90
CA LEU A 30 -7.38 -9.83 10.44
C LEU A 30 -7.40 -9.78 8.90
N PRO A 31 -8.55 -9.62 8.22
CA PRO A 31 -8.62 -9.54 6.75
C PRO A 31 -7.61 -8.58 6.11
N SER A 32 -7.42 -7.41 6.72
CA SER A 32 -6.44 -6.39 6.32
C SER A 32 -5.00 -6.94 6.32
N CYS A 33 -4.59 -7.52 7.44
CA CYS A 33 -3.28 -8.13 7.66
C CYS A 33 -3.07 -9.33 6.71
N GLN A 34 -4.03 -10.27 6.67
CA GLN A 34 -4.05 -11.45 5.78
C GLN A 34 -3.75 -11.07 4.32
N LYS A 35 -4.53 -10.16 3.73
CA LYS A 35 -4.36 -9.68 2.35
C LYS A 35 -2.99 -9.04 2.13
N MET A 36 -2.54 -8.20 3.06
CA MET A 36 -1.21 -7.57 3.00
C MET A 36 -0.07 -8.60 3.04
N LYS A 37 -0.13 -9.62 3.91
CA LYS A 37 0.90 -10.66 4.04
C LYS A 37 1.33 -11.24 2.69
N ARG A 38 0.40 -11.47 1.76
CA ARG A 38 0.67 -11.96 0.40
C ARG A 38 1.55 -10.96 -0.40
N VAL A 39 1.09 -9.72 -0.59
CA VAL A 39 1.87 -8.69 -1.32
C VAL A 39 3.19 -8.35 -0.61
N VAL A 40 3.20 -8.26 0.73
CA VAL A 40 4.41 -8.03 1.54
C VAL A 40 5.45 -9.14 1.30
N GLN A 41 5.05 -10.41 1.36
CA GLN A 41 5.93 -11.57 1.06
C GLN A 41 6.43 -11.56 -0.39
N HIS A 42 5.64 -11.04 -1.33
CA HIS A 42 6.02 -10.89 -2.74
C HIS A 42 7.12 -9.84 -2.90
N THR A 43 6.85 -8.57 -2.58
CA THR A 43 7.81 -7.46 -2.77
C THR A 43 9.18 -7.67 -2.10
N LYS A 44 9.24 -8.38 -0.96
CA LYS A 44 10.52 -8.66 -0.26
C LYS A 44 11.37 -9.78 -0.90
N GLY A 45 10.82 -10.56 -1.85
CA GLY A 45 11.49 -11.69 -2.50
C GLY A 45 11.38 -11.79 -4.02
N CYS A 46 10.66 -10.89 -4.69
CA CYS A 46 10.47 -10.88 -6.14
C CYS A 46 11.81 -10.87 -6.92
N LYS A 47 11.87 -11.68 -7.98
CA LYS A 47 13.04 -11.87 -8.85
C LYS A 47 13.34 -10.68 -9.77
N ARG A 48 12.43 -9.70 -9.89
CA ARG A 48 12.58 -8.52 -10.76
C ARG A 48 12.17 -7.19 -10.11
N LYS A 49 11.17 -7.17 -9.21
CA LYS A 49 10.65 -5.97 -8.51
C LYS A 49 10.22 -4.83 -9.47
N THR A 50 9.98 -3.64 -8.92
CA THR A 50 9.64 -2.42 -9.70
C THR A 50 10.73 -2.06 -10.71
N ASN A 51 12.01 -2.35 -10.40
CA ASN A 51 13.17 -2.13 -11.28
C ASN A 51 13.01 -2.89 -12.62
N GLY A 52 12.55 -4.15 -12.56
CA GLY A 52 12.28 -5.00 -13.72
C GLY A 52 10.85 -4.85 -14.29
N GLY A 53 10.01 -4.03 -13.65
CA GLY A 53 8.64 -3.70 -14.08
C GLY A 53 7.51 -4.56 -13.51
N CYS A 54 7.74 -5.30 -12.41
CA CYS A 54 6.72 -6.16 -11.79
C CYS A 54 5.45 -5.38 -11.35
N PRO A 55 4.26 -5.66 -11.93
CA PRO A 55 3.02 -4.97 -11.59
C PRO A 55 2.66 -5.06 -10.09
N VAL A 56 2.80 -6.24 -9.47
CA VAL A 56 2.49 -6.47 -8.04
C VAL A 56 3.25 -5.50 -7.14
N CYS A 57 4.59 -5.51 -7.23
CA CYS A 57 5.49 -4.63 -6.51
C CYS A 57 5.07 -3.16 -6.73
N LYS A 58 4.86 -2.74 -7.99
CA LYS A 58 4.40 -1.39 -8.35
C LYS A 58 3.13 -0.99 -7.59
N GLN A 59 2.11 -1.86 -7.52
CA GLN A 59 0.88 -1.55 -6.78
C GLN A 59 1.14 -1.31 -5.29
N LEU A 60 2.00 -2.12 -4.65
CA LEU A 60 2.37 -1.92 -3.24
C LEU A 60 3.14 -0.60 -3.04
N ILE A 61 4.18 -0.39 -3.85
CA ILE A 61 5.01 0.82 -3.82
C ILE A 61 4.21 2.10 -4.11
N ALA A 62 3.16 2.05 -4.93
CA ALA A 62 2.27 3.20 -5.19
C ALA A 62 1.66 3.73 -3.89
N LEU A 63 1.10 2.83 -3.06
CA LEU A 63 0.53 3.15 -1.76
C LEU A 63 1.62 3.57 -0.76
N CYS A 64 2.79 2.93 -0.76
CA CYS A 64 3.93 3.35 0.06
C CYS A 64 4.35 4.79 -0.30
N CYS A 65 4.31 5.16 -1.58
CA CYS A 65 4.61 6.50 -2.08
C CYS A 65 3.57 7.52 -1.60
N TYR A 66 2.27 7.23 -1.78
CA TYR A 66 1.19 8.09 -1.29
C TYR A 66 1.32 8.32 0.23
N HIS A 67 1.56 7.24 0.97
CA HIS A 67 1.80 7.27 2.41
C HIS A 67 3.00 8.20 2.73
N ALA A 68 4.21 7.87 2.26
CA ALA A 68 5.45 8.62 2.49
C ALA A 68 5.35 10.13 2.19
N LYS A 69 4.69 10.48 1.08
CA LYS A 69 4.42 11.85 0.61
C LYS A 69 3.69 12.68 1.67
N HIS A 70 2.66 12.11 2.28
CA HIS A 70 1.86 12.75 3.34
C HIS A 70 2.38 12.51 4.78
N CYS A 71 3.23 11.49 5.01
CA CYS A 71 3.81 11.13 6.30
C CYS A 71 4.83 12.19 6.82
N GLN A 72 5.16 12.09 8.11
CA GLN A 72 6.10 12.97 8.82
C GLN A 72 6.89 12.30 9.98
N GLU A 73 6.62 11.04 10.31
CA GLU A 73 7.31 10.31 11.38
C GLU A 73 8.73 9.88 10.96
N ASN A 74 9.75 10.35 11.67
CA ASN A 74 11.16 10.06 11.38
C ASN A 74 11.56 8.56 11.46
N LYS A 75 10.79 7.75 12.21
CA LYS A 75 11.01 6.31 12.46
C LYS A 75 9.78 5.44 12.14
N CYS A 76 9.00 5.83 11.13
CA CYS A 76 7.78 5.16 10.67
C CYS A 76 7.98 3.62 10.47
N PRO A 77 7.06 2.74 10.95
CA PRO A 77 7.21 1.29 10.85
C PRO A 77 7.18 0.70 9.42
N VAL A 78 6.60 1.41 8.44
CA VAL A 78 6.54 0.97 7.03
C VAL A 78 7.96 0.96 6.43
N PRO A 79 8.53 -0.19 6.03
CA PRO A 79 9.90 -0.29 5.50
C PRO A 79 10.24 0.69 4.36
N PHE A 80 9.34 0.79 3.38
CA PHE A 80 9.52 1.64 2.19
C PHE A 80 9.31 3.13 2.43
N CYS A 81 8.47 3.52 3.40
CA CYS A 81 8.12 4.91 3.73
C CYS A 81 9.35 5.83 3.79
N LEU A 82 10.21 5.62 4.78
CA LEU A 82 11.45 6.38 5.00
C LEU A 82 12.38 6.41 3.78
N ASN A 83 12.45 5.31 3.00
CA ASN A 83 13.23 5.28 1.75
C ASN A 83 12.64 6.27 0.73
N ILE A 84 11.32 6.20 0.48
CA ILE A 84 10.62 7.12 -0.41
C ILE A 84 10.82 8.58 0.04
N LYS A 85 10.69 8.90 1.34
CA LYS A 85 10.95 10.27 1.84
C LYS A 85 12.33 10.79 1.44
N HIS A 86 13.37 9.96 1.58
CA HIS A 86 14.73 10.29 1.17
C HIS A 86 14.80 10.53 -0.35
N LYS A 87 14.25 9.61 -1.15
CA LYS A 87 14.16 9.72 -2.63
C LYS A 87 13.46 11.02 -3.06
N LEU A 88 12.38 11.41 -2.36
CA LEU A 88 11.63 12.66 -2.56
C LEU A 88 12.50 13.89 -2.26
N ARG A 89 13.29 13.87 -1.17
CA ARG A 89 14.23 14.95 -0.78
C ARG A 89 15.42 15.07 -1.75
N GLN A 90 15.86 13.99 -2.40
CA GLN A 90 16.95 14.02 -3.39
C GLN A 90 16.60 14.86 -4.63
N GLN A 91 15.31 15.12 -4.88
CA GLN A 91 14.82 15.97 -5.97
C GLN A 91 15.08 17.48 -5.71
N GLN A 92 15.40 17.84 -4.46
CA GLN A 92 15.63 19.21 -3.98
C GLN A 92 16.89 19.29 -3.10
N SER B 1 -7.24 -14.22 21.49
CA SER B 1 -7.78 -15.53 21.91
C SER B 1 -8.88 -16.07 20.99
N HIS B 2 -9.29 -15.30 19.98
CA HIS B 2 -10.31 -15.63 18.98
C HIS B 2 -9.96 -15.05 17.58
N MET B 3 -10.57 -15.58 16.53
CA MET B 3 -10.42 -15.11 15.14
C MET B 3 -10.99 -13.69 14.98
N ALA B 4 -10.37 -12.86 14.15
CA ALA B 4 -10.82 -11.50 13.87
C ALA B 4 -12.18 -11.47 13.12
N PRO B 5 -13.12 -10.56 13.48
CA PRO B 5 -14.43 -10.47 12.84
C PRO B 5 -14.37 -9.87 11.42
N GLU B 6 -13.99 -8.59 11.31
CA GLU B 6 -13.87 -7.81 10.07
C GLU B 6 -13.00 -6.54 10.32
N ASP B 7 -12.73 -5.77 9.27
CA ASP B 7 -11.98 -4.51 9.32
C ASP B 7 -12.55 -3.53 8.27
N PRO B 8 -13.05 -2.33 8.63
CA PRO B 8 -13.63 -1.36 7.68
C PRO B 8 -12.78 -1.05 6.43
N ASN B 9 -11.46 -1.10 6.56
CA ASN B 9 -10.51 -0.83 5.47
C ASN B 9 -10.37 -2.01 4.48
N GLU B 10 -10.81 -3.23 4.82
CA GLU B 10 -10.63 -4.43 3.98
C GLU B 10 -11.26 -4.32 2.59
N GLU B 11 -12.38 -3.60 2.47
CA GLU B 11 -13.09 -3.37 1.21
C GLU B 11 -12.21 -2.60 0.19
N ALA B 12 -11.36 -1.71 0.70
CA ALA B 12 -10.39 -0.97 -0.10
C ALA B 12 -9.18 -1.81 -0.51
N VAL B 13 -8.88 -2.89 0.23
CA VAL B 13 -7.80 -3.83 -0.11
C VAL B 13 -8.26 -4.81 -1.20
N SER B 14 -9.45 -5.42 -1.02
CA SER B 14 -10.06 -6.41 -1.91
C SER B 14 -10.10 -6.00 -3.38
N GLN B 15 -10.50 -4.76 -3.67
CA GLN B 15 -10.55 -4.24 -5.05
C GLN B 15 -9.17 -4.13 -5.73
N ILE B 16 -8.09 -4.04 -4.95
CA ILE B 16 -6.69 -3.99 -5.40
C ILE B 16 -6.10 -5.42 -5.48
N PHE B 17 -6.16 -6.16 -4.37
CA PHE B 17 -5.70 -7.55 -4.18
C PHE B 17 -6.53 -8.27 -3.09
N PRO B 18 -7.52 -9.12 -3.46
CA PRO B 18 -8.31 -9.88 -2.49
C PRO B 18 -7.50 -11.04 -1.88
N ASP B 19 -8.08 -11.73 -0.89
CA ASP B 19 -7.42 -12.87 -0.23
C ASP B 19 -7.37 -14.14 -1.11
N SER B 20 -8.23 -14.21 -2.14
CA SER B 20 -8.34 -15.32 -3.10
C SER B 20 -7.20 -15.38 -4.12
N VAL B 21 -6.90 -14.27 -4.81
CA VAL B 21 -5.86 -14.14 -5.86
C VAL B 21 -5.08 -12.84 -5.75
N MET B 22 -3.84 -12.82 -6.24
CA MET B 22 -2.99 -11.61 -6.27
C MET B 22 -3.33 -10.74 -7.50
N LEU B 23 -4.53 -10.16 -7.52
CA LEU B 23 -5.06 -9.27 -8.57
C LEU B 23 -4.12 -8.09 -8.90
N ALA B 24 -3.22 -7.72 -7.97
CA ALA B 24 -2.18 -6.71 -8.17
C ALA B 24 -1.28 -6.99 -9.40
N VAL B 25 -1.18 -8.25 -9.85
CA VAL B 25 -0.41 -8.65 -11.05
C VAL B 25 -1.03 -8.12 -12.36
N GLN B 26 -2.30 -7.70 -12.34
CA GLN B 26 -3.03 -7.15 -13.50
C GLN B 26 -3.69 -5.76 -13.23
N GLU B 27 -3.85 -5.35 -11.97
CA GLU B 27 -4.41 -4.05 -11.57
C GLU B 27 -3.44 -2.88 -11.86
N GLY B 28 -3.97 -1.65 -11.94
CA GLY B 28 -3.24 -0.41 -12.20
C GLY B 28 -3.82 0.78 -11.43
N ILE B 29 -3.36 0.98 -10.19
CA ILE B 29 -3.79 2.06 -9.26
C ILE B 29 -3.49 3.45 -9.85
N ASP B 30 -4.52 4.31 -9.94
CA ASP B 30 -4.42 5.68 -10.45
C ASP B 30 -3.90 6.65 -9.37
N LEU B 31 -2.65 6.47 -8.95
CA LEU B 31 -1.94 7.27 -7.94
C LEU B 31 -1.99 8.81 -8.18
N LEU B 32 -2.17 9.21 -9.44
CA LEU B 32 -2.29 10.60 -9.92
C LEU B 32 -3.44 11.39 -9.26
N THR B 33 -4.39 10.68 -8.63
CA THR B 33 -5.57 11.22 -7.93
C THR B 33 -5.26 12.02 -6.64
N PHE B 34 -4.00 12.06 -6.19
CA PHE B 34 -3.55 12.79 -5.00
C PHE B 34 -3.81 14.33 -5.09
N PRO B 35 -3.84 15.07 -3.97
CA PRO B 35 -4.13 16.51 -3.97
C PRO B 35 -2.99 17.37 -4.57
N PRO B 36 -3.27 18.60 -5.01
CA PRO B 36 -2.25 19.49 -5.60
C PRO B 36 -1.17 19.95 -4.61
N ALA B 37 -1.49 20.01 -3.31
CA ALA B 37 -0.57 20.38 -2.23
C ALA B 37 -0.99 19.74 -0.88
N PRO B 38 -0.04 19.36 0.00
CA PRO B 38 -0.34 18.77 1.31
C PRO B 38 -0.72 19.82 2.39
N GLY B 39 -0.51 21.11 2.12
CA GLY B 39 -0.77 22.23 3.04
C GLY B 39 -2.25 22.59 3.22
N SER B 40 -2.91 21.94 4.19
CA SER B 40 -4.31 22.18 4.57
C SER B 40 -4.50 22.13 6.10
N PRO B 41 -5.07 23.17 6.74
CA PRO B 41 -5.29 23.20 8.19
C PRO B 41 -6.47 22.33 8.66
N GLU B 42 -7.32 21.86 7.74
CA GLU B 42 -8.50 21.05 8.02
C GLU B 42 -8.12 19.64 8.52
N SER A 1 -17.87 12.70 -4.69
CA SER A 1 -17.14 12.83 -5.96
C SER A 1 -16.24 11.61 -6.23
N PRO A 2 -15.90 11.29 -7.50
CA PRO A 2 -15.04 10.15 -7.83
C PRO A 2 -13.63 10.28 -7.23
N GLN A 3 -13.03 11.47 -7.29
CA GLN A 3 -11.70 11.73 -6.70
C GLN A 3 -11.71 11.51 -5.18
N GLU A 4 -12.81 11.83 -4.49
CA GLU A 4 -12.97 11.58 -3.05
C GLU A 4 -13.00 10.07 -2.77
N SER A 5 -13.83 9.29 -3.48
CA SER A 5 -13.89 7.83 -3.35
C SER A 5 -12.53 7.17 -3.59
N ARG A 6 -11.77 7.66 -4.58
CA ARG A 6 -10.40 7.22 -4.91
C ARG A 6 -9.42 7.54 -3.77
N ARG A 7 -9.48 8.76 -3.22
CA ARG A 7 -8.67 9.21 -2.07
C ARG A 7 -8.95 8.36 -0.83
N LEU A 8 -10.22 8.03 -0.57
CA LEU A 8 -10.68 7.16 0.50
C LEU A 8 -10.16 5.72 0.31
N SER A 9 -10.20 5.20 -0.92
CA SER A 9 -9.66 3.86 -1.24
C SER A 9 -8.17 3.80 -0.90
N ILE A 10 -7.38 4.75 -1.43
CA ILE A 10 -5.94 4.88 -1.19
C ILE A 10 -5.62 4.88 0.32
N GLN A 11 -6.19 5.82 1.10
CA GLN A 11 -5.90 5.92 2.53
C GLN A 11 -6.32 4.67 3.32
N ARG A 12 -7.49 4.06 3.04
CA ARG A 12 -7.93 2.82 3.71
C ARG A 12 -6.92 1.69 3.50
N CYS A 13 -6.44 1.50 2.27
CA CYS A 13 -5.39 0.51 1.99
C CYS A 13 -4.09 0.85 2.74
N ILE A 14 -3.78 2.14 2.93
CA ILE A 14 -2.61 2.61 3.70
C ILE A 14 -2.78 2.33 5.22
N GLN A 15 -3.99 2.42 5.79
CA GLN A 15 -4.22 2.02 7.19
C GLN A 15 -3.84 0.53 7.37
N SER A 16 -4.28 -0.32 6.44
CA SER A 16 -3.92 -1.76 6.39
C SER A 16 -2.39 -1.94 6.25
N LEU A 17 -1.74 -1.18 5.35
CA LEU A 17 -0.30 -1.19 5.13
C LEU A 17 0.46 -0.92 6.44
N VAL A 18 0.15 0.17 7.15
CA VAL A 18 0.79 0.52 8.43
C VAL A 18 0.64 -0.63 9.43
N HIS A 19 -0.57 -1.15 9.65
CA HIS A 19 -0.82 -2.29 10.55
C HIS A 19 0.09 -3.47 10.20
N ALA A 20 0.03 -3.97 8.96
CA ALA A 20 0.83 -5.08 8.49
C ALA A 20 2.35 -4.88 8.64
N CYS A 21 2.85 -3.64 8.55
CA CYS A 21 4.26 -3.30 8.74
C CYS A 21 4.73 -3.28 10.21
N GLN A 22 3.81 -3.29 11.18
CA GLN A 22 4.11 -3.30 12.63
C GLN A 22 3.58 -4.54 13.39
N CYS A 23 2.66 -5.31 12.78
CA CYS A 23 2.06 -6.52 13.34
C CYS A 23 3.10 -7.61 13.64
N ARG A 24 3.27 -7.93 14.93
CA ARG A 24 4.23 -8.89 15.49
C ARG A 24 3.95 -10.37 15.20
N ASN A 25 2.80 -10.72 14.61
CA ASN A 25 2.39 -12.11 14.34
C ASN A 25 1.80 -12.28 12.93
N ALA A 26 2.50 -13.01 12.04
CA ALA A 26 2.04 -13.29 10.68
C ALA A 26 0.70 -14.05 10.61
N ASN A 27 0.24 -14.64 11.72
CA ASN A 27 -1.02 -15.39 11.86
C ASN A 27 -2.21 -14.52 12.33
N CYS A 28 -2.04 -13.19 12.43
CA CYS A 28 -3.05 -12.20 12.84
C CYS A 28 -4.41 -12.44 12.16
N SER A 29 -5.49 -12.49 12.97
CA SER A 29 -6.85 -12.81 12.53
C SER A 29 -7.55 -11.77 11.64
N LEU A 30 -6.98 -10.57 11.42
CA LEU A 30 -7.58 -9.51 10.62
C LEU A 30 -7.51 -9.81 9.11
N PRO A 31 -8.62 -9.75 8.34
CA PRO A 31 -8.60 -9.98 6.89
C PRO A 31 -7.60 -9.08 6.15
N SER A 32 -7.57 -7.80 6.52
CA SER A 32 -6.70 -6.77 5.92
C SER A 32 -5.22 -7.09 6.12
N CYS A 33 -4.82 -7.43 7.35
CA CYS A 33 -3.45 -7.83 7.72
C CYS A 33 -3.02 -9.04 6.87
N GLN A 34 -3.81 -10.12 6.87
CA GLN A 34 -3.61 -11.33 6.06
C GLN A 34 -3.39 -11.00 4.58
N LYS A 35 -4.30 -10.26 3.95
CA LYS A 35 -4.23 -9.84 2.54
C LYS A 35 -2.94 -9.06 2.24
N MET A 36 -2.62 -8.05 3.05
CA MET A 36 -1.41 -7.23 2.93
C MET A 36 -0.11 -8.06 3.07
N LYS A 37 -0.04 -8.97 4.06
CA LYS A 37 1.11 -9.86 4.32
C LYS A 37 1.58 -10.61 3.06
N ARG A 38 0.67 -11.17 2.26
CA ARG A 38 1.02 -11.87 0.99
C ARG A 38 1.81 -10.97 0.04
N VAL A 39 1.35 -9.72 -0.17
CA VAL A 39 2.02 -8.75 -1.05
C VAL A 39 3.35 -8.28 -0.48
N VAL A 40 3.40 -8.03 0.84
CA VAL A 40 4.64 -7.68 1.56
C VAL A 40 5.68 -8.78 1.34
N GLN A 41 5.29 -10.04 1.52
CA GLN A 41 6.17 -11.21 1.30
C GLN A 41 6.57 -11.39 -0.17
N HIS A 42 5.73 -10.96 -1.13
CA HIS A 42 6.06 -10.96 -2.55
C HIS A 42 7.22 -9.98 -2.80
N THR A 43 7.01 -8.67 -2.59
CA THR A 43 8.05 -7.65 -2.83
C THR A 43 9.37 -7.90 -2.05
N LYS A 44 9.27 -8.50 -0.85
CA LYS A 44 10.40 -8.90 0.01
C LYS A 44 11.35 -9.93 -0.64
N GLY A 45 10.86 -10.75 -1.58
CA GLY A 45 11.64 -11.81 -2.25
C GLY A 45 11.58 -11.87 -3.78
N CYS A 46 10.80 -11.01 -4.45
CA CYS A 46 10.62 -10.99 -5.90
C CYS A 46 11.95 -10.87 -6.68
N LYS A 47 12.13 -11.79 -7.64
CA LYS A 47 13.30 -11.87 -8.54
C LYS A 47 13.30 -10.75 -9.61
N ARG A 48 12.18 -10.07 -9.82
CA ARG A 48 11.98 -9.00 -10.82
C ARG A 48 11.84 -7.61 -10.18
N LYS A 49 10.86 -7.44 -9.28
CA LYS A 49 10.47 -6.19 -8.60
C LYS A 49 10.26 -4.98 -9.54
N THR A 50 10.09 -3.79 -8.99
CA THR A 50 9.93 -2.52 -9.74
C THR A 50 11.07 -2.28 -10.74
N ASN A 51 12.31 -2.61 -10.36
CA ASN A 51 13.51 -2.52 -11.20
C ASN A 51 13.36 -3.30 -12.54
N GLY A 52 12.65 -4.43 -12.52
CA GLY A 52 12.36 -5.29 -13.68
C GLY A 52 10.93 -5.16 -14.22
N GLY A 53 10.14 -4.21 -13.71
CA GLY A 53 8.76 -3.93 -14.15
C GLY A 53 7.65 -4.78 -13.53
N CYS A 54 7.89 -5.49 -12.41
CA CYS A 54 6.90 -6.35 -11.73
C CYS A 54 5.66 -5.54 -11.28
N PRO A 55 4.45 -5.80 -11.82
CA PRO A 55 3.23 -5.07 -11.44
C PRO A 55 2.88 -5.15 -9.96
N VAL A 56 2.98 -6.34 -9.34
CA VAL A 56 2.65 -6.58 -7.92
C VAL A 56 3.44 -5.63 -7.00
N CYS A 57 4.77 -5.66 -7.09
CA CYS A 57 5.68 -4.82 -6.33
C CYS A 57 5.34 -3.32 -6.51
N LYS A 58 5.17 -2.89 -7.78
CA LYS A 58 4.78 -1.51 -8.15
C LYS A 58 3.47 -1.11 -7.46
N GLN A 59 2.43 -1.94 -7.55
CA GLN A 59 1.13 -1.71 -6.91
C GLN A 59 1.28 -1.52 -5.39
N LEU A 60 2.07 -2.37 -4.70
CA LEU A 60 2.31 -2.20 -3.26
C LEU A 60 2.99 -0.84 -2.97
N ILE A 61 4.11 -0.59 -3.66
CA ILE A 61 4.92 0.63 -3.56
C ILE A 61 4.12 1.91 -3.88
N ALA A 62 3.09 1.87 -4.72
CA ALA A 62 2.23 3.03 -5.02
C ALA A 62 1.63 3.64 -3.74
N LEU A 63 1.09 2.79 -2.86
CA LEU A 63 0.53 3.18 -1.56
C LEU A 63 1.64 3.65 -0.61
N CYS A 64 2.82 3.02 -0.62
CA CYS A 64 3.99 3.47 0.16
C CYS A 64 4.40 4.91 -0.26
N CYS A 65 4.40 5.20 -1.56
CA CYS A 65 4.71 6.53 -2.09
C CYS A 65 3.71 7.59 -1.61
N TYR A 66 2.40 7.31 -1.74
CA TYR A 66 1.34 8.21 -1.27
C TYR A 66 1.46 8.45 0.25
N HIS A 67 1.68 7.39 1.03
CA HIS A 67 1.89 7.44 2.47
C HIS A 67 3.08 8.38 2.80
N ALA A 68 4.28 8.06 2.30
CA ALA A 68 5.52 8.81 2.55
C ALA A 68 5.43 10.31 2.25
N LYS A 69 4.72 10.68 1.18
CA LYS A 69 4.49 12.07 0.75
C LYS A 69 3.82 12.89 1.87
N HIS A 70 2.81 12.31 2.54
CA HIS A 70 2.08 12.94 3.64
C HIS A 70 2.67 12.66 5.05
N CYS A 71 3.48 11.60 5.21
CA CYS A 71 4.11 11.19 6.48
C CYS A 71 5.18 12.21 6.98
N GLN A 72 5.56 12.07 8.25
CA GLN A 72 6.54 12.90 8.96
C GLN A 72 7.34 12.20 10.08
N GLU A 73 7.04 10.94 10.41
CA GLU A 73 7.73 10.16 11.44
C GLU A 73 9.11 9.67 10.94
N ASN A 74 10.21 10.20 11.48
CA ASN A 74 11.59 9.86 11.10
C ASN A 74 12.01 8.38 11.25
N LYS A 75 11.19 7.54 11.91
CA LYS A 75 11.40 6.11 12.18
C LYS A 75 10.15 5.24 11.90
N CYS A 76 9.31 5.69 10.97
CA CYS A 76 8.05 5.05 10.55
C CYS A 76 8.21 3.52 10.27
N PRO A 77 7.28 2.65 10.74
CA PRO A 77 7.38 1.19 10.58
C PRO A 77 7.30 0.67 9.14
N VAL A 78 6.69 1.41 8.20
CA VAL A 78 6.57 1.03 6.78
C VAL A 78 7.97 0.98 6.13
N PRO A 79 8.45 -0.19 5.64
CA PRO A 79 9.80 -0.36 5.07
C PRO A 79 10.22 0.68 4.02
N PHE A 80 9.37 0.91 3.01
CA PHE A 80 9.67 1.83 1.90
C PHE A 80 9.49 3.32 2.25
N CYS A 81 8.67 3.68 3.23
CA CYS A 81 8.34 5.05 3.63
C CYS A 81 9.56 5.99 3.66
N LEU A 82 10.48 5.77 4.61
CA LEU A 82 11.71 6.55 4.80
C LEU A 82 12.59 6.66 3.54
N ASN A 83 12.65 5.60 2.72
CA ASN A 83 13.37 5.59 1.44
C ASN A 83 12.72 6.60 0.47
N ILE A 84 11.39 6.55 0.30
CA ILE A 84 10.65 7.52 -0.52
C ILE A 84 10.86 8.95 0.00
N LYS A 85 10.71 9.19 1.31
CA LYS A 85 10.94 10.53 1.92
C LYS A 85 12.32 11.07 1.52
N HIS A 86 13.36 10.26 1.63
CA HIS A 86 14.72 10.63 1.22
C HIS A 86 14.74 11.06 -0.24
N LYS A 87 14.20 10.26 -1.17
CA LYS A 87 14.11 10.64 -2.59
C LYS A 87 13.39 11.98 -2.79
N LEU A 88 12.28 12.19 -2.08
CA LEU A 88 11.49 13.43 -2.09
C LEU A 88 12.29 14.65 -1.61
N ARG A 89 13.18 14.50 -0.62
CA ARG A 89 14.07 15.59 -0.16
C ARG A 89 15.27 15.83 -1.10
N GLN A 90 15.76 14.80 -1.80
CA GLN A 90 16.88 14.92 -2.76
C GLN A 90 16.56 15.86 -3.93
N GLN A 91 15.27 16.10 -4.22
CA GLN A 91 14.78 17.01 -5.27
C GLN A 91 15.22 18.47 -5.06
N GLN A 92 15.53 18.87 -3.81
CA GLN A 92 16.02 20.19 -3.39
C GLN A 92 15.34 21.37 -4.12
N SER B 1 -17.96 -19.09 11.63
CA SER B 1 -18.16 -19.74 10.32
C SER B 1 -17.05 -19.44 9.30
N HIS B 2 -16.09 -18.57 9.64
CA HIS B 2 -14.95 -18.18 8.80
C HIS B 2 -13.67 -17.98 9.65
N MET B 3 -12.49 -18.03 9.02
CA MET B 3 -11.17 -17.90 9.67
C MET B 3 -10.75 -16.49 10.10
N ALA B 4 -11.61 -15.52 9.83
CA ALA B 4 -11.44 -14.11 10.15
C ALA B 4 -12.80 -13.38 10.30
N PRO B 5 -12.90 -12.32 11.12
CA PRO B 5 -14.13 -11.52 11.29
C PRO B 5 -14.27 -10.54 10.09
N GLU B 6 -14.16 -9.23 10.32
CA GLU B 6 -14.19 -8.19 9.29
C GLU B 6 -13.41 -6.93 9.70
N ASP B 7 -13.16 -6.03 8.75
CA ASP B 7 -12.44 -4.77 8.91
C ASP B 7 -12.85 -3.76 7.81
N PRO B 8 -13.09 -2.47 8.12
CA PRO B 8 -13.53 -1.49 7.11
C PRO B 8 -12.51 -1.21 5.99
N ASN B 9 -11.22 -1.50 6.20
CA ASN B 9 -10.19 -1.28 5.17
C ASN B 9 -10.15 -2.39 4.11
N GLU B 10 -10.65 -3.61 4.42
CA GLU B 10 -10.60 -4.75 3.50
C GLU B 10 -11.36 -4.49 2.18
N GLU B 11 -12.40 -3.65 2.21
CA GLU B 11 -13.20 -3.29 1.03
C GLU B 11 -12.34 -2.59 -0.02
N ALA B 12 -11.51 -1.62 0.39
CA ALA B 12 -10.59 -0.90 -0.47
C ALA B 12 -9.46 -1.83 -0.96
N VAL B 13 -8.84 -2.61 -0.05
CA VAL B 13 -7.77 -3.56 -0.39
C VAL B 13 -8.25 -4.62 -1.42
N SER B 14 -9.48 -5.15 -1.29
CA SER B 14 -10.07 -6.17 -2.17
C SER B 14 -9.96 -5.86 -3.67
N GLN B 15 -10.32 -4.65 -4.11
CA GLN B 15 -10.22 -4.24 -5.52
C GLN B 15 -8.77 -4.19 -6.05
N ILE B 16 -7.76 -4.10 -5.16
CA ILE B 16 -6.33 -4.13 -5.49
C ILE B 16 -5.82 -5.59 -5.48
N PHE B 17 -5.98 -6.28 -4.33
CA PHE B 17 -5.60 -7.67 -4.07
C PHE B 17 -6.53 -8.33 -3.02
N PRO B 18 -7.51 -9.16 -3.42
CA PRO B 18 -8.38 -9.87 -2.49
C PRO B 18 -7.65 -11.09 -1.88
N ASP B 19 -8.26 -11.77 -0.91
CA ASP B 19 -7.65 -12.95 -0.26
C ASP B 19 -7.52 -14.16 -1.21
N SER B 20 -8.37 -14.24 -2.25
CA SER B 20 -8.43 -15.33 -3.22
C SER B 20 -7.23 -15.42 -4.18
N VAL B 21 -6.79 -14.29 -4.76
CA VAL B 21 -5.70 -14.21 -5.77
C VAL B 21 -4.87 -12.93 -5.67
N MET B 22 -3.66 -12.95 -6.22
CA MET B 22 -2.77 -11.78 -6.31
C MET B 22 -3.18 -10.88 -7.50
N LEU B 23 -4.40 -10.31 -7.44
CA LEU B 23 -5.00 -9.46 -8.49
C LEU B 23 -4.11 -8.28 -8.92
N ALA B 24 -3.22 -7.81 -8.03
CA ALA B 24 -2.24 -6.76 -8.29
C ALA B 24 -1.33 -7.03 -9.51
N VAL B 25 -1.16 -8.30 -9.92
CA VAL B 25 -0.37 -8.71 -11.09
C VAL B 25 -1.04 -8.32 -12.42
N GLN B 26 -2.36 -8.05 -12.42
CA GLN B 26 -3.16 -7.72 -13.60
C GLN B 26 -4.06 -6.46 -13.46
N GLU B 27 -4.10 -5.83 -12.29
CA GLU B 27 -4.93 -4.64 -12.00
C GLU B 27 -4.10 -3.51 -11.35
N GLY B 28 -4.38 -2.26 -11.73
CA GLY B 28 -3.72 -1.05 -11.26
C GLY B 28 -4.47 -0.33 -10.12
N ILE B 29 -3.91 0.79 -9.65
CA ILE B 29 -4.44 1.62 -8.56
C ILE B 29 -4.80 3.03 -9.05
N ASP B 30 -5.81 3.64 -8.42
CA ASP B 30 -6.39 4.96 -8.67
C ASP B 30 -5.46 6.18 -8.49
N LEU B 31 -4.19 5.98 -8.13
CA LEU B 31 -3.16 7.02 -7.92
C LEU B 31 -2.95 7.96 -9.14
N LEU B 32 -3.39 7.57 -10.34
CA LEU B 32 -3.24 8.31 -11.60
C LEU B 32 -3.76 9.76 -11.55
N THR B 33 -4.86 9.98 -10.83
CA THR B 33 -5.53 11.30 -10.68
C THR B 33 -4.89 12.22 -9.64
N PHE B 34 -3.84 11.76 -8.95
CA PHE B 34 -3.10 12.47 -7.90
C PHE B 34 -1.70 12.90 -8.39
N PRO B 35 -1.07 13.92 -7.77
CA PRO B 35 0.27 14.41 -8.17
C PRO B 35 1.36 13.34 -7.96
N PRO B 36 2.01 12.84 -9.03
CA PRO B 36 3.07 11.82 -8.93
C PRO B 36 4.43 12.43 -8.52
N ALA B 37 5.42 11.56 -8.29
CA ALA B 37 6.80 11.93 -7.96
C ALA B 37 7.80 10.91 -8.59
N PRO B 38 8.98 11.36 -9.07
CA PRO B 38 10.00 10.49 -9.67
C PRO B 38 10.84 9.69 -8.64
N GLY B 39 10.63 9.94 -7.34
CA GLY B 39 11.37 9.34 -6.22
C GLY B 39 11.03 7.88 -5.89
N SER B 40 11.18 6.97 -6.86
CA SER B 40 10.97 5.52 -6.70
C SER B 40 11.99 4.92 -5.71
N PRO B 41 11.65 3.81 -5.01
CA PRO B 41 12.56 3.23 -4.01
C PRO B 41 13.76 2.46 -4.59
N GLU B 42 13.70 2.03 -5.85
CA GLU B 42 14.77 1.30 -6.55
C GLU B 42 16.08 2.09 -6.70
N SER A 1 -17.63 11.31 -9.07
CA SER A 1 -16.32 11.69 -8.55
C SER A 1 -15.39 10.47 -8.35
N PRO A 2 -14.80 9.91 -9.43
CA PRO A 2 -13.91 8.75 -9.32
C PRO A 2 -12.64 9.05 -8.52
N GLN A 3 -12.14 10.29 -8.54
CA GLN A 3 -10.99 10.73 -7.74
C GLN A 3 -11.23 10.53 -6.24
N GLU A 4 -12.47 10.74 -5.76
CA GLU A 4 -12.85 10.49 -4.36
C GLU A 4 -12.76 9.00 -4.03
N SER A 5 -13.39 8.13 -4.83
CA SER A 5 -13.35 6.68 -4.66
C SER A 5 -11.90 6.14 -4.63
N ARG A 6 -11.04 6.65 -5.52
CA ARG A 6 -9.61 6.33 -5.59
C ARG A 6 -8.88 6.77 -4.31
N ARG A 7 -9.04 8.03 -3.91
CA ARG A 7 -8.46 8.63 -2.69
C ARG A 7 -8.83 7.85 -1.43
N LEU A 8 -10.10 7.44 -1.31
CA LEU A 8 -10.62 6.62 -0.21
C LEU A 8 -10.01 5.22 -0.23
N SER A 9 -9.97 4.55 -1.40
CA SER A 9 -9.37 3.21 -1.54
C SER A 9 -7.90 3.21 -1.11
N ILE A 10 -7.14 4.20 -1.58
CA ILE A 10 -5.73 4.43 -1.26
C ILE A 10 -5.54 4.55 0.27
N GLN A 11 -6.13 5.56 0.92
CA GLN A 11 -5.95 5.77 2.36
C GLN A 11 -6.43 4.61 3.24
N ARG A 12 -7.54 3.94 2.85
CA ARG A 12 -8.06 2.75 3.55
C ARG A 12 -7.05 1.61 3.51
N CYS A 13 -6.59 1.24 2.30
CA CYS A 13 -5.57 0.20 2.13
C CYS A 13 -4.26 0.52 2.87
N ILE A 14 -3.89 1.80 2.97
CA ILE A 14 -2.70 2.26 3.71
C ILE A 14 -2.82 1.98 5.23
N GLN A 15 -4.03 1.94 5.81
CA GLN A 15 -4.18 1.55 7.23
C GLN A 15 -3.72 0.10 7.42
N SER A 16 -4.16 -0.79 6.52
CA SER A 16 -3.80 -2.21 6.45
C SER A 16 -2.28 -2.38 6.25
N LEU A 17 -1.67 -1.54 5.41
CA LEU A 17 -0.22 -1.50 5.15
C LEU A 17 0.55 -1.21 6.45
N VAL A 18 0.22 -0.12 7.14
CA VAL A 18 0.85 0.25 8.43
C VAL A 18 0.73 -0.90 9.42
N HIS A 19 -0.47 -1.46 9.62
CA HIS A 19 -0.71 -2.60 10.51
C HIS A 19 0.23 -3.77 10.18
N ALA A 20 0.19 -4.29 8.95
CA ALA A 20 1.02 -5.40 8.51
C ALA A 20 2.54 -5.16 8.67
N CYS A 21 2.99 -3.90 8.61
CA CYS A 21 4.40 -3.52 8.81
C CYS A 21 4.83 -3.47 10.28
N GLN A 22 3.90 -3.51 11.25
CA GLN A 22 4.17 -3.51 12.70
C GLN A 22 3.64 -4.76 13.44
N CYS A 23 2.78 -5.56 12.82
CA CYS A 23 2.19 -6.78 13.37
C CYS A 23 3.27 -7.87 13.63
N ARG A 24 3.36 -8.31 14.88
CA ARG A 24 4.32 -9.31 15.39
C ARG A 24 4.04 -10.77 15.00
N ASN A 25 2.89 -11.09 14.40
CA ASN A 25 2.49 -12.45 14.05
C ASN A 25 1.86 -12.56 12.64
N ALA A 26 2.53 -13.24 11.70
CA ALA A 26 2.01 -13.47 10.34
C ALA A 26 0.66 -14.23 10.29
N ASN A 27 0.25 -14.88 11.39
CA ASN A 27 -1.00 -15.63 11.53
C ASN A 27 -2.18 -14.79 12.10
N CYS A 28 -2.01 -13.46 12.25
CA CYS A 28 -2.99 -12.50 12.75
C CYS A 28 -4.40 -12.71 12.16
N SER A 29 -5.41 -12.63 13.02
CA SER A 29 -6.84 -12.86 12.68
C SER A 29 -7.52 -11.73 11.91
N LEU A 30 -6.91 -10.55 11.77
CA LEU A 30 -7.47 -9.40 11.06
C LEU A 30 -7.47 -9.60 9.53
N PRO A 31 -8.64 -9.56 8.84
CA PRO A 31 -8.70 -9.70 7.38
C PRO A 31 -7.76 -8.72 6.63
N SER A 32 -7.67 -7.47 7.11
CA SER A 32 -6.80 -6.42 6.54
C SER A 32 -5.32 -6.84 6.53
N CYS A 33 -4.83 -7.37 7.66
CA CYS A 33 -3.48 -7.89 7.85
C CYS A 33 -3.24 -9.07 6.89
N GLN A 34 -4.13 -10.07 6.91
CA GLN A 34 -4.10 -11.26 6.05
C GLN A 34 -3.97 -10.89 4.55
N LYS A 35 -4.87 -10.05 4.02
CA LYS A 35 -4.82 -9.59 2.62
C LYS A 35 -3.51 -8.88 2.28
N MET A 36 -3.09 -7.93 3.12
CA MET A 36 -1.83 -7.18 2.96
C MET A 36 -0.59 -8.09 2.95
N LYS A 37 -0.56 -9.15 3.80
CA LYS A 37 0.55 -10.11 3.87
C LYS A 37 0.90 -10.73 2.51
N ARG A 38 -0.05 -10.91 1.59
CA ARG A 38 0.20 -11.46 0.24
C ARG A 38 1.20 -10.59 -0.54
N VAL A 39 0.86 -9.34 -0.81
CA VAL A 39 1.76 -8.41 -1.53
C VAL A 39 3.06 -8.14 -0.79
N VAL A 40 3.03 -8.10 0.55
CA VAL A 40 4.23 -7.94 1.40
C VAL A 40 5.17 -9.13 1.19
N GLN A 41 4.67 -10.37 1.24
CA GLN A 41 5.43 -11.60 0.97
C GLN A 41 5.95 -11.66 -0.47
N HIS A 42 5.25 -11.04 -1.44
CA HIS A 42 5.70 -10.95 -2.83
C HIS A 42 6.91 -10.01 -2.94
N THR A 43 6.73 -8.71 -2.67
CA THR A 43 7.79 -7.70 -2.84
C THR A 43 9.10 -7.99 -2.09
N LYS A 44 9.05 -8.62 -0.91
CA LYS A 44 10.27 -8.98 -0.15
C LYS A 44 11.11 -10.12 -0.77
N GLY A 45 10.57 -10.87 -1.74
CA GLY A 45 11.23 -12.01 -2.40
C GLY A 45 11.24 -12.01 -3.94
N CYS A 46 10.52 -11.09 -4.59
CA CYS A 46 10.42 -10.95 -6.04
C CYS A 46 11.79 -10.75 -6.71
N LYS A 47 11.99 -11.43 -7.85
CA LYS A 47 13.21 -11.39 -8.68
C LYS A 47 13.16 -10.30 -9.77
N ARG A 48 12.03 -9.60 -9.94
CA ARG A 48 11.81 -8.55 -10.95
C ARG A 48 11.76 -7.15 -10.34
N LYS A 49 10.91 -6.93 -9.33
CA LYS A 49 10.67 -5.64 -8.64
C LYS A 49 10.23 -4.50 -9.58
N THR A 50 10.01 -3.31 -9.04
CA THR A 50 9.68 -2.10 -9.82
C THR A 50 10.78 -1.75 -10.82
N ASN A 51 12.05 -2.06 -10.50
CA ASN A 51 13.21 -1.87 -11.38
C ASN A 51 13.05 -2.62 -12.72
N GLY A 52 12.50 -3.84 -12.69
CA GLY A 52 12.20 -4.67 -13.86
C GLY A 52 10.78 -4.45 -14.42
N GLY A 53 9.95 -3.65 -13.76
CA GLY A 53 8.57 -3.32 -14.16
C GLY A 53 7.47 -4.19 -13.56
N CYS A 54 7.75 -4.96 -12.50
CA CYS A 54 6.80 -5.86 -11.83
C CYS A 54 5.51 -5.14 -11.37
N PRO A 55 4.32 -5.45 -11.94
CA PRO A 55 3.06 -4.79 -11.59
C PRO A 55 2.72 -4.88 -10.09
N VAL A 56 2.88 -6.05 -9.47
CA VAL A 56 2.57 -6.28 -8.04
C VAL A 56 3.34 -5.31 -7.15
N CYS A 57 4.67 -5.31 -7.23
CA CYS A 57 5.57 -4.42 -6.50
C CYS A 57 5.16 -2.95 -6.72
N LYS A 58 4.91 -2.54 -7.97
CA LYS A 58 4.45 -1.18 -8.32
C LYS A 58 3.19 -0.78 -7.55
N GLN A 59 2.18 -1.65 -7.44
CA GLN A 59 0.96 -1.35 -6.67
C GLN A 59 1.27 -1.08 -5.19
N LEU A 60 2.20 -1.82 -4.58
CA LEU A 60 2.64 -1.55 -3.21
C LEU A 60 3.37 -0.20 -3.12
N ILE A 61 4.36 0.03 -3.97
CA ILE A 61 5.13 1.29 -4.00
C ILE A 61 4.22 2.52 -4.19
N ALA A 62 3.16 2.42 -4.99
CA ALA A 62 2.19 3.50 -5.19
C ALA A 62 1.58 3.96 -3.85
N LEU A 63 1.08 3.03 -3.04
CA LEU A 63 0.51 3.29 -1.72
C LEU A 63 1.59 3.70 -0.70
N CYS A 64 2.78 3.09 -0.73
CA CYS A 64 3.91 3.50 0.11
C CYS A 64 4.29 4.96 -0.17
N CYS A 65 4.26 5.38 -1.44
CA CYS A 65 4.53 6.75 -1.88
C CYS A 65 3.45 7.71 -1.36
N TYR A 66 2.16 7.39 -1.55
CA TYR A 66 1.06 8.21 -1.04
C TYR A 66 1.14 8.38 0.48
N HIS A 67 1.49 7.31 1.20
CA HIS A 67 1.72 7.34 2.65
C HIS A 67 2.89 8.29 2.98
N ALA A 68 4.08 8.06 2.43
CA ALA A 68 5.30 8.86 2.63
C ALA A 68 5.14 10.35 2.31
N LYS A 69 4.23 10.71 1.39
CA LYS A 69 3.89 12.09 1.01
C LYS A 69 3.43 12.90 2.22
N HIS A 70 2.54 12.31 3.01
CA HIS A 70 1.91 12.86 4.21
C HIS A 70 2.68 12.57 5.52
N CYS A 71 3.40 11.44 5.59
CA CYS A 71 4.14 11.00 6.77
C CYS A 71 5.34 11.91 7.14
N GLN A 72 5.71 11.92 8.43
CA GLN A 72 6.80 12.70 9.01
C GLN A 72 7.56 11.99 10.16
N GLU A 73 7.15 10.78 10.56
CA GLU A 73 7.79 9.96 11.62
C GLU A 73 9.14 9.40 11.13
N ASN A 74 10.26 9.93 11.64
CA ASN A 74 11.63 9.55 11.28
C ASN A 74 12.00 8.05 11.39
N LYS A 75 11.19 7.24 12.09
CA LYS A 75 11.38 5.79 12.32
C LYS A 75 10.09 4.97 12.06
N CYS A 76 9.27 5.43 11.11
CA CYS A 76 8.00 4.80 10.68
C CYS A 76 8.16 3.28 10.40
N PRO A 77 7.22 2.41 10.86
CA PRO A 77 7.32 0.96 10.68
C PRO A 77 7.28 0.47 9.23
N VAL A 78 6.68 1.21 8.29
CA VAL A 78 6.61 0.86 6.87
C VAL A 78 8.04 0.91 6.27
N PRO A 79 8.56 -0.19 5.67
CA PRO A 79 9.94 -0.25 5.18
C PRO A 79 10.25 0.72 4.04
N PHE A 80 9.36 0.81 3.05
CA PHE A 80 9.53 1.70 1.89
C PHE A 80 9.35 3.19 2.20
N CYS A 81 8.50 3.53 3.18
CA CYS A 81 8.15 4.89 3.60
C CYS A 81 9.39 5.79 3.71
N LEU A 82 10.28 5.51 4.66
CA LEU A 82 11.53 6.24 4.91
C LEU A 82 12.43 6.40 3.66
N ASN A 83 12.49 5.39 2.78
CA ASN A 83 13.24 5.49 1.52
C ASN A 83 12.59 6.54 0.61
N ILE A 84 11.27 6.48 0.42
CA ILE A 84 10.53 7.47 -0.37
C ILE A 84 10.72 8.87 0.22
N LYS A 85 10.60 9.06 1.54
CA LYS A 85 10.84 10.35 2.20
C LYS A 85 12.20 10.94 1.81
N HIS A 86 13.27 10.14 1.82
CA HIS A 86 14.60 10.60 1.42
C HIS A 86 14.59 11.14 -0.02
N LYS A 87 14.01 10.35 -0.95
CA LYS A 87 13.81 10.68 -2.37
C LYS A 87 12.95 11.94 -2.58
N LEU A 88 12.05 12.25 -1.64
CA LEU A 88 11.16 13.43 -1.64
C LEU A 88 11.82 14.68 -1.03
N ARG A 89 12.43 14.59 0.15
CA ARG A 89 13.08 15.72 0.84
C ARG A 89 14.32 16.25 0.10
N GLN A 90 14.98 15.44 -0.74
CA GLN A 90 16.14 15.87 -1.53
C GLN A 90 15.78 16.77 -2.74
N GLN A 91 14.50 16.91 -3.07
CA GLN A 91 14.00 17.75 -4.18
C GLN A 91 14.21 19.26 -3.93
N GLN A 92 14.45 19.67 -2.68
CA GLN A 92 14.68 21.06 -2.25
C GLN A 92 15.89 21.70 -2.97
N SER B 1 -10.24 -20.29 19.03
CA SER B 1 -10.63 -21.10 17.88
C SER B 1 -11.75 -20.50 17.01
N HIS B 2 -12.32 -19.37 17.43
CA HIS B 2 -13.40 -18.64 16.74
C HIS B 2 -12.93 -18.01 15.41
N MET B 3 -13.88 -17.56 14.58
CA MET B 3 -13.65 -16.89 13.29
C MET B 3 -13.00 -15.50 13.43
N ALA B 4 -12.56 -14.93 12.31
CA ALA B 4 -11.97 -13.59 12.26
C ALA B 4 -12.94 -12.46 12.66
N PRO B 5 -12.45 -11.31 13.16
CA PRO B 5 -13.23 -10.11 13.38
C PRO B 5 -13.43 -9.45 12.01
N GLU B 6 -14.13 -8.32 12.01
CA GLU B 6 -14.35 -7.49 10.81
C GLU B 6 -13.56 -6.17 10.89
N ASP B 7 -13.42 -5.49 9.76
CA ASP B 7 -12.68 -4.22 9.63
C ASP B 7 -13.13 -3.44 8.38
N PRO B 8 -13.30 -2.11 8.44
CA PRO B 8 -13.75 -1.32 7.29
C PRO B 8 -12.69 -1.14 6.17
N ASN B 9 -11.41 -1.35 6.46
CA ASN B 9 -10.32 -1.16 5.48
C ASN B 9 -10.17 -2.34 4.50
N GLU B 10 -10.43 -3.58 4.94
CA GLU B 10 -10.27 -4.80 4.11
C GLU B 10 -11.07 -4.79 2.81
N GLU B 11 -12.20 -4.07 2.78
CA GLU B 11 -13.06 -3.90 1.61
C GLU B 11 -12.32 -3.16 0.48
N ALA B 12 -11.58 -2.09 0.83
CA ALA B 12 -10.75 -1.35 -0.12
C ALA B 12 -9.59 -2.22 -0.62
N VAL B 13 -8.94 -2.99 0.28
CA VAL B 13 -7.84 -3.91 -0.09
C VAL B 13 -8.33 -4.93 -1.12
N SER B 14 -9.52 -5.49 -0.92
CA SER B 14 -10.17 -6.51 -1.77
C SER B 14 -10.15 -6.19 -3.26
N GLN B 15 -10.55 -4.98 -3.67
CA GLN B 15 -10.56 -4.59 -5.09
C GLN B 15 -9.16 -4.36 -5.71
N ILE B 16 -8.12 -4.20 -4.89
CA ILE B 16 -6.71 -4.07 -5.32
C ILE B 16 -6.06 -5.46 -5.39
N PHE B 17 -6.12 -6.23 -4.29
CA PHE B 17 -5.62 -7.59 -4.09
C PHE B 17 -6.40 -8.34 -2.98
N PRO B 18 -7.35 -9.22 -3.30
CA PRO B 18 -8.12 -9.97 -2.30
C PRO B 18 -7.30 -11.09 -1.62
N ASP B 19 -7.88 -11.74 -0.62
CA ASP B 19 -7.23 -12.77 0.21
C ASP B 19 -6.81 -14.07 -0.52
N SER B 20 -7.35 -14.33 -1.72
CA SER B 20 -7.08 -15.56 -2.51
C SER B 20 -6.52 -15.33 -3.92
N VAL B 21 -6.28 -14.08 -4.36
CA VAL B 21 -5.78 -13.76 -5.71
C VAL B 21 -4.76 -12.62 -5.69
N MET B 22 -3.60 -12.81 -6.34
CA MET B 22 -2.56 -11.78 -6.51
C MET B 22 -2.96 -10.81 -7.65
N LEU B 23 -4.17 -10.26 -7.59
CA LEU B 23 -4.80 -9.35 -8.57
C LEU B 23 -3.93 -8.14 -8.94
N ALA B 24 -3.02 -7.72 -8.05
CA ALA B 24 -2.06 -6.65 -8.29
C ALA B 24 -1.13 -6.93 -9.51
N VAL B 25 -1.03 -8.17 -9.98
CA VAL B 25 -0.25 -8.56 -11.18
C VAL B 25 -0.90 -8.08 -12.49
N GLN B 26 -2.19 -7.72 -12.45
CA GLN B 26 -2.98 -7.24 -13.60
C GLN B 26 -3.70 -5.89 -13.34
N GLU B 27 -4.07 -5.61 -12.10
CA GLU B 27 -4.73 -4.36 -11.67
C GLU B 27 -3.71 -3.20 -11.61
N GLY B 28 -4.18 -1.97 -11.90
CA GLY B 28 -3.37 -0.75 -11.91
C GLY B 28 -4.04 0.41 -11.16
N ILE B 29 -3.53 0.73 -9.96
CA ILE B 29 -4.03 1.81 -9.09
C ILE B 29 -3.91 3.16 -9.83
N ASP B 30 -5.03 3.86 -9.96
CA ASP B 30 -5.20 5.14 -10.67
C ASP B 30 -4.51 6.38 -10.02
N LEU B 31 -3.38 6.22 -9.32
CA LEU B 31 -2.61 7.30 -8.67
C LEU B 31 -2.16 8.44 -9.61
N LEU B 32 -2.19 8.23 -10.92
CA LEU B 32 -1.79 9.18 -11.98
C LEU B 32 -2.57 10.50 -11.97
N THR B 33 -3.86 10.44 -11.59
CA THR B 33 -4.80 11.57 -11.54
C THR B 33 -4.51 12.59 -10.43
N PHE B 34 -3.70 12.22 -9.44
CA PHE B 34 -3.32 13.05 -8.29
C PHE B 34 -2.19 14.05 -8.64
N PRO B 35 -1.99 15.12 -7.82
CA PRO B 35 -0.95 16.13 -8.06
C PRO B 35 0.48 15.56 -8.18
N PRO B 36 1.34 16.14 -9.04
CA PRO B 36 2.72 15.69 -9.21
C PRO B 36 3.63 16.14 -8.05
N ALA B 37 4.85 15.57 -7.99
CA ALA B 37 5.86 15.92 -6.99
C ALA B 37 6.47 17.32 -7.24
N PRO B 38 6.93 18.05 -6.21
CA PRO B 38 7.48 19.41 -6.37
C PRO B 38 8.80 19.48 -7.16
N GLY B 39 9.53 18.37 -7.29
CA GLY B 39 10.79 18.27 -8.06
C GLY B 39 10.62 17.88 -9.53
N SER B 40 9.38 17.73 -10.02
CA SER B 40 9.06 17.35 -11.41
C SER B 40 9.61 18.36 -12.43
N PRO B 41 10.49 17.95 -13.38
CA PRO B 41 11.07 18.86 -14.37
C PRO B 41 10.09 19.27 -15.50
N GLU B 42 8.97 18.57 -15.65
CA GLU B 42 7.93 18.82 -16.67
C GLU B 42 7.32 20.22 -16.53
N SER A 1 -17.94 12.42 -4.95
CA SER A 1 -17.11 12.66 -6.12
C SER A 1 -16.35 11.40 -6.56
N PRO A 2 -16.14 11.18 -7.88
CA PRO A 2 -15.39 10.04 -8.40
C PRO A 2 -13.90 10.13 -8.00
N GLN A 3 -13.33 11.34 -7.95
CA GLN A 3 -11.94 11.56 -7.52
C GLN A 3 -11.80 11.32 -6.00
N GLU A 4 -12.77 11.80 -5.21
CA GLU A 4 -12.79 11.61 -3.76
C GLU A 4 -12.86 10.12 -3.39
N SER A 5 -13.87 9.39 -3.88
CA SER A 5 -14.04 7.95 -3.62
C SER A 5 -12.81 7.12 -4.06
N ARG A 6 -12.19 7.45 -5.21
CA ARG A 6 -10.97 6.82 -5.71
C ARG A 6 -9.79 7.04 -4.77
N ARG A 7 -9.57 8.28 -4.31
CA ARG A 7 -8.53 8.66 -3.34
C ARG A 7 -8.77 8.03 -1.96
N LEU A 8 -10.03 7.83 -1.57
CA LEU A 8 -10.42 7.17 -0.33
C LEU A 8 -10.02 5.68 -0.32
N SER A 9 -9.99 5.01 -1.46
CA SER A 9 -9.56 3.60 -1.54
C SER A 9 -8.08 3.46 -1.16
N ILE A 10 -7.23 4.35 -1.68
CA ILE A 10 -5.78 4.41 -1.40
C ILE A 10 -5.50 4.50 0.11
N GLN A 11 -5.99 5.56 0.76
CA GLN A 11 -5.77 5.79 2.20
C GLN A 11 -6.30 4.67 3.11
N ARG A 12 -7.41 4.00 2.74
CA ARG A 12 -7.93 2.84 3.50
C ARG A 12 -6.94 1.68 3.45
N CYS A 13 -6.48 1.30 2.26
CA CYS A 13 -5.47 0.25 2.08
C CYS A 13 -4.14 0.58 2.79
N ILE A 14 -3.81 1.86 2.95
CA ILE A 14 -2.61 2.31 3.68
C ILE A 14 -2.74 2.01 5.19
N GLN A 15 -3.94 1.96 5.76
CA GLN A 15 -4.12 1.54 7.16
C GLN A 15 -3.69 0.07 7.30
N SER A 16 -4.09 -0.77 6.34
CA SER A 16 -3.70 -2.18 6.21
C SER A 16 -2.18 -2.33 6.09
N LEU A 17 -1.56 -1.49 5.25
CA LEU A 17 -0.10 -1.44 5.04
C LEU A 17 0.63 -1.15 6.36
N VAL A 18 0.28 -0.05 7.05
CA VAL A 18 0.87 0.31 8.35
C VAL A 18 0.73 -0.83 9.35
N HIS A 19 -0.48 -1.36 9.54
CA HIS A 19 -0.73 -2.50 10.44
C HIS A 19 0.20 -3.68 10.12
N ALA A 20 0.17 -4.20 8.90
CA ALA A 20 0.99 -5.32 8.46
C ALA A 20 2.52 -5.08 8.62
N CYS A 21 2.98 -3.83 8.57
CA CYS A 21 4.39 -3.47 8.78
C CYS A 21 4.81 -3.43 10.26
N GLN A 22 3.86 -3.42 11.21
CA GLN A 22 4.13 -3.41 12.67
C GLN A 22 3.59 -4.65 13.42
N CYS A 23 2.70 -5.43 12.80
CA CYS A 23 2.09 -6.65 13.34
C CYS A 23 3.16 -7.71 13.68
N ARG A 24 3.21 -8.11 14.96
CA ARG A 24 4.19 -9.04 15.54
C ARG A 24 3.93 -10.53 15.25
N ASN A 25 2.81 -10.88 14.61
CA ASN A 25 2.41 -12.27 14.31
C ASN A 25 1.86 -12.42 12.88
N ALA A 26 2.60 -13.09 12.00
CA ALA A 26 2.20 -13.35 10.61
C ALA A 26 0.85 -14.10 10.45
N ASN A 27 0.35 -14.75 11.51
CA ASN A 27 -0.91 -15.49 11.54
C ASN A 27 -2.15 -14.62 11.89
N CYS A 28 -1.98 -13.31 12.15
CA CYS A 28 -3.02 -12.33 12.48
C CYS A 28 -4.24 -12.45 11.54
N SER A 29 -5.38 -12.89 12.09
CA SER A 29 -6.63 -13.20 11.36
C SER A 29 -7.40 -12.00 10.80
N LEU A 30 -6.92 -10.77 10.97
CA LEU A 30 -7.54 -9.54 10.46
C LEU A 30 -7.59 -9.58 8.92
N PRO A 31 -8.77 -9.45 8.26
CA PRO A 31 -8.91 -9.52 6.80
C PRO A 31 -7.90 -8.69 6.00
N SER A 32 -7.63 -7.46 6.47
CA SER A 32 -6.66 -6.54 5.87
C SER A 32 -5.21 -7.03 6.03
N CYS A 33 -4.81 -7.42 7.24
CA CYS A 33 -3.49 -7.97 7.56
C CYS A 33 -3.20 -9.22 6.70
N GLN A 34 -4.14 -10.19 6.70
CA GLN A 34 -4.10 -11.41 5.89
C GLN A 34 -3.73 -11.12 4.43
N LYS A 35 -4.53 -10.28 3.75
CA LYS A 35 -4.33 -9.88 2.35
C LYS A 35 -2.98 -9.19 2.13
N MET A 36 -2.65 -8.19 2.95
CA MET A 36 -1.40 -7.43 2.86
C MET A 36 -0.14 -8.30 3.04
N LYS A 37 -0.15 -9.26 3.97
CA LYS A 37 0.98 -10.19 4.24
C LYS A 37 1.49 -10.89 2.98
N ARG A 38 0.60 -11.35 2.09
CA ARG A 38 0.97 -12.00 0.81
C ARG A 38 1.82 -11.06 -0.06
N VAL A 39 1.44 -9.79 -0.14
CA VAL A 39 2.16 -8.76 -0.91
C VAL A 39 3.51 -8.42 -0.27
N VAL A 40 3.56 -8.29 1.06
CA VAL A 40 4.79 -8.06 1.83
C VAL A 40 5.79 -9.19 1.59
N GLN A 41 5.32 -10.45 1.61
CA GLN A 41 6.12 -11.64 1.32
C GLN A 41 6.60 -11.68 -0.16
N HIS A 42 5.85 -11.09 -1.09
CA HIS A 42 6.23 -10.99 -2.51
C HIS A 42 7.38 -9.99 -2.69
N THR A 43 7.16 -8.71 -2.38
CA THR A 43 8.15 -7.63 -2.58
C THR A 43 9.53 -7.90 -1.95
N LYS A 44 9.60 -8.54 -0.78
CA LYS A 44 10.87 -8.85 -0.09
C LYS A 44 11.73 -9.93 -0.77
N GLY A 45 11.18 -10.70 -1.72
CA GLY A 45 11.86 -11.79 -2.42
C GLY A 45 11.72 -11.82 -3.95
N CYS A 46 10.97 -10.90 -4.55
CA CYS A 46 10.73 -10.82 -6.00
C CYS A 46 12.03 -10.74 -6.82
N LYS A 47 12.17 -11.65 -7.79
CA LYS A 47 13.31 -11.75 -8.72
C LYS A 47 13.31 -10.65 -9.80
N ARG A 48 12.26 -9.83 -9.87
CA ARG A 48 12.07 -8.74 -10.84
C ARG A 48 11.94 -7.38 -10.15
N LYS A 49 11.00 -7.24 -9.21
CA LYS A 49 10.66 -6.03 -8.45
C LYS A 49 10.31 -4.82 -9.34
N THR A 50 10.08 -3.65 -8.74
CA THR A 50 9.77 -2.40 -9.45
C THR A 50 10.86 -2.01 -10.46
N ASN A 51 12.14 -2.29 -10.14
CA ASN A 51 13.30 -2.03 -11.00
C ASN A 51 13.20 -2.77 -12.35
N GLY A 52 12.73 -4.02 -12.35
CA GLY A 52 12.51 -4.85 -13.54
C GLY A 52 11.13 -4.67 -14.18
N GLY A 53 10.22 -3.93 -13.54
CA GLY A 53 8.87 -3.63 -14.02
C GLY A 53 7.73 -4.50 -13.45
N CYS A 54 7.97 -5.25 -12.37
CA CYS A 54 6.97 -6.12 -11.73
C CYS A 54 5.70 -5.31 -11.33
N PRO A 55 4.51 -5.65 -11.86
CA PRO A 55 3.28 -4.90 -11.59
C PRO A 55 2.82 -5.00 -10.13
N VAL A 56 2.97 -6.17 -9.48
CA VAL A 56 2.62 -6.41 -8.07
C VAL A 56 3.38 -5.45 -7.16
N CYS A 57 4.72 -5.50 -7.21
CA CYS A 57 5.60 -4.63 -6.45
C CYS A 57 5.24 -3.15 -6.68
N LYS A 58 5.05 -2.73 -7.94
CA LYS A 58 4.65 -1.35 -8.29
C LYS A 58 3.36 -0.92 -7.60
N GLN A 59 2.34 -1.77 -7.53
CA GLN A 59 1.08 -1.44 -6.85
C GLN A 59 1.29 -1.27 -5.34
N LEU A 60 2.15 -2.09 -4.71
CA LEU A 60 2.50 -1.97 -3.30
C LEU A 60 3.21 -0.62 -3.03
N ILE A 61 4.27 -0.35 -3.81
CA ILE A 61 5.06 0.89 -3.71
C ILE A 61 4.22 2.14 -4.00
N ALA A 62 3.22 2.10 -4.88
CA ALA A 62 2.32 3.24 -5.14
C ALA A 62 1.66 3.76 -3.84
N LEU A 63 1.20 2.86 -2.97
CA LEU A 63 0.63 3.18 -1.66
C LEU A 63 1.72 3.63 -0.68
N CYS A 64 2.93 3.06 -0.74
CA CYS A 64 4.07 3.52 0.07
C CYS A 64 4.41 4.98 -0.28
N CYS A 65 4.35 5.35 -1.56
CA CYS A 65 4.57 6.72 -2.04
C CYS A 65 3.49 7.67 -1.50
N TYR A 66 2.19 7.35 -1.66
CA TYR A 66 1.10 8.16 -1.12
C TYR A 66 1.23 8.33 0.41
N HIS A 67 1.59 7.26 1.12
CA HIS A 67 1.84 7.29 2.56
C HIS A 67 2.99 8.27 2.89
N ALA A 68 4.20 8.03 2.34
CA ALA A 68 5.40 8.83 2.57
C ALA A 68 5.22 10.34 2.27
N LYS A 69 4.39 10.69 1.28
CA LYS A 69 4.05 12.06 0.88
C LYS A 69 3.48 12.85 2.07
N HIS A 70 2.53 12.23 2.78
CA HIS A 70 1.81 12.77 3.93
C HIS A 70 2.46 12.48 5.30
N CYS A 71 3.33 11.46 5.40
CA CYS A 71 3.98 11.04 6.65
C CYS A 71 4.94 12.11 7.24
N GLN A 72 5.33 11.91 8.50
CA GLN A 72 6.20 12.80 9.29
C GLN A 72 7.10 12.09 10.34
N GLU A 73 7.00 10.78 10.52
CA GLU A 73 7.82 10.05 11.50
C GLU A 73 9.30 9.89 11.06
N ASN A 74 10.24 9.99 12.00
CA ASN A 74 11.67 9.81 11.73
C ASN A 74 12.05 8.32 11.57
N LYS A 75 11.29 7.41 12.20
CA LYS A 75 11.50 5.95 12.22
C LYS A 75 10.18 5.17 12.03
N CYS A 76 9.41 5.54 11.00
CA CYS A 76 8.14 4.93 10.62
C CYS A 76 8.25 3.39 10.46
N PRO A 77 7.27 2.58 10.93
CA PRO A 77 7.32 1.12 10.82
C PRO A 77 7.29 0.59 9.37
N VAL A 78 6.73 1.35 8.41
CA VAL A 78 6.69 0.98 6.98
C VAL A 78 8.13 1.02 6.43
N PRO A 79 8.67 -0.09 5.87
CA PRO A 79 10.07 -0.16 5.43
C PRO A 79 10.42 0.78 4.28
N PHE A 80 9.53 0.93 3.30
CA PHE A 80 9.75 1.78 2.12
C PHE A 80 9.55 3.28 2.38
N CYS A 81 8.70 3.65 3.34
CA CYS A 81 8.34 5.03 3.70
C CYS A 81 9.55 5.98 3.76
N LEU A 82 10.45 5.76 4.72
CA LEU A 82 11.68 6.54 4.94
C LEU A 82 12.56 6.65 3.70
N ASN A 83 12.67 5.59 2.88
CA ASN A 83 13.41 5.63 1.62
C ASN A 83 12.74 6.60 0.64
N ILE A 84 11.41 6.49 0.46
CA ILE A 84 10.64 7.39 -0.39
C ILE A 84 10.82 8.85 0.05
N LYS A 85 10.73 9.16 1.36
CA LYS A 85 10.96 10.53 1.87
C LYS A 85 12.31 11.09 1.40
N HIS A 86 13.38 10.31 1.48
CA HIS A 86 14.72 10.70 0.99
C HIS A 86 14.70 10.97 -0.53
N LYS A 87 14.11 10.04 -1.29
CA LYS A 87 13.92 10.13 -2.76
C LYS A 87 13.12 11.38 -3.16
N LEU A 88 12.15 11.81 -2.34
CA LEU A 88 11.34 13.02 -2.50
C LEU A 88 12.14 14.31 -2.18
N ARG A 89 12.89 14.33 -1.07
CA ARG A 89 13.69 15.49 -0.64
C ARG A 89 14.91 15.78 -1.52
N GLN A 90 15.49 14.77 -2.19
CA GLN A 90 16.66 14.94 -3.07
C GLN A 90 16.35 15.48 -4.49
N GLN A 91 15.06 15.66 -4.83
CA GLN A 91 14.61 16.16 -6.14
C GLN A 91 15.12 17.59 -6.44
N GLN A 92 15.13 17.96 -7.73
CA GLN A 92 15.53 19.27 -8.24
C GLN A 92 14.67 20.42 -7.68
N SER B 1 -12.76 -18.88 19.44
CA SER B 1 -13.39 -17.60 19.11
C SER B 1 -12.43 -16.40 19.16
N HIS B 2 -11.16 -16.61 19.54
CA HIS B 2 -10.10 -15.61 19.64
C HIS B 2 -9.54 -15.23 18.26
N MET B 3 -10.37 -14.58 17.42
CA MET B 3 -10.07 -14.11 16.07
C MET B 3 -10.72 -12.76 15.75
N ALA B 4 -10.30 -12.11 14.66
CA ALA B 4 -10.81 -10.81 14.22
C ALA B 4 -12.22 -10.93 13.57
N PRO B 5 -13.17 -10.04 13.89
CA PRO B 5 -14.52 -10.07 13.32
C PRO B 5 -14.54 -9.65 11.84
N GLU B 6 -14.08 -8.43 11.54
CA GLU B 6 -13.99 -7.79 10.22
C GLU B 6 -13.03 -6.58 10.27
N ASP B 7 -12.77 -5.94 9.12
CA ASP B 7 -11.94 -4.73 9.01
C ASP B 7 -12.45 -3.84 7.85
N PRO B 8 -13.00 -2.63 8.12
CA PRO B 8 -13.57 -1.74 7.10
C PRO B 8 -12.70 -1.47 5.86
N ASN B 9 -11.37 -1.46 6.00
CA ASN B 9 -10.43 -1.20 4.90
C ASN B 9 -10.39 -2.34 3.87
N GLU B 10 -10.84 -3.55 4.22
CA GLU B 10 -10.81 -4.73 3.34
C GLU B 10 -11.61 -4.54 2.03
N GLU B 11 -12.60 -3.65 2.03
CA GLU B 11 -13.41 -3.33 0.84
C GLU B 11 -12.55 -2.69 -0.26
N ALA B 12 -11.65 -1.78 0.14
CA ALA B 12 -10.68 -1.14 -0.75
C ALA B 12 -9.56 -2.14 -1.10
N VAL B 13 -8.98 -2.84 -0.12
CA VAL B 13 -7.92 -3.84 -0.38
C VAL B 13 -8.36 -4.88 -1.42
N SER B 14 -9.63 -5.32 -1.40
CA SER B 14 -10.19 -6.29 -2.35
C SER B 14 -10.08 -5.91 -3.83
N GLN B 15 -10.08 -4.62 -4.21
CA GLN B 15 -9.88 -4.25 -5.62
C GLN B 15 -8.40 -4.34 -6.06
N ILE B 16 -7.46 -4.28 -5.11
CA ILE B 16 -6.00 -4.41 -5.32
C ILE B 16 -5.55 -5.87 -5.22
N PHE B 17 -5.87 -6.51 -4.07
CA PHE B 17 -5.54 -7.90 -3.71
C PHE B 17 -6.69 -8.56 -2.90
N PRO B 18 -7.68 -9.19 -3.53
CA PRO B 18 -8.75 -9.88 -2.82
C PRO B 18 -8.25 -11.18 -2.15
N ASP B 19 -9.10 -11.80 -1.33
CA ASP B 19 -8.78 -13.05 -0.62
C ASP B 19 -8.52 -14.25 -1.55
N SER B 20 -9.04 -14.20 -2.78
CA SER B 20 -8.93 -15.24 -3.81
C SER B 20 -7.59 -15.28 -4.56
N VAL B 21 -7.11 -14.16 -5.10
CA VAL B 21 -5.91 -14.08 -5.96
C VAL B 21 -5.05 -12.81 -5.76
N MET B 22 -3.83 -12.83 -6.28
CA MET B 22 -2.89 -11.69 -6.32
C MET B 22 -3.20 -10.79 -7.53
N LEU B 23 -4.42 -10.25 -7.57
CA LEU B 23 -5.02 -9.44 -8.66
C LEU B 23 -4.13 -8.30 -9.21
N ALA B 24 -3.27 -7.71 -8.39
CA ALA B 24 -2.34 -6.64 -8.82
C ALA B 24 -1.38 -7.05 -9.95
N VAL B 25 -1.21 -8.35 -10.23
CA VAL B 25 -0.39 -8.82 -11.36
C VAL B 25 -1.06 -8.55 -12.72
N GLN B 26 -2.38 -8.28 -12.73
CA GLN B 26 -3.22 -8.00 -13.90
C GLN B 26 -4.09 -6.72 -13.79
N GLU B 27 -4.00 -5.98 -12.67
CA GLU B 27 -4.76 -4.76 -12.38
C GLU B 27 -3.85 -3.67 -11.78
N GLY B 28 -4.16 -2.38 -12.01
CA GLY B 28 -3.39 -1.24 -11.51
C GLY B 28 -4.19 -0.27 -10.64
N ILE B 29 -3.48 0.53 -9.83
CA ILE B 29 -4.03 1.54 -8.91
C ILE B 29 -3.95 2.94 -9.55
N ASP B 30 -5.03 3.70 -9.46
CA ASP B 30 -5.15 5.09 -9.92
C ASP B 30 -4.50 6.07 -8.92
N LEU B 31 -3.19 5.94 -8.64
CA LEU B 31 -2.44 6.92 -7.83
C LEU B 31 -2.56 8.34 -8.43
N LEU B 32 -2.77 8.35 -9.75
CA LEU B 32 -3.14 9.43 -10.67
C LEU B 32 -4.31 10.30 -10.15
N THR B 33 -5.14 9.78 -9.23
CA THR B 33 -6.27 10.49 -8.59
C THR B 33 -5.87 11.67 -7.69
N PHE B 34 -4.58 11.84 -7.36
CA PHE B 34 -4.06 12.92 -6.51
C PHE B 34 -4.37 14.35 -7.07
N PRO B 35 -4.27 15.42 -6.25
CA PRO B 35 -4.56 16.80 -6.68
C PRO B 35 -3.85 17.25 -7.97
N PRO B 36 -4.50 18.04 -8.85
CA PRO B 36 -3.92 18.52 -10.11
C PRO B 36 -2.87 19.64 -9.94
N ALA B 37 -2.74 20.22 -8.74
CA ALA B 37 -1.83 21.30 -8.39
C ALA B 37 -1.10 21.03 -7.05
N PRO B 38 0.04 21.68 -6.77
CA PRO B 38 0.78 21.51 -5.51
C PRO B 38 0.08 22.14 -4.29
N GLY B 39 -0.93 22.98 -4.51
CA GLY B 39 -1.78 23.63 -3.50
C GLY B 39 -3.27 23.30 -3.71
N SER B 40 -4.13 23.87 -2.87
CA SER B 40 -5.61 23.68 -2.89
C SER B 40 -6.21 23.96 -4.28
N PRO B 41 -6.75 22.95 -4.99
CA PRO B 41 -7.30 23.14 -6.35
C PRO B 41 -8.67 23.83 -6.40
N GLU B 42 -9.35 23.99 -5.26
CA GLU B 42 -10.66 24.64 -5.13
C GLU B 42 -10.64 26.11 -5.58
N SER A 1 -18.06 10.88 -5.94
CA SER A 1 -17.26 11.13 -7.14
C SER A 1 -16.14 10.08 -7.32
N PRO A 2 -15.67 9.82 -8.56
CA PRO A 2 -14.60 8.85 -8.81
C PRO A 2 -13.28 9.22 -8.14
N GLN A 3 -12.89 10.51 -8.15
CA GLN A 3 -11.68 10.98 -7.47
C GLN A 3 -11.76 10.77 -5.95
N GLU A 4 -12.95 10.91 -5.35
CA GLU A 4 -13.19 10.69 -3.92
C GLU A 4 -13.05 9.19 -3.57
N SER A 5 -13.79 8.30 -4.25
CA SER A 5 -13.70 6.85 -4.00
C SER A 5 -12.28 6.32 -4.21
N ARG A 6 -11.53 6.84 -5.20
CA ARG A 6 -10.12 6.51 -5.47
C ARG A 6 -9.21 6.94 -4.29
N ARG A 7 -9.32 8.20 -3.85
CA ARG A 7 -8.59 8.76 -2.68
C ARG A 7 -8.88 7.96 -1.40
N LEU A 8 -10.14 7.58 -1.19
CA LEU A 8 -10.58 6.75 -0.06
C LEU A 8 -10.00 5.34 -0.16
N SER A 9 -10.00 4.72 -1.34
CA SER A 9 -9.43 3.39 -1.57
C SER A 9 -7.94 3.34 -1.20
N ILE A 10 -7.19 4.35 -1.65
CA ILE A 10 -5.76 4.53 -1.32
C ILE A 10 -5.55 4.60 0.20
N GLN A 11 -6.14 5.57 0.90
CA GLN A 11 -5.93 5.74 2.34
C GLN A 11 -6.40 4.53 3.18
N ARG A 12 -7.51 3.88 2.82
CA ARG A 12 -8.00 2.66 3.50
C ARG A 12 -6.97 1.53 3.36
N CYS A 13 -6.49 1.27 2.14
CA CYS A 13 -5.45 0.27 1.90
C CYS A 13 -4.16 0.60 2.70
N ILE A 14 -3.82 1.88 2.83
CA ILE A 14 -2.66 2.34 3.62
C ILE A 14 -2.82 2.08 5.13
N GLN A 15 -4.04 2.07 5.69
CA GLN A 15 -4.24 1.68 7.10
C GLN A 15 -3.82 0.21 7.30
N SER A 16 -4.25 -0.65 6.37
CA SER A 16 -3.88 -2.07 6.31
C SER A 16 -2.37 -2.25 6.17
N LEU A 17 -1.73 -1.44 5.32
CA LEU A 17 -0.28 -1.42 5.10
C LEU A 17 0.46 -1.15 6.42
N VAL A 18 0.14 -0.05 7.12
CA VAL A 18 0.75 0.30 8.41
C VAL A 18 0.59 -0.86 9.41
N HIS A 19 -0.63 -1.36 9.62
CA HIS A 19 -0.89 -2.50 10.53
C HIS A 19 0.02 -3.69 10.20
N ALA A 20 -0.04 -4.20 8.97
CA ALA A 20 0.75 -5.35 8.53
C ALA A 20 2.28 -5.14 8.65
N CYS A 21 2.77 -3.91 8.57
CA CYS A 21 4.20 -3.58 8.73
C CYS A 21 4.65 -3.53 10.20
N GLN A 22 3.73 -3.50 11.18
CA GLN A 22 4.02 -3.44 12.62
C GLN A 22 3.44 -4.63 13.44
N CYS A 23 2.68 -5.53 12.82
CA CYS A 23 2.02 -6.66 13.49
C CYS A 23 3.01 -7.66 14.10
N ARG A 24 3.01 -7.72 15.44
CA ARG A 24 3.86 -8.55 16.30
C ARG A 24 3.54 -10.06 16.28
N ASN A 25 2.46 -10.47 15.61
CA ASN A 25 2.00 -11.86 15.51
C ASN A 25 1.79 -12.30 14.05
N ALA A 26 2.67 -13.15 13.53
CA ALA A 26 2.57 -13.68 12.16
C ALA A 26 1.26 -14.47 11.87
N ASN A 27 0.52 -14.86 12.91
CA ASN A 27 -0.74 -15.61 12.83
C ASN A 27 -2.00 -14.72 12.91
N CYS A 28 -1.86 -13.39 12.94
CA CYS A 28 -2.95 -12.40 12.97
C CYS A 28 -3.96 -12.67 11.82
N SER A 29 -5.19 -13.02 12.18
CA SER A 29 -6.26 -13.40 11.24
C SER A 29 -7.19 -12.24 10.85
N LEU A 30 -6.77 -11.00 11.06
CA LEU A 30 -7.49 -9.78 10.70
C LEU A 30 -7.55 -9.67 9.15
N PRO A 31 -8.73 -9.53 8.51
CA PRO A 31 -8.84 -9.48 7.04
C PRO A 31 -7.86 -8.53 6.34
N SER A 32 -7.67 -7.31 6.87
CA SER A 32 -6.73 -6.32 6.33
C SER A 32 -5.28 -6.82 6.40
N CYS A 33 -4.83 -7.28 7.57
CA CYS A 33 -3.50 -7.85 7.83
C CYS A 33 -3.23 -9.03 6.87
N GLN A 34 -4.14 -10.01 6.84
CA GLN A 34 -4.13 -11.19 5.97
C GLN A 34 -3.95 -10.80 4.49
N LYS A 35 -4.85 -9.99 3.93
CA LYS A 35 -4.83 -9.55 2.53
C LYS A 35 -3.54 -8.80 2.19
N MET A 36 -3.08 -7.89 3.05
CA MET A 36 -1.84 -7.14 2.88
C MET A 36 -0.58 -8.04 2.91
N LYS A 37 -0.55 -9.07 3.78
CA LYS A 37 0.59 -10.01 3.90
C LYS A 37 0.98 -10.63 2.55
N ARG A 38 0.02 -10.93 1.67
CA ARG A 38 0.28 -11.50 0.32
C ARG A 38 1.25 -10.65 -0.50
N VAL A 39 0.95 -9.37 -0.71
CA VAL A 39 1.83 -8.46 -1.48
C VAL A 39 3.14 -8.17 -0.74
N VAL A 40 3.14 -8.12 0.60
CA VAL A 40 4.35 -7.94 1.41
C VAL A 40 5.32 -9.12 1.18
N GLN A 41 4.81 -10.35 1.24
CA GLN A 41 5.58 -11.58 0.95
C GLN A 41 6.04 -11.64 -0.51
N HIS A 42 5.32 -11.01 -1.44
CA HIS A 42 5.70 -10.92 -2.86
C HIS A 42 6.90 -9.98 -3.04
N THR A 43 6.75 -8.68 -2.76
CA THR A 43 7.79 -7.67 -2.99
C THR A 43 9.15 -7.98 -2.34
N LYS A 44 9.17 -8.61 -1.15
CA LYS A 44 10.42 -8.99 -0.45
C LYS A 44 11.19 -10.14 -1.12
N GLY A 45 10.59 -10.87 -2.08
CA GLY A 45 11.20 -12.02 -2.78
C GLY A 45 11.11 -12.01 -4.31
N CYS A 46 10.38 -11.06 -4.92
CA CYS A 46 10.21 -10.94 -6.36
C CYS A 46 11.55 -10.79 -7.12
N LYS A 47 11.64 -11.47 -8.27
CA LYS A 47 12.80 -11.49 -9.18
C LYS A 47 12.75 -10.37 -10.22
N ARG A 48 11.60 -9.67 -10.37
CA ARG A 48 11.37 -8.58 -11.34
C ARG A 48 11.36 -7.21 -10.68
N LYS A 49 10.50 -7.01 -9.67
CA LYS A 49 10.27 -5.76 -8.92
C LYS A 49 9.93 -4.55 -9.81
N THR A 50 9.80 -3.37 -9.22
CA THR A 50 9.50 -2.12 -9.93
C THR A 50 10.55 -1.77 -11.00
N ASN A 51 11.82 -2.16 -10.78
CA ASN A 51 12.92 -2.00 -11.72
C ASN A 51 12.66 -2.70 -13.07
N GLY A 52 12.07 -3.90 -13.03
CA GLY A 52 11.68 -4.69 -14.21
C GLY A 52 10.24 -4.42 -14.68
N GLY A 53 9.46 -3.60 -13.95
CA GLY A 53 8.09 -3.22 -14.27
C GLY A 53 6.99 -4.07 -13.62
N CYS A 54 7.30 -4.87 -12.60
CA CYS A 54 6.35 -5.76 -11.89
C CYS A 54 5.11 -4.99 -11.37
N PRO A 55 3.89 -5.26 -11.88
CA PRO A 55 2.66 -4.58 -11.47
C PRO A 55 2.38 -4.67 -9.97
N VAL A 56 2.59 -5.85 -9.37
CA VAL A 56 2.36 -6.12 -7.94
C VAL A 56 3.20 -5.18 -7.07
N CYS A 57 4.52 -5.23 -7.23
CA CYS A 57 5.49 -4.38 -6.54
C CYS A 57 5.16 -2.88 -6.76
N LYS A 58 4.90 -2.46 -8.00
CA LYS A 58 4.53 -1.06 -8.34
C LYS A 58 3.33 -0.56 -7.54
N GLN A 59 2.26 -1.36 -7.42
CA GLN A 59 1.08 -0.98 -6.65
C GLN A 59 1.38 -0.82 -5.15
N LEU A 60 2.28 -1.63 -4.59
CA LEU A 60 2.73 -1.46 -3.21
C LEU A 60 3.50 -0.14 -3.06
N ILE A 61 4.49 0.12 -3.94
CA ILE A 61 5.28 1.36 -3.93
C ILE A 61 4.39 2.60 -4.11
N ALA A 62 3.34 2.54 -4.95
CA ALA A 62 2.39 3.64 -5.14
C ALA A 62 1.73 4.05 -3.80
N LEU A 63 1.21 3.08 -3.05
CA LEU A 63 0.62 3.28 -1.72
C LEU A 63 1.67 3.73 -0.69
N CYS A 64 2.87 3.13 -0.70
CA CYS A 64 3.99 3.55 0.16
C CYS A 64 4.37 5.02 -0.11
N CYS A 65 4.38 5.44 -1.38
CA CYS A 65 4.65 6.80 -1.81
C CYS A 65 3.56 7.77 -1.30
N TYR A 66 2.28 7.47 -1.54
CA TYR A 66 1.16 8.28 -1.04
C TYR A 66 1.22 8.43 0.50
N HIS A 67 1.55 7.35 1.21
CA HIS A 67 1.76 7.38 2.67
C HIS A 67 2.92 8.33 3.02
N ALA A 68 4.12 8.08 2.50
CA ALA A 68 5.33 8.87 2.72
C ALA A 68 5.19 10.37 2.38
N LYS A 69 4.32 10.72 1.42
CA LYS A 69 4.01 12.10 1.01
C LYS A 69 3.53 12.93 2.21
N HIS A 70 2.62 12.33 2.99
CA HIS A 70 1.98 12.89 4.17
C HIS A 70 2.73 12.59 5.49
N CYS A 71 3.44 11.47 5.58
CA CYS A 71 4.20 11.02 6.76
C CYS A 71 5.41 11.94 7.08
N GLN A 72 5.94 11.77 8.30
CA GLN A 72 7.08 12.52 8.86
C GLN A 72 7.83 11.77 9.99
N GLU A 73 7.39 10.58 10.41
CA GLU A 73 8.01 9.78 11.48
C GLU A 73 9.38 9.23 11.02
N ASN A 74 10.47 9.65 11.64
CA ASN A 74 11.85 9.25 11.29
C ASN A 74 12.13 7.73 11.42
N LYS A 75 11.26 6.97 12.12
CA LYS A 75 11.37 5.52 12.38
C LYS A 75 10.08 4.74 12.04
N CYS A 76 9.27 5.24 11.10
CA CYS A 76 8.01 4.67 10.64
C CYS A 76 8.14 3.15 10.32
N PRO A 77 7.19 2.29 10.77
CA PRO A 77 7.26 0.84 10.57
C PRO A 77 7.19 0.36 9.11
N VAL A 78 6.61 1.13 8.20
CA VAL A 78 6.49 0.80 6.76
C VAL A 78 7.90 0.78 6.11
N PRO A 79 8.40 -0.37 5.60
CA PRO A 79 9.75 -0.50 5.03
C PRO A 79 10.16 0.58 4.02
N PHE A 80 9.34 0.81 3.00
CA PHE A 80 9.61 1.76 1.92
C PHE A 80 9.38 3.23 2.28
N CYS A 81 8.53 3.54 3.28
CA CYS A 81 8.18 4.89 3.71
C CYS A 81 9.42 5.79 3.86
N LEU A 82 10.31 5.45 4.80
CA LEU A 82 11.55 6.18 5.09
C LEU A 82 12.44 6.40 3.85
N ASN A 83 12.55 5.40 2.96
CA ASN A 83 13.31 5.52 1.72
C ASN A 83 12.69 6.63 0.84
N ILE A 84 11.37 6.57 0.62
CA ILE A 84 10.64 7.59 -0.12
C ILE A 84 10.82 8.96 0.55
N LYS A 85 10.62 9.09 1.87
CA LYS A 85 10.81 10.36 2.62
C LYS A 85 12.19 10.97 2.37
N HIS A 86 13.26 10.16 2.39
CA HIS A 86 14.62 10.61 2.08
C HIS A 86 14.70 11.14 0.64
N LYS A 87 14.27 10.34 -0.34
CA LYS A 87 14.20 10.70 -1.78
C LYS A 87 13.47 12.03 -1.98
N LEU A 88 12.35 12.25 -1.29
CA LEU A 88 11.55 13.48 -1.32
C LEU A 88 12.30 14.75 -0.90
N ARG A 89 13.30 14.67 -0.02
CA ARG A 89 14.15 15.80 0.40
C ARG A 89 15.44 15.89 -0.43
N GLN A 90 15.88 14.77 -1.01
CA GLN A 90 17.06 14.65 -1.87
C GLN A 90 16.81 15.26 -3.27
N GLN A 91 15.62 15.03 -3.84
CA GLN A 91 15.20 15.55 -5.15
C GLN A 91 14.98 17.08 -5.17
N GLN A 92 14.93 17.66 -6.37
CA GLN A 92 14.71 19.10 -6.61
C GLN A 92 13.33 19.54 -6.08
N SER B 1 -8.62 -22.33 15.13
CA SER B 1 -10.04 -22.71 15.11
C SER B 1 -11.00 -21.52 15.12
N HIS B 2 -10.50 -20.29 15.21
CA HIS B 2 -11.25 -19.04 15.22
C HIS B 2 -10.49 -17.91 14.47
N MET B 3 -11.17 -16.82 14.13
CA MET B 3 -10.63 -15.66 13.42
C MET B 3 -11.34 -14.33 13.78
N ALA B 4 -10.81 -13.20 13.31
CA ALA B 4 -11.39 -11.87 13.53
C ALA B 4 -12.75 -11.71 12.81
N PRO B 5 -13.65 -10.81 13.30
CA PRO B 5 -14.97 -10.59 12.70
C PRO B 5 -14.89 -9.94 11.30
N GLU B 6 -14.41 -8.70 11.24
CA GLU B 6 -14.25 -7.88 10.02
C GLU B 6 -13.28 -6.71 10.27
N ASP B 7 -12.93 -5.97 9.21
CA ASP B 7 -12.10 -4.76 9.24
C ASP B 7 -12.57 -3.80 8.12
N PRO B 8 -13.04 -2.57 8.42
CA PRO B 8 -13.55 -1.61 7.43
C PRO B 8 -12.69 -1.39 6.18
N ASN B 9 -11.36 -1.50 6.30
CA ASN B 9 -10.41 -1.31 5.20
C ASN B 9 -10.34 -2.50 4.22
N GLU B 10 -10.80 -3.69 4.60
CA GLU B 10 -10.66 -4.92 3.80
C GLU B 10 -11.29 -4.82 2.40
N GLU B 11 -12.38 -4.08 2.26
CA GLU B 11 -13.07 -3.87 0.98
C GLU B 11 -12.19 -3.11 -0.01
N ALA B 12 -11.53 -2.05 0.45
CA ALA B 12 -10.61 -1.24 -0.33
C ALA B 12 -9.32 -1.98 -0.72
N VAL B 13 -8.90 -2.97 0.07
CA VAL B 13 -7.72 -3.82 -0.21
C VAL B 13 -8.08 -4.90 -1.24
N SER B 14 -9.19 -5.61 -1.04
CA SER B 14 -9.67 -6.72 -1.89
C SER B 14 -9.72 -6.41 -3.39
N GLN B 15 -10.18 -5.21 -3.78
CA GLN B 15 -10.24 -4.79 -5.18
C GLN B 15 -8.85 -4.67 -5.85
N ILE B 16 -7.80 -4.41 -5.06
CA ILE B 16 -6.40 -4.26 -5.49
C ILE B 16 -5.70 -5.64 -5.44
N PHE B 17 -5.73 -6.30 -4.27
CA PHE B 17 -5.16 -7.61 -3.97
C PHE B 17 -5.88 -8.36 -2.81
N PRO B 18 -6.73 -9.35 -3.10
CA PRO B 18 -7.40 -10.16 -2.07
C PRO B 18 -6.45 -11.23 -1.49
N ASP B 19 -6.90 -11.96 -0.48
CA ASP B 19 -6.14 -13.06 0.16
C ASP B 19 -6.13 -14.36 -0.65
N SER B 20 -7.05 -14.50 -1.62
CA SER B 20 -7.23 -15.67 -2.48
C SER B 20 -6.20 -15.77 -3.62
N VAL B 21 -6.01 -14.69 -4.38
CA VAL B 21 -5.12 -14.61 -5.56
C VAL B 21 -4.35 -13.28 -5.64
N MET B 22 -3.24 -13.28 -6.38
CA MET B 22 -2.40 -12.08 -6.62
C MET B 22 -3.00 -11.19 -7.72
N LEU B 23 -4.26 -10.75 -7.56
CA LEU B 23 -5.03 -9.92 -8.50
C LEU B 23 -4.26 -8.68 -8.99
N ALA B 24 -3.38 -8.12 -8.16
CA ALA B 24 -2.51 -7.00 -8.52
C ALA B 24 -1.68 -7.25 -9.80
N VAL B 25 -1.33 -8.49 -10.13
CA VAL B 25 -0.57 -8.86 -11.35
C VAL B 25 -1.31 -8.52 -12.66
N GLN B 26 -2.63 -8.32 -12.61
CA GLN B 26 -3.53 -8.00 -13.73
C GLN B 26 -4.37 -6.73 -13.48
N GLU B 27 -4.01 -5.92 -12.48
CA GLU B 27 -4.71 -4.70 -12.04
C GLU B 27 -3.74 -3.50 -11.88
N GLY B 28 -4.26 -2.31 -11.59
CA GLY B 28 -3.48 -1.07 -11.40
C GLY B 28 -4.19 -0.03 -10.53
N ILE B 29 -3.45 0.98 -10.06
CA ILE B 29 -3.92 2.09 -9.23
C ILE B 29 -3.61 3.41 -9.94
N ASP B 30 -4.65 4.19 -10.27
CA ASP B 30 -4.54 5.48 -10.97
C ASP B 30 -4.05 6.62 -10.06
N LEU B 31 -2.79 6.56 -9.58
CA LEU B 31 -2.17 7.62 -8.78
C LEU B 31 -1.76 8.86 -9.61
N LEU B 32 -1.74 8.72 -10.94
CA LEU B 32 -1.32 9.72 -11.93
C LEU B 32 -2.25 10.94 -12.03
N THR B 33 -3.54 10.75 -11.77
CA THR B 33 -4.59 11.77 -11.86
C THR B 33 -4.62 12.77 -10.69
N PHE B 34 -3.87 12.51 -9.62
CA PHE B 34 -3.78 13.33 -8.42
C PHE B 34 -2.95 14.62 -8.63
N PRO B 35 -3.06 15.63 -7.74
CA PRO B 35 -2.30 16.89 -7.83
C PRO B 35 -0.76 16.65 -7.91
N PRO B 36 0.00 17.57 -8.53
CA PRO B 36 1.46 17.51 -8.72
C PRO B 36 2.29 16.80 -7.65
N ALA B 37 2.64 15.58 -8.02
CA ALA B 37 3.40 14.58 -7.29
C ALA B 37 4.89 14.96 -7.08
N PRO B 38 5.58 14.39 -6.07
CA PRO B 38 7.00 14.64 -5.80
C PRO B 38 7.96 13.98 -6.83
N GLY B 39 7.43 13.10 -7.69
CA GLY B 39 8.13 12.39 -8.76
C GLY B 39 7.11 11.69 -9.68
N SER B 40 7.56 11.15 -10.81
CA SER B 40 6.76 10.46 -11.83
C SER B 40 5.93 9.28 -11.26
N PRO B 41 4.60 9.39 -11.11
CA PRO B 41 3.76 8.33 -10.55
C PRO B 41 3.83 6.97 -11.26
N GLU B 42 4.04 6.99 -12.58
CA GLU B 42 4.17 5.80 -13.44
C GLU B 42 5.37 4.91 -13.05
N SER A 1 -17.02 11.90 -6.52
CA SER A 1 -16.25 11.85 -7.77
C SER A 1 -15.40 10.58 -7.87
N PRO A 2 -15.07 10.08 -9.08
CA PRO A 2 -14.24 8.88 -9.25
C PRO A 2 -12.84 9.06 -8.65
N GLN A 3 -12.22 10.23 -8.82
CA GLN A 3 -10.91 10.56 -8.23
C GLN A 3 -10.94 10.48 -6.69
N GLU A 4 -12.05 10.84 -6.05
CA GLU A 4 -12.22 10.73 -4.60
C GLU A 4 -12.26 9.25 -4.19
N SER A 5 -13.09 8.43 -4.84
CA SER A 5 -13.19 6.98 -4.58
C SER A 5 -11.82 6.29 -4.71
N ARG A 6 -11.04 6.65 -5.74
CA ARG A 6 -9.67 6.15 -5.96
C ARG A 6 -8.74 6.58 -4.82
N ARG A 7 -8.68 7.89 -4.49
CA ARG A 7 -7.86 8.44 -3.39
C ARG A 7 -8.22 7.81 -2.03
N LEU A 8 -9.51 7.54 -1.80
CA LEU A 8 -10.02 6.86 -0.61
C LEU A 8 -9.56 5.41 -0.54
N SER A 9 -9.56 4.67 -1.65
CA SER A 9 -9.08 3.28 -1.69
C SER A 9 -7.60 3.17 -1.32
N ILE A 10 -6.79 4.13 -1.80
CA ILE A 10 -5.35 4.25 -1.50
C ILE A 10 -5.13 4.41 0.01
N GLN A 11 -5.63 5.50 0.61
CA GLN A 11 -5.45 5.77 2.05
C GLN A 11 -6.05 4.69 2.97
N ARG A 12 -7.16 4.05 2.59
CA ARG A 12 -7.76 2.93 3.33
C ARG A 12 -6.84 1.71 3.32
N CYS A 13 -6.38 1.28 2.15
CA CYS A 13 -5.43 0.17 2.01
C CYS A 13 -4.12 0.44 2.80
N ILE A 14 -3.68 1.70 2.86
CA ILE A 14 -2.51 2.12 3.64
C ILE A 14 -2.68 1.87 5.15
N GLN A 15 -3.90 1.87 5.70
CA GLN A 15 -4.11 1.52 7.12
C GLN A 15 -3.70 0.05 7.35
N SER A 16 -4.13 -0.84 6.46
CA SER A 16 -3.78 -2.26 6.42
C SER A 16 -2.27 -2.45 6.26
N LEU A 17 -1.62 -1.64 5.42
CA LEU A 17 -0.16 -1.62 5.20
C LEU A 17 0.58 -1.33 6.51
N VAL A 18 0.25 -0.22 7.18
CA VAL A 18 0.86 0.15 8.47
C VAL A 18 0.71 -0.98 9.48
N HIS A 19 -0.51 -1.51 9.67
CA HIS A 19 -0.78 -2.64 10.58
C HIS A 19 0.16 -3.82 10.28
N ALA A 20 0.13 -4.34 9.05
CA ALA A 20 0.96 -5.46 8.62
C ALA A 20 2.47 -5.24 8.81
N CYS A 21 2.95 -3.99 8.74
CA CYS A 21 4.36 -3.63 8.95
C CYS A 21 4.77 -3.57 10.43
N GLN A 22 3.83 -3.57 11.39
CA GLN A 22 4.09 -3.53 12.84
C GLN A 22 3.53 -4.74 13.63
N CYS A 23 2.66 -5.56 13.02
CA CYS A 23 2.03 -6.74 13.62
C CYS A 23 3.07 -7.77 14.10
N ARG A 24 2.99 -8.13 15.39
CA ARG A 24 3.91 -9.03 16.12
C ARG A 24 3.68 -10.52 15.88
N ASN A 25 2.55 -10.92 15.29
CA ASN A 25 2.17 -12.33 15.06
C ASN A 25 1.70 -12.59 13.62
N ALA A 26 2.46 -13.37 12.85
CA ALA A 26 2.11 -13.74 11.47
C ALA A 26 0.76 -14.48 11.32
N ASN A 27 0.20 -15.02 12.42
CA ASN A 27 -1.07 -15.74 12.48
C ASN A 27 -2.29 -14.83 12.79
N CYS A 28 -2.12 -13.51 12.84
CA CYS A 28 -3.13 -12.47 13.13
C CYS A 28 -4.46 -12.72 12.37
N SER A 29 -5.58 -12.67 13.10
CA SER A 29 -6.94 -12.95 12.62
C SER A 29 -7.57 -11.84 11.77
N LEU A 30 -6.98 -10.65 11.66
CA LEU A 30 -7.52 -9.50 10.94
C LEU A 30 -7.46 -9.70 9.41
N PRO A 31 -8.59 -9.63 8.66
CA PRO A 31 -8.59 -9.77 7.19
C PRO A 31 -7.61 -8.82 6.50
N SER A 32 -7.53 -7.56 6.96
CA SER A 32 -6.63 -6.52 6.46
C SER A 32 -5.16 -6.95 6.52
N CYS A 33 -4.72 -7.46 7.68
CA CYS A 33 -3.39 -7.97 7.95
C CYS A 33 -3.09 -9.17 7.02
N GLN A 34 -3.95 -10.20 7.05
CA GLN A 34 -3.87 -11.40 6.23
C GLN A 34 -3.72 -11.11 4.73
N LYS A 35 -4.59 -10.27 4.16
CA LYS A 35 -4.57 -9.88 2.74
C LYS A 35 -3.29 -9.11 2.37
N MET A 36 -2.90 -8.14 3.20
CA MET A 36 -1.67 -7.36 3.02
C MET A 36 -0.41 -8.24 3.05
N LYS A 37 -0.36 -9.25 3.93
CA LYS A 37 0.76 -10.20 4.05
C LYS A 37 1.15 -10.85 2.72
N ARG A 38 0.20 -11.14 1.82
CA ARG A 38 0.48 -11.72 0.48
C ARG A 38 1.40 -10.83 -0.34
N VAL A 39 1.01 -9.58 -0.60
CA VAL A 39 1.85 -8.64 -1.38
C VAL A 39 3.15 -8.27 -0.66
N VAL A 40 3.14 -8.18 0.67
CA VAL A 40 4.34 -7.94 1.49
C VAL A 40 5.35 -9.09 1.32
N GLN A 41 4.90 -10.35 1.39
CA GLN A 41 5.71 -11.55 1.15
C GLN A 41 6.23 -11.60 -0.30
N HIS A 42 5.49 -11.05 -1.27
CA HIS A 42 5.91 -10.97 -2.67
C HIS A 42 7.11 -10.02 -2.81
N THR A 43 6.92 -8.72 -2.52
CA THR A 43 7.97 -7.70 -2.72
C THR A 43 9.30 -7.99 -1.98
N LYS A 44 9.25 -8.61 -0.79
CA LYS A 44 10.49 -8.97 -0.05
C LYS A 44 11.26 -10.17 -0.64
N GLY A 45 10.62 -10.96 -1.52
CA GLY A 45 11.20 -12.16 -2.17
C GLY A 45 11.35 -12.07 -3.69
N CYS A 46 10.79 -11.05 -4.35
CA CYS A 46 10.84 -10.82 -5.79
C CYS A 46 12.27 -10.55 -6.30
N LYS A 47 12.43 -10.56 -7.63
CA LYS A 47 13.68 -10.35 -8.39
C LYS A 47 13.57 -9.19 -9.39
N ARG A 48 12.44 -8.48 -9.40
CA ARG A 48 12.05 -7.35 -10.26
C ARG A 48 11.51 -6.20 -9.37
N LYS A 49 11.12 -5.07 -9.98
CA LYS A 49 10.56 -3.87 -9.31
C LYS A 49 9.84 -2.98 -10.33
N THR A 50 9.42 -1.78 -9.92
CA THR A 50 8.78 -0.74 -10.74
C THR A 50 9.56 -0.43 -12.01
N ASN A 51 10.88 -0.23 -11.90
CA ASN A 51 11.81 0.03 -13.01
C ASN A 51 11.87 -1.12 -14.02
N GLY A 52 11.69 -2.36 -13.56
CA GLY A 52 11.67 -3.58 -14.40
C GLY A 52 10.28 -3.90 -14.96
N GLY A 53 9.21 -3.42 -14.32
CA GLY A 53 7.81 -3.57 -14.72
C GLY A 53 6.94 -4.53 -13.88
N CYS A 54 7.41 -5.02 -12.72
CA CYS A 54 6.66 -5.95 -11.86
C CYS A 54 5.33 -5.32 -11.35
N PRO A 55 4.15 -5.80 -11.81
CA PRO A 55 2.86 -5.21 -11.41
C PRO A 55 2.60 -5.25 -9.90
N VAL A 56 2.81 -6.39 -9.23
CA VAL A 56 2.56 -6.55 -7.78
C VAL A 56 3.35 -5.52 -6.97
N CYS A 57 4.68 -5.49 -7.13
CA CYS A 57 5.57 -4.55 -6.47
C CYS A 57 5.11 -3.10 -6.74
N LYS A 58 4.78 -2.75 -8.00
CA LYS A 58 4.28 -1.42 -8.39
C LYS A 58 3.04 -1.01 -7.59
N GLN A 59 2.08 -1.91 -7.37
CA GLN A 59 0.88 -1.60 -6.57
C GLN A 59 1.26 -1.23 -5.12
N LEU A 60 2.18 -1.98 -4.50
CA LEU A 60 2.67 -1.69 -3.16
C LEU A 60 3.43 -0.35 -3.11
N ILE A 61 4.43 -0.15 -3.97
CA ILE A 61 5.24 1.07 -4.03
C ILE A 61 4.39 2.34 -4.23
N ALA A 62 3.31 2.29 -5.02
CA ALA A 62 2.39 3.41 -5.18
C ALA A 62 1.78 3.85 -3.83
N LEU A 63 1.28 2.90 -3.04
CA LEU A 63 0.73 3.12 -1.70
C LEU A 63 1.82 3.55 -0.70
N CYS A 64 3.00 2.93 -0.72
CA CYS A 64 4.14 3.36 0.10
C CYS A 64 4.53 4.82 -0.20
N CYS A 65 4.49 5.22 -1.48
CA CYS A 65 4.77 6.59 -1.91
C CYS A 65 3.72 7.56 -1.36
N TYR A 66 2.43 7.27 -1.56
CA TYR A 66 1.32 8.08 -1.02
C TYR A 66 1.43 8.21 0.51
N HIS A 67 1.75 7.11 1.22
CA HIS A 67 1.97 7.11 2.66
C HIS A 67 3.11 8.08 3.02
N ALA A 68 4.32 7.85 2.48
CA ALA A 68 5.52 8.66 2.73
C ALA A 68 5.36 10.16 2.46
N LYS A 69 4.52 10.54 1.49
CA LYS A 69 4.19 11.91 1.11
C LYS A 69 3.65 12.70 2.31
N HIS A 70 2.72 12.08 3.04
CA HIS A 70 2.03 12.61 4.21
C HIS A 70 2.74 12.30 5.56
N CYS A 71 3.52 11.22 5.64
CA CYS A 71 4.20 10.77 6.86
C CYS A 71 5.27 11.76 7.37
N GLN A 72 5.49 11.76 8.69
CA GLN A 72 6.42 12.63 9.42
C GLN A 72 7.24 11.89 10.52
N GLU A 73 7.03 10.60 10.75
CA GLU A 73 7.75 9.82 11.77
C GLU A 73 9.21 9.52 11.35
N ASN A 74 10.16 9.72 12.27
CA ASN A 74 11.59 9.51 12.02
C ASN A 74 12.01 8.03 11.89
N LYS A 75 11.24 7.09 12.47
CA LYS A 75 11.48 5.63 12.50
C LYS A 75 10.20 4.83 12.20
N CYS A 76 9.46 5.25 11.17
CA CYS A 76 8.19 4.64 10.72
C CYS A 76 8.32 3.11 10.45
N PRO A 77 7.35 2.27 10.87
CA PRO A 77 7.42 0.81 10.69
C PRO A 77 7.36 0.34 9.22
N VAL A 78 6.78 1.13 8.31
CA VAL A 78 6.70 0.80 6.87
C VAL A 78 8.13 0.79 6.28
N PRO A 79 8.58 -0.30 5.61
CA PRO A 79 9.95 -0.43 5.12
C PRO A 79 10.37 0.60 4.06
N PHE A 80 9.55 0.81 3.04
CA PHE A 80 9.87 1.74 1.94
C PHE A 80 9.67 3.22 2.29
N CYS A 81 8.83 3.54 3.28
CA CYS A 81 8.47 4.91 3.72
C CYS A 81 9.69 5.85 3.78
N LEU A 82 10.61 5.60 4.72
CA LEU A 82 11.84 6.38 4.92
C LEU A 82 12.69 6.56 3.64
N ASN A 83 12.81 5.51 2.81
CA ASN A 83 13.52 5.60 1.54
C ASN A 83 12.83 6.60 0.60
N ILE A 84 11.50 6.51 0.46
CA ILE A 84 10.72 7.45 -0.35
C ILE A 84 10.92 8.89 0.17
N LYS A 85 10.83 9.15 1.48
CA LYS A 85 11.08 10.49 2.06
C LYS A 85 12.43 11.06 1.61
N HIS A 86 13.48 10.24 1.70
CA HIS A 86 14.84 10.62 1.26
C HIS A 86 14.87 10.97 -0.24
N LYS A 87 14.25 10.15 -1.10
CA LYS A 87 14.11 10.38 -2.54
C LYS A 87 13.34 11.68 -2.84
N LEU A 88 12.23 11.93 -2.15
CA LEU A 88 11.41 13.15 -2.23
C LEU A 88 12.22 14.42 -1.88
N ARG A 89 13.12 14.34 -0.90
CA ARG A 89 14.00 15.46 -0.48
C ARG A 89 15.01 15.87 -1.56
N GLN A 90 15.34 14.98 -2.50
CA GLN A 90 16.28 15.28 -3.60
C GLN A 90 15.67 16.22 -4.68
N GLN A 91 14.35 16.42 -4.67
CA GLN A 91 13.63 17.30 -5.61
C GLN A 91 13.94 18.80 -5.41
N GLN A 92 14.50 19.18 -4.25
CA GLN A 92 14.85 20.56 -3.89
C GLN A 92 15.90 21.16 -4.85
N SER B 1 -13.37 -23.12 16.43
CA SER B 1 -14.65 -22.83 17.08
C SER B 1 -15.13 -21.38 16.91
N HIS B 2 -14.35 -20.54 16.22
CA HIS B 2 -14.63 -19.12 15.94
C HIS B 2 -14.16 -18.72 14.52
N MET B 3 -14.43 -17.47 14.12
CA MET B 3 -14.06 -16.87 12.83
C MET B 3 -13.38 -15.50 13.01
N ALA B 4 -12.84 -14.94 11.92
CA ALA B 4 -12.16 -13.64 11.93
C ALA B 4 -13.10 -12.45 12.25
N PRO B 5 -12.55 -11.32 12.74
CA PRO B 5 -13.26 -10.06 12.89
C PRO B 5 -13.36 -9.43 11.50
N GLU B 6 -13.97 -8.26 11.43
CA GLU B 6 -14.07 -7.45 10.20
C GLU B 6 -13.31 -6.13 10.37
N ASP B 7 -13.05 -5.43 9.26
CA ASP B 7 -12.30 -4.17 9.23
C ASP B 7 -12.75 -3.30 8.04
N PRO B 8 -13.26 -2.06 8.24
CA PRO B 8 -13.72 -1.19 7.15
C PRO B 8 -12.74 -0.99 5.98
N ASN B 9 -11.43 -1.05 6.25
CA ASN B 9 -10.39 -0.90 5.24
C ASN B 9 -10.28 -2.11 4.29
N GLU B 10 -10.76 -3.31 4.67
CA GLU B 10 -10.64 -4.52 3.85
C GLU B 10 -11.33 -4.41 2.47
N GLU B 11 -12.39 -3.61 2.36
CA GLU B 11 -13.10 -3.34 1.10
C GLU B 11 -12.19 -2.60 0.09
N ALA B 12 -11.33 -1.72 0.61
CA ALA B 12 -10.34 -0.99 -0.19
C ALA B 12 -9.17 -1.90 -0.60
N VAL B 13 -8.81 -2.89 0.22
CA VAL B 13 -7.78 -3.89 -0.11
C VAL B 13 -8.30 -4.84 -1.19
N SER B 14 -9.53 -5.34 -1.04
CA SER B 14 -10.23 -6.30 -1.93
C SER B 14 -10.16 -5.95 -3.41
N GLN B 15 -10.53 -4.72 -3.78
CA GLN B 15 -10.51 -4.24 -5.17
C GLN B 15 -9.09 -4.18 -5.79
N ILE B 16 -8.04 -4.13 -4.98
CA ILE B 16 -6.62 -4.14 -5.40
C ILE B 16 -6.10 -5.60 -5.45
N PHE B 17 -6.26 -6.34 -4.36
CA PHE B 17 -5.89 -7.75 -4.16
C PHE B 17 -6.78 -8.41 -3.08
N PRO B 18 -7.79 -9.23 -3.45
CA PRO B 18 -8.67 -9.90 -2.48
C PRO B 18 -8.01 -11.12 -1.84
N ASP B 19 -8.69 -11.74 -0.87
CA ASP B 19 -8.19 -12.94 -0.16
C ASP B 19 -8.05 -14.17 -1.09
N SER B 20 -8.85 -14.22 -2.17
CA SER B 20 -8.91 -15.32 -3.14
C SER B 20 -7.67 -15.44 -4.04
N VAL B 21 -7.19 -14.34 -4.62
CA VAL B 21 -6.04 -14.30 -5.57
C VAL B 21 -5.20 -13.02 -5.45
N MET B 22 -3.95 -13.08 -5.92
CA MET B 22 -3.03 -11.93 -5.98
C MET B 22 -3.36 -11.06 -7.22
N LEU B 23 -4.55 -10.45 -7.25
CA LEU B 23 -5.04 -9.60 -8.35
C LEU B 23 -4.09 -8.43 -8.69
N ALA B 24 -3.22 -8.04 -7.76
CA ALA B 24 -2.16 -7.04 -7.95
C ALA B 24 -1.23 -7.35 -9.14
N VAL B 25 -1.12 -8.62 -9.58
CA VAL B 25 -0.32 -9.04 -10.73
C VAL B 25 -0.93 -8.61 -12.09
N GLN B 26 -2.21 -8.20 -12.10
CA GLN B 26 -2.93 -7.73 -13.29
C GLN B 26 -3.62 -6.35 -13.11
N GLU B 27 -3.92 -5.94 -11.87
CA GLU B 27 -4.51 -4.64 -11.53
C GLU B 27 -3.49 -3.47 -11.72
N GLY B 28 -3.97 -2.24 -11.82
CA GLY B 28 -3.16 -1.03 -12.01
C GLY B 28 -3.77 0.21 -11.34
N ILE B 29 -3.33 0.54 -10.12
CA ILE B 29 -3.76 1.70 -9.33
C ILE B 29 -3.37 2.99 -10.06
N ASP B 30 -4.32 3.66 -10.70
CA ASP B 30 -4.13 4.90 -11.44
C ASP B 30 -4.02 6.14 -10.52
N LEU B 31 -3.03 6.14 -9.62
CA LEU B 31 -2.74 7.20 -8.63
C LEU B 31 -2.71 8.62 -9.25
N LEU B 32 -2.31 8.73 -10.53
CA LEU B 32 -2.26 9.97 -11.34
C LEU B 32 -3.59 10.76 -11.31
N THR B 33 -4.69 10.11 -10.95
CA THR B 33 -6.04 10.67 -10.76
C THR B 33 -6.12 11.72 -9.63
N PHE B 34 -5.14 11.76 -8.71
CA PHE B 34 -5.12 12.65 -7.54
C PHE B 34 -5.21 14.16 -7.92
N PRO B 35 -5.84 15.01 -7.07
CA PRO B 35 -5.96 16.45 -7.32
C PRO B 35 -4.62 17.20 -7.19
N PRO B 36 -4.52 18.47 -7.64
CA PRO B 36 -3.31 19.30 -7.57
C PRO B 36 -2.64 19.36 -6.19
N ALA B 37 -3.42 19.21 -5.12
CA ALA B 37 -3.01 19.15 -3.72
C ALA B 37 -3.79 18.01 -3.03
N PRO B 38 -3.15 16.95 -2.50
CA PRO B 38 -3.83 15.79 -1.90
C PRO B 38 -4.63 16.10 -0.61
N GLY B 39 -4.58 17.33 -0.09
CA GLY B 39 -5.35 17.79 1.07
C GLY B 39 -6.69 18.46 0.71
N SER B 40 -6.95 18.72 -0.58
CA SER B 40 -8.19 19.34 -1.08
C SER B 40 -9.39 18.37 -1.02
N PRO B 41 -10.64 18.86 -0.88
CA PRO B 41 -11.82 18.01 -0.78
C PRO B 41 -12.29 17.38 -2.11
N GLU B 42 -11.65 17.70 -3.24
CA GLU B 42 -11.98 17.22 -4.59
C GLU B 42 -12.05 15.68 -4.69
N SER A 1 -18.30 9.06 -7.55
CA SER A 1 -17.09 9.78 -7.96
C SER A 1 -15.87 8.84 -7.98
N PRO A 2 -15.43 8.32 -9.15
CA PRO A 2 -14.28 7.43 -9.27
C PRO A 2 -13.01 7.96 -8.57
N GLN A 3 -12.72 9.25 -8.72
CA GLN A 3 -11.58 9.91 -8.07
C GLN A 3 -11.68 9.84 -6.53
N GLU A 4 -12.86 10.07 -5.95
CA GLU A 4 -13.10 9.94 -4.51
C GLU A 4 -12.95 8.49 -4.04
N SER A 5 -13.55 7.53 -4.77
CA SER A 5 -13.44 6.09 -4.49
C SER A 5 -11.97 5.66 -4.42
N ARG A 6 -11.15 6.10 -5.38
CA ARG A 6 -9.70 5.84 -5.41
C ARG A 6 -8.99 6.49 -4.20
N ARG A 7 -9.24 7.78 -3.93
CA ARG A 7 -8.68 8.52 -2.78
C ARG A 7 -8.92 7.81 -1.45
N LEU A 8 -10.14 7.31 -1.23
CA LEU A 8 -10.55 6.55 -0.04
C LEU A 8 -9.90 5.15 -0.04
N SER A 9 -9.87 4.45 -1.16
CA SER A 9 -9.26 3.11 -1.26
C SER A 9 -7.76 3.16 -0.96
N ILE A 10 -7.05 4.17 -1.48
CA ILE A 10 -5.63 4.44 -1.24
C ILE A 10 -5.36 4.52 0.27
N GLN A 11 -5.95 5.51 0.97
CA GLN A 11 -5.73 5.69 2.41
C GLN A 11 -6.14 4.48 3.26
N ARG A 12 -7.31 3.87 2.99
CA ARG A 12 -7.77 2.66 3.70
C ARG A 12 -6.77 1.51 3.54
N CYS A 13 -6.29 1.25 2.32
CA CYS A 13 -5.26 0.23 2.06
C CYS A 13 -3.95 0.58 2.81
N ILE A 14 -3.58 1.87 2.87
CA ILE A 14 -2.38 2.34 3.59
C ILE A 14 -2.48 2.10 5.10
N GLN A 15 -3.64 2.23 5.74
CA GLN A 15 -3.79 1.88 7.17
C GLN A 15 -3.41 0.40 7.38
N SER A 16 -3.89 -0.50 6.51
CA SER A 16 -3.54 -1.93 6.53
C SER A 16 -2.05 -2.17 6.23
N LEU A 17 -1.45 -1.37 5.34
CA LEU A 17 -0.03 -1.40 4.98
C LEU A 17 0.83 -1.13 6.23
N VAL A 18 0.56 -0.03 6.94
CA VAL A 18 1.24 0.32 8.19
C VAL A 18 1.09 -0.82 9.21
N HIS A 19 -0.14 -1.30 9.45
CA HIS A 19 -0.41 -2.42 10.37
C HIS A 19 0.47 -3.64 10.04
N ALA A 20 0.40 -4.15 8.81
CA ALA A 20 1.19 -5.31 8.36
C ALA A 20 2.72 -5.12 8.52
N CYS A 21 3.23 -3.89 8.43
CA CYS A 21 4.65 -3.59 8.63
C CYS A 21 5.11 -3.64 10.10
N GLN A 22 4.19 -3.65 11.07
CA GLN A 22 4.48 -3.73 12.52
C GLN A 22 3.85 -4.95 13.21
N CYS A 23 2.90 -5.64 12.58
CA CYS A 23 2.21 -6.83 13.07
C CYS A 23 3.18 -7.99 13.32
N ARG A 24 3.25 -8.44 14.59
CA ARG A 24 4.16 -9.47 15.11
C ARG A 24 3.82 -10.92 14.71
N ASN A 25 2.67 -11.18 14.07
CA ASN A 25 2.21 -12.52 13.71
C ASN A 25 1.53 -12.56 12.33
N ALA A 26 2.12 -13.27 11.36
CA ALA A 26 1.55 -13.43 10.00
C ALA A 26 0.15 -14.09 9.97
N ASN A 27 -0.27 -14.74 11.07
CA ASN A 27 -1.57 -15.41 11.24
C ASN A 27 -2.65 -14.50 11.89
N CYS A 28 -2.41 -13.19 12.00
CA CYS A 28 -3.30 -12.17 12.57
C CYS A 28 -4.76 -12.29 12.10
N SER A 29 -5.70 -12.12 13.03
CA SER A 29 -7.15 -12.25 12.81
C SER A 29 -7.82 -11.12 12.02
N LEU A 30 -7.12 -10.04 11.66
CA LEU A 30 -7.68 -8.92 10.89
C LEU A 30 -7.79 -9.30 9.38
N PRO A 31 -8.99 -9.30 8.77
CA PRO A 31 -9.16 -9.63 7.35
C PRO A 31 -8.22 -8.88 6.39
N SER A 32 -8.00 -7.58 6.60
CA SER A 32 -7.12 -6.79 5.75
C SER A 32 -5.62 -7.13 5.90
N CYS A 33 -5.18 -7.43 7.13
CA CYS A 33 -3.81 -7.85 7.45
C CYS A 33 -3.45 -9.14 6.68
N GLN A 34 -4.34 -10.15 6.75
CA GLN A 34 -4.22 -11.43 6.04
C GLN A 34 -3.93 -11.23 4.55
N LYS A 35 -4.70 -10.38 3.86
CA LYS A 35 -4.51 -10.02 2.43
C LYS A 35 -3.20 -9.27 2.21
N MET A 36 -2.95 -8.20 2.98
CA MET A 36 -1.74 -7.38 2.91
C MET A 36 -0.44 -8.20 3.07
N LYS A 37 -0.40 -9.19 3.97
CA LYS A 37 0.76 -10.07 4.18
C LYS A 37 1.28 -10.71 2.90
N ARG A 38 0.40 -11.11 1.95
CA ARG A 38 0.80 -11.69 0.65
C ARG A 38 1.65 -10.72 -0.16
N VAL A 39 1.14 -9.51 -0.47
CA VAL A 39 1.89 -8.50 -1.24
C VAL A 39 3.16 -8.05 -0.51
N VAL A 40 3.13 -7.93 0.82
CA VAL A 40 4.31 -7.58 1.65
C VAL A 40 5.39 -8.65 1.50
N GLN A 41 5.05 -9.94 1.67
CA GLN A 41 5.97 -11.08 1.47
C GLN A 41 6.47 -11.18 0.02
N HIS A 42 5.67 -10.75 -0.97
CA HIS A 42 6.06 -10.72 -2.38
C HIS A 42 7.16 -9.67 -2.61
N THR A 43 6.84 -8.37 -2.44
CA THR A 43 7.79 -7.28 -2.76
C THR A 43 9.14 -7.37 -2.02
N LYS A 44 9.17 -7.86 -0.78
CA LYS A 44 10.44 -8.01 -0.02
C LYS A 44 11.41 -9.07 -0.56
N GLY A 45 10.95 -9.97 -1.45
CA GLY A 45 11.74 -11.07 -2.03
C GLY A 45 11.64 -11.25 -3.55
N CYS A 46 10.85 -10.42 -4.26
CA CYS A 46 10.63 -10.48 -5.70
C CYS A 46 11.95 -10.43 -6.51
N LYS A 47 12.10 -11.38 -7.44
CA LYS A 47 13.24 -11.51 -8.35
C LYS A 47 13.26 -10.44 -9.45
N ARG A 48 12.20 -9.63 -9.57
CA ARG A 48 12.01 -8.56 -10.57
C ARG A 48 11.85 -7.19 -9.90
N LYS A 49 10.86 -7.06 -8.99
CA LYS A 49 10.48 -5.85 -8.26
C LYS A 49 10.16 -4.65 -9.19
N THR A 50 9.87 -3.48 -8.62
CA THR A 50 9.57 -2.25 -9.36
C THR A 50 10.71 -1.85 -10.32
N ASN A 51 11.97 -2.13 -9.96
CA ASN A 51 13.17 -1.89 -10.77
C ASN A 51 13.12 -2.62 -12.12
N GLY A 52 12.62 -3.86 -12.13
CA GLY A 52 12.44 -4.69 -13.34
C GLY A 52 11.06 -4.54 -13.99
N GLY A 53 10.14 -3.78 -13.37
CA GLY A 53 8.78 -3.52 -13.87
C GLY A 53 7.66 -4.41 -13.30
N CYS A 54 7.90 -5.15 -12.20
CA CYS A 54 6.91 -6.04 -11.58
C CYS A 54 5.62 -5.27 -11.19
N PRO A 55 4.44 -5.63 -11.74
CA PRO A 55 3.19 -4.95 -11.46
C PRO A 55 2.72 -5.06 -10.00
N VAL A 56 2.90 -6.21 -9.34
CA VAL A 56 2.52 -6.44 -7.93
C VAL A 56 3.25 -5.45 -7.03
N CYS A 57 4.58 -5.44 -7.07
CA CYS A 57 5.45 -4.54 -6.33
C CYS A 57 5.05 -3.07 -6.59
N LYS A 58 4.82 -2.69 -7.86
CA LYS A 58 4.38 -1.34 -8.22
C LYS A 58 3.10 -0.92 -7.49
N GLN A 59 2.11 -1.82 -7.34
CA GLN A 59 0.88 -1.49 -6.61
C GLN A 59 1.18 -1.17 -5.13
N LEU A 60 2.01 -1.99 -4.48
CA LEU A 60 2.39 -1.78 -3.07
C LEU A 60 3.20 -0.48 -2.89
N ILE A 61 4.23 -0.28 -3.72
CA ILE A 61 5.10 0.91 -3.67
C ILE A 61 4.33 2.20 -4.02
N ALA A 62 3.31 2.16 -4.88
CA ALA A 62 2.45 3.32 -5.17
C ALA A 62 1.78 3.84 -3.88
N LEU A 63 1.18 2.94 -3.11
CA LEU A 63 0.58 3.24 -1.80
C LEU A 63 1.65 3.69 -0.79
N CYS A 64 2.81 3.02 -0.76
CA CYS A 64 3.93 3.46 0.08
C CYS A 64 4.40 4.89 -0.27
N CYS A 65 4.37 5.27 -1.54
CA CYS A 65 4.70 6.60 -2.01
C CYS A 65 3.65 7.63 -1.53
N TYR A 66 2.36 7.33 -1.72
CA TYR A 66 1.27 8.17 -1.23
C TYR A 66 1.35 8.35 0.30
N HIS A 67 1.74 7.31 1.03
CA HIS A 67 1.99 7.36 2.47
C HIS A 67 3.18 8.29 2.76
N ALA A 68 4.38 7.96 2.27
CA ALA A 68 5.63 8.71 2.48
C ALA A 68 5.54 10.22 2.16
N LYS A 69 4.77 10.58 1.14
CA LYS A 69 4.50 11.96 0.70
C LYS A 69 3.92 12.80 1.84
N HIS A 70 2.93 12.24 2.54
CA HIS A 70 2.23 12.86 3.66
C HIS A 70 2.88 12.59 5.05
N CYS A 71 3.62 11.49 5.20
CA CYS A 71 4.28 11.07 6.44
C CYS A 71 5.37 12.06 6.91
N GLN A 72 5.59 12.10 8.23
CA GLN A 72 6.55 12.99 8.91
C GLN A 72 7.38 12.30 10.02
N GLU A 73 7.13 11.02 10.33
CA GLU A 73 7.87 10.26 11.35
C GLU A 73 9.26 9.84 10.86
N ASN A 74 10.32 10.35 11.49
CA ASN A 74 11.72 10.07 11.13
C ASN A 74 12.15 8.58 11.25
N LYS A 75 11.38 7.76 11.98
CA LYS A 75 11.61 6.32 12.22
C LYS A 75 10.36 5.45 11.98
N CYS A 76 9.55 5.81 10.98
CA CYS A 76 8.30 5.12 10.58
C CYS A 76 8.51 3.59 10.39
N PRO A 77 7.60 2.72 10.89
CA PRO A 77 7.75 1.25 10.81
C PRO A 77 7.67 0.66 9.39
N VAL A 78 7.12 1.37 8.41
CA VAL A 78 7.03 0.94 7.00
C VAL A 78 8.45 0.90 6.38
N PRO A 79 8.97 -0.27 5.94
CA PRO A 79 10.33 -0.42 5.39
C PRO A 79 10.75 0.60 4.32
N PHE A 80 9.93 0.77 3.28
CA PHE A 80 10.25 1.65 2.14
C PHE A 80 9.96 3.14 2.39
N CYS A 81 9.07 3.50 3.32
CA CYS A 81 8.64 4.87 3.63
C CYS A 81 9.82 5.87 3.66
N LEU A 82 10.73 5.71 4.62
CA LEU A 82 11.93 6.53 4.80
C LEU A 82 12.81 6.65 3.55
N ASN A 83 12.94 5.58 2.76
CA ASN A 83 13.67 5.61 1.47
C ASN A 83 12.93 6.52 0.48
N ILE A 84 11.61 6.36 0.34
CA ILE A 84 10.79 7.21 -0.53
C ILE A 84 10.94 8.68 -0.12
N LYS A 85 10.84 9.03 1.16
CA LYS A 85 11.03 10.42 1.65
C LYS A 85 12.36 11.00 1.17
N HIS A 86 13.45 10.24 1.28
CA HIS A 86 14.78 10.64 0.81
C HIS A 86 14.76 10.90 -0.71
N LYS A 87 14.25 9.94 -1.50
CA LYS A 87 14.08 10.05 -2.96
C LYS A 87 13.27 11.30 -3.35
N LEU A 88 12.19 11.60 -2.62
CA LEU A 88 11.35 12.80 -2.79
C LEU A 88 12.13 14.10 -2.54
N ARG A 89 12.92 14.18 -1.46
CA ARG A 89 13.76 15.36 -1.14
C ARG A 89 14.92 15.55 -2.12
N GLN A 90 15.43 14.47 -2.72
CA GLN A 90 16.54 14.51 -3.70
C GLN A 90 16.15 15.13 -5.05
N GLN A 91 14.86 15.33 -5.31
CA GLN A 91 14.35 15.97 -6.54
C GLN A 91 14.76 17.45 -6.69
N GLN A 92 15.09 18.12 -5.57
CA GLN A 92 15.51 19.52 -5.52
C GLN A 92 16.84 19.74 -6.25
N SER B 1 -11.30 -22.36 6.55
CA SER B 1 -11.13 -20.90 6.54
C SER B 1 -11.05 -20.27 7.95
N HIS B 2 -10.63 -19.00 8.01
CA HIS B 2 -10.51 -18.24 9.26
C HIS B 2 -11.88 -17.91 9.89
N MET B 3 -11.86 -17.46 11.15
CA MET B 3 -13.03 -17.04 11.96
C MET B 3 -13.00 -15.53 12.29
N ALA B 4 -12.33 -14.75 11.44
CA ALA B 4 -12.14 -13.31 11.56
C ALA B 4 -13.45 -12.48 11.61
N PRO B 5 -13.45 -11.30 12.29
CA PRO B 5 -14.58 -10.39 12.35
C PRO B 5 -14.63 -9.53 11.05
N GLU B 6 -14.53 -8.21 11.13
CA GLU B 6 -14.48 -7.29 9.99
C GLU B 6 -13.68 -6.01 10.31
N ASP B 7 -13.37 -5.22 9.28
CA ASP B 7 -12.64 -3.94 9.36
C ASP B 7 -13.00 -3.06 8.15
N PRO B 8 -12.93 -1.71 8.27
CA PRO B 8 -13.31 -0.81 7.18
C PRO B 8 -12.33 -0.78 6.00
N ASN B 9 -11.17 -1.43 6.09
CA ASN B 9 -10.15 -1.47 5.03
C ASN B 9 -10.25 -2.72 4.15
N GLU B 10 -11.03 -3.73 4.53
CA GLU B 10 -11.13 -5.00 3.79
C GLU B 10 -11.63 -4.83 2.35
N GLU B 11 -12.54 -3.87 2.12
CA GLU B 11 -13.06 -3.53 0.80
C GLU B 11 -12.02 -2.79 -0.06
N ALA B 12 -11.16 -1.99 0.59
CA ALA B 12 -10.08 -1.26 -0.06
C ALA B 12 -8.97 -2.21 -0.52
N VAL B 13 -8.56 -3.19 0.30
CA VAL B 13 -7.54 -4.17 -0.12
C VAL B 13 -8.10 -5.18 -1.14
N SER B 14 -9.36 -5.62 -1.02
CA SER B 14 -9.98 -6.62 -1.90
C SER B 14 -10.00 -6.24 -3.38
N GLN B 15 -10.32 -4.99 -3.71
CA GLN B 15 -10.34 -4.55 -5.11
C GLN B 15 -8.93 -4.49 -5.76
N ILE B 16 -7.87 -4.36 -4.95
CA ILE B 16 -6.46 -4.32 -5.37
C ILE B 16 -5.84 -5.74 -5.41
N PHE B 17 -5.96 -6.48 -4.30
CA PHE B 17 -5.47 -7.84 -4.04
C PHE B 17 -6.38 -8.61 -3.03
N PRO B 18 -7.40 -9.36 -3.50
CA PRO B 18 -8.30 -10.12 -2.63
C PRO B 18 -7.65 -11.40 -2.06
N ASP B 19 -8.36 -12.09 -1.16
CA ASP B 19 -7.90 -13.33 -0.53
C ASP B 19 -7.88 -14.53 -1.51
N SER B 20 -8.66 -14.45 -2.60
CA SER B 20 -8.79 -15.47 -3.65
C SER B 20 -7.57 -15.55 -4.58
N VAL B 21 -7.17 -14.41 -5.19
CA VAL B 21 -6.06 -14.31 -6.16
C VAL B 21 -5.23 -13.03 -5.97
N MET B 22 -4.01 -13.03 -6.51
CA MET B 22 -3.11 -11.87 -6.50
C MET B 22 -3.46 -10.90 -7.65
N LEU B 23 -4.63 -10.24 -7.60
CA LEU B 23 -5.07 -9.29 -8.64
C LEU B 23 -4.04 -8.21 -8.96
N ALA B 24 -3.18 -7.82 -8.01
CA ALA B 24 -2.13 -6.81 -8.19
C ALA B 24 -1.19 -7.08 -9.39
N VAL B 25 -1.11 -8.31 -9.91
CA VAL B 25 -0.31 -8.66 -11.09
C VAL B 25 -0.95 -8.20 -12.43
N GLN B 26 -2.25 -7.87 -12.41
CA GLN B 26 -3.04 -7.42 -13.59
C GLN B 26 -3.85 -6.13 -13.36
N GLU B 27 -4.22 -5.82 -12.12
CA GLU B 27 -4.97 -4.64 -11.67
C GLU B 27 -4.06 -3.41 -11.53
N GLY B 28 -4.66 -2.20 -11.52
CA GLY B 28 -3.96 -0.92 -11.36
C GLY B 28 -4.62 0.02 -10.35
N ILE B 29 -3.86 0.99 -9.85
CA ILE B 29 -4.26 2.01 -8.87
C ILE B 29 -4.10 3.41 -9.51
N ASP B 30 -5.20 4.14 -9.68
CA ASP B 30 -5.21 5.49 -10.26
C ASP B 30 -4.77 6.57 -9.26
N LEU B 31 -3.50 6.51 -8.83
CA LEU B 31 -2.84 7.47 -7.93
C LEU B 31 -2.88 8.92 -8.46
N LEU B 32 -3.07 9.07 -9.78
CA LEU B 32 -3.24 10.34 -10.51
C LEU B 32 -4.38 11.22 -9.95
N THR B 33 -5.24 10.66 -9.11
CA THR B 33 -6.33 11.29 -8.37
C THR B 33 -5.85 12.33 -7.32
N PHE B 34 -4.56 12.32 -6.94
CA PHE B 34 -3.94 13.19 -5.92
C PHE B 34 -4.13 14.72 -6.15
N PRO B 35 -3.93 15.59 -5.11
CA PRO B 35 -4.20 17.04 -5.15
C PRO B 35 -3.74 17.87 -6.38
N PRO B 36 -2.45 17.93 -6.75
CA PRO B 36 -2.02 18.69 -7.94
C PRO B 36 -2.47 18.02 -9.23
N ALA B 37 -2.47 18.76 -10.35
CA ALA B 37 -2.93 18.40 -11.71
C ALA B 37 -3.50 16.95 -11.84
N PRO B 38 -4.78 16.73 -11.45
CA PRO B 38 -5.39 15.42 -11.42
C PRO B 38 -5.59 14.81 -12.81
N GLY B 39 -4.97 13.67 -13.03
CA GLY B 39 -5.06 12.90 -14.28
C GLY B 39 -6.30 12.00 -14.36
N SER B 40 -6.43 11.27 -15.47
CA SER B 40 -7.54 10.36 -15.77
C SER B 40 -7.74 9.29 -14.67
N PRO B 41 -8.91 9.20 -14.01
CA PRO B 41 -9.17 8.23 -12.94
C PRO B 41 -9.47 6.80 -13.44
N GLU B 42 -9.43 6.57 -14.77
CA GLU B 42 -9.69 5.28 -15.44
C GLU B 42 -8.90 4.11 -14.83
N SER A 1 -17.67 11.02 -5.80
CA SER A 1 -17.08 11.08 -7.15
C SER A 1 -16.02 9.99 -7.36
N PRO A 2 -15.70 9.58 -8.61
CA PRO A 2 -14.66 8.58 -8.90
C PRO A 2 -13.30 8.94 -8.28
N GLN A 3 -12.87 10.20 -8.45
CA GLN A 3 -11.63 10.76 -7.89
C GLN A 3 -11.58 10.61 -6.36
N GLU A 4 -12.67 10.98 -5.69
CA GLU A 4 -12.80 10.86 -4.23
C GLU A 4 -12.74 9.39 -3.80
N SER A 5 -13.53 8.52 -4.44
CA SER A 5 -13.57 7.07 -4.17
C SER A 5 -12.20 6.42 -4.28
N ARG A 6 -11.45 6.68 -5.36
CA ARG A 6 -10.08 6.17 -5.57
C ARG A 6 -9.12 6.68 -4.50
N ARG A 7 -9.11 7.99 -4.22
CA ARG A 7 -8.27 8.60 -3.18
C ARG A 7 -8.56 8.02 -1.79
N LEU A 8 -9.84 7.80 -1.45
CA LEU A 8 -10.28 7.17 -0.20
C LEU A 8 -9.84 5.70 -0.13
N SER A 9 -9.88 4.96 -1.25
CA SER A 9 -9.45 3.56 -1.31
C SER A 9 -7.95 3.43 -1.02
N ILE A 10 -7.13 4.30 -1.62
CA ILE A 10 -5.68 4.36 -1.41
C ILE A 10 -5.35 4.49 0.09
N GLN A 11 -5.81 5.58 0.74
CA GLN A 11 -5.56 5.83 2.17
C GLN A 11 -6.12 4.74 3.10
N ARG A 12 -7.25 4.11 2.75
CA ARG A 12 -7.84 2.99 3.50
C ARG A 12 -6.91 1.77 3.47
N CYS A 13 -6.46 1.33 2.30
CA CYS A 13 -5.51 0.21 2.19
C CYS A 13 -4.19 0.52 2.93
N ILE A 14 -3.75 1.78 2.93
CA ILE A 14 -2.56 2.25 3.67
C ILE A 14 -2.69 2.05 5.19
N GLN A 15 -3.91 2.00 5.76
CA GLN A 15 -4.08 1.65 7.18
C GLN A 15 -3.62 0.20 7.42
N SER A 16 -3.99 -0.72 6.51
CA SER A 16 -3.55 -2.11 6.51
C SER A 16 -2.02 -2.21 6.32
N LEU A 17 -1.43 -1.40 5.44
CA LEU A 17 0.03 -1.31 5.23
C LEU A 17 0.76 -1.02 6.56
N VAL A 18 0.34 0.02 7.29
CA VAL A 18 0.94 0.34 8.60
C VAL A 18 0.74 -0.81 9.58
N HIS A 19 -0.49 -1.33 9.74
CA HIS A 19 -0.76 -2.46 10.64
C HIS A 19 0.17 -3.65 10.36
N ALA A 20 0.15 -4.18 9.13
CA ALA A 20 0.93 -5.34 8.71
C ALA A 20 2.45 -5.20 8.90
N CYS A 21 3.03 -3.99 8.76
CA CYS A 21 4.48 -3.80 8.93
C CYS A 21 4.94 -3.80 10.42
N GLN A 22 4.00 -3.71 11.38
CA GLN A 22 4.26 -3.71 12.83
C GLN A 22 3.58 -4.86 13.59
N CYS A 23 2.70 -5.64 12.96
CA CYS A 23 1.97 -6.76 13.56
C CYS A 23 2.92 -7.86 14.05
N ARG A 24 2.92 -8.09 15.37
CA ARG A 24 3.81 -9.03 16.09
C ARG A 24 3.48 -10.52 15.93
N ASN A 25 2.37 -10.88 15.27
CA ASN A 25 1.93 -12.26 15.08
C ASN A 25 1.46 -12.53 13.64
N ALA A 26 2.20 -13.34 12.88
CA ALA A 26 1.86 -13.72 11.50
C ALA A 26 0.49 -14.44 11.36
N ASN A 27 -0.09 -14.93 12.46
CA ASN A 27 -1.38 -15.63 12.52
C ASN A 27 -2.58 -14.68 12.80
N CYS A 28 -2.37 -13.36 12.84
CA CYS A 28 -3.37 -12.30 13.08
C CYS A 28 -4.65 -12.52 12.24
N SER A 29 -5.80 -12.61 12.93
CA SER A 29 -7.12 -12.91 12.35
C SER A 29 -7.77 -11.79 11.54
N LEU A 30 -7.20 -10.58 11.45
CA LEU A 30 -7.78 -9.48 10.69
C LEU A 30 -7.75 -9.81 9.19
N PRO A 31 -8.85 -9.61 8.42
CA PRO A 31 -8.87 -9.93 6.99
C PRO A 31 -7.87 -9.06 6.20
N SER A 32 -7.76 -7.79 6.57
CA SER A 32 -6.85 -6.81 5.96
C SER A 32 -5.37 -7.21 6.13
N CYS A 33 -4.96 -7.54 7.36
CA CYS A 33 -3.60 -7.98 7.72
C CYS A 33 -3.19 -9.20 6.87
N GLN A 34 -4.03 -10.25 6.87
CA GLN A 34 -3.85 -11.48 6.08
C GLN A 34 -3.63 -11.19 4.58
N LYS A 35 -4.48 -10.36 3.96
CA LYS A 35 -4.31 -9.94 2.56
C LYS A 35 -2.99 -9.20 2.34
N MET A 36 -2.69 -8.21 3.19
CA MET A 36 -1.44 -7.43 3.14
C MET A 36 -0.20 -8.33 3.18
N LYS A 37 -0.21 -9.37 4.02
CA LYS A 37 0.89 -10.34 4.13
C LYS A 37 1.28 -10.98 2.79
N ARG A 38 0.33 -11.24 1.87
CA ARG A 38 0.62 -11.80 0.54
C ARG A 38 1.49 -10.87 -0.30
N VAL A 39 1.08 -9.60 -0.48
CA VAL A 39 1.87 -8.61 -1.24
C VAL A 39 3.21 -8.31 -0.56
N VAL A 40 3.26 -8.25 0.78
CA VAL A 40 4.50 -8.07 1.55
C VAL A 40 5.48 -9.22 1.29
N GLN A 41 5.00 -10.48 1.33
CA GLN A 41 5.79 -11.68 1.01
C GLN A 41 6.26 -11.69 -0.45
N HIS A 42 5.50 -11.10 -1.38
CA HIS A 42 5.87 -10.98 -2.79
C HIS A 42 7.06 -10.03 -2.94
N THR A 43 6.90 -8.73 -2.61
CA THR A 43 7.96 -7.73 -2.81
C THR A 43 9.32 -8.09 -2.15
N LYS A 44 9.32 -8.75 -0.98
CA LYS A 44 10.55 -9.18 -0.30
C LYS A 44 11.26 -10.39 -0.94
N GLY A 45 10.61 -11.12 -1.86
CA GLY A 45 11.13 -12.34 -2.50
C GLY A 45 11.10 -12.37 -4.04
N CYS A 46 10.50 -11.38 -4.71
CA CYS A 46 10.38 -11.29 -6.16
C CYS A 46 11.75 -11.26 -6.87
N LYS A 47 11.74 -11.70 -8.12
CA LYS A 47 12.88 -11.79 -9.05
C LYS A 47 12.86 -10.74 -10.18
N ARG A 48 11.82 -9.88 -10.21
CA ARG A 48 11.61 -8.83 -11.21
C ARG A 48 11.60 -7.44 -10.58
N LYS A 49 10.71 -7.21 -9.60
CA LYS A 49 10.50 -5.95 -8.86
C LYS A 49 10.24 -4.75 -9.78
N THR A 50 10.16 -3.54 -9.21
CA THR A 50 9.99 -2.28 -9.96
C THR A 50 11.12 -2.04 -10.96
N ASN A 51 12.32 -2.58 -10.72
CA ASN A 51 13.48 -2.54 -11.62
C ASN A 51 13.16 -3.17 -12.99
N GLY A 52 12.40 -4.28 -13.00
CA GLY A 52 11.95 -4.99 -14.21
C GLY A 52 10.51 -4.66 -14.63
N GLY A 53 9.77 -3.87 -13.82
CA GLY A 53 8.40 -3.43 -14.08
C GLY A 53 7.29 -4.29 -13.44
N CYS A 54 7.61 -5.12 -12.43
CA CYS A 54 6.68 -6.01 -11.73
C CYS A 54 5.44 -5.25 -11.16
N PRO A 55 4.22 -5.48 -11.67
CA PRO A 55 3.00 -4.78 -11.23
C PRO A 55 2.72 -4.86 -9.72
N VAL A 56 2.90 -6.04 -9.10
CA VAL A 56 2.67 -6.24 -7.66
C VAL A 56 3.59 -5.36 -6.83
N CYS A 57 4.91 -5.44 -7.05
CA CYS A 57 5.92 -4.63 -6.38
C CYS A 57 5.62 -3.13 -6.57
N LYS A 58 5.28 -2.71 -7.80
CA LYS A 58 4.88 -1.33 -8.15
C LYS A 58 3.67 -0.91 -7.32
N GLN A 59 2.60 -1.71 -7.27
CA GLN A 59 1.40 -1.46 -6.47
C GLN A 59 1.73 -1.21 -4.98
N LEU A 60 2.60 -2.04 -4.38
CA LEU A 60 2.97 -1.85 -2.98
C LEU A 60 3.74 -0.53 -2.79
N ILE A 61 4.79 -0.31 -3.59
CA ILE A 61 5.60 0.91 -3.57
C ILE A 61 4.76 2.17 -3.87
N ALA A 62 3.72 2.07 -4.70
CA ALA A 62 2.77 3.15 -5.00
C ALA A 62 2.08 3.61 -3.70
N LEU A 63 1.44 2.69 -2.97
CA LEU A 63 0.80 3.01 -1.68
C LEU A 63 1.83 3.50 -0.64
N CYS A 64 3.03 2.92 -0.60
CA CYS A 64 4.11 3.42 0.26
C CYS A 64 4.50 4.87 -0.10
N CYS A 65 4.53 5.21 -1.39
CA CYS A 65 4.80 6.55 -1.89
C CYS A 65 3.70 7.54 -1.48
N TYR A 66 2.43 7.18 -1.70
CA TYR A 66 1.29 7.99 -1.25
C TYR A 66 1.34 8.24 0.26
N HIS A 67 1.65 7.20 1.04
CA HIS A 67 1.85 7.31 2.48
C HIS A 67 2.97 8.31 2.79
N ALA A 68 4.19 8.09 2.28
CA ALA A 68 5.38 8.94 2.45
C ALA A 68 5.16 10.42 2.10
N LYS A 69 4.32 10.72 1.10
CA LYS A 69 3.95 12.06 0.65
C LYS A 69 3.35 12.89 1.79
N HIS A 70 2.43 12.26 2.53
CA HIS A 70 1.70 12.82 3.66
C HIS A 70 2.36 12.62 5.04
N CYS A 71 3.21 11.59 5.20
CA CYS A 71 3.91 11.24 6.44
C CYS A 71 4.93 12.31 6.90
N GLN A 72 5.35 12.23 8.17
CA GLN A 72 6.31 13.13 8.84
C GLN A 72 7.17 12.47 9.94
N GLU A 73 6.92 11.21 10.30
CA GLU A 73 7.68 10.47 11.32
C GLU A 73 9.05 10.03 10.79
N ASN A 74 10.15 10.60 11.31
CA ASN A 74 11.53 10.31 10.91
C ASN A 74 11.99 8.84 11.09
N LYS A 75 11.22 8.01 11.80
CA LYS A 75 11.48 6.60 12.12
C LYS A 75 10.26 5.67 11.86
N CYS A 76 9.40 6.06 10.93
CA CYS A 76 8.16 5.37 10.53
C CYS A 76 8.37 3.84 10.27
N PRO A 77 7.50 2.94 10.78
CA PRO A 77 7.66 1.49 10.64
C PRO A 77 7.53 0.94 9.20
N VAL A 78 6.87 1.65 8.28
CA VAL A 78 6.69 1.24 6.87
C VAL A 78 8.07 1.17 6.15
N PRO A 79 8.50 -0.01 5.63
CA PRO A 79 9.81 -0.20 4.99
C PRO A 79 10.23 0.86 3.96
N PHE A 80 9.42 1.08 2.92
CA PHE A 80 9.72 2.00 1.82
C PHE A 80 9.45 3.49 2.15
N CYS A 81 8.65 3.82 3.17
CA CYS A 81 8.28 5.19 3.55
C CYS A 81 9.49 6.15 3.59
N LEU A 82 10.40 5.96 4.55
CA LEU A 82 11.61 6.77 4.73
C LEU A 82 12.50 6.85 3.47
N ASN A 83 12.58 5.77 2.67
CA ASN A 83 13.31 5.76 1.40
C ASN A 83 12.65 6.73 0.41
N ILE A 84 11.32 6.66 0.24
CA ILE A 84 10.58 7.60 -0.62
C ILE A 84 10.76 9.04 -0.11
N LYS A 85 10.62 9.31 1.19
CA LYS A 85 10.84 10.65 1.77
C LYS A 85 12.20 11.22 1.33
N HIS A 86 13.26 10.42 1.45
CA HIS A 86 14.61 10.79 1.01
C HIS A 86 14.61 11.17 -0.48
N LYS A 87 14.03 10.33 -1.36
CA LYS A 87 13.93 10.62 -2.81
C LYS A 87 13.18 11.94 -3.07
N LEU A 88 12.09 12.20 -2.33
CA LEU A 88 11.30 13.43 -2.40
C LEU A 88 12.13 14.68 -2.03
N ARG A 89 13.01 14.59 -1.01
CA ARG A 89 13.91 15.70 -0.62
C ARG A 89 15.09 15.88 -1.58
N GLN A 90 15.53 14.81 -2.26
CA GLN A 90 16.63 14.85 -3.25
C GLN A 90 16.27 15.65 -4.52
N GLN A 91 14.99 15.98 -4.73
CA GLN A 91 14.50 16.78 -5.87
C GLN A 91 15.01 18.25 -5.84
N GLN A 92 15.42 18.76 -4.67
CA GLN A 92 15.93 20.12 -4.48
C GLN A 92 17.25 20.35 -5.23
N SER B 1 -13.19 -19.83 5.02
CA SER B 1 -12.97 -18.37 4.97
C SER B 1 -13.47 -17.61 6.21
N HIS B 2 -14.20 -18.30 7.11
CA HIS B 2 -14.75 -17.75 8.36
C HIS B 2 -13.71 -17.44 9.46
N MET B 3 -12.43 -17.69 9.19
CA MET B 3 -11.28 -17.47 10.09
C MET B 3 -10.87 -16.00 10.30
N ALA B 4 -11.74 -15.07 9.92
CA ALA B 4 -11.56 -13.62 10.05
C ALA B 4 -12.91 -12.90 10.34
N PRO B 5 -12.97 -11.93 11.28
CA PRO B 5 -14.18 -11.18 11.60
C PRO B 5 -14.47 -10.11 10.52
N GLU B 6 -14.01 -8.87 10.71
CA GLU B 6 -14.13 -7.74 9.78
C GLU B 6 -13.13 -6.62 10.10
N ASP B 7 -13.04 -5.63 9.19
CA ASP B 7 -12.21 -4.42 9.31
C ASP B 7 -12.77 -3.32 8.39
N PRO B 8 -12.89 -2.05 8.83
CA PRO B 8 -13.47 -0.97 8.02
C PRO B 8 -12.70 -0.61 6.73
N ASN B 9 -11.45 -1.07 6.58
CA ASN B 9 -10.60 -0.83 5.41
C ASN B 9 -10.51 -2.04 4.45
N GLU B 10 -11.06 -3.21 4.81
CA GLU B 10 -10.89 -4.46 4.04
C GLU B 10 -11.37 -4.38 2.58
N GLU B 11 -12.44 -3.63 2.33
CA GLU B 11 -12.99 -3.40 0.98
C GLU B 11 -11.94 -2.76 0.07
N ALA B 12 -11.27 -1.72 0.58
CA ALA B 12 -10.21 -1.00 -0.11
C ALA B 12 -8.95 -1.87 -0.37
N VAL B 13 -8.74 -2.94 0.40
CA VAL B 13 -7.63 -3.89 0.18
C VAL B 13 -8.02 -4.86 -0.94
N SER B 14 -9.21 -5.48 -0.86
CA SER B 14 -9.73 -6.45 -1.83
C SER B 14 -9.78 -5.95 -3.28
N GLN B 15 -10.14 -4.68 -3.52
CA GLN B 15 -10.15 -4.12 -4.88
C GLN B 15 -8.74 -4.09 -5.53
N ILE B 16 -7.67 -4.06 -4.72
CA ILE B 16 -6.26 -4.07 -5.16
C ILE B 16 -5.77 -5.53 -5.25
N PHE B 17 -5.93 -6.29 -4.16
CA PHE B 17 -5.56 -7.72 -4.01
C PHE B 17 -6.47 -8.43 -2.98
N PRO B 18 -7.48 -9.22 -3.41
CA PRO B 18 -8.32 -9.99 -2.50
C PRO B 18 -7.57 -11.23 -1.97
N ASP B 19 -8.15 -11.93 -1.00
CA ASP B 19 -7.53 -13.15 -0.44
C ASP B 19 -7.51 -14.34 -1.44
N SER B 20 -8.39 -14.32 -2.44
CA SER B 20 -8.55 -15.36 -3.47
C SER B 20 -7.42 -15.43 -4.49
N VAL B 21 -7.00 -14.29 -5.06
CA VAL B 21 -5.96 -14.18 -6.11
C VAL B 21 -5.09 -12.93 -5.98
N MET B 22 -3.89 -12.93 -6.58
CA MET B 22 -2.98 -11.79 -6.64
C MET B 22 -3.40 -10.79 -7.74
N LEU B 23 -4.57 -10.17 -7.58
CA LEU B 23 -5.15 -9.19 -8.54
C LEU B 23 -4.20 -8.01 -8.83
N ALA B 24 -3.29 -7.69 -7.90
CA ALA B 24 -2.27 -6.65 -8.07
C ALA B 24 -1.32 -6.92 -9.25
N VAL B 25 -1.23 -8.16 -9.75
CA VAL B 25 -0.41 -8.53 -10.93
C VAL B 25 -1.01 -8.01 -12.25
N GLN B 26 -2.26 -7.53 -12.25
CA GLN B 26 -2.96 -7.03 -13.43
C GLN B 26 -3.70 -5.68 -13.22
N GLU B 27 -4.09 -5.32 -12.00
CA GLU B 27 -4.80 -4.07 -11.70
C GLU B 27 -3.90 -2.82 -11.76
N GLY B 28 -4.27 -1.83 -12.59
CA GLY B 28 -3.56 -0.56 -12.77
C GLY B 28 -3.97 0.49 -11.74
N ILE B 29 -3.23 0.58 -10.63
CA ILE B 29 -3.51 1.48 -9.50
C ILE B 29 -3.35 2.96 -9.88
N ASP B 30 -4.46 3.65 -10.09
CA ASP B 30 -4.56 5.06 -10.49
C ASP B 30 -4.25 6.05 -9.34
N LEU B 31 -3.02 5.99 -8.80
CA LEU B 31 -2.53 6.89 -7.75
C LEU B 31 -2.63 8.37 -8.17
N LEU B 32 -2.57 8.62 -9.49
CA LEU B 32 -2.73 9.89 -10.22
C LEU B 32 -3.96 10.70 -9.77
N THR B 33 -4.94 10.05 -9.12
CA THR B 33 -6.15 10.62 -8.53
C THR B 33 -5.87 11.64 -7.41
N PHE B 34 -4.67 11.63 -6.82
CA PHE B 34 -4.26 12.57 -5.76
C PHE B 34 -4.25 14.04 -6.25
N PRO B 35 -4.46 15.04 -5.36
CA PRO B 35 -4.44 16.45 -5.75
C PRO B 35 -3.00 16.92 -6.09
N PRO B 36 -2.73 17.43 -7.31
CA PRO B 36 -1.40 17.88 -7.71
C PRO B 36 -0.97 19.19 -6.99
N ALA B 37 -1.93 19.99 -6.54
CA ALA B 37 -1.75 21.25 -5.80
C ALA B 37 -2.99 21.51 -4.92
N PRO B 38 -2.86 22.27 -3.80
CA PRO B 38 -3.99 22.60 -2.91
C PRO B 38 -4.99 23.61 -3.50
N GLY B 39 -4.59 24.31 -4.58
CA GLY B 39 -5.39 25.32 -5.29
C GLY B 39 -6.16 24.78 -6.52
N SER B 40 -6.35 23.47 -6.63
CA SER B 40 -7.08 22.82 -7.73
C SER B 40 -8.58 23.15 -7.68
N PRO B 41 -9.33 22.99 -8.80
CA PRO B 41 -10.76 23.31 -8.82
C PRO B 41 -11.64 22.49 -7.85
N GLU B 42 -11.20 21.29 -7.47
CA GLU B 42 -11.90 20.38 -6.55
C GLU B 42 -11.84 20.89 -5.10
N SER A 1 -18.06 9.80 -8.19
CA SER A 1 -16.80 10.56 -8.11
C SER A 1 -15.56 9.62 -8.13
N PRO A 2 -15.08 9.20 -9.31
CA PRO A 2 -13.93 8.30 -9.47
C PRO A 2 -12.68 8.67 -8.67
N GLN A 3 -12.30 9.96 -8.68
CA GLN A 3 -11.14 10.50 -7.95
C GLN A 3 -11.32 10.36 -6.43
N GLU A 4 -12.46 10.79 -5.89
CA GLU A 4 -12.76 10.67 -4.45
C GLU A 4 -12.84 9.21 -4.01
N SER A 5 -13.45 8.34 -4.82
CA SER A 5 -13.54 6.90 -4.54
C SER A 5 -12.16 6.28 -4.33
N ARG A 6 -11.21 6.61 -5.21
CA ARG A 6 -9.80 6.20 -5.12
C ARG A 6 -9.11 6.81 -3.91
N ARG A 7 -9.26 8.12 -3.68
CA ARG A 7 -8.70 8.86 -2.53
C ARG A 7 -9.18 8.31 -1.17
N LEU A 8 -10.43 7.84 -1.09
CA LEU A 8 -10.98 7.21 0.12
C LEU A 8 -10.46 5.77 0.27
N SER A 9 -10.36 5.01 -0.83
CA SER A 9 -9.85 3.63 -0.82
C SER A 9 -8.36 3.56 -0.46
N ILE A 10 -7.51 4.38 -1.09
CA ILE A 10 -6.06 4.44 -0.87
C ILE A 10 -5.70 4.71 0.61
N GLN A 11 -6.30 5.74 1.23
CA GLN A 11 -6.04 6.05 2.64
C GLN A 11 -6.49 4.92 3.59
N ARG A 12 -7.62 4.26 3.30
CA ARG A 12 -8.13 3.09 4.05
C ARG A 12 -7.14 1.93 3.99
N CYS A 13 -6.69 1.56 2.79
CA CYS A 13 -5.69 0.51 2.59
C CYS A 13 -4.38 0.84 3.33
N ILE A 14 -3.94 2.10 3.31
CA ILE A 14 -2.73 2.57 4.03
C ILE A 14 -2.84 2.36 5.55
N GLN A 15 -4.02 2.44 6.17
CA GLN A 15 -4.16 2.13 7.61
C GLN A 15 -3.80 0.65 7.86
N SER A 16 -4.31 -0.26 7.02
CA SER A 16 -4.00 -1.69 7.05
C SER A 16 -2.52 -1.97 6.78
N LEU A 17 -1.89 -1.18 5.89
CA LEU A 17 -0.46 -1.27 5.56
C LEU A 17 0.41 -0.98 6.79
N VAL A 18 0.08 0.07 7.57
CA VAL A 18 0.80 0.36 8.83
C VAL A 18 0.67 -0.83 9.79
N HIS A 19 -0.53 -1.36 10.03
CA HIS A 19 -0.72 -2.54 10.88
C HIS A 19 0.17 -3.70 10.41
N ALA A 20 0.03 -4.12 9.15
CA ALA A 20 0.77 -5.24 8.57
C ALA A 20 2.30 -5.13 8.66
N CYS A 21 2.88 -3.93 8.54
CA CYS A 21 4.34 -3.75 8.62
C CYS A 21 4.92 -3.90 10.05
N GLN A 22 4.07 -3.83 11.08
CA GLN A 22 4.45 -3.98 12.50
C GLN A 22 3.87 -5.23 13.19
N CYS A 23 2.88 -5.89 12.59
CA CYS A 23 2.24 -7.10 13.09
C CYS A 23 3.24 -8.29 13.18
N ARG A 24 3.53 -8.72 14.42
CA ARG A 24 4.50 -9.78 14.75
C ARG A 24 4.09 -11.22 14.39
N ASN A 25 2.87 -11.46 13.88
CA ASN A 25 2.37 -12.79 13.53
C ASN A 25 1.64 -12.81 12.17
N ALA A 26 2.21 -13.45 11.17
CA ALA A 26 1.61 -13.58 9.83
C ALA A 26 0.22 -14.28 9.81
N ASN A 27 -0.16 -14.96 10.89
CA ASN A 27 -1.43 -15.67 11.07
C ASN A 27 -2.54 -14.80 11.73
N CYS A 28 -2.29 -13.50 11.95
CA CYS A 28 -3.21 -12.52 12.54
C CYS A 28 -4.63 -12.61 11.96
N SER A 29 -5.64 -12.67 12.83
CA SER A 29 -7.06 -12.87 12.50
C SER A 29 -7.74 -11.74 11.72
N LEU A 30 -7.10 -10.60 11.49
CA LEU A 30 -7.69 -9.46 10.77
C LEU A 30 -7.68 -9.69 9.24
N PRO A 31 -8.84 -9.62 8.53
CA PRO A 31 -8.92 -9.82 7.09
C PRO A 31 -7.92 -9.00 6.25
N SER A 32 -7.74 -7.72 6.60
CA SER A 32 -6.84 -6.80 5.87
C SER A 32 -5.36 -7.11 6.11
N CYS A 33 -4.98 -7.50 7.32
CA CYS A 33 -3.62 -7.91 7.69
C CYS A 33 -3.21 -9.11 6.80
N GLN A 34 -4.06 -10.15 6.77
CA GLN A 34 -3.90 -11.34 5.93
C GLN A 34 -3.63 -10.99 4.45
N LYS A 35 -4.43 -10.09 3.87
CA LYS A 35 -4.27 -9.59 2.48
C LYS A 35 -2.93 -8.89 2.28
N MET A 36 -2.57 -7.95 3.16
CA MET A 36 -1.27 -7.25 3.12
C MET A 36 -0.08 -8.21 3.21
N LYS A 37 -0.16 -9.25 4.06
CA LYS A 37 0.91 -10.25 4.23
C LYS A 37 1.32 -10.89 2.90
N ARG A 38 0.38 -11.19 1.99
CA ARG A 38 0.69 -11.75 0.67
C ARG A 38 1.57 -10.81 -0.17
N VAL A 39 1.14 -9.58 -0.39
CA VAL A 39 1.90 -8.60 -1.20
C VAL A 39 3.23 -8.18 -0.56
N VAL A 40 3.33 -8.03 0.76
CA VAL A 40 4.61 -7.68 1.40
C VAL A 40 5.61 -8.84 1.28
N GLN A 41 5.16 -10.10 1.44
CA GLN A 41 5.99 -11.29 1.23
C GLN A 41 6.45 -11.41 -0.24
N HIS A 42 5.66 -10.90 -1.20
CA HIS A 42 6.04 -10.85 -2.60
C HIS A 42 7.21 -9.86 -2.79
N THR A 43 6.98 -8.55 -2.59
CA THR A 43 8.01 -7.53 -2.85
C THR A 43 9.35 -7.73 -2.11
N LYS A 44 9.34 -8.28 -0.88
CA LYS A 44 10.59 -8.54 -0.14
C LYS A 44 11.44 -9.70 -0.70
N GLY A 45 10.88 -10.56 -1.57
CA GLY A 45 11.54 -11.73 -2.16
C GLY A 45 11.53 -11.80 -3.70
N CYS A 46 10.79 -10.92 -4.38
CA CYS A 46 10.66 -10.87 -5.83
C CYS A 46 12.03 -10.69 -6.53
N LYS A 47 12.22 -11.45 -7.61
CA LYS A 47 13.44 -11.47 -8.44
C LYS A 47 13.39 -10.46 -9.61
N ARG A 48 12.28 -9.71 -9.76
CA ARG A 48 12.04 -8.72 -10.82
C ARG A 48 11.92 -7.30 -10.25
N LYS A 49 10.96 -7.07 -9.35
CA LYS A 49 10.62 -5.78 -8.71
C LYS A 49 10.35 -4.63 -9.69
N THR A 50 10.12 -3.43 -9.18
CA THR A 50 9.84 -2.21 -9.98
C THR A 50 10.92 -1.91 -11.01
N ASN A 51 12.20 -2.08 -10.67
CA ASN A 51 13.34 -1.89 -11.58
C ASN A 51 13.33 -2.83 -12.80
N GLY A 52 12.62 -3.96 -12.71
CA GLY A 52 12.43 -4.95 -13.79
C GLY A 52 11.03 -4.90 -14.43
N GLY A 53 10.13 -4.05 -13.93
CA GLY A 53 8.76 -3.85 -14.43
C GLY A 53 7.66 -4.65 -13.71
N CYS A 54 7.95 -5.31 -12.58
CA CYS A 54 6.99 -6.12 -11.82
C CYS A 54 5.76 -5.27 -11.36
N PRO A 55 4.53 -5.64 -11.75
CA PRO A 55 3.33 -4.86 -11.40
C PRO A 55 2.97 -4.91 -9.91
N VAL A 56 3.07 -6.06 -9.24
CA VAL A 56 2.71 -6.22 -7.80
C VAL A 56 3.51 -5.26 -6.92
N CYS A 57 4.84 -5.32 -7.00
CA CYS A 57 5.77 -4.47 -6.26
C CYS A 57 5.43 -2.98 -6.44
N LYS A 58 5.16 -2.56 -7.69
CA LYS A 58 4.75 -1.19 -8.05
C LYS A 58 3.46 -0.81 -7.33
N GLN A 59 2.41 -1.64 -7.36
CA GLN A 59 1.14 -1.36 -6.67
C GLN A 59 1.33 -1.19 -5.15
N LEU A 60 2.19 -2.00 -4.51
CA LEU A 60 2.49 -1.87 -3.09
C LEU A 60 3.18 -0.52 -2.81
N ILE A 61 4.23 -0.22 -3.60
CA ILE A 61 5.02 1.01 -3.52
C ILE A 61 4.17 2.27 -3.80
N ALA A 62 3.12 2.19 -4.62
CA ALA A 62 2.19 3.31 -4.88
C ALA A 62 1.56 3.82 -3.57
N LEU A 63 1.07 2.92 -2.72
CA LEU A 63 0.50 3.23 -1.41
C LEU A 63 1.60 3.73 -0.45
N CYS A 64 2.79 3.11 -0.47
CA CYS A 64 3.94 3.56 0.33
C CYS A 64 4.31 5.01 -0.02
N CYS A 65 4.29 5.37 -1.31
CA CYS A 65 4.55 6.71 -1.82
C CYS A 65 3.49 7.71 -1.33
N TYR A 66 2.21 7.39 -1.51
CA TYR A 66 1.09 8.21 -1.04
C TYR A 66 1.18 8.46 0.48
N HIS A 67 1.52 7.43 1.27
CA HIS A 67 1.77 7.53 2.70
C HIS A 67 2.96 8.49 2.97
N ALA A 68 4.14 8.19 2.43
CA ALA A 68 5.39 8.96 2.58
C ALA A 68 5.28 10.45 2.24
N LYS A 69 4.41 10.80 1.27
CA LYS A 69 4.10 12.18 0.85
C LYS A 69 3.64 13.03 2.03
N HIS A 70 2.71 12.49 2.82
CA HIS A 70 2.12 13.13 4.00
C HIS A 70 2.87 12.84 5.32
N CYS A 71 3.60 11.71 5.41
CA CYS A 71 4.34 11.28 6.59
C CYS A 71 5.53 12.21 6.94
N GLN A 72 5.99 12.10 8.20
CA GLN A 72 7.10 12.85 8.80
C GLN A 72 7.89 12.07 9.87
N GLU A 73 7.55 10.81 10.17
CA GLU A 73 8.26 9.99 11.16
C GLU A 73 9.68 9.63 10.64
N ASN A 74 10.73 10.11 11.31
CA ASN A 74 12.12 9.80 10.92
C ASN A 74 12.49 8.31 11.04
N LYS A 75 11.70 7.52 11.79
CA LYS A 75 11.85 6.08 12.04
C LYS A 75 10.54 5.28 11.84
N CYS A 76 9.70 5.71 10.88
CA CYS A 76 8.43 5.10 10.50
C CYS A 76 8.53 3.56 10.35
N PRO A 77 7.57 2.75 10.88
CA PRO A 77 7.63 1.29 10.81
C PRO A 77 7.55 0.73 9.37
N VAL A 78 6.98 1.47 8.41
CA VAL A 78 6.88 1.10 6.99
C VAL A 78 8.29 1.20 6.35
N PRO A 79 8.87 0.10 5.80
CA PRO A 79 10.23 0.13 5.23
C PRO A 79 10.38 1.03 3.99
N PHE A 80 9.41 0.99 3.08
CA PHE A 80 9.41 1.80 1.86
C PHE A 80 9.16 3.29 2.12
N CYS A 81 8.41 3.65 3.17
CA CYS A 81 8.09 5.03 3.55
C CYS A 81 9.35 5.90 3.60
N LEU A 82 10.25 5.60 4.54
CA LEU A 82 11.54 6.28 4.75
C LEU A 82 12.38 6.39 3.47
N ASN A 83 12.42 5.34 2.65
CA ASN A 83 13.13 5.35 1.38
C ASN A 83 12.52 6.40 0.43
N ILE A 84 11.19 6.40 0.26
CA ILE A 84 10.50 7.43 -0.53
C ILE A 84 10.75 8.83 0.08
N LYS A 85 10.62 9.01 1.39
CA LYS A 85 10.89 10.31 2.06
C LYS A 85 12.30 10.81 1.72
N HIS A 86 13.30 9.95 1.78
CA HIS A 86 14.69 10.28 1.41
C HIS A 86 14.76 10.79 -0.03
N LYS A 87 14.19 10.05 -1.00
CA LYS A 87 14.10 10.44 -2.41
C LYS A 87 13.42 11.81 -2.57
N LEU A 88 12.29 12.03 -1.90
CA LEU A 88 11.52 13.28 -1.91
C LEU A 88 12.28 14.49 -1.35
N ARG A 89 12.90 14.37 -0.17
CA ARG A 89 13.68 15.46 0.45
C ARG A 89 15.01 15.73 -0.28
N GLN A 90 15.55 14.76 -1.02
CA GLN A 90 16.79 14.88 -1.80
C GLN A 90 16.61 15.71 -3.10
N GLN A 91 15.37 16.01 -3.51
CA GLN A 91 15.06 16.82 -4.71
C GLN A 91 15.62 18.27 -4.65
N GLN A 92 15.99 18.77 -3.46
CA GLN A 92 16.56 20.10 -3.21
C GLN A 92 17.72 20.44 -4.16
N SER B 1 -13.68 -16.07 17.64
CA SER B 1 -12.22 -16.24 17.70
C SER B 1 -11.72 -17.37 16.78
N HIS B 2 -12.59 -18.31 16.44
CA HIS B 2 -12.31 -19.46 15.56
C HIS B 2 -12.10 -19.08 14.08
N MET B 3 -12.49 -17.87 13.67
CA MET B 3 -12.36 -17.32 12.32
C MET B 3 -12.17 -15.79 12.34
N ALA B 4 -11.81 -15.19 11.20
CA ALA B 4 -11.65 -13.75 11.04
C ALA B 4 -13.00 -13.01 11.19
N PRO B 5 -13.10 -11.96 12.05
CA PRO B 5 -14.33 -11.20 12.25
C PRO B 5 -14.61 -10.27 11.04
N GLU B 6 -14.08 -9.05 11.05
CA GLU B 6 -14.18 -8.03 9.99
C GLU B 6 -13.16 -6.89 10.21
N ASP B 7 -13.04 -5.99 9.22
CA ASP B 7 -12.21 -4.79 9.25
C ASP B 7 -12.82 -3.71 8.33
N PRO B 8 -12.95 -2.43 8.75
CA PRO B 8 -13.59 -1.39 7.94
C PRO B 8 -12.84 -1.01 6.65
N ASN B 9 -11.56 -1.38 6.51
CA ASN B 9 -10.73 -1.12 5.34
C ASN B 9 -10.71 -2.28 4.33
N GLU B 10 -11.21 -3.48 4.69
CA GLU B 10 -11.12 -4.67 3.84
C GLU B 10 -11.80 -4.52 2.48
N GLU B 11 -12.86 -3.71 2.40
CA GLU B 11 -13.58 -3.40 1.16
C GLU B 11 -12.69 -2.66 0.16
N ALA B 12 -11.83 -1.75 0.66
CA ALA B 12 -10.85 -1.01 -0.13
C ALA B 12 -9.70 -1.93 -0.56
N VAL B 13 -9.09 -2.67 0.39
CA VAL B 13 -8.01 -3.63 0.10
C VAL B 13 -8.42 -4.67 -0.96
N SER B 14 -9.64 -5.21 -0.88
CA SER B 14 -10.17 -6.22 -1.81
C SER B 14 -10.11 -5.84 -3.29
N GLN B 15 -10.37 -4.59 -3.67
CA GLN B 15 -10.29 -4.17 -5.08
C GLN B 15 -8.84 -4.04 -5.59
N ILE B 16 -7.85 -3.95 -4.69
CA ILE B 16 -6.41 -3.91 -5.02
C ILE B 16 -5.86 -5.35 -5.06
N PHE B 17 -5.99 -6.08 -3.95
CA PHE B 17 -5.58 -7.48 -3.76
C PHE B 17 -6.47 -8.19 -2.70
N PRO B 18 -7.45 -9.03 -3.10
CA PRO B 18 -8.27 -9.79 -2.17
C PRO B 18 -7.49 -10.97 -1.57
N ASP B 19 -8.08 -11.70 -0.61
CA ASP B 19 -7.43 -12.86 0.03
C ASP B 19 -7.38 -14.11 -0.89
N SER B 20 -8.22 -14.15 -1.92
CA SER B 20 -8.33 -15.24 -2.90
C SER B 20 -7.17 -15.29 -3.91
N VAL B 21 -6.85 -14.16 -4.57
CA VAL B 21 -5.79 -14.03 -5.59
C VAL B 21 -5.00 -12.73 -5.46
N MET B 22 -3.78 -12.71 -5.98
CA MET B 22 -2.91 -11.52 -6.03
C MET B 22 -3.28 -10.61 -7.22
N LEU B 23 -4.52 -10.09 -7.22
CA LEU B 23 -5.13 -9.23 -8.25
C LEU B 23 -4.24 -8.07 -8.71
N ALA B 24 -3.37 -7.55 -7.85
CA ALA B 24 -2.42 -6.48 -8.17
C ALA B 24 -1.47 -6.82 -9.34
N VAL B 25 -1.30 -8.10 -9.69
CA VAL B 25 -0.48 -8.54 -10.84
C VAL B 25 -1.14 -8.23 -12.19
N GLN B 26 -2.46 -8.00 -12.22
CA GLN B 26 -3.24 -7.72 -13.44
C GLN B 26 -4.08 -6.44 -13.39
N GLU B 27 -4.36 -5.89 -12.19
CA GLU B 27 -5.12 -4.65 -11.98
C GLU B 27 -4.27 -3.61 -11.24
N GLY B 28 -3.91 -2.54 -11.94
CA GLY B 28 -3.08 -1.44 -11.42
C GLY B 28 -3.89 -0.32 -10.75
N ILE B 29 -3.18 0.50 -9.96
CA ILE B 29 -3.68 1.67 -9.22
C ILE B 29 -3.31 2.94 -9.99
N ASP B 30 -4.27 3.57 -10.65
CA ASP B 30 -4.08 4.81 -11.43
C ASP B 30 -3.90 6.07 -10.56
N LEU B 31 -2.80 6.11 -9.79
CA LEU B 31 -2.37 7.20 -8.91
C LEU B 31 -2.17 8.56 -9.64
N LEU B 32 -2.26 8.56 -10.97
CA LEU B 32 -2.11 9.71 -11.86
C LEU B 32 -3.38 10.57 -11.98
N THR B 33 -4.55 10.02 -11.63
CA THR B 33 -5.85 10.72 -11.66
C THR B 33 -6.03 11.72 -10.51
N PHE B 34 -5.16 11.65 -9.51
CA PHE B 34 -5.15 12.49 -8.30
C PHE B 34 -4.77 13.97 -8.59
N PRO B 35 -5.22 14.93 -7.74
CA PRO B 35 -4.88 16.35 -7.89
C PRO B 35 -3.40 16.63 -7.55
N PRO B 36 -2.84 17.79 -7.96
CA PRO B 36 -1.45 18.15 -7.67
C PRO B 36 -1.17 18.45 -6.19
N ALA B 37 -2.21 18.82 -5.43
CA ALA B 37 -2.14 19.12 -3.99
C ALA B 37 -3.50 18.80 -3.31
N PRO B 38 -3.53 18.49 -1.99
CA PRO B 38 -4.76 18.20 -1.26
C PRO B 38 -5.62 19.44 -0.95
N GLY B 39 -5.06 20.65 -1.08
CA GLY B 39 -5.73 21.94 -0.83
C GLY B 39 -6.61 22.40 -1.98
N SER B 40 -7.76 21.73 -2.18
CA SER B 40 -8.76 22.05 -3.21
C SER B 40 -9.49 23.36 -2.89
N PRO B 41 -10.08 24.04 -3.90
CA PRO B 41 -10.79 25.30 -3.68
C PRO B 41 -12.18 25.15 -3.00
N GLU B 42 -12.68 23.92 -2.86
CA GLU B 42 -13.97 23.60 -2.23
C GLU B 42 -14.00 23.98 -0.75
N SER A 1 -17.18 9.57 -8.01
CA SER A 1 -16.24 9.79 -9.11
C SER A 1 -15.07 8.78 -9.08
N PRO A 2 -14.40 8.50 -10.22
CA PRO A 2 -13.28 7.56 -10.27
C PRO A 2 -12.08 8.02 -9.44
N GLN A 3 -11.69 9.30 -9.55
CA GLN A 3 -10.59 9.89 -8.76
C GLN A 3 -10.88 9.78 -7.26
N GLU A 4 -12.11 10.11 -6.82
CA GLU A 4 -12.54 9.98 -5.42
C GLU A 4 -12.44 8.52 -4.96
N SER A 5 -12.98 7.58 -5.75
CA SER A 5 -12.92 6.13 -5.46
C SER A 5 -11.48 5.65 -5.28
N ARG A 6 -10.56 6.03 -6.19
CA ARG A 6 -9.13 5.72 -6.12
C ARG A 6 -8.49 6.30 -4.86
N ARG A 7 -8.65 7.61 -4.62
CA ARG A 7 -8.14 8.33 -3.42
C ARG A 7 -8.58 7.66 -2.12
N LEU A 8 -9.85 7.30 -2.01
CA LEU A 8 -10.39 6.61 -0.84
C LEU A 8 -9.81 5.20 -0.70
N SER A 9 -9.69 4.44 -1.80
CA SER A 9 -9.14 3.08 -1.81
C SER A 9 -7.69 3.08 -1.30
N ILE A 10 -6.88 4.02 -1.80
CA ILE A 10 -5.48 4.25 -1.44
C ILE A 10 -5.36 4.44 0.09
N GLN A 11 -5.97 5.50 0.66
CA GLN A 11 -5.85 5.79 2.11
C GLN A 11 -6.39 4.68 3.03
N ARG A 12 -7.48 3.98 2.64
CA ARG A 12 -8.03 2.83 3.40
C ARG A 12 -7.02 1.67 3.43
N CYS A 13 -6.55 1.23 2.26
CA CYS A 13 -5.55 0.17 2.14
C CYS A 13 -4.22 0.54 2.83
N ILE A 14 -3.86 1.82 2.94
CA ILE A 14 -2.67 2.28 3.66
C ILE A 14 -2.78 1.99 5.18
N GLN A 15 -3.99 1.95 5.76
CA GLN A 15 -4.14 1.55 7.17
C GLN A 15 -3.69 0.09 7.35
N SER A 16 -4.10 -0.78 6.43
CA SER A 16 -3.72 -2.19 6.32
C SER A 16 -2.20 -2.34 6.14
N LEU A 17 -1.59 -1.48 5.31
CA LEU A 17 -0.16 -1.38 5.03
C LEU A 17 0.62 -1.11 6.32
N VAL A 18 0.29 -0.04 7.04
CA VAL A 18 0.92 0.32 8.33
C VAL A 18 0.81 -0.85 9.32
N HIS A 19 -0.40 -1.40 9.53
CA HIS A 19 -0.62 -2.53 10.43
C HIS A 19 0.32 -3.70 10.09
N ALA A 20 0.29 -4.20 8.85
CA ALA A 20 1.12 -5.31 8.39
C ALA A 20 2.64 -5.08 8.60
N CYS A 21 3.11 -3.83 8.53
CA CYS A 21 4.52 -3.47 8.76
C CYS A 21 4.94 -3.49 10.25
N GLN A 22 3.99 -3.52 11.20
CA GLN A 22 4.23 -3.56 12.65
C GLN A 22 3.70 -4.83 13.35
N CYS A 23 2.81 -5.60 12.70
CA CYS A 23 2.23 -6.83 13.23
C CYS A 23 3.29 -7.94 13.40
N ARG A 24 3.44 -8.44 14.63
CA ARG A 24 4.41 -9.47 15.05
C ARG A 24 4.07 -10.91 14.63
N ASN A 25 2.88 -11.18 14.09
CA ASN A 25 2.42 -12.53 13.72
C ASN A 25 1.70 -12.58 12.36
N ALA A 26 2.28 -13.26 11.36
CA ALA A 26 1.67 -13.43 10.04
C ALA A 26 0.29 -14.15 10.03
N ASN A 27 -0.07 -14.82 11.14
CA ASN A 27 -1.33 -15.55 11.34
C ASN A 27 -2.44 -14.66 11.99
N CYS A 28 -2.22 -13.35 12.12
CA CYS A 28 -3.14 -12.35 12.68
C CYS A 28 -4.55 -12.47 12.08
N SER A 29 -5.57 -12.34 12.93
CA SER A 29 -6.98 -12.49 12.56
C SER A 29 -7.57 -11.34 11.74
N LEU A 30 -6.90 -10.20 11.56
CA LEU A 30 -7.43 -9.07 10.80
C LEU A 30 -7.42 -9.33 9.28
N PRO A 31 -8.57 -9.30 8.55
CA PRO A 31 -8.63 -9.47 7.09
C PRO A 31 -7.64 -8.57 6.33
N SER A 32 -7.53 -7.30 6.74
CA SER A 32 -6.60 -6.32 6.17
C SER A 32 -5.14 -6.78 6.26
N CYS A 33 -4.71 -7.22 7.44
CA CYS A 33 -3.38 -7.74 7.74
C CYS A 33 -3.09 -8.97 6.84
N GLN A 34 -3.98 -9.97 6.87
CA GLN A 34 -3.90 -11.20 6.07
C GLN A 34 -3.66 -10.92 4.58
N LYS A 35 -4.52 -10.11 3.94
CA LYS A 35 -4.42 -9.72 2.52
C LYS A 35 -3.09 -9.02 2.22
N MET A 36 -2.74 -8.01 3.00
CA MET A 36 -1.50 -7.23 2.87
C MET A 36 -0.23 -8.08 3.02
N LYS A 37 -0.17 -9.03 3.97
CA LYS A 37 0.98 -9.92 4.21
C LYS A 37 1.49 -10.60 2.94
N ARG A 38 0.60 -11.12 2.08
CA ARG A 38 0.97 -11.76 0.80
C ARG A 38 1.78 -10.81 -0.10
N VAL A 39 1.31 -9.58 -0.27
CA VAL A 39 1.97 -8.54 -1.09
C VAL A 39 3.28 -8.06 -0.46
N VAL A 40 3.31 -7.89 0.87
CA VAL A 40 4.53 -7.54 1.62
C VAL A 40 5.61 -8.61 1.43
N GLN A 41 5.23 -9.89 1.51
CA GLN A 41 6.12 -11.04 1.27
C GLN A 41 6.59 -11.12 -0.19
N HIS A 42 5.76 -10.65 -1.15
CA HIS A 42 6.11 -10.60 -2.57
C HIS A 42 7.17 -9.51 -2.84
N THR A 43 6.84 -8.24 -2.57
CA THR A 43 7.73 -7.09 -2.87
C THR A 43 9.13 -7.20 -2.26
N LYS A 44 9.28 -7.80 -1.07
CA LYS A 44 10.59 -7.98 -0.42
C LYS A 44 11.51 -9.03 -1.07
N GLY A 45 11.01 -9.83 -2.02
CA GLY A 45 11.76 -10.89 -2.70
C GLY A 45 11.58 -11.02 -4.22
N CYS A 46 10.78 -10.17 -4.86
CA CYS A 46 10.51 -10.20 -6.30
C CYS A 46 11.79 -10.07 -7.16
N LYS A 47 11.82 -10.83 -8.26
CA LYS A 47 12.90 -10.87 -9.26
C LYS A 47 12.82 -9.73 -10.28
N ARG A 48 11.73 -8.95 -10.29
CA ARG A 48 11.47 -7.79 -11.15
C ARG A 48 11.33 -6.49 -10.36
N LYS A 49 10.38 -6.47 -9.42
CA LYS A 49 9.91 -5.30 -8.68
C LYS A 49 9.48 -4.15 -9.60
N THR A 50 9.26 -2.96 -9.02
CA THR A 50 8.80 -1.75 -9.74
C THR A 50 9.61 -1.43 -11.00
N ASN A 51 10.94 -1.34 -10.91
CA ASN A 51 11.83 -1.05 -12.04
C ASN A 51 11.88 -2.16 -13.13
N GLY A 52 11.46 -3.38 -12.79
CA GLY A 52 11.38 -4.53 -13.71
C GLY A 52 10.01 -4.71 -14.36
N GLY A 53 9.06 -3.80 -14.08
CA GLY A 53 7.70 -3.78 -14.64
C GLY A 53 6.67 -4.65 -13.91
N CYS A 54 7.01 -5.24 -12.76
CA CYS A 54 6.11 -6.08 -11.96
C CYS A 54 4.94 -5.24 -11.38
N PRO A 55 3.67 -5.53 -11.72
CA PRO A 55 2.52 -4.76 -11.25
C PRO A 55 2.22 -4.95 -9.75
N VAL A 56 2.48 -6.14 -9.20
CA VAL A 56 2.27 -6.47 -7.78
C VAL A 56 2.99 -5.47 -6.88
N CYS A 57 4.32 -5.38 -7.03
CA CYS A 57 5.18 -4.46 -6.32
C CYS A 57 4.73 -3.00 -6.54
N LYS A 58 4.41 -2.62 -7.78
CA LYS A 58 3.92 -1.27 -8.13
C LYS A 58 2.70 -0.85 -7.31
N GLN A 59 1.68 -1.69 -7.11
CA GLN A 59 0.52 -1.35 -6.28
C GLN A 59 0.93 -1.01 -4.84
N LEU A 60 1.64 -1.91 -4.16
CA LEU A 60 2.08 -1.75 -2.78
C LEU A 60 3.04 -0.55 -2.62
N ILE A 61 4.06 -0.43 -3.47
CA ILE A 61 4.99 0.72 -3.44
C ILE A 61 4.28 2.04 -3.76
N ALA A 62 3.28 2.08 -4.67
CA ALA A 62 2.50 3.29 -4.95
C ALA A 62 1.78 3.79 -3.69
N LEU A 63 1.11 2.90 -2.95
CA LEU A 63 0.46 3.22 -1.68
C LEU A 63 1.49 3.68 -0.65
N CYS A 64 2.66 3.05 -0.59
CA CYS A 64 3.76 3.48 0.27
C CYS A 64 4.22 4.91 -0.10
N CYS A 65 4.30 5.24 -1.39
CA CYS A 65 4.63 6.59 -1.86
C CYS A 65 3.58 7.61 -1.39
N TYR A 66 2.29 7.29 -1.57
CA TYR A 66 1.19 8.14 -1.09
C TYR A 66 1.26 8.36 0.43
N HIS A 67 1.56 7.31 1.19
CA HIS A 67 1.77 7.38 2.64
C HIS A 67 2.94 8.33 2.96
N ALA A 68 4.14 8.04 2.46
CA ALA A 68 5.38 8.80 2.66
C ALA A 68 5.27 10.29 2.31
N LYS A 69 4.46 10.65 1.30
CA LYS A 69 4.17 12.02 0.86
C LYS A 69 3.63 12.87 2.01
N HIS A 70 2.68 12.31 2.75
CA HIS A 70 1.98 12.92 3.88
C HIS A 70 2.66 12.64 5.26
N CYS A 71 3.43 11.56 5.39
CA CYS A 71 4.12 11.15 6.62
C CYS A 71 5.19 12.17 7.09
N GLN A 72 5.57 12.08 8.37
CA GLN A 72 6.54 12.94 9.05
C GLN A 72 7.36 12.27 10.17
N GLU A 73 7.08 11.01 10.52
CA GLU A 73 7.80 10.27 11.57
C GLU A 73 9.19 9.81 11.09
N ASN A 74 10.25 10.31 11.71
CA ASN A 74 11.65 10.00 11.35
C ASN A 74 12.04 8.50 11.47
N LYS A 75 11.25 7.70 12.19
CA LYS A 75 11.43 6.25 12.43
C LYS A 75 10.13 5.44 12.23
N CYS A 76 9.34 5.80 11.21
CA CYS A 76 8.09 5.16 10.82
C CYS A 76 8.24 3.62 10.67
N PRO A 77 7.29 2.78 11.16
CA PRO A 77 7.40 1.31 11.09
C PRO A 77 7.39 0.72 9.66
N VAL A 78 6.87 1.45 8.67
CA VAL A 78 6.85 1.02 7.26
C VAL A 78 8.29 1.07 6.70
N PRO A 79 8.85 -0.04 6.18
CA PRO A 79 10.25 -0.10 5.73
C PRO A 79 10.58 0.81 4.54
N PHE A 80 9.73 0.83 3.51
CA PHE A 80 9.93 1.63 2.30
C PHE A 80 9.65 3.14 2.51
N CYS A 81 8.80 3.52 3.48
CA CYS A 81 8.39 4.90 3.79
C CYS A 81 9.59 5.86 3.84
N LEU A 82 10.50 5.66 4.80
CA LEU A 82 11.72 6.46 4.99
C LEU A 82 12.60 6.56 3.72
N ASN A 83 12.69 5.48 2.93
CA ASN A 83 13.41 5.51 1.65
C ASN A 83 12.72 6.46 0.67
N ILE A 84 11.39 6.38 0.53
CA ILE A 84 10.62 7.30 -0.31
C ILE A 84 10.85 8.76 0.13
N LYS A 85 10.75 9.06 1.44
CA LYS A 85 11.02 10.41 1.96
C LYS A 85 12.40 10.92 1.51
N HIS A 86 13.44 10.10 1.66
CA HIS A 86 14.81 10.42 1.24
C HIS A 86 14.87 10.75 -0.25
N LYS A 87 14.27 9.90 -1.11
CA LYS A 87 14.15 10.09 -2.57
C LYS A 87 13.44 11.41 -2.89
N LEU A 88 12.30 11.69 -2.25
CA LEU A 88 11.53 12.94 -2.38
C LEU A 88 12.38 14.18 -2.05
N ARG A 89 13.17 14.14 -0.96
CA ARG A 89 14.07 15.23 -0.56
C ARG A 89 15.13 15.58 -1.62
N GLN A 90 15.53 14.62 -2.47
CA GLN A 90 16.47 14.89 -3.57
C GLN A 90 15.81 15.76 -4.66
N GLN A 91 14.49 15.63 -4.86
CA GLN A 91 13.69 16.42 -5.81
C GLN A 91 13.44 17.83 -5.26
N GLN A 92 13.08 17.93 -3.97
CA GLN A 92 12.81 19.17 -3.23
C GLN A 92 14.06 20.04 -3.14
N SER B 1 -6.18 -18.79 10.69
CA SER B 1 -6.46 -17.46 10.12
C SER B 1 -7.94 -17.26 9.75
N HIS B 2 -8.71 -18.35 9.59
CA HIS B 2 -10.14 -18.35 9.25
C HIS B 2 -11.05 -17.70 10.32
N MET B 3 -10.51 -17.51 11.53
CA MET B 3 -11.10 -16.90 12.71
C MET B 3 -11.31 -15.37 12.67
N ALA B 4 -11.17 -14.79 11.49
CA ALA B 4 -11.23 -13.36 11.24
C ALA B 4 -12.63 -12.71 11.45
N PRO B 5 -12.71 -11.53 12.11
CA PRO B 5 -13.94 -10.75 12.25
C PRO B 5 -14.13 -9.91 10.97
N GLU B 6 -14.16 -8.57 11.07
CA GLU B 6 -14.23 -7.63 9.92
C GLU B 6 -13.58 -6.28 10.26
N ASP B 7 -13.34 -5.46 9.24
CA ASP B 7 -12.80 -4.09 9.32
C ASP B 7 -13.22 -3.28 8.08
N PRO B 8 -13.39 -1.94 8.18
CA PRO B 8 -13.86 -1.12 7.06
C PRO B 8 -12.83 -0.94 5.94
N ASN B 9 -11.55 -1.26 6.16
CA ASN B 9 -10.49 -1.12 5.16
C ASN B 9 -10.43 -2.30 4.17
N GLU B 10 -10.84 -3.51 4.57
CA GLU B 10 -10.78 -4.73 3.76
C GLU B 10 -11.57 -4.61 2.45
N GLU B 11 -12.63 -3.81 2.47
CA GLU B 11 -13.49 -3.49 1.32
C GLU B 11 -12.69 -2.79 0.21
N ALA B 12 -11.83 -1.85 0.60
CA ALA B 12 -10.91 -1.15 -0.30
C ALA B 12 -9.78 -2.09 -0.74
N VAL B 13 -9.15 -2.80 0.21
CA VAL B 13 -8.06 -3.76 -0.07
C VAL B 13 -8.48 -4.78 -1.14
N SER B 14 -9.67 -5.37 -1.01
CA SER B 14 -10.22 -6.39 -1.92
C SER B 14 -10.18 -6.01 -3.40
N GLN B 15 -10.53 -4.78 -3.77
CA GLN B 15 -10.49 -4.34 -5.17
C GLN B 15 -9.06 -4.07 -5.71
N ILE B 16 -8.06 -3.98 -4.83
CA ILE B 16 -6.63 -3.88 -5.18
C ILE B 16 -6.04 -5.30 -5.26
N PHE B 17 -6.25 -6.11 -4.21
CA PHE B 17 -5.89 -7.52 -4.03
C PHE B 17 -6.74 -8.22 -2.94
N PRO B 18 -7.65 -9.15 -3.29
CA PRO B 18 -8.45 -9.91 -2.31
C PRO B 18 -7.64 -11.06 -1.69
N ASP B 19 -8.22 -11.77 -0.72
CA ASP B 19 -7.54 -12.92 -0.08
C ASP B 19 -7.58 -14.20 -0.94
N SER B 20 -8.59 -14.34 -1.80
CA SER B 20 -8.82 -15.51 -2.66
C SER B 20 -7.76 -15.74 -3.75
N VAL B 21 -7.31 -14.67 -4.42
CA VAL B 21 -6.32 -14.70 -5.51
C VAL B 21 -5.40 -13.47 -5.51
N MET B 22 -4.20 -13.61 -6.08
CA MET B 22 -3.24 -12.50 -6.24
C MET B 22 -3.60 -11.63 -7.45
N LEU B 23 -4.76 -10.95 -7.39
CA LEU B 23 -5.27 -10.02 -8.41
C LEU B 23 -4.24 -8.93 -8.79
N ALA B 24 -3.33 -8.63 -7.85
CA ALA B 24 -2.23 -7.71 -8.00
C ALA B 24 -1.35 -7.95 -9.24
N VAL B 25 -1.23 -9.20 -9.71
CA VAL B 25 -0.42 -9.54 -10.90
C VAL B 25 -1.07 -9.11 -12.23
N GLN B 26 -2.34 -8.66 -12.19
CA GLN B 26 -3.14 -8.21 -13.34
C GLN B 26 -3.89 -6.89 -13.11
N GLU B 27 -3.56 -6.15 -12.04
CA GLU B 27 -4.21 -4.88 -11.66
C GLU B 27 -3.17 -3.81 -11.23
N GLY B 28 -3.56 -2.52 -11.26
CA GLY B 28 -2.72 -1.37 -10.90
C GLY B 28 -3.49 -0.27 -10.16
N ILE B 29 -2.77 0.73 -9.64
CA ILE B 29 -3.30 1.89 -8.89
C ILE B 29 -2.99 3.22 -9.58
N ASP B 30 -4.03 4.03 -9.79
CA ASP B 30 -3.99 5.38 -10.36
C ASP B 30 -3.50 6.40 -9.30
N LEU B 31 -2.23 6.26 -8.90
CA LEU B 31 -1.54 7.13 -7.92
C LEU B 31 -1.59 8.62 -8.33
N LEU B 32 -1.71 8.88 -9.62
CA LEU B 32 -1.84 10.19 -10.29
C LEU B 32 -2.95 11.07 -9.69
N THR B 33 -3.91 10.47 -8.98
CA THR B 33 -5.03 11.13 -8.29
C THR B 33 -4.63 11.99 -7.09
N PHE B 34 -3.38 11.92 -6.63
CA PHE B 34 -2.84 12.69 -5.50
C PHE B 34 -2.92 14.22 -5.68
N PRO B 35 -2.91 15.03 -4.60
CA PRO B 35 -2.95 16.50 -4.69
C PRO B 35 -1.65 17.06 -5.32
N PRO B 36 -1.71 17.77 -6.46
CA PRO B 36 -0.52 18.27 -7.16
C PRO B 36 0.20 19.46 -6.50
N ALA B 37 -0.40 20.08 -5.47
CA ALA B 37 0.18 21.23 -4.76
C ALA B 37 1.56 20.92 -4.12
N PRO B 38 2.53 21.86 -4.13
CA PRO B 38 3.86 21.65 -3.57
C PRO B 38 3.91 21.67 -2.03
N GLY B 39 2.87 22.19 -1.36
CA GLY B 39 2.75 22.28 0.10
C GLY B 39 1.44 22.93 0.55
N SER B 40 1.29 23.09 1.87
CA SER B 40 0.12 23.71 2.50
C SER B 40 0.02 25.22 2.17
N PRO B 41 -1.19 25.81 2.14
CA PRO B 41 -1.37 27.22 1.79
C PRO B 41 -0.95 28.22 2.89
N GLU B 42 -0.83 27.77 4.15
CA GLU B 42 -0.43 28.56 5.33
C GLU B 42 -1.03 29.98 5.37
N SER A 1 -16.19 14.80 -7.17
CA SER A 1 -15.38 14.23 -8.24
C SER A 1 -15.30 12.69 -8.16
N PRO A 2 -15.30 11.93 -9.28
CA PRO A 2 -15.10 10.48 -9.27
C PRO A 2 -13.79 10.06 -8.56
N GLN A 3 -12.80 10.96 -8.56
CA GLN A 3 -11.50 10.80 -7.89
C GLN A 3 -11.64 10.61 -6.37
N GLU A 4 -12.72 11.12 -5.74
CA GLU A 4 -12.95 10.97 -4.30
C GLU A 4 -12.94 9.50 -3.88
N SER A 5 -13.70 8.64 -4.56
CA SER A 5 -13.77 7.20 -4.27
C SER A 5 -12.40 6.52 -4.36
N ARG A 6 -11.58 6.89 -5.35
CA ARG A 6 -10.22 6.36 -5.56
C ARG A 6 -9.26 6.86 -4.48
N ARG A 7 -9.26 8.16 -4.20
CA ARG A 7 -8.48 8.82 -3.13
C ARG A 7 -8.84 8.29 -1.73
N LEU A 8 -10.09 7.89 -1.51
CA LEU A 8 -10.55 7.25 -0.27
C LEU A 8 -10.08 5.79 -0.22
N SER A 9 -10.19 5.05 -1.32
CA SER A 9 -9.74 3.64 -1.40
C SER A 9 -8.23 3.48 -1.18
N ILE A 10 -7.39 4.30 -1.84
CA ILE A 10 -5.92 4.27 -1.69
C ILE A 10 -5.50 4.48 -0.23
N GLN A 11 -5.99 5.53 0.45
CA GLN A 11 -5.67 5.80 1.87
C GLN A 11 -6.20 4.71 2.82
N ARG A 12 -7.35 4.09 2.50
CA ARG A 12 -7.90 2.96 3.27
C ARG A 12 -7.00 1.73 3.16
N CYS A 13 -6.61 1.31 1.96
CA CYS A 13 -5.68 0.19 1.76
C CYS A 13 -4.33 0.46 2.49
N ILE A 14 -3.88 1.72 2.50
CA ILE A 14 -2.67 2.16 3.22
C ILE A 14 -2.78 1.93 4.75
N GLN A 15 -3.97 1.92 5.35
CA GLN A 15 -4.12 1.57 6.77
C GLN A 15 -3.72 0.10 6.99
N SER A 16 -4.21 -0.80 6.12
CA SER A 16 -3.86 -2.23 6.10
C SER A 16 -2.35 -2.43 5.90
N LEU A 17 -1.72 -1.62 5.03
CA LEU A 17 -0.28 -1.61 4.78
C LEU A 17 0.50 -1.30 6.07
N VAL A 18 0.15 -0.19 6.75
CA VAL A 18 0.79 0.20 8.02
C VAL A 18 0.66 -0.93 9.06
N HIS A 19 -0.54 -1.48 9.28
CA HIS A 19 -0.77 -2.59 10.21
C HIS A 19 0.18 -3.76 9.91
N ALA A 20 0.14 -4.30 8.69
CA ALA A 20 1.00 -5.41 8.28
C ALA A 20 2.51 -5.13 8.42
N CYS A 21 2.95 -3.87 8.32
CA CYS A 21 4.34 -3.47 8.51
C CYS A 21 4.78 -3.40 9.99
N GLN A 22 3.84 -3.36 10.95
CA GLN A 22 4.11 -3.31 12.40
C GLN A 22 3.65 -4.56 13.18
N CYS A 23 2.80 -5.40 12.61
CA CYS A 23 2.27 -6.64 13.20
C CYS A 23 3.38 -7.68 13.44
N ARG A 24 3.45 -8.23 14.66
CA ARG A 24 4.47 -9.21 15.13
C ARG A 24 4.23 -10.66 14.68
N ASN A 25 3.06 -11.00 14.12
CA ASN A 25 2.70 -12.36 13.74
C ASN A 25 2.01 -12.45 12.36
N ALA A 26 2.67 -13.08 11.38
CA ALA A 26 2.13 -13.28 10.03
C ALA A 26 0.78 -14.05 9.96
N ASN A 27 0.39 -14.75 11.04
CA ASN A 27 -0.86 -15.51 11.15
C ASN A 27 -2.07 -14.68 11.65
N CYS A 28 -1.89 -13.38 11.96
CA CYS A 28 -2.90 -12.43 12.42
C CYS A 28 -4.18 -12.50 11.55
N SER A 29 -5.29 -12.96 12.15
CA SER A 29 -6.57 -13.22 11.48
C SER A 29 -7.34 -12.01 10.94
N LEU A 30 -6.85 -10.79 11.15
CA LEU A 30 -7.43 -9.54 10.66
C LEU A 30 -7.47 -9.53 9.11
N PRO A 31 -8.64 -9.37 8.45
CA PRO A 31 -8.73 -9.38 6.97
C PRO A 31 -7.71 -8.47 6.27
N SER A 32 -7.47 -7.28 6.81
CA SER A 32 -6.47 -6.31 6.33
C SER A 32 -5.06 -6.90 6.33
N CYS A 33 -4.63 -7.44 7.47
CA CYS A 33 -3.33 -8.08 7.69
C CYS A 33 -3.19 -9.32 6.77
N GLN A 34 -4.16 -10.24 6.81
CA GLN A 34 -4.25 -11.45 5.97
C GLN A 34 -3.94 -11.16 4.50
N LYS A 35 -4.73 -10.28 3.86
CA LYS A 35 -4.56 -9.89 2.45
C LYS A 35 -3.16 -9.30 2.21
N MET A 36 -2.81 -8.26 2.95
CA MET A 36 -1.54 -7.55 2.81
C MET A 36 -0.29 -8.45 2.97
N LYS A 37 -0.30 -9.42 3.89
CA LYS A 37 0.82 -10.37 4.09
C LYS A 37 1.25 -11.07 2.80
N ARG A 38 0.32 -11.50 1.94
CA ARG A 38 0.64 -12.16 0.65
C ARG A 38 1.52 -11.27 -0.24
N VAL A 39 1.13 -10.02 -0.48
CA VAL A 39 1.90 -9.08 -1.30
C VAL A 39 3.19 -8.60 -0.60
N VAL A 40 3.20 -8.48 0.74
CA VAL A 40 4.41 -8.16 1.52
C VAL A 40 5.46 -9.26 1.34
N GLN A 41 5.06 -10.53 1.45
CA GLN A 41 5.93 -11.69 1.20
C GLN A 41 6.43 -11.76 -0.25
N HIS A 42 5.70 -11.18 -1.21
CA HIS A 42 6.10 -11.10 -2.62
C HIS A 42 7.26 -10.10 -2.78
N THR A 43 7.03 -8.80 -2.52
CA THR A 43 8.04 -7.74 -2.75
C THR A 43 9.38 -7.99 -2.08
N LYS A 44 9.40 -8.59 -0.88
CA LYS A 44 10.65 -8.92 -0.15
C LYS A 44 11.48 -10.06 -0.77
N GLY A 45 10.93 -10.81 -1.73
CA GLY A 45 11.58 -11.95 -2.40
C GLY A 45 11.59 -11.92 -3.94
N CYS A 46 10.84 -11.02 -4.58
CA CYS A 46 10.74 -10.88 -6.04
C CYS A 46 12.11 -10.63 -6.69
N LYS A 47 12.40 -11.39 -7.75
CA LYS A 47 13.67 -11.40 -8.50
C LYS A 47 13.80 -10.28 -9.55
N ARG A 48 12.75 -9.49 -9.79
CA ARG A 48 12.74 -8.38 -10.79
C ARG A 48 12.27 -7.03 -10.22
N LYS A 49 11.28 -7.02 -9.31
CA LYS A 49 10.67 -5.83 -8.68
C LYS A 49 10.27 -4.74 -9.69
N THR A 50 10.10 -3.50 -9.22
CA THR A 50 9.78 -2.32 -10.04
C THR A 50 10.82 -2.06 -11.15
N ASN A 51 12.09 -2.42 -10.91
CA ASN A 51 13.19 -2.31 -11.89
C ASN A 51 12.89 -3.13 -13.17
N GLY A 52 12.34 -4.34 -13.01
CA GLY A 52 11.91 -5.23 -14.09
C GLY A 52 10.44 -5.03 -14.51
N GLY A 53 9.72 -4.13 -13.85
CA GLY A 53 8.33 -3.77 -14.13
C GLY A 53 7.24 -4.61 -13.44
N CYS A 54 7.58 -5.34 -12.36
CA CYS A 54 6.65 -6.20 -11.63
C CYS A 54 5.41 -5.45 -11.09
N PRO A 55 4.17 -5.76 -11.57
CA PRO A 55 2.94 -5.08 -11.14
C PRO A 55 2.69 -5.12 -9.62
N VAL A 56 2.93 -6.26 -8.97
CA VAL A 56 2.75 -6.45 -7.51
C VAL A 56 3.61 -5.44 -6.74
N CYS A 57 4.91 -5.43 -7.01
CA CYS A 57 5.89 -4.53 -6.43
C CYS A 57 5.51 -3.06 -6.73
N LYS A 58 5.14 -2.74 -7.99
CA LYS A 58 4.68 -1.41 -8.40
C LYS A 58 3.51 -0.94 -7.54
N GLN A 59 2.49 -1.78 -7.32
CA GLN A 59 1.36 -1.47 -6.44
C GLN A 59 1.84 -1.07 -5.03
N LEU A 60 2.73 -1.87 -4.42
CA LEU A 60 3.25 -1.59 -3.08
C LEU A 60 4.06 -0.29 -3.04
N ILE A 61 4.93 -0.04 -4.03
CA ILE A 61 5.68 1.23 -4.11
C ILE A 61 4.73 2.42 -4.38
N ALA A 62 3.66 2.26 -5.17
CA ALA A 62 2.65 3.28 -5.43
C ALA A 62 1.95 3.74 -4.14
N LEU A 63 1.39 2.79 -3.38
CA LEU A 63 0.74 3.06 -2.09
C LEU A 63 1.76 3.59 -1.07
N CYS A 64 2.98 3.06 -1.05
CA CYS A 64 4.06 3.58 -0.19
C CYS A 64 4.37 5.05 -0.52
N CYS A 65 4.47 5.41 -1.82
CA CYS A 65 4.69 6.77 -2.27
C CYS A 65 3.58 7.70 -1.77
N TYR A 66 2.31 7.33 -1.99
CA TYR A 66 1.15 8.08 -1.49
C TYR A 66 1.21 8.26 0.04
N HIS A 67 1.52 7.19 0.79
CA HIS A 67 1.69 7.24 2.24
C HIS A 67 2.80 8.25 2.64
N ALA A 68 4.03 8.02 2.16
CA ALA A 68 5.21 8.84 2.43
C ALA A 68 5.05 10.33 2.08
N LYS A 69 4.24 10.66 1.07
CA LYS A 69 3.91 12.03 0.64
C LYS A 69 3.32 12.85 1.80
N HIS A 70 2.38 12.22 2.51
CA HIS A 70 1.66 12.76 3.67
C HIS A 70 2.35 12.49 5.03
N CYS A 71 3.09 11.39 5.16
CA CYS A 71 3.77 10.97 6.40
C CYS A 71 4.88 11.95 6.86
N GLN A 72 5.17 11.92 8.16
CA GLN A 72 6.17 12.73 8.87
C GLN A 72 6.89 11.96 10.01
N GLU A 73 6.60 10.68 10.24
CA GLU A 73 7.21 9.87 11.31
C GLU A 73 8.70 9.57 11.01
N ASN A 74 9.62 9.95 11.90
CA ASN A 74 11.07 9.77 11.72
C ASN A 74 11.53 8.29 11.68
N LYS A 75 10.78 7.37 12.30
CA LYS A 75 11.05 5.93 12.42
C LYS A 75 9.83 5.07 12.01
N CYS A 76 9.06 5.52 11.01
CA CYS A 76 7.86 4.89 10.48
C CYS A 76 8.03 3.36 10.25
N PRO A 77 7.10 2.49 10.68
CA PRO A 77 7.22 1.04 10.55
C PRO A 77 7.23 0.51 9.11
N VAL A 78 6.68 1.25 8.13
CA VAL A 78 6.65 0.89 6.70
C VAL A 78 8.09 0.90 6.14
N PRO A 79 8.66 -0.24 5.69
CA PRO A 79 10.04 -0.35 5.22
C PRO A 79 10.51 0.71 4.21
N PHE A 80 9.75 0.90 3.13
CA PHE A 80 10.09 1.83 2.05
C PHE A 80 9.73 3.31 2.34
N CYS A 81 8.83 3.61 3.28
CA CYS A 81 8.35 4.96 3.62
C CYS A 81 9.51 5.96 3.79
N LEU A 82 10.38 5.73 4.79
CA LEU A 82 11.54 6.57 5.08
C LEU A 82 12.48 6.77 3.88
N ASN A 83 12.65 5.76 3.02
CA ASN A 83 13.45 5.90 1.79
C ASN A 83 12.77 6.90 0.85
N ILE A 84 11.45 6.79 0.63
CA ILE A 84 10.70 7.75 -0.18
C ILE A 84 10.83 9.15 0.42
N LYS A 85 10.59 9.33 1.73
CA LYS A 85 10.75 10.64 2.41
C LYS A 85 12.14 11.23 2.19
N HIS A 86 13.19 10.42 2.31
CA HIS A 86 14.58 10.82 2.06
C HIS A 86 14.77 11.30 0.61
N LYS A 87 14.29 10.54 -0.37
CA LYS A 87 14.31 10.88 -1.81
C LYS A 87 13.57 12.21 -2.08
N LEU A 88 12.38 12.40 -1.49
CA LEU A 88 11.59 13.64 -1.58
C LEU A 88 12.36 14.85 -1.04
N ARG A 89 13.10 14.72 0.07
CA ARG A 89 13.93 15.81 0.64
C ARG A 89 15.09 16.25 -0.27
N GLN A 90 15.47 15.47 -1.28
CA GLN A 90 16.53 15.84 -2.24
C GLN A 90 16.05 16.80 -3.36
N GLN A 91 14.75 17.09 -3.42
CA GLN A 91 14.10 17.96 -4.41
C GLN A 91 13.17 19.01 -3.77
N GLN A 92 12.59 19.90 -4.59
CA GLN A 92 11.66 20.96 -4.16
C GLN A 92 10.40 20.42 -3.47
N SER B 1 -14.16 -14.46 20.22
CA SER B 1 -12.99 -13.60 20.42
C SER B 1 -11.66 -14.24 19.98
N HIS B 2 -11.69 -15.51 19.55
CA HIS B 2 -10.52 -16.29 19.10
C HIS B 2 -9.91 -15.78 17.76
N MET B 3 -10.66 -14.98 16.99
CA MET B 3 -10.26 -14.38 15.72
C MET B 3 -10.92 -12.99 15.51
N ALA B 4 -10.38 -12.19 14.59
CA ALA B 4 -10.90 -10.87 14.26
C ALA B 4 -12.28 -10.93 13.55
N PRO B 5 -13.22 -10.01 13.85
CA PRO B 5 -14.55 -9.99 13.23
C PRO B 5 -14.51 -9.52 11.77
N GLU B 6 -14.07 -8.28 11.54
CA GLU B 6 -13.93 -7.58 10.26
C GLU B 6 -13.02 -6.34 10.42
N ASP B 7 -12.72 -5.65 9.32
CA ASP B 7 -11.93 -4.40 9.30
C ASP B 7 -12.48 -3.47 8.20
N PRO B 8 -12.99 -2.26 8.50
CA PRO B 8 -13.54 -1.33 7.51
C PRO B 8 -12.65 -1.05 6.28
N ASN B 9 -11.32 -1.10 6.44
CA ASN B 9 -10.35 -0.89 5.37
C ASN B 9 -10.26 -2.05 4.37
N GLU B 10 -10.71 -3.26 4.73
CA GLU B 10 -10.60 -4.47 3.89
C GLU B 10 -11.29 -4.35 2.52
N GLU B 11 -12.40 -3.61 2.45
CA GLU B 11 -13.16 -3.37 1.22
C GLU B 11 -12.32 -2.61 0.17
N ALA B 12 -11.46 -1.70 0.64
CA ALA B 12 -10.54 -0.95 -0.19
C ALA B 12 -9.33 -1.78 -0.65
N VAL B 13 -9.03 -2.90 0.03
CA VAL B 13 -7.96 -3.84 -0.36
C VAL B 13 -8.48 -4.73 -1.50
N SER B 14 -9.66 -5.35 -1.33
CA SER B 14 -10.29 -6.27 -2.29
C SER B 14 -10.34 -5.78 -3.74
N GLN B 15 -10.71 -4.52 -3.97
CA GLN B 15 -10.77 -3.93 -5.32
C GLN B 15 -9.39 -3.89 -6.03
N ILE B 16 -8.30 -3.88 -5.25
CA ILE B 16 -6.90 -3.91 -5.71
C ILE B 16 -6.45 -5.38 -5.82
N PHE B 17 -6.60 -6.14 -4.73
CA PHE B 17 -6.30 -7.58 -4.61
C PHE B 17 -7.10 -8.23 -3.45
N PRO B 18 -8.04 -9.16 -3.71
CA PRO B 18 -8.80 -9.85 -2.67
C PRO B 18 -7.98 -10.95 -1.98
N ASP B 19 -8.55 -11.59 -0.94
CA ASP B 19 -7.87 -12.69 -0.21
C ASP B 19 -7.87 -14.01 -1.01
N SER B 20 -8.76 -14.17 -1.98
CA SER B 20 -8.92 -15.36 -2.84
C SER B 20 -7.78 -15.55 -3.85
N VAL B 21 -7.39 -14.48 -4.56
CA VAL B 21 -6.31 -14.49 -5.59
C VAL B 21 -5.45 -13.23 -5.52
N MET B 22 -4.17 -13.35 -5.89
CA MET B 22 -3.22 -12.23 -5.96
C MET B 22 -3.43 -11.40 -7.24
N LEU B 23 -4.59 -10.75 -7.37
CA LEU B 23 -4.96 -9.89 -8.52
C LEU B 23 -3.96 -8.74 -8.76
N ALA B 24 -3.13 -8.44 -7.76
CA ALA B 24 -2.04 -7.46 -7.79
C ALA B 24 -1.09 -7.65 -9.00
N VAL B 25 -0.93 -8.88 -9.50
CA VAL B 25 -0.08 -9.21 -10.65
C VAL B 25 -0.68 -8.78 -12.01
N GLN B 26 -1.93 -8.33 -12.04
CA GLN B 26 -2.63 -7.87 -13.26
C GLN B 26 -3.40 -6.54 -13.13
N GLU B 27 -3.84 -6.16 -11.92
CA GLU B 27 -4.57 -4.91 -11.65
C GLU B 27 -3.65 -3.67 -11.68
N GLY B 28 -4.22 -2.48 -11.92
CA GLY B 28 -3.53 -1.18 -11.95
C GLY B 28 -4.17 -0.17 -10.97
N ILE B 29 -3.39 0.84 -10.53
CA ILE B 29 -3.80 1.86 -9.56
C ILE B 29 -3.50 3.26 -10.10
N ASP B 30 -4.54 4.10 -10.21
CA ASP B 30 -4.46 5.50 -10.65
C ASP B 30 -4.01 6.44 -9.51
N LEU B 31 -2.76 6.27 -9.05
CA LEU B 31 -2.09 7.02 -7.98
C LEU B 31 -2.27 8.56 -8.13
N LEU B 32 -2.35 9.03 -9.38
CA LEU B 32 -2.58 10.43 -9.81
C LEU B 32 -3.85 11.07 -9.21
N THR B 33 -4.74 10.28 -8.63
CA THR B 33 -5.98 10.68 -7.94
C THR B 33 -5.78 11.56 -6.70
N PHE B 34 -4.55 11.67 -6.18
CA PHE B 34 -4.18 12.49 -5.02
C PHE B 34 -4.48 14.01 -5.26
N PRO B 35 -4.60 14.84 -4.21
CA PRO B 35 -4.89 16.27 -4.35
C PRO B 35 -3.78 17.02 -5.12
N PRO B 36 -4.06 17.61 -6.30
CA PRO B 36 -3.07 18.30 -7.12
C PRO B 36 -2.71 19.70 -6.60
N ALA B 37 -1.77 20.37 -7.27
CA ALA B 37 -1.28 21.71 -6.98
C ALA B 37 -1.08 22.55 -8.27
N PRO B 38 -1.13 23.90 -8.21
CA PRO B 38 -0.97 24.78 -9.38
C PRO B 38 0.47 24.90 -9.92
N GLY B 39 1.47 24.27 -9.26
CA GLY B 39 2.89 24.31 -9.65
C GLY B 39 3.28 23.52 -10.90
N SER B 40 2.36 22.77 -11.53
CA SER B 40 2.62 21.98 -12.75
C SER B 40 2.89 22.89 -13.96
N PRO B 41 3.73 22.47 -14.93
CA PRO B 41 4.04 23.27 -16.11
C PRO B 41 2.91 23.30 -17.16
N GLU B 42 1.89 22.46 -17.01
CA GLU B 42 0.72 22.32 -17.89
C GLU B 42 -0.58 22.07 -17.12
N SER A 1 -17.02 11.19 -7.35
CA SER A 1 -15.88 11.52 -8.20
C SER A 1 -14.90 10.34 -8.35
N PRO A 2 -14.29 10.11 -9.53
CA PRO A 2 -13.31 9.06 -9.74
C PRO A 2 -12.01 9.33 -8.94
N GLN A 3 -11.64 10.61 -8.78
CA GLN A 3 -10.48 11.03 -7.98
C GLN A 3 -10.75 10.75 -6.50
N GLU A 4 -11.92 11.15 -5.99
CA GLU A 4 -12.30 10.92 -4.59
C GLU A 4 -12.37 9.43 -4.26
N SER A 5 -12.99 8.62 -5.13
CA SER A 5 -13.08 7.16 -4.97
C SER A 5 -11.69 6.53 -4.80
N ARG A 6 -10.73 6.95 -5.64
CA ARG A 6 -9.32 6.52 -5.57
C ARG A 6 -8.64 7.02 -4.31
N ARG A 7 -8.78 8.31 -3.95
CA ARG A 7 -8.23 8.92 -2.72
C ARG A 7 -8.67 8.16 -1.46
N LEU A 8 -9.95 7.79 -1.38
CA LEU A 8 -10.53 7.00 -0.28
C LEU A 8 -9.97 5.55 -0.30
N SER A 9 -9.93 4.90 -1.46
CA SER A 9 -9.37 3.55 -1.60
C SER A 9 -7.90 3.50 -1.16
N ILE A 10 -7.09 4.48 -1.60
CA ILE A 10 -5.68 4.66 -1.25
C ILE A 10 -5.51 4.78 0.28
N GLN A 11 -6.12 5.76 0.93
CA GLN A 11 -5.96 5.96 2.38
C GLN A 11 -6.46 4.75 3.21
N ARG A 12 -7.56 4.10 2.83
CA ARG A 12 -8.08 2.89 3.49
C ARG A 12 -7.04 1.76 3.40
N CYS A 13 -6.56 1.46 2.18
CA CYS A 13 -5.51 0.46 1.95
C CYS A 13 -4.25 0.78 2.77
N ILE A 14 -3.86 2.06 2.86
CA ILE A 14 -2.71 2.52 3.67
C ILE A 14 -2.90 2.24 5.18
N GLN A 15 -4.12 2.28 5.75
CA GLN A 15 -4.33 1.91 7.15
C GLN A 15 -3.94 0.43 7.37
N SER A 16 -4.36 -0.43 6.45
CA SER A 16 -4.05 -1.87 6.43
C SER A 16 -2.55 -2.13 6.25
N LEU A 17 -1.89 -1.32 5.40
CA LEU A 17 -0.45 -1.35 5.15
C LEU A 17 0.33 -1.08 6.45
N VAL A 18 -0.01 0.02 7.16
CA VAL A 18 0.60 0.36 8.45
C VAL A 18 0.43 -0.79 9.44
N HIS A 19 -0.80 -1.32 9.61
CA HIS A 19 -1.06 -2.47 10.48
C HIS A 19 -0.11 -3.64 10.16
N ALA A 20 -0.13 -4.14 8.92
CA ALA A 20 0.72 -5.26 8.49
C ALA A 20 2.24 -5.02 8.69
N CYS A 21 2.69 -3.77 8.68
CA CYS A 21 4.10 -3.39 8.91
C CYS A 21 4.48 -3.33 10.41
N GLN A 22 3.51 -3.34 11.34
CA GLN A 22 3.75 -3.28 12.80
C GLN A 22 3.19 -4.50 13.58
N CYS A 23 2.33 -5.31 12.96
CA CYS A 23 1.70 -6.50 13.53
C CYS A 23 2.76 -7.54 13.99
N ARG A 24 2.68 -7.91 15.28
CA ARG A 24 3.60 -8.82 15.98
C ARG A 24 3.49 -10.32 15.63
N ASN A 25 2.50 -10.73 14.84
CA ASN A 25 2.24 -12.14 14.50
C ASN A 25 1.82 -12.30 13.03
N ALA A 26 2.63 -12.99 12.22
CA ALA A 26 2.33 -13.27 10.80
C ALA A 26 1.04 -14.08 10.56
N ASN A 27 0.49 -14.72 11.61
CA ASN A 27 -0.73 -15.53 11.60
C ASN A 27 -2.01 -14.74 12.02
N CYS A 28 -1.93 -13.41 12.14
CA CYS A 28 -3.00 -12.50 12.55
C CYS A 28 -4.36 -12.77 11.88
N SER A 29 -5.44 -12.70 12.66
CA SER A 29 -6.82 -12.98 12.25
C SER A 29 -7.50 -11.82 11.48
N LEU A 30 -6.90 -10.63 11.42
CA LEU A 30 -7.44 -9.43 10.77
C LEU A 30 -7.42 -9.62 9.23
N PRO A 31 -8.57 -9.66 8.53
CA PRO A 31 -8.62 -9.88 7.08
C PRO A 31 -7.66 -9.03 6.24
N SER A 32 -7.53 -7.75 6.58
CA SER A 32 -6.65 -6.81 5.87
C SER A 32 -5.16 -7.14 6.05
N CYS A 33 -4.76 -7.60 7.25
CA CYS A 33 -3.40 -8.03 7.57
C CYS A 33 -3.07 -9.26 6.70
N GLN A 34 -3.95 -10.27 6.70
CA GLN A 34 -3.85 -11.48 5.87
C GLN A 34 -3.69 -11.12 4.38
N LYS A 35 -4.51 -10.22 3.84
CA LYS A 35 -4.43 -9.70 2.46
C LYS A 35 -3.06 -9.08 2.18
N MET A 36 -2.61 -8.16 3.05
CA MET A 36 -1.28 -7.51 2.94
C MET A 36 -0.14 -8.53 2.90
N LYS A 37 -0.18 -9.58 3.73
CA LYS A 37 0.88 -10.62 3.77
C LYS A 37 1.21 -11.21 2.41
N ARG A 38 0.25 -11.30 1.47
CA ARG A 38 0.48 -11.78 0.08
C ARG A 38 1.43 -10.85 -0.66
N VAL A 39 1.07 -9.57 -0.82
CA VAL A 39 1.90 -8.57 -1.52
C VAL A 39 3.22 -8.30 -0.80
N VAL A 40 3.25 -8.37 0.54
CA VAL A 40 4.47 -8.24 1.35
C VAL A 40 5.43 -9.40 1.01
N GLN A 41 4.93 -10.64 0.96
CA GLN A 41 5.71 -11.84 0.57
C GLN A 41 6.22 -11.74 -0.88
N HIS A 42 5.49 -11.05 -1.76
CA HIS A 42 5.88 -10.82 -3.15
C HIS A 42 7.07 -9.84 -3.24
N THR A 43 6.87 -8.57 -2.85
CA THR A 43 7.88 -7.51 -2.98
C THR A 43 9.23 -7.83 -2.33
N LYS A 44 9.26 -8.57 -1.21
CA LYS A 44 10.52 -8.97 -0.55
C LYS A 44 11.36 -10.02 -1.31
N GLY A 45 10.81 -10.65 -2.34
CA GLY A 45 11.48 -11.69 -3.14
C GLY A 45 11.36 -11.60 -4.66
N CYS A 46 10.65 -10.61 -5.21
CA CYS A 46 10.46 -10.42 -6.65
C CYS A 46 11.78 -10.32 -7.44
N LYS A 47 11.89 -11.12 -8.51
CA LYS A 47 13.06 -11.22 -9.40
C LYS A 47 13.23 -10.04 -10.36
N ARG A 48 12.24 -9.14 -10.48
CA ARG A 48 12.26 -7.97 -11.39
C ARG A 48 11.89 -6.63 -10.72
N LYS A 49 10.99 -6.64 -9.72
CA LYS A 49 10.51 -5.46 -8.97
C LYS A 49 10.02 -4.31 -9.89
N THR A 50 9.92 -3.10 -9.37
CA THR A 50 9.56 -1.88 -10.12
C THR A 50 10.56 -1.58 -11.26
N ASN A 51 11.82 -1.98 -11.11
CA ASN A 51 12.87 -1.84 -12.14
C ASN A 51 12.49 -2.56 -13.45
N GLY A 52 11.93 -3.77 -13.34
CA GLY A 52 11.44 -4.57 -14.46
C GLY A 52 9.96 -4.31 -14.82
N GLY A 53 9.27 -3.46 -14.06
CA GLY A 53 7.88 -3.05 -14.28
C GLY A 53 6.81 -3.94 -13.64
N CYS A 54 7.15 -4.72 -12.59
CA CYS A 54 6.23 -5.62 -11.89
C CYS A 54 4.99 -4.89 -11.32
N PRO A 55 3.74 -5.27 -11.68
CA PRO A 55 2.53 -4.63 -11.19
C PRO A 55 2.38 -4.60 -9.68
N VAL A 56 2.68 -5.70 -8.97
CA VAL A 56 2.53 -5.81 -7.50
C VAL A 56 3.43 -4.80 -6.81
N CYS A 57 4.72 -4.84 -7.09
CA CYS A 57 5.75 -3.96 -6.58
C CYS A 57 5.35 -2.50 -6.84
N LYS A 58 4.96 -2.13 -8.09
CA LYS A 58 4.49 -0.78 -8.43
C LYS A 58 3.31 -0.36 -7.56
N GLN A 59 2.28 -1.20 -7.42
CA GLN A 59 1.10 -0.93 -6.58
C GLN A 59 1.47 -0.71 -5.10
N LEU A 60 2.36 -1.54 -4.53
CA LEU A 60 2.85 -1.36 -3.16
C LEU A 60 3.62 -0.03 -3.04
N ILE A 61 4.62 0.21 -3.89
CA ILE A 61 5.41 1.45 -3.91
C ILE A 61 4.51 2.69 -4.08
N ALA A 62 3.46 2.64 -4.91
CA ALA A 62 2.49 3.73 -5.08
C ALA A 62 1.84 4.13 -3.74
N LEU A 63 1.27 3.15 -3.02
CA LEU A 63 0.65 3.34 -1.70
C LEU A 63 1.67 3.79 -0.65
N CYS A 64 2.86 3.16 -0.59
CA CYS A 64 3.96 3.58 0.29
C CYS A 64 4.38 5.03 0.02
N CYS A 65 4.41 5.45 -1.25
CA CYS A 65 4.73 6.80 -1.68
C CYS A 65 3.65 7.79 -1.25
N TYR A 66 2.37 7.47 -1.49
CA TYR A 66 1.24 8.32 -1.07
C TYR A 66 1.25 8.51 0.46
N HIS A 67 1.55 7.44 1.21
CA HIS A 67 1.74 7.50 2.66
C HIS A 67 2.91 8.44 3.01
N ALA A 68 4.12 8.17 2.51
CA ALA A 68 5.35 8.94 2.74
C ALA A 68 5.21 10.46 2.44
N LYS A 69 4.39 10.82 1.44
CA LYS A 69 4.07 12.20 1.03
C LYS A 69 3.55 13.03 2.22
N HIS A 70 2.59 12.47 2.96
CA HIS A 70 1.95 13.05 4.13
C HIS A 70 2.63 12.72 5.48
N CYS A 71 3.42 11.64 5.56
CA CYS A 71 4.09 11.19 6.78
C CYS A 71 5.14 12.19 7.33
N GLN A 72 5.55 11.98 8.58
CA GLN A 72 6.51 12.79 9.34
C GLN A 72 7.31 12.03 10.42
N GLU A 73 7.00 10.77 10.71
CA GLU A 73 7.70 9.97 11.73
C GLU A 73 9.12 9.56 11.29
N ASN A 74 10.13 9.92 12.07
CA ASN A 74 11.56 9.63 11.78
C ASN A 74 11.91 8.13 11.79
N LYS A 75 11.07 7.27 12.39
CA LYS A 75 11.24 5.80 12.51
C LYS A 75 9.92 5.05 12.22
N CYS A 76 9.18 5.47 11.18
CA CYS A 76 7.91 4.89 10.76
C CYS A 76 8.02 3.35 10.53
N PRO A 77 7.05 2.51 10.98
CA PRO A 77 7.12 1.06 10.84
C PRO A 77 7.11 0.54 9.40
N VAL A 78 6.55 1.29 8.44
CA VAL A 78 6.53 0.94 7.01
C VAL A 78 7.97 1.01 6.46
N PRO A 79 8.56 -0.09 5.95
CA PRO A 79 9.97 -0.09 5.49
C PRO A 79 10.23 0.81 4.28
N PHE A 80 9.27 0.89 3.35
CA PHE A 80 9.39 1.71 2.15
C PHE A 80 9.17 3.20 2.41
N CYS A 81 8.37 3.58 3.43
CA CYS A 81 8.05 4.97 3.79
C CYS A 81 9.32 5.83 3.89
N LEU A 82 10.18 5.50 4.87
CA LEU A 82 11.48 6.14 5.12
C LEU A 82 12.36 6.26 3.87
N ASN A 83 12.42 5.20 3.06
CA ASN A 83 13.16 5.17 1.81
C ASN A 83 12.59 6.22 0.82
N ILE A 84 11.27 6.26 0.63
CA ILE A 84 10.61 7.26 -0.21
C ILE A 84 10.91 8.69 0.31
N LYS A 85 10.82 8.95 1.63
CA LYS A 85 11.16 10.27 2.20
C LYS A 85 12.55 10.75 1.76
N HIS A 86 13.55 9.86 1.80
CA HIS A 86 14.91 10.15 1.33
C HIS A 86 14.91 10.53 -0.16
N LYS A 87 14.27 9.72 -1.02
CA LYS A 87 14.14 10.00 -2.47
C LYS A 87 13.47 11.35 -2.72
N LEU A 88 12.41 11.69 -1.97
CA LEU A 88 11.69 12.98 -2.03
C LEU A 88 12.60 14.16 -1.69
N ARG A 89 13.45 14.06 -0.66
CA ARG A 89 14.43 15.11 -0.27
C ARG A 89 15.58 15.24 -1.27
N GLN A 90 15.98 14.17 -1.94
CA GLN A 90 17.07 14.16 -2.94
C GLN A 90 16.74 14.94 -4.22
N GLN A 91 15.47 15.34 -4.43
CA GLN A 91 15.02 16.14 -5.58
C GLN A 91 15.58 17.57 -5.60
N GLN A 92 16.17 18.05 -4.49
CA GLN A 92 16.76 19.38 -4.32
C GLN A 92 17.75 19.75 -5.45
N SER B 1 -21.05 -17.00 11.23
CA SER B 1 -20.26 -18.24 11.15
C SER B 1 -18.78 -18.02 10.79
N HIS B 2 -18.40 -16.77 10.48
CA HIS B 2 -17.03 -16.36 10.15
C HIS B 2 -16.04 -16.61 11.32
N MET B 3 -14.83 -17.08 11.00
CA MET B 3 -13.76 -17.43 11.95
C MET B 3 -12.70 -16.32 12.15
N ALA B 4 -13.04 -15.10 11.74
CA ALA B 4 -12.22 -13.88 11.83
C ALA B 4 -13.07 -12.66 12.23
N PRO B 5 -12.46 -11.57 12.71
CA PRO B 5 -13.11 -10.29 12.92
C PRO B 5 -13.25 -9.63 11.52
N GLU B 6 -13.81 -8.45 11.50
CA GLU B 6 -13.94 -7.61 10.30
C GLU B 6 -13.17 -6.29 10.47
N ASP B 7 -12.96 -5.55 9.37
CA ASP B 7 -12.23 -4.29 9.35
C ASP B 7 -12.76 -3.38 8.22
N PRO B 8 -13.03 -2.08 8.45
CA PRO B 8 -13.62 -1.20 7.44
C PRO B 8 -12.72 -0.92 6.21
N ASN B 9 -11.43 -1.23 6.28
CA ASN B 9 -10.49 -1.05 5.18
C ASN B 9 -10.39 -2.28 4.26
N GLU B 10 -10.84 -3.47 4.69
CA GLU B 10 -10.69 -4.72 3.94
C GLU B 10 -11.31 -4.70 2.54
N GLU B 11 -12.40 -3.94 2.38
CA GLU B 11 -13.09 -3.75 1.10
C GLU B 11 -12.20 -3.00 0.09
N ALA B 12 -11.59 -1.90 0.53
CA ALA B 12 -10.66 -1.10 -0.28
C ALA B 12 -9.38 -1.87 -0.65
N VAL B 13 -8.98 -2.88 0.14
CA VAL B 13 -7.84 -3.76 -0.14
C VAL B 13 -8.25 -4.84 -1.15
N SER B 14 -9.37 -5.52 -0.92
CA SER B 14 -9.93 -6.60 -1.76
C SER B 14 -9.93 -6.30 -3.26
N GLN B 15 -10.37 -5.10 -3.67
CA GLN B 15 -10.39 -4.68 -5.08
C GLN B 15 -8.99 -4.61 -5.74
N ILE B 16 -7.94 -4.42 -4.93
CA ILE B 16 -6.52 -4.35 -5.33
C ILE B 16 -5.92 -5.76 -5.30
N PHE B 17 -6.07 -6.46 -4.16
CA PHE B 17 -5.66 -7.85 -3.90
C PHE B 17 -6.50 -8.48 -2.76
N PRO B 18 -7.39 -9.45 -3.08
CA PRO B 18 -8.19 -10.14 -2.07
C PRO B 18 -7.39 -11.24 -1.36
N ASP B 19 -7.99 -11.92 -0.39
CA ASP B 19 -7.32 -12.96 0.39
C ASP B 19 -7.13 -14.29 -0.36
N SER B 20 -8.04 -14.61 -1.29
CA SER B 20 -8.08 -15.86 -2.06
C SER B 20 -6.97 -16.01 -3.12
N VAL B 21 -6.64 -14.94 -3.85
CA VAL B 21 -5.64 -14.93 -4.94
C VAL B 21 -4.82 -13.64 -5.00
N MET B 22 -3.63 -13.70 -5.60
CA MET B 22 -2.75 -12.55 -5.83
C MET B 22 -3.22 -11.76 -7.07
N LEU B 23 -4.40 -11.14 -6.99
CA LEU B 23 -4.99 -10.33 -8.09
C LEU B 23 -4.09 -9.17 -8.53
N ALA B 24 -3.17 -8.72 -7.67
CA ALA B 24 -2.25 -7.62 -7.93
C ALA B 24 -1.47 -7.76 -9.26
N VAL B 25 -1.01 -8.95 -9.67
CA VAL B 25 -0.31 -9.14 -10.97
C VAL B 25 -1.24 -8.94 -12.20
N GLN B 26 -2.55 -8.80 -11.97
CA GLN B 26 -3.63 -8.61 -12.95
C GLN B 26 -4.34 -7.25 -12.79
N GLU B 27 -3.88 -6.39 -11.88
CA GLU B 27 -4.52 -5.11 -11.49
C GLU B 27 -3.53 -3.92 -11.47
N GLY B 28 -4.04 -2.71 -11.26
CA GLY B 28 -3.28 -1.45 -11.16
C GLY B 28 -4.03 -0.38 -10.36
N ILE B 29 -3.30 0.65 -9.92
CA ILE B 29 -3.82 1.79 -9.12
C ILE B 29 -3.50 3.09 -9.87
N ASP B 30 -4.52 3.82 -10.32
CA ASP B 30 -4.37 5.09 -11.06
C ASP B 30 -4.05 6.29 -10.14
N LEU B 31 -2.96 6.20 -9.38
CA LEU B 31 -2.49 7.26 -8.45
C LEU B 31 -2.35 8.62 -9.15
N LEU B 32 -2.04 8.61 -10.45
CA LEU B 32 -1.90 9.76 -11.37
C LEU B 32 -3.05 10.77 -11.30
N THR B 33 -4.22 10.36 -10.80
CA THR B 33 -5.42 11.18 -10.57
C THR B 33 -5.19 12.29 -9.52
N PHE B 34 -4.17 12.18 -8.67
CA PHE B 34 -3.84 13.13 -7.60
C PHE B 34 -3.61 14.58 -8.09
N PRO B 35 -3.87 15.61 -7.26
CA PRO B 35 -3.68 17.02 -7.62
C PRO B 35 -2.19 17.41 -7.75
N PRO B 36 -1.86 18.55 -8.39
CA PRO B 36 -0.46 19.02 -8.57
C PRO B 36 0.42 19.08 -7.31
N ALA B 37 -0.18 19.31 -6.14
CA ALA B 37 0.48 19.38 -4.84
C ALA B 37 -0.45 18.88 -3.70
N PRO B 38 0.08 18.36 -2.58
CA PRO B 38 -0.71 17.89 -1.44
C PRO B 38 -1.36 19.02 -0.61
N GLY B 39 -0.97 20.28 -0.85
CA GLY B 39 -1.47 21.48 -0.19
C GLY B 39 -0.96 22.76 -0.86
N SER B 40 -1.35 23.92 -0.33
CA SER B 40 -0.98 25.25 -0.84
C SER B 40 0.56 25.45 -0.88
N PRO B 41 1.18 25.65 -2.06
CA PRO B 41 2.63 25.81 -2.19
C PRO B 41 3.16 27.18 -1.73
N GLU B 42 2.29 28.17 -1.55
CA GLU B 42 2.63 29.54 -1.12
C GLU B 42 3.23 29.56 0.31
N SER A 1 -18.40 10.08 -6.02
CA SER A 1 -17.41 10.55 -6.99
C SER A 1 -16.29 9.52 -7.22
N PRO A 2 -15.77 9.38 -8.46
CA PRO A 2 -14.67 8.47 -8.76
C PRO A 2 -13.36 8.92 -8.10
N GLN A 3 -13.18 10.23 -7.88
CA GLN A 3 -12.01 10.77 -7.18
C GLN A 3 -12.12 10.52 -5.66
N GLU A 4 -13.31 10.74 -5.08
CA GLU A 4 -13.57 10.51 -3.65
C GLU A 4 -13.40 9.03 -3.27
N SER A 5 -14.11 8.12 -3.94
CA SER A 5 -14.01 6.66 -3.68
C SER A 5 -12.57 6.15 -3.78
N ARG A 6 -11.80 6.62 -4.77
CA ARG A 6 -10.37 6.33 -4.99
C ARG A 6 -9.53 6.81 -3.80
N ARG A 7 -9.64 8.09 -3.43
CA ARG A 7 -8.94 8.74 -2.31
C ARG A 7 -9.26 8.08 -0.96
N LEU A 8 -10.48 7.57 -0.77
CA LEU A 8 -10.89 6.84 0.43
C LEU A 8 -10.28 5.42 0.42
N SER A 9 -10.36 4.71 -0.71
CA SER A 9 -9.81 3.35 -0.85
C SER A 9 -8.29 3.30 -0.64
N ILE A 10 -7.53 4.20 -1.29
CA ILE A 10 -6.07 4.28 -1.16
C ILE A 10 -5.63 4.48 0.30
N GLN A 11 -6.21 5.44 1.03
CA GLN A 11 -5.88 5.66 2.45
C GLN A 11 -6.31 4.48 3.34
N ARG A 12 -7.50 3.91 3.14
CA ARG A 12 -7.99 2.73 3.90
C ARG A 12 -7.02 1.54 3.76
N CYS A 13 -6.57 1.24 2.55
CA CYS A 13 -5.56 0.20 2.34
C CYS A 13 -4.23 0.57 3.04
N ILE A 14 -3.82 1.83 2.99
CA ILE A 14 -2.62 2.34 3.69
C ILE A 14 -2.71 2.16 5.21
N GLN A 15 -3.87 2.32 5.85
CA GLN A 15 -4.00 2.02 7.30
C GLN A 15 -3.62 0.55 7.57
N SER A 16 -4.11 -0.37 6.75
CA SER A 16 -3.77 -1.80 6.83
C SER A 16 -2.31 -2.10 6.47
N LEU A 17 -1.71 -1.33 5.55
CA LEU A 17 -0.29 -1.43 5.20
C LEU A 17 0.57 -1.11 6.43
N VAL A 18 0.30 0.02 7.10
CA VAL A 18 1.00 0.43 8.33
C VAL A 18 0.87 -0.68 9.39
N HIS A 19 -0.35 -1.20 9.62
CA HIS A 19 -0.58 -2.32 10.55
C HIS A 19 0.33 -3.51 10.21
N ALA A 20 0.23 -4.06 8.99
CA ALA A 20 1.02 -5.20 8.55
C ALA A 20 2.54 -5.00 8.65
N CYS A 21 3.04 -3.76 8.52
CA CYS A 21 4.46 -3.44 8.65
C CYS A 21 4.98 -3.49 10.11
N GLN A 22 4.10 -3.50 11.11
CA GLN A 22 4.45 -3.60 12.55
C GLN A 22 3.86 -4.85 13.25
N CYS A 23 2.88 -5.53 12.63
CA CYS A 23 2.19 -6.72 13.10
C CYS A 23 3.18 -7.85 13.50
N ARG A 24 3.19 -8.17 14.80
CA ARG A 24 4.10 -9.14 15.46
C ARG A 24 3.85 -10.61 15.11
N ASN A 25 2.66 -10.95 14.60
CA ASN A 25 2.24 -12.32 14.27
C ASN A 25 1.81 -12.45 12.80
N ALA A 26 2.59 -13.17 11.99
CA ALA A 26 2.29 -13.43 10.57
C ALA A 26 0.92 -14.12 10.33
N ASN A 27 0.32 -14.74 11.35
CA ASN A 27 -0.97 -15.43 11.29
C ASN A 27 -2.19 -14.54 11.62
N CYS A 28 -2.00 -13.24 11.92
CA CYS A 28 -3.03 -12.24 12.26
C CYS A 28 -4.30 -12.38 11.40
N SER A 29 -5.39 -12.86 12.01
CA SER A 29 -6.67 -13.20 11.37
C SER A 29 -7.54 -12.04 10.88
N LEU A 30 -7.08 -10.79 11.02
CA LEU A 30 -7.78 -9.59 10.53
C LEU A 30 -7.93 -9.69 9.00
N PRO A 31 -9.14 -9.62 8.43
CA PRO A 31 -9.38 -9.75 6.99
C PRO A 31 -8.40 -8.97 6.10
N SER A 32 -8.10 -7.71 6.42
CA SER A 32 -7.16 -6.89 5.64
C SER A 32 -5.70 -7.33 5.77
N CYS A 33 -5.26 -7.66 7.00
CA CYS A 33 -3.90 -8.14 7.30
C CYS A 33 -3.62 -9.43 6.50
N GLN A 34 -4.58 -10.37 6.49
CA GLN A 34 -4.54 -11.61 5.69
C GLN A 34 -4.20 -11.34 4.22
N LYS A 35 -4.85 -10.37 3.55
CA LYS A 35 -4.55 -10.03 2.14
C LYS A 35 -3.14 -9.43 2.01
N MET A 36 -2.85 -8.41 2.82
CA MET A 36 -1.60 -7.64 2.84
C MET A 36 -0.36 -8.53 2.99
N LYS A 37 -0.42 -9.54 3.87
CA LYS A 37 0.67 -10.52 4.12
C LYS A 37 1.23 -11.12 2.84
N ARG A 38 0.38 -11.59 1.91
CA ARG A 38 0.81 -12.18 0.63
C ARG A 38 1.62 -11.20 -0.21
N VAL A 39 1.13 -9.97 -0.37
CA VAL A 39 1.77 -8.92 -1.19
C VAL A 39 3.07 -8.41 -0.59
N VAL A 40 3.14 -8.15 0.72
CA VAL A 40 4.41 -7.72 1.36
C VAL A 40 5.46 -8.83 1.27
N GLN A 41 5.07 -10.10 1.42
CA GLN A 41 5.95 -11.27 1.25
C GLN A 41 6.47 -11.40 -0.20
N HIS A 42 5.71 -10.92 -1.19
CA HIS A 42 6.13 -10.89 -2.60
C HIS A 42 7.25 -9.85 -2.79
N THR A 43 6.95 -8.56 -2.63
CA THR A 43 7.91 -7.47 -2.91
C THR A 43 9.25 -7.57 -2.16
N LYS A 44 9.25 -8.07 -0.90
CA LYS A 44 10.49 -8.22 -0.11
C LYS A 44 11.48 -9.28 -0.65
N GLY A 45 11.06 -10.14 -1.58
CA GLY A 45 11.87 -11.22 -2.16
C GLY A 45 11.77 -11.41 -3.69
N CYS A 46 11.01 -10.58 -4.40
CA CYS A 46 10.80 -10.68 -5.85
C CYS A 46 12.11 -10.62 -6.65
N LYS A 47 12.29 -11.60 -7.55
CA LYS A 47 13.43 -11.74 -8.46
C LYS A 47 13.43 -10.66 -9.57
N ARG A 48 12.29 -9.99 -9.80
CA ARG A 48 12.08 -8.94 -10.81
C ARG A 48 11.98 -7.55 -10.18
N LYS A 49 11.00 -7.34 -9.28
CA LYS A 49 10.66 -6.09 -8.60
C LYS A 49 10.42 -4.92 -9.57
N THR A 50 10.28 -3.70 -9.05
CA THR A 50 10.08 -2.47 -9.85
C THR A 50 11.24 -2.22 -10.82
N ASN A 51 12.46 -2.64 -10.47
CA ASN A 51 13.66 -2.56 -11.32
C ASN A 51 13.48 -3.31 -12.66
N GLY A 52 12.76 -4.44 -12.63
CA GLY A 52 12.42 -5.27 -13.79
C GLY A 52 10.99 -5.07 -14.31
N GLY A 53 10.24 -4.12 -13.75
CA GLY A 53 8.86 -3.78 -14.15
C GLY A 53 7.74 -4.64 -13.54
N CYS A 54 8.00 -5.37 -12.45
CA CYS A 54 7.02 -6.23 -11.77
C CYS A 54 5.75 -5.45 -11.32
N PRO A 55 4.55 -5.73 -11.87
CA PRO A 55 3.32 -5.01 -11.53
C PRO A 55 2.98 -5.04 -10.03
N VAL A 56 3.08 -6.21 -9.38
CA VAL A 56 2.77 -6.42 -7.96
C VAL A 56 3.55 -5.45 -7.07
N CYS A 57 4.87 -5.50 -7.12
CA CYS A 57 5.80 -4.66 -6.38
C CYS A 57 5.46 -3.17 -6.58
N LYS A 58 5.23 -2.75 -7.84
CA LYS A 58 4.82 -1.39 -8.21
C LYS A 58 3.52 -1.00 -7.50
N GLN A 59 2.48 -1.85 -7.52
CA GLN A 59 1.21 -1.55 -6.84
C GLN A 59 1.40 -1.34 -5.33
N LEU A 60 2.22 -2.17 -4.67
CA LEU A 60 2.50 -2.00 -3.24
C LEU A 60 3.23 -0.67 -2.96
N ILE A 61 4.30 -0.42 -3.72
CA ILE A 61 5.13 0.79 -3.64
C ILE A 61 4.33 2.06 -3.97
N ALA A 62 3.31 1.99 -4.84
CA ALA A 62 2.44 3.13 -5.15
C ALA A 62 1.77 3.69 -3.88
N LEU A 63 1.22 2.80 -3.05
CA LEU A 63 0.62 3.15 -1.76
C LEU A 63 1.70 3.62 -0.76
N CYS A 64 2.89 3.02 -0.79
CA CYS A 64 4.01 3.49 0.04
C CYS A 64 4.38 4.94 -0.30
N CYS A 65 4.38 5.30 -1.60
CA CYS A 65 4.64 6.66 -2.07
C CYS A 65 3.56 7.63 -1.58
N TYR A 66 2.27 7.29 -1.75
CA TYR A 66 1.14 8.10 -1.28
C TYR A 66 1.21 8.31 0.25
N HIS A 67 1.56 7.26 1.00
CA HIS A 67 1.77 7.34 2.46
C HIS A 67 2.90 8.32 2.78
N ALA A 68 4.11 8.08 2.25
CA ALA A 68 5.31 8.89 2.46
C ALA A 68 5.16 10.38 2.13
N LYS A 69 4.29 10.72 1.17
CA LYS A 69 3.96 12.10 0.77
C LYS A 69 3.43 12.91 1.96
N HIS A 70 2.54 12.30 2.73
CA HIS A 70 1.88 12.85 3.91
C HIS A 70 2.64 12.59 5.23
N CYS A 71 3.38 11.47 5.33
CA CYS A 71 4.14 11.08 6.52
C CYS A 71 5.30 12.04 6.85
N GLN A 72 5.72 12.04 8.13
CA GLN A 72 6.79 12.86 8.71
C GLN A 72 7.64 12.13 9.78
N GLU A 73 7.31 10.88 10.14
CA GLU A 73 8.04 10.09 11.15
C GLU A 73 9.40 9.62 10.63
N ASN A 74 10.50 10.02 11.27
CA ASN A 74 11.88 9.69 10.88
C ASN A 74 12.22 8.18 10.98
N LYS A 75 11.41 7.39 11.71
CA LYS A 75 11.60 5.94 11.96
C LYS A 75 10.31 5.11 11.74
N CYS A 76 9.48 5.54 10.79
CA CYS A 76 8.21 4.91 10.40
C CYS A 76 8.36 3.39 10.13
N PRO A 77 7.43 2.52 10.61
CA PRO A 77 7.52 1.07 10.43
C PRO A 77 7.44 0.58 8.97
N VAL A 78 6.83 1.36 8.06
CA VAL A 78 6.75 1.03 6.63
C VAL A 78 8.17 1.06 6.01
N PRO A 79 8.66 -0.03 5.37
CA PRO A 79 10.03 -0.10 4.87
C PRO A 79 10.37 0.92 3.77
N PHE A 80 9.51 1.06 2.76
CA PHE A 80 9.71 1.97 1.63
C PHE A 80 9.52 3.45 1.99
N CYS A 81 8.66 3.77 2.97
CA CYS A 81 8.30 5.11 3.41
C CYS A 81 9.51 6.06 3.51
N LEU A 82 10.43 5.77 4.44
CA LEU A 82 11.65 6.55 4.68
C LEU A 82 12.51 6.76 3.41
N ASN A 83 12.63 5.76 2.53
CA ASN A 83 13.35 5.91 1.27
C ASN A 83 12.65 6.95 0.39
N ILE A 84 11.33 6.82 0.21
CA ILE A 84 10.54 7.79 -0.56
C ILE A 84 10.69 9.20 0.03
N LYS A 85 10.55 9.38 1.36
CA LYS A 85 10.74 10.69 2.02
C LYS A 85 12.09 11.32 1.67
N HIS A 86 13.18 10.53 1.67
CA HIS A 86 14.52 11.00 1.26
C HIS A 86 14.52 11.42 -0.23
N LYS A 87 13.99 10.57 -1.11
CA LYS A 87 13.83 10.81 -2.56
C LYS A 87 13.01 12.08 -2.85
N LEU A 88 12.06 12.43 -1.98
CA LEU A 88 11.23 13.65 -2.04
C LEU A 88 11.99 14.88 -1.55
N ARG A 89 12.72 14.80 -0.43
CA ARG A 89 13.50 15.91 0.14
C ARG A 89 14.70 16.33 -0.72
N GLN A 90 15.34 15.39 -1.44
CA GLN A 90 16.50 15.70 -2.29
C GLN A 90 16.17 16.52 -3.56
N GLN A 91 14.88 16.67 -3.89
CA GLN A 91 14.40 17.47 -5.03
C GLN A 91 14.69 18.97 -4.89
N GLN A 92 14.95 19.44 -3.66
CA GLN A 92 15.32 20.82 -3.28
C GLN A 92 14.55 21.91 -4.03
N SER B 1 -6.85 -17.75 11.65
CA SER B 1 -6.59 -17.07 10.37
C SER B 1 -7.82 -16.38 9.77
N HIS B 2 -9.01 -16.74 10.24
CA HIS B 2 -10.31 -16.26 9.75
C HIS B 2 -11.38 -16.08 10.85
N MET B 3 -11.01 -16.22 12.12
CA MET B 3 -11.91 -16.13 13.29
C MET B 3 -12.27 -14.71 13.75
N ALA B 4 -11.80 -13.71 13.01
CA ALA B 4 -12.08 -12.28 13.23
C ALA B 4 -13.46 -11.87 12.65
N PRO B 5 -14.13 -10.84 13.19
CA PRO B 5 -15.43 -10.38 12.72
C PRO B 5 -15.35 -9.70 11.33
N GLU B 6 -14.89 -8.44 11.29
CA GLU B 6 -14.71 -7.60 10.09
C GLU B 6 -13.84 -6.36 10.42
N ASP B 7 -13.48 -5.58 9.40
CA ASP B 7 -12.75 -4.32 9.52
C ASP B 7 -13.15 -3.37 8.37
N PRO B 8 -13.13 -2.04 8.56
CA PRO B 8 -13.59 -1.09 7.55
C PRO B 8 -12.65 -0.94 6.34
N ASN B 9 -11.44 -1.52 6.38
CA ASN B 9 -10.47 -1.44 5.29
C ASN B 9 -10.55 -2.60 4.28
N GLU B 10 -11.19 -3.72 4.62
CA GLU B 10 -11.20 -4.91 3.76
C GLU B 10 -11.85 -4.70 2.40
N GLU B 11 -12.83 -3.78 2.36
CA GLU B 11 -13.54 -3.36 1.15
C GLU B 11 -12.63 -2.51 0.22
N ALA B 12 -11.64 -1.83 0.80
CA ALA B 12 -10.64 -1.02 0.10
C ALA B 12 -9.41 -1.85 -0.33
N VAL B 13 -9.03 -2.86 0.45
CA VAL B 13 -7.89 -3.75 0.17
C VAL B 13 -8.25 -4.78 -0.91
N SER B 14 -9.36 -5.50 -0.75
CA SER B 14 -9.80 -6.58 -1.66
C SER B 14 -9.97 -6.16 -3.12
N GLN B 15 -10.41 -4.92 -3.40
CA GLN B 15 -10.53 -4.43 -4.77
C GLN B 15 -9.16 -4.25 -5.47
N ILE B 16 -8.07 -4.11 -4.70
CA ILE B 16 -6.68 -4.02 -5.16
C ILE B 16 -6.07 -5.43 -5.24
N PHE B 17 -6.18 -6.19 -4.15
CA PHE B 17 -5.70 -7.57 -3.95
C PHE B 17 -6.55 -8.36 -2.92
N PRO B 18 -7.47 -9.24 -3.34
CA PRO B 18 -8.28 -10.06 -2.44
C PRO B 18 -7.51 -11.30 -1.94
N ASP B 19 -8.14 -12.13 -1.10
CA ASP B 19 -7.54 -13.36 -0.55
C ASP B 19 -7.51 -14.53 -1.56
N SER B 20 -8.36 -14.49 -2.59
CA SER B 20 -8.49 -15.53 -3.62
C SER B 20 -7.33 -15.57 -4.62
N VAL B 21 -6.93 -14.41 -5.15
CA VAL B 21 -5.86 -14.24 -6.15
C VAL B 21 -5.02 -12.98 -5.89
N MET B 22 -3.77 -12.96 -6.37
CA MET B 22 -2.89 -11.80 -6.29
C MET B 22 -3.19 -10.82 -7.44
N LEU B 23 -4.39 -10.22 -7.43
CA LEU B 23 -4.91 -9.27 -8.42
C LEU B 23 -3.95 -8.10 -8.72
N ALA B 24 -3.04 -7.78 -7.79
CA ALA B 24 -1.99 -6.77 -7.96
C ALA B 24 -1.10 -7.03 -9.20
N VAL B 25 -1.00 -8.29 -9.69
CA VAL B 25 -0.24 -8.63 -10.92
C VAL B 25 -0.95 -8.16 -12.21
N GLN B 26 -2.25 -7.84 -12.11
CA GLN B 26 -3.11 -7.37 -13.20
C GLN B 26 -3.53 -5.90 -13.05
N GLU B 27 -3.80 -5.46 -11.81
CA GLU B 27 -4.26 -4.11 -11.44
C GLU B 27 -3.23 -3.00 -11.72
N GLY B 28 -3.74 -1.78 -11.95
CA GLY B 28 -2.99 -0.54 -12.21
C GLY B 28 -3.62 0.62 -11.44
N ILE B 29 -3.21 0.80 -10.17
CA ILE B 29 -3.73 1.81 -9.24
C ILE B 29 -3.58 3.24 -9.78
N ASP B 30 -4.66 4.01 -9.73
CA ASP B 30 -4.79 5.41 -10.16
C ASP B 30 -4.07 6.43 -9.23
N LEU B 31 -2.82 6.15 -8.81
CA LEU B 31 -1.98 7.10 -8.05
C LEU B 31 -1.82 8.43 -8.83
N LEU B 32 -1.96 8.33 -10.15
CA LEU B 32 -2.06 9.34 -11.21
C LEU B 32 -3.08 10.45 -10.86
N THR B 33 -4.03 10.20 -9.95
CA THR B 33 -5.03 11.17 -9.45
C THR B 33 -4.43 12.38 -8.71
N PHE B 34 -3.16 12.33 -8.29
CA PHE B 34 -2.47 13.40 -7.54
C PHE B 34 -2.42 14.75 -8.31
N PRO B 35 -2.42 15.90 -7.60
CA PRO B 35 -2.37 17.23 -8.24
C PRO B 35 -0.97 17.55 -8.82
N PRO B 36 -0.87 18.43 -9.84
CA PRO B 36 0.39 18.82 -10.45
C PRO B 36 1.22 19.76 -9.57
N ALA B 37 2.49 19.98 -9.94
CA ALA B 37 3.41 20.89 -9.27
C ALA B 37 2.99 22.38 -9.41
N PRO B 38 3.39 23.28 -8.50
CA PRO B 38 3.06 24.71 -8.57
C PRO B 38 3.81 25.48 -9.68
N GLY B 39 4.83 24.86 -10.29
CA GLY B 39 5.65 25.41 -11.39
C GLY B 39 6.72 24.42 -11.86
N SER B 40 7.43 23.81 -10.90
CA SER B 40 8.46 22.79 -11.09
C SER B 40 8.50 21.83 -9.88
N PRO B 41 8.72 20.51 -10.06
CA PRO B 41 8.82 19.56 -8.96
C PRO B 41 10.14 19.70 -8.15
N GLU B 42 11.15 20.38 -8.71
CA GLU B 42 12.45 20.62 -8.06
C GLU B 42 12.35 21.61 -6.89
N SER A 1 -17.25 10.57 -8.88
CA SER A 1 -15.91 11.15 -8.89
C SER A 1 -14.82 10.07 -8.70
N PRO A 2 -14.36 9.40 -9.78
CA PRO A 2 -13.33 8.35 -9.74
C PRO A 2 -12.06 8.72 -8.96
N GLN A 3 -11.61 9.98 -9.05
CA GLN A 3 -10.43 10.49 -8.35
C GLN A 3 -10.62 10.44 -6.83
N GLU A 4 -11.78 10.89 -6.33
CA GLU A 4 -12.15 10.86 -4.92
C GLU A 4 -12.29 9.42 -4.41
N SER A 5 -13.05 8.55 -5.09
CA SER A 5 -13.18 7.15 -4.67
C SER A 5 -11.83 6.42 -4.63
N ARG A 6 -10.93 6.69 -5.60
CA ARG A 6 -9.56 6.17 -5.61
C ARG A 6 -8.78 6.68 -4.40
N ARG A 7 -8.77 7.99 -4.16
CA ARG A 7 -8.09 8.66 -3.03
C ARG A 7 -8.54 8.10 -1.67
N LEU A 8 -9.84 7.85 -1.51
CA LEU A 8 -10.43 7.23 -0.32
C LEU A 8 -9.98 5.77 -0.19
N SER A 9 -9.96 5.01 -1.28
CA SER A 9 -9.49 3.61 -1.31
C SER A 9 -8.00 3.51 -0.93
N ILE A 10 -7.17 4.41 -1.47
CA ILE A 10 -5.73 4.52 -1.18
C ILE A 10 -5.51 4.70 0.33
N GLN A 11 -6.02 5.77 0.94
CA GLN A 11 -5.83 6.03 2.38
C GLN A 11 -6.39 4.93 3.30
N ARG A 12 -7.49 4.27 2.91
CA ARG A 12 -8.07 3.13 3.64
C ARG A 12 -7.12 1.92 3.61
N CYS A 13 -6.70 1.48 2.42
CA CYS A 13 -5.74 0.37 2.28
C CYS A 13 -4.41 0.68 3.02
N ILE A 14 -3.97 1.94 3.04
CA ILE A 14 -2.79 2.39 3.77
C ILE A 14 -2.89 2.12 5.28
N GLN A 15 -4.09 2.12 5.89
CA GLN A 15 -4.23 1.76 7.32
C GLN A 15 -3.83 0.29 7.54
N SER A 16 -4.33 -0.60 6.68
CA SER A 16 -4.00 -2.03 6.66
C SER A 16 -2.52 -2.27 6.36
N LEU A 17 -1.92 -1.47 5.48
CA LEU A 17 -0.49 -1.50 5.15
C LEU A 17 0.36 -1.21 6.40
N VAL A 18 0.09 -0.11 7.11
CA VAL A 18 0.79 0.24 8.36
C VAL A 18 0.69 -0.90 9.35
N HIS A 19 -0.51 -1.43 9.60
CA HIS A 19 -0.72 -2.58 10.50
C HIS A 19 0.19 -3.76 10.10
N ALA A 20 0.09 -4.25 8.86
CA ALA A 20 0.90 -5.36 8.35
C ALA A 20 2.42 -5.13 8.49
N CYS A 21 2.89 -3.88 8.40
CA CYS A 21 4.31 -3.53 8.55
C CYS A 21 4.80 -3.53 10.01
N GLN A 22 3.91 -3.57 11.01
CA GLN A 22 4.24 -3.63 12.45
C GLN A 22 3.71 -4.88 13.17
N CYS A 23 2.82 -5.65 12.54
CA CYS A 23 2.22 -6.87 13.09
C CYS A 23 3.27 -7.97 13.34
N ARG A 24 3.37 -8.42 14.59
CA ARG A 24 4.30 -9.46 15.07
C ARG A 24 3.91 -10.89 14.64
N ASN A 25 2.74 -11.10 14.02
CA ASN A 25 2.23 -12.41 13.61
C ASN A 25 1.83 -12.45 12.13
N ALA A 26 2.55 -13.22 11.30
CA ALA A 26 2.24 -13.40 9.88
C ALA A 26 0.88 -14.09 9.63
N ASN A 27 0.24 -14.65 10.68
CA ASN A 27 -1.04 -15.36 10.66
C ASN A 27 -2.12 -14.66 11.53
N CYS A 28 -2.03 -13.33 11.68
CA CYS A 28 -2.95 -12.45 12.42
C CYS A 28 -4.43 -12.67 12.03
N SER A 29 -5.34 -12.39 12.96
CA SER A 29 -6.79 -12.58 12.79
C SER A 29 -7.52 -11.49 12.01
N LEU A 30 -6.93 -10.31 11.77
CA LEU A 30 -7.58 -9.21 11.04
C LEU A 30 -7.71 -9.58 9.55
N PRO A 31 -8.87 -9.39 8.90
CA PRO A 31 -9.06 -9.82 7.51
C PRO A 31 -8.14 -9.11 6.52
N SER A 32 -7.89 -7.81 6.73
CA SER A 32 -7.00 -7.03 5.84
C SER A 32 -5.53 -7.41 6.02
N CYS A 33 -5.08 -7.66 7.25
CA CYS A 33 -3.71 -8.08 7.59
C CYS A 33 -3.36 -9.36 6.83
N GLN A 34 -4.22 -10.38 6.92
CA GLN A 34 -4.11 -11.67 6.23
C GLN A 34 -3.79 -11.50 4.73
N LYS A 35 -4.56 -10.69 4.01
CA LYS A 35 -4.35 -10.46 2.57
C LYS A 35 -3.12 -9.58 2.29
N MET A 36 -2.90 -8.53 3.07
CA MET A 36 -1.74 -7.62 2.95
C MET A 36 -0.41 -8.36 3.11
N LYS A 37 -0.31 -9.32 4.05
CA LYS A 37 0.90 -10.14 4.27
C LYS A 37 1.41 -10.80 2.98
N ARG A 38 0.51 -11.31 2.12
CA ARG A 38 0.89 -11.93 0.83
C ARG A 38 1.67 -10.97 -0.07
N VAL A 39 1.12 -9.78 -0.39
CA VAL A 39 1.83 -8.79 -1.23
C VAL A 39 3.11 -8.26 -0.55
N VAL A 40 3.12 -8.10 0.78
CA VAL A 40 4.32 -7.70 1.55
C VAL A 40 5.43 -8.73 1.38
N GLN A 41 5.14 -10.02 1.56
CA GLN A 41 6.09 -11.12 1.35
C GLN A 41 6.53 -11.25 -0.12
N HIS A 42 5.70 -10.82 -1.09
CA HIS A 42 6.03 -10.81 -2.51
C HIS A 42 7.12 -9.76 -2.79
N THR A 43 6.81 -8.47 -2.62
CA THR A 43 7.74 -7.38 -2.98
C THR A 43 9.12 -7.46 -2.30
N LYS A 44 9.20 -7.93 -1.04
CA LYS A 44 10.48 -8.06 -0.33
C LYS A 44 11.42 -9.15 -0.87
N GLY A 45 10.95 -10.01 -1.79
CA GLY A 45 11.71 -11.12 -2.38
C GLY A 45 11.41 -11.42 -3.86
N CYS A 46 10.77 -10.50 -4.59
CA CYS A 46 10.39 -10.66 -6.00
C CYS A 46 11.58 -10.96 -6.92
N LYS A 47 11.34 -11.78 -7.96
CA LYS A 47 12.33 -12.18 -8.97
C LYS A 47 12.73 -11.04 -9.91
N ARG A 48 11.93 -9.96 -10.01
CA ARG A 48 12.24 -8.78 -10.85
C ARG A 48 11.89 -7.42 -10.23
N LYS A 49 10.90 -7.34 -9.33
CA LYS A 49 10.44 -6.11 -8.63
C LYS A 49 10.15 -4.95 -9.60
N THR A 50 10.07 -3.72 -9.08
CA THR A 50 9.87 -2.49 -9.87
C THR A 50 10.99 -2.25 -10.89
N ASN A 51 12.21 -2.77 -10.63
CA ASN A 51 13.36 -2.70 -11.54
C ASN A 51 13.04 -3.39 -12.89
N GLY A 52 12.42 -4.56 -12.85
CA GLY A 52 11.97 -5.32 -14.02
C GLY A 52 10.55 -4.98 -14.49
N GLY A 53 9.82 -4.15 -13.72
CA GLY A 53 8.48 -3.66 -14.04
C GLY A 53 7.31 -4.43 -13.42
N CYS A 54 7.54 -5.21 -12.35
CA CYS A 54 6.53 -6.01 -11.66
C CYS A 54 5.30 -5.18 -11.19
N PRO A 55 4.10 -5.38 -11.76
CA PRO A 55 2.89 -4.62 -11.40
C PRO A 55 2.52 -4.72 -9.91
N VAL A 56 2.73 -5.88 -9.29
CA VAL A 56 2.44 -6.15 -7.87
C VAL A 56 3.25 -5.20 -6.98
N CYS A 57 4.58 -5.30 -7.06
CA CYS A 57 5.54 -4.48 -6.33
C CYS A 57 5.26 -2.98 -6.51
N LYS A 58 5.09 -2.53 -7.77
CA LYS A 58 4.78 -1.13 -8.13
C LYS A 58 3.53 -0.64 -7.38
N GLN A 59 2.41 -1.37 -7.45
CA GLN A 59 1.17 -1.00 -6.76
C GLN A 59 1.29 -1.01 -5.22
N LEU A 60 2.12 -1.88 -4.64
CA LEU A 60 2.37 -1.85 -3.19
C LEU A 60 3.12 -0.56 -2.83
N ILE A 61 4.21 -0.28 -3.55
CA ILE A 61 5.06 0.92 -3.42
C ILE A 61 4.26 2.21 -3.71
N ALA A 62 3.26 2.18 -4.60
CA ALA A 62 2.39 3.33 -4.89
C ALA A 62 1.70 3.84 -3.60
N LEU A 63 1.11 2.93 -2.82
CA LEU A 63 0.48 3.23 -1.53
C LEU A 63 1.53 3.64 -0.49
N CYS A 64 2.70 2.99 -0.47
CA CYS A 64 3.81 3.39 0.41
C CYS A 64 4.24 4.85 0.12
N CYS A 65 4.31 5.24 -1.15
CA CYS A 65 4.64 6.58 -1.60
C CYS A 65 3.55 7.59 -1.18
N TYR A 66 2.28 7.28 -1.45
CA TYR A 66 1.15 8.13 -1.07
C TYR A 66 1.11 8.36 0.46
N HIS A 67 1.45 7.33 1.24
CA HIS A 67 1.60 7.40 2.69
C HIS A 67 2.76 8.35 3.06
N ALA A 68 3.98 8.06 2.56
CA ALA A 68 5.21 8.81 2.82
C ALA A 68 5.11 10.32 2.52
N LYS A 69 4.30 10.70 1.53
CA LYS A 69 4.02 12.09 1.13
C LYS A 69 3.52 12.92 2.32
N HIS A 70 2.58 12.34 3.06
CA HIS A 70 1.91 12.90 4.24
C HIS A 70 2.61 12.58 5.58
N CYS A 71 3.35 11.46 5.67
CA CYS A 71 4.04 10.99 6.88
C CYS A 71 5.14 11.95 7.38
N GLN A 72 5.43 11.92 8.68
CA GLN A 72 6.43 12.73 9.39
C GLN A 72 7.27 11.95 10.43
N GLU A 73 6.99 10.67 10.68
CA GLU A 73 7.73 9.83 11.64
C GLU A 73 9.13 9.44 11.11
N ASN A 74 10.19 9.85 11.80
CA ASN A 74 11.59 9.61 11.41
C ASN A 74 11.98 8.11 11.37
N LYS A 75 11.20 7.21 11.99
CA LYS A 75 11.43 5.76 12.09
C LYS A 75 10.14 4.93 11.84
N CYS A 76 9.31 5.37 10.90
CA CYS A 76 8.04 4.75 10.52
C CYS A 76 8.18 3.23 10.20
N PRO A 77 7.27 2.34 10.67
CA PRO A 77 7.38 0.89 10.46
C PRO A 77 7.27 0.43 8.99
N VAL A 78 6.64 1.21 8.11
CA VAL A 78 6.50 0.90 6.67
C VAL A 78 7.89 0.89 6.00
N PRO A 79 8.39 -0.25 5.47
CA PRO A 79 9.73 -0.38 4.89
C PRO A 79 10.15 0.72 3.90
N PHE A 80 9.33 0.99 2.89
CA PHE A 80 9.61 1.96 1.83
C PHE A 80 9.41 3.43 2.22
N CYS A 81 8.59 3.73 3.25
CA CYS A 81 8.22 5.08 3.70
C CYS A 81 9.44 6.04 3.76
N LEU A 82 10.38 5.77 4.66
CA LEU A 82 11.63 6.50 4.86
C LEU A 82 12.43 6.74 3.56
N ASN A 83 12.57 5.71 2.72
CA ASN A 83 13.26 5.80 1.44
C ASN A 83 12.54 6.80 0.50
N ILE A 84 11.21 6.73 0.41
CA ILE A 84 10.42 7.70 -0.36
C ILE A 84 10.64 9.12 0.18
N LYS A 85 10.60 9.35 1.51
CA LYS A 85 10.86 10.68 2.10
C LYS A 85 12.19 11.25 1.62
N HIS A 86 13.25 10.44 1.64
CA HIS A 86 14.59 10.83 1.15
C HIS A 86 14.55 11.26 -0.33
N LYS A 87 13.88 10.49 -1.20
CA LYS A 87 13.66 10.82 -2.62
C LYS A 87 12.91 12.16 -2.78
N LEU A 88 11.84 12.36 -2.00
CA LEU A 88 11.03 13.59 -1.98
C LEU A 88 11.85 14.84 -1.61
N ARG A 89 12.88 14.73 -0.76
CA ARG A 89 13.76 15.87 -0.42
C ARG A 89 14.68 16.30 -1.58
N GLN A 90 14.91 15.44 -2.57
CA GLN A 90 15.75 15.74 -3.75
C GLN A 90 15.06 16.67 -4.78
N GLN A 91 13.77 16.96 -4.61
CA GLN A 91 12.98 17.83 -5.50
C GLN A 91 13.42 19.31 -5.51
N GLN A 92 14.26 19.73 -4.55
CA GLN A 92 14.79 21.09 -4.40
C GLN A 92 16.32 21.10 -4.21
N SER B 1 -6.30 -18.60 13.15
CA SER B 1 -5.97 -17.96 11.86
C SER B 1 -6.88 -18.40 10.70
N HIS B 2 -7.72 -19.42 10.91
CA HIS B 2 -8.67 -19.97 9.93
C HIS B 2 -9.90 -19.07 9.66
N MET B 3 -10.10 -18.04 10.49
CA MET B 3 -11.22 -17.09 10.45
C MET B 3 -10.74 -15.64 10.70
N ALA B 4 -11.67 -14.68 10.55
CA ALA B 4 -11.44 -13.25 10.78
C ALA B 4 -12.74 -12.52 11.19
N PRO B 5 -12.69 -11.52 12.10
CA PRO B 5 -13.85 -10.75 12.53
C PRO B 5 -14.26 -9.71 11.47
N GLU B 6 -13.72 -8.49 11.51
CA GLU B 6 -13.96 -7.40 10.54
C GLU B 6 -12.86 -6.33 10.59
N ASP B 7 -12.87 -5.43 9.59
CA ASP B 7 -11.98 -4.28 9.41
C ASP B 7 -12.68 -3.29 8.46
N PRO B 8 -12.94 -2.02 8.83
CA PRO B 8 -13.64 -1.06 7.96
C PRO B 8 -12.87 -0.72 6.67
N ASN B 9 -11.55 -0.99 6.62
CA ASN B 9 -10.69 -0.77 5.47
C ASN B 9 -10.68 -1.95 4.46
N GLU B 10 -11.22 -3.12 4.82
CA GLU B 10 -11.17 -4.33 3.95
C GLU B 10 -11.85 -4.16 2.59
N GLU B 11 -12.85 -3.27 2.50
CA GLU B 11 -13.55 -2.97 1.25
C GLU B 11 -12.61 -2.32 0.23
N ALA B 12 -11.75 -1.40 0.69
CA ALA B 12 -10.73 -0.74 -0.11
C ALA B 12 -9.60 -1.72 -0.50
N VAL B 13 -9.21 -2.62 0.40
CA VAL B 13 -8.19 -3.66 0.14
C VAL B 13 -8.70 -4.64 -0.93
N SER B 14 -9.96 -5.07 -0.82
CA SER B 14 -10.61 -6.05 -1.71
C SER B 14 -10.53 -5.72 -3.20
N GLN B 15 -10.77 -4.47 -3.61
CA GLN B 15 -10.67 -4.08 -5.03
C GLN B 15 -9.23 -4.15 -5.60
N ILE B 16 -8.21 -4.15 -4.73
CA ILE B 16 -6.79 -4.25 -5.06
C ILE B 16 -6.38 -5.74 -5.06
N PHE B 17 -6.70 -6.47 -3.99
CA PHE B 17 -6.48 -7.91 -3.76
C PHE B 17 -7.48 -8.49 -2.71
N PRO B 18 -8.55 -9.20 -3.11
CA PRO B 18 -9.59 -9.72 -2.19
C PRO B 18 -9.25 -11.03 -1.48
N ASP B 19 -8.28 -11.79 -2.00
CA ASP B 19 -7.83 -13.08 -1.48
C ASP B 19 -6.28 -13.20 -1.60
N SER B 20 -5.70 -14.33 -1.20
CA SER B 20 -4.25 -14.60 -1.28
C SER B 20 -3.66 -14.53 -2.70
N VAL B 21 -4.50 -14.50 -3.75
CA VAL B 21 -4.13 -14.36 -5.16
C VAL B 21 -3.44 -13.02 -5.45
N MET B 22 -2.47 -13.03 -6.38
CA MET B 22 -1.73 -11.83 -6.80
C MET B 22 -2.52 -11.02 -7.83
N LEU B 23 -3.76 -10.61 -7.52
CA LEU B 23 -4.63 -9.83 -8.41
C LEU B 23 -3.97 -8.53 -8.92
N ALA B 24 -3.07 -7.94 -8.12
CA ALA B 24 -2.28 -6.77 -8.52
C ALA B 24 -1.46 -7.00 -9.81
N VAL B 25 -1.16 -8.26 -10.20
CA VAL B 25 -0.45 -8.58 -11.45
C VAL B 25 -1.27 -8.23 -12.71
N GLN B 26 -2.60 -8.06 -12.58
CA GLN B 26 -3.53 -7.70 -13.65
C GLN B 26 -4.34 -6.42 -13.36
N GLU B 27 -4.54 -6.06 -12.09
CA GLU B 27 -5.22 -4.82 -11.65
C GLU B 27 -4.30 -3.59 -11.85
N GLY B 28 -4.85 -2.37 -11.73
CA GLY B 28 -4.13 -1.11 -11.92
C GLY B 28 -4.64 0.06 -11.06
N ILE B 29 -4.08 0.25 -9.86
CA ILE B 29 -4.40 1.37 -8.95
C ILE B 29 -4.19 2.71 -9.70
N ASP B 30 -5.22 3.56 -9.72
CA ASP B 30 -5.22 4.88 -10.42
C ASP B 30 -4.42 5.96 -9.67
N LEU B 31 -3.12 5.71 -9.42
CA LEU B 31 -2.16 6.62 -8.76
C LEU B 31 -2.13 8.02 -9.40
N LEU B 32 -2.50 8.12 -10.68
CA LEU B 32 -2.62 9.35 -11.49
C LEU B 32 -3.51 10.43 -10.84
N THR B 33 -4.31 10.05 -9.84
CA THR B 33 -5.15 10.93 -9.01
C THR B 33 -4.34 11.98 -8.21
N PHE B 34 -3.04 11.71 -7.97
CA PHE B 34 -2.10 12.59 -7.26
C PHE B 34 -1.72 13.87 -8.08
N PRO B 35 -1.22 14.94 -7.43
CA PRO B 35 -0.80 16.15 -8.15
C PRO B 35 0.51 15.93 -8.94
N PRO B 36 0.70 16.55 -10.12
CA PRO B 36 1.90 16.40 -10.95
C PRO B 36 3.26 16.67 -10.28
N ALA B 37 4.29 16.26 -11.01
CA ALA B 37 5.71 16.42 -10.71
C ALA B 37 6.16 17.91 -10.70
N PRO B 38 7.20 18.29 -9.93
CA PRO B 38 7.71 19.66 -9.89
C PRO B 38 8.40 20.11 -11.19
N GLY B 39 8.82 19.16 -12.04
CA GLY B 39 9.48 19.40 -13.34
C GLY B 39 8.53 19.43 -14.55
N SER B 40 7.21 19.41 -14.34
CA SER B 40 6.17 19.43 -15.38
C SER B 40 6.31 20.66 -16.31
N PRO B 41 6.57 20.49 -17.62
CA PRO B 41 6.74 21.62 -18.55
C PRO B 41 5.43 22.33 -18.93
N GLU B 42 4.28 21.68 -18.74
CA GLU B 42 2.91 22.17 -19.02
C GLU B 42 2.81 23.01 -20.31
N SER A 1 -19.58 10.72 -3.93
CA SER A 1 -18.83 11.26 -5.08
C SER A 1 -17.75 10.28 -5.57
N PRO A 2 -17.54 10.14 -6.90
CA PRO A 2 -16.49 9.26 -7.44
C PRO A 2 -15.09 9.80 -7.12
N GLN A 3 -14.90 11.12 -7.06
CA GLN A 3 -13.61 11.73 -6.68
C GLN A 3 -13.25 11.37 -5.23
N GLU A 4 -14.24 11.34 -4.35
CA GLU A 4 -14.08 10.97 -2.93
C GLU A 4 -13.70 9.50 -2.81
N SER A 5 -14.53 8.56 -3.29
CA SER A 5 -14.27 7.11 -3.20
C SER A 5 -12.93 6.68 -3.80
N ARG A 6 -12.49 7.29 -4.91
CA ARG A 6 -11.20 7.01 -5.54
C ARG A 6 -10.03 7.42 -4.64
N ARG A 7 -9.97 8.67 -4.17
CA ARG A 7 -8.91 9.11 -3.25
C ARG A 7 -8.94 8.37 -1.91
N LEU A 8 -10.13 8.00 -1.43
CA LEU A 8 -10.28 7.22 -0.18
C LEU A 8 -9.76 5.79 -0.31
N SER A 9 -9.80 5.16 -1.50
CA SER A 9 -9.33 3.79 -1.74
C SER A 9 -7.85 3.64 -1.38
N ILE A 10 -7.03 4.59 -1.84
CA ILE A 10 -5.59 4.67 -1.60
C ILE A 10 -5.30 4.74 -0.09
N GLN A 11 -5.76 5.80 0.59
CA GLN A 11 -5.51 6.00 2.02
C GLN A 11 -6.07 4.88 2.91
N ARG A 12 -7.21 4.26 2.55
CA ARG A 12 -7.78 3.11 3.27
C ARG A 12 -6.83 1.91 3.19
N CYS A 13 -6.40 1.50 1.99
CA CYS A 13 -5.43 0.42 1.83
C CYS A 13 -4.11 0.71 2.58
N ILE A 14 -3.70 1.99 2.65
CA ILE A 14 -2.51 2.42 3.40
C ILE A 14 -2.66 2.21 4.93
N GLN A 15 -3.88 2.21 5.49
CA GLN A 15 -4.07 1.87 6.92
C GLN A 15 -3.65 0.41 7.16
N SER A 16 -4.12 -0.49 6.28
CA SER A 16 -3.78 -1.92 6.26
C SER A 16 -2.28 -2.15 6.08
N LEU A 17 -1.62 -1.33 5.24
CA LEU A 17 -0.17 -1.34 5.02
C LEU A 17 0.57 -1.06 6.34
N VAL A 18 0.24 0.05 7.01
CA VAL A 18 0.83 0.41 8.32
C VAL A 18 0.64 -0.73 9.33
N HIS A 19 -0.59 -1.25 9.49
CA HIS A 19 -0.89 -2.38 10.39
C HIS A 19 0.06 -3.56 10.13
N ALA A 20 0.05 -4.12 8.92
CA ALA A 20 0.88 -5.26 8.55
C ALA A 20 2.40 -5.03 8.75
N CYS A 21 2.87 -3.77 8.66
CA CYS A 21 4.28 -3.41 8.88
C CYS A 21 4.66 -3.34 10.38
N GLN A 22 3.71 -3.31 11.31
CA GLN A 22 3.93 -3.28 12.77
C GLN A 22 3.35 -4.50 13.52
N CYS A 23 2.49 -5.30 12.89
CA CYS A 23 1.85 -6.49 13.42
C CYS A 23 2.88 -7.56 13.85
N ARG A 24 2.91 -7.87 15.16
CA ARG A 24 3.83 -8.80 15.82
C ARG A 24 3.62 -10.29 15.54
N ASN A 25 2.55 -10.68 14.82
CA ASN A 25 2.21 -12.08 14.52
C ASN A 25 1.76 -12.27 13.06
N ALA A 26 2.58 -12.93 12.23
CA ALA A 26 2.27 -13.21 10.82
C ALA A 26 0.95 -14.00 10.60
N ASN A 27 0.41 -14.65 11.63
CA ASN A 27 -0.83 -15.42 11.60
C ASN A 27 -2.11 -14.59 11.88
N CYS A 28 -1.99 -13.27 12.12
CA CYS A 28 -3.09 -12.32 12.38
C CYS A 28 -4.24 -12.50 11.37
N SER A 29 -5.39 -12.98 11.85
CA SER A 29 -6.59 -13.33 11.07
C SER A 29 -7.40 -12.14 10.56
N LEU A 30 -6.98 -10.90 10.81
CA LEU A 30 -7.64 -9.68 10.34
C LEU A 30 -7.65 -9.65 8.80
N PRO A 31 -8.79 -9.46 8.12
CA PRO A 31 -8.86 -9.50 6.65
C PRO A 31 -7.91 -8.52 5.97
N SER A 32 -7.73 -7.33 6.53
CA SER A 32 -6.80 -6.30 6.03
C SER A 32 -5.33 -6.78 6.12
N CYS A 33 -4.92 -7.31 7.28
CA CYS A 33 -3.59 -7.85 7.55
C CYS A 33 -3.32 -9.06 6.61
N GLN A 34 -4.25 -10.03 6.57
CA GLN A 34 -4.23 -11.21 5.69
C GLN A 34 -3.92 -10.83 4.24
N LYS A 35 -4.73 -9.95 3.62
CA LYS A 35 -4.53 -9.47 2.26
C LYS A 35 -3.16 -8.81 2.07
N MET A 36 -2.82 -7.84 2.93
CA MET A 36 -1.53 -7.15 2.90
C MET A 36 -0.33 -8.09 2.98
N LYS A 37 -0.40 -9.16 3.80
CA LYS A 37 0.67 -10.15 3.93
C LYS A 37 1.06 -10.79 2.59
N ARG A 38 0.13 -10.99 1.64
CA ARG A 38 0.46 -11.54 0.31
C ARG A 38 1.46 -10.65 -0.44
N VAL A 39 1.12 -9.37 -0.65
CA VAL A 39 2.02 -8.42 -1.33
C VAL A 39 3.32 -8.17 -0.57
N VAL A 40 3.28 -8.14 0.78
CA VAL A 40 4.47 -8.00 1.64
C VAL A 40 5.42 -9.20 1.43
N GLN A 41 4.90 -10.43 1.51
CA GLN A 41 5.66 -11.67 1.28
C GLN A 41 6.23 -11.75 -0.15
N HIS A 42 5.54 -11.16 -1.13
CA HIS A 42 5.97 -11.09 -2.52
C HIS A 42 7.16 -10.12 -2.69
N THR A 43 6.97 -8.82 -2.43
CA THR A 43 8.00 -7.80 -2.63
C THR A 43 9.34 -8.08 -1.91
N LYS A 44 9.32 -8.70 -0.72
CA LYS A 44 10.56 -9.05 0.01
C LYS A 44 11.41 -10.17 -0.62
N GLY A 45 10.88 -10.90 -1.62
CA GLY A 45 11.57 -12.02 -2.28
C GLY A 45 11.42 -12.13 -3.81
N CYS A 46 10.70 -11.21 -4.46
CA CYS A 46 10.47 -11.20 -5.92
C CYS A 46 11.77 -11.19 -6.74
N LYS A 47 11.76 -11.93 -7.85
CA LYS A 47 12.86 -12.05 -8.83
C LYS A 47 12.99 -10.80 -9.72
N ARG A 48 12.03 -9.86 -9.67
CA ARG A 48 11.99 -8.63 -10.47
C ARG A 48 11.98 -7.36 -9.61
N LYS A 49 10.98 -7.19 -8.74
CA LYS A 49 10.71 -5.94 -8.00
C LYS A 49 10.51 -4.76 -8.98
N THR A 50 10.56 -3.52 -8.49
CA THR A 50 10.43 -2.30 -9.30
C THR A 50 11.44 -2.23 -10.44
N ASN A 51 12.73 -2.52 -10.17
CA ASN A 51 13.81 -2.50 -11.17
C ASN A 51 13.62 -3.51 -12.32
N GLY A 52 12.92 -4.62 -12.09
CA GLY A 52 12.60 -5.65 -13.09
C GLY A 52 11.26 -5.43 -13.79
N GLY A 53 10.46 -4.46 -13.33
CA GLY A 53 9.16 -4.07 -13.92
C GLY A 53 7.94 -4.86 -13.41
N CYS A 54 8.05 -5.55 -12.26
CA CYS A 54 6.97 -6.35 -11.67
C CYS A 54 5.74 -5.49 -11.29
N PRO A 55 4.55 -5.72 -11.90
CA PRO A 55 3.33 -4.95 -11.61
C PRO A 55 2.92 -4.96 -10.13
N VAL A 56 3.05 -6.12 -9.46
CA VAL A 56 2.72 -6.29 -8.03
C VAL A 56 3.56 -5.34 -7.19
N CYS A 57 4.88 -5.49 -7.20
CA CYS A 57 5.85 -4.67 -6.48
C CYS A 57 5.66 -3.17 -6.77
N LYS A 58 5.64 -2.76 -8.04
CA LYS A 58 5.45 -1.35 -8.45
C LYS A 58 4.19 -0.76 -7.82
N GLN A 59 3.05 -1.44 -7.93
CA GLN A 59 1.78 -0.97 -7.35
C GLN A 59 1.79 -0.95 -5.82
N LEU A 60 2.56 -1.84 -5.16
CA LEU A 60 2.75 -1.80 -3.72
C LEU A 60 3.50 -0.50 -3.35
N ILE A 61 4.61 -0.24 -4.04
CA ILE A 61 5.44 0.96 -3.87
C ILE A 61 4.64 2.25 -4.19
N ALA A 62 3.68 2.23 -5.11
CA ALA A 62 2.82 3.39 -5.40
C ALA A 62 2.09 3.88 -4.12
N LEU A 63 1.51 2.96 -3.34
CA LEU A 63 0.86 3.26 -2.06
C LEU A 63 1.90 3.67 -1.00
N CYS A 64 3.09 3.05 -0.99
CA CYS A 64 4.19 3.46 -0.10
C CYS A 64 4.62 4.91 -0.39
N CYS A 65 4.62 5.32 -1.66
CA CYS A 65 4.92 6.69 -2.09
C CYS A 65 3.84 7.66 -1.63
N TYR A 66 2.56 7.35 -1.85
CA TYR A 66 1.44 8.18 -1.39
C TYR A 66 1.48 8.35 0.14
N HIS A 67 1.82 7.30 0.87
CA HIS A 67 2.02 7.33 2.33
C HIS A 67 3.19 8.28 2.67
N ALA A 68 4.39 8.01 2.16
CA ALA A 68 5.62 8.78 2.38
C ALA A 68 5.49 10.29 2.07
N LYS A 69 4.65 10.66 1.09
CA LYS A 69 4.35 12.04 0.69
C LYS A 69 3.83 12.87 1.86
N HIS A 70 2.88 12.29 2.59
CA HIS A 70 2.19 12.87 3.76
C HIS A 70 2.86 12.56 5.11
N CYS A 71 3.58 11.44 5.23
CA CYS A 71 4.23 10.99 6.47
C CYS A 71 5.35 11.93 6.97
N GLN A 72 5.53 11.96 8.30
CA GLN A 72 6.50 12.77 9.05
C GLN A 72 7.17 11.99 10.21
N GLU A 73 6.85 10.72 10.41
CA GLU A 73 7.40 9.85 11.45
C GLU A 73 8.86 9.46 11.10
N ASN A 74 9.85 10.04 11.79
CA ASN A 74 11.29 9.82 11.56
C ASN A 74 11.73 8.34 11.56
N LYS A 75 10.99 7.45 12.24
CA LYS A 75 11.26 6.01 12.41
C LYS A 75 10.03 5.13 12.08
N CYS A 76 9.22 5.56 11.12
CA CYS A 76 7.99 4.91 10.64
C CYS A 76 8.14 3.37 10.45
N PRO A 77 7.18 2.54 10.92
CA PRO A 77 7.26 1.08 10.80
C PRO A 77 7.24 0.54 9.36
N VAL A 78 6.70 1.29 8.39
CA VAL A 78 6.67 0.91 6.96
C VAL A 78 8.12 0.90 6.42
N PRO A 79 8.62 -0.22 5.86
CA PRO A 79 10.02 -0.33 5.42
C PRO A 79 10.41 0.62 4.28
N PHE A 80 9.57 0.74 3.25
CA PHE A 80 9.83 1.58 2.09
C PHE A 80 9.64 3.09 2.35
N CYS A 81 8.73 3.47 3.26
CA CYS A 81 8.37 4.84 3.61
C CYS A 81 9.58 5.77 3.71
N LEU A 82 10.45 5.55 4.70
CA LEU A 82 11.65 6.36 4.96
C LEU A 82 12.60 6.47 3.74
N ASN A 83 12.74 5.39 2.95
CA ASN A 83 13.54 5.42 1.73
C ASN A 83 12.92 6.39 0.73
N ILE A 84 11.61 6.29 0.48
CA ILE A 84 10.88 7.22 -0.38
C ILE A 84 11.02 8.65 0.11
N LYS A 85 10.81 8.92 1.42
CA LYS A 85 10.97 10.27 2.01
C LYS A 85 12.34 10.87 1.68
N HIS A 86 13.41 10.08 1.82
CA HIS A 86 14.78 10.50 1.47
C HIS A 86 14.90 10.81 -0.03
N LYS A 87 14.44 9.90 -0.90
CA LYS A 87 14.40 10.05 -2.37
C LYS A 87 13.65 11.33 -2.79
N LEU A 88 12.54 11.66 -2.12
CA LEU A 88 11.73 12.87 -2.36
C LEU A 88 12.54 14.16 -2.13
N ARG A 89 13.37 14.23 -1.08
CA ARG A 89 14.23 15.40 -0.80
C ARG A 89 15.48 15.43 -1.69
N GLN A 90 15.96 14.26 -2.15
CA GLN A 90 17.12 14.13 -3.04
C GLN A 90 16.89 14.79 -4.42
N GLN A 91 15.64 15.04 -4.80
CA GLN A 91 15.24 15.76 -6.02
C GLN A 91 15.70 17.23 -6.02
N GLN A 92 16.00 17.80 -4.84
CA GLN A 92 16.44 19.17 -4.61
C GLN A 92 17.53 19.25 -3.53
N SER B 1 -14.01 -17.76 17.44
CA SER B 1 -12.80 -18.13 16.70
C SER B 1 -13.07 -18.92 15.39
N HIS B 2 -14.33 -19.28 15.14
CA HIS B 2 -14.78 -20.02 13.95
C HIS B 2 -14.64 -19.24 12.63
N MET B 3 -14.49 -17.91 12.68
CA MET B 3 -14.32 -17.01 11.54
C MET B 3 -13.41 -15.80 11.87
N ALA B 4 -13.00 -15.05 10.85
CA ALA B 4 -12.17 -13.85 10.99
C ALA B 4 -12.93 -12.66 11.61
N PRO B 5 -12.20 -11.63 12.09
CA PRO B 5 -12.75 -10.35 12.51
C PRO B 5 -13.05 -9.55 11.23
N GLU B 6 -13.55 -8.34 11.39
CA GLU B 6 -13.80 -7.39 10.29
C GLU B 6 -12.96 -6.10 10.47
N ASP B 7 -12.86 -5.29 9.43
CA ASP B 7 -12.09 -4.05 9.41
C ASP B 7 -12.66 -3.05 8.38
N PRO B 8 -12.80 -1.75 8.68
CA PRO B 8 -13.39 -0.78 7.74
C PRO B 8 -12.56 -0.49 6.49
N ASN B 9 -11.28 -0.87 6.46
CA ASN B 9 -10.37 -0.65 5.34
C ASN B 9 -10.25 -1.86 4.39
N GLU B 10 -10.73 -3.05 4.77
CA GLU B 10 -10.58 -4.30 4.00
C GLU B 10 -11.13 -4.22 2.57
N GLU B 11 -12.26 -3.52 2.42
CA GLU B 11 -12.97 -3.29 1.16
C GLU B 11 -12.08 -2.59 0.12
N ALA B 12 -11.28 -1.61 0.55
CA ALA B 12 -10.36 -0.88 -0.29
C ALA B 12 -9.12 -1.71 -0.70
N VAL B 13 -8.79 -2.78 0.05
CA VAL B 13 -7.66 -3.68 -0.26
C VAL B 13 -8.08 -4.74 -1.29
N SER B 14 -9.22 -5.40 -1.10
CA SER B 14 -9.74 -6.47 -1.97
C SER B 14 -9.82 -6.12 -3.46
N GLN B 15 -10.14 -4.87 -3.81
CA GLN B 15 -10.18 -4.42 -5.21
C GLN B 15 -8.78 -4.36 -5.87
N ILE B 16 -7.72 -4.22 -5.06
CA ILE B 16 -6.31 -4.18 -5.47
C ILE B 16 -5.72 -5.60 -5.47
N PHE B 17 -5.84 -6.31 -4.35
CA PHE B 17 -5.38 -7.68 -4.12
C PHE B 17 -6.23 -8.40 -3.03
N PRO B 18 -7.20 -9.26 -3.41
CA PRO B 18 -8.01 -10.01 -2.44
C PRO B 18 -7.21 -11.16 -1.82
N ASP B 19 -7.78 -11.83 -0.81
CA ASP B 19 -7.11 -12.94 -0.10
C ASP B 19 -6.93 -14.22 -0.95
N SER B 20 -7.75 -14.37 -2.01
CA SER B 20 -7.76 -15.55 -2.90
C SER B 20 -6.62 -15.57 -3.95
N VAL B 21 -6.34 -14.43 -4.60
CA VAL B 21 -5.32 -14.30 -5.67
C VAL B 21 -4.58 -12.96 -5.62
N MET B 22 -3.38 -12.90 -6.19
CA MET B 22 -2.58 -11.67 -6.30
C MET B 22 -3.02 -10.84 -7.53
N LEU B 23 -4.25 -10.33 -7.50
CA LEU B 23 -4.88 -9.52 -8.55
C LEU B 23 -4.03 -8.31 -9.00
N ALA B 24 -3.15 -7.80 -8.14
CA ALA B 24 -2.21 -6.71 -8.42
C ALA B 24 -1.23 -7.00 -9.59
N VAL B 25 -1.13 -8.27 -10.03
CA VAL B 25 -0.35 -8.66 -11.20
C VAL B 25 -1.03 -8.25 -12.52
N GLN B 26 -2.34 -7.94 -12.48
CA GLN B 26 -3.17 -7.56 -13.63
C GLN B 26 -4.02 -6.28 -13.48
N GLU B 27 -4.49 -5.91 -12.28
CA GLU B 27 -5.27 -4.67 -12.08
C GLU B 27 -4.41 -3.40 -12.14
N GLY B 28 -5.04 -2.22 -12.23
CA GLY B 28 -4.39 -0.91 -12.32
C GLY B 28 -4.87 0.10 -11.26
N ILE B 29 -4.04 0.41 -10.27
CA ILE B 29 -4.32 1.39 -9.20
C ILE B 29 -4.58 2.78 -9.80
N ASP B 30 -5.70 3.38 -9.41
CA ASP B 30 -6.19 4.72 -9.80
C ASP B 30 -5.41 5.90 -9.17
N LEU B 31 -4.08 5.82 -9.12
CA LEU B 31 -3.16 6.85 -8.57
C LEU B 31 -3.43 8.28 -9.09
N LEU B 32 -4.02 8.37 -10.29
CA LEU B 32 -4.47 9.60 -10.98
C LEU B 32 -5.38 10.49 -10.11
N THR B 33 -6.05 9.92 -9.10
CA THR B 33 -6.94 10.59 -8.15
C THR B 33 -6.25 11.58 -7.20
N PHE B 34 -4.90 11.55 -7.10
CA PHE B 34 -4.10 12.44 -6.25
C PHE B 34 -4.20 13.92 -6.66
N PRO B 35 -3.86 14.90 -5.79
CA PRO B 35 -3.94 16.32 -6.12
C PRO B 35 -2.91 16.71 -7.22
N PRO B 36 -3.19 17.74 -8.05
CA PRO B 36 -2.29 18.15 -9.13
C PRO B 36 -0.99 18.81 -8.63
N ALA B 37 -1.04 19.43 -7.44
CA ALA B 37 0.09 20.06 -6.74
C ALA B 37 -0.18 20.07 -5.22
N PRO B 38 0.85 20.02 -4.35
CA PRO B 38 0.66 20.04 -2.89
C PRO B 38 0.10 21.38 -2.36
N GLY B 39 0.23 22.47 -3.13
CA GLY B 39 -0.28 23.81 -2.81
C GLY B 39 -1.57 24.19 -3.56
N SER B 40 -2.20 23.24 -4.28
CA SER B 40 -3.44 23.48 -5.03
C SER B 40 -4.63 23.81 -4.10
N PRO B 41 -5.44 24.84 -4.40
CA PRO B 41 -6.61 25.20 -3.59
C PRO B 41 -7.80 24.23 -3.78
N GLU B 42 -7.76 23.37 -4.81
CA GLU B 42 -8.79 22.38 -5.19
C GLU B 42 -10.23 22.85 -4.98
N SER A 1 -18.01 13.55 -6.48
CA SER A 1 -16.56 13.77 -6.41
C SER A 1 -15.78 12.44 -6.46
N PRO A 2 -15.47 11.87 -7.66
CA PRO A 2 -14.72 10.61 -7.76
C PRO A 2 -13.31 10.71 -7.18
N GLN A 3 -12.72 11.91 -7.12
CA GLN A 3 -11.41 12.17 -6.52
C GLN A 3 -11.41 11.77 -5.03
N GLU A 4 -12.47 12.14 -4.31
CA GLU A 4 -12.68 11.78 -2.90
C GLU A 4 -12.76 10.25 -2.75
N SER A 5 -13.59 9.58 -3.57
CA SER A 5 -13.75 8.12 -3.59
C SER A 5 -12.41 7.40 -3.79
N ARG A 6 -11.62 7.80 -4.80
CA ARG A 6 -10.29 7.22 -5.08
C ARG A 6 -9.32 7.44 -3.91
N ARG A 7 -9.24 8.67 -3.39
CA ARG A 7 -8.42 9.04 -2.21
C ARG A 7 -8.84 8.26 -0.95
N LEU A 8 -10.11 7.86 -0.83
CA LEU A 8 -10.59 7.04 0.28
C LEU A 8 -10.09 5.58 0.10
N SER A 9 -10.30 4.96 -1.06
CA SER A 9 -9.83 3.59 -1.34
C SER A 9 -8.32 3.43 -1.11
N ILE A 10 -7.50 4.32 -1.66
CA ILE A 10 -6.03 4.29 -1.49
C ILE A 10 -5.62 4.43 -0.01
N GLN A 11 -6.15 5.40 0.74
CA GLN A 11 -5.80 5.59 2.15
C GLN A 11 -6.26 4.42 3.05
N ARG A 12 -7.41 3.80 2.76
CA ARG A 12 -7.93 2.62 3.48
C ARG A 12 -6.95 1.46 3.38
N CYS A 13 -6.53 1.11 2.16
CA CYS A 13 -5.51 0.06 1.94
C CYS A 13 -4.17 0.41 2.64
N ILE A 14 -3.80 1.70 2.67
CA ILE A 14 -2.58 2.17 3.37
C ILE A 14 -2.66 1.93 4.88
N GLN A 15 -3.85 1.92 5.51
CA GLN A 15 -3.97 1.57 6.94
C GLN A 15 -3.50 0.13 7.16
N SER A 16 -3.95 -0.79 6.30
CA SER A 16 -3.57 -2.21 6.30
C SER A 16 -2.06 -2.37 6.05
N LEU A 17 -1.48 -1.59 5.13
CA LEU A 17 -0.05 -1.55 4.84
C LEU A 17 0.76 -1.21 6.10
N VAL A 18 0.43 -0.12 6.79
CA VAL A 18 1.07 0.28 8.05
C VAL A 18 0.96 -0.83 9.08
N HIS A 19 -0.25 -1.35 9.34
CA HIS A 19 -0.49 -2.43 10.29
C HIS A 19 0.40 -3.65 10.00
N ALA A 20 0.34 -4.20 8.79
CA ALA A 20 1.15 -5.35 8.37
C ALA A 20 2.67 -5.15 8.52
N CYS A 21 3.17 -3.90 8.39
CA CYS A 21 4.58 -3.57 8.58
C CYS A 21 5.03 -3.56 10.06
N GLN A 22 4.10 -3.56 11.03
CA GLN A 22 4.38 -3.57 12.48
C GLN A 22 3.82 -4.82 13.21
N CYS A 23 2.86 -5.53 12.62
CA CYS A 23 2.22 -6.73 13.18
C CYS A 23 3.23 -7.89 13.34
N ARG A 24 3.44 -8.31 14.59
CA ARG A 24 4.40 -9.34 15.02
C ARG A 24 4.03 -10.79 14.65
N ASN A 25 2.75 -11.07 14.34
CA ASN A 25 2.23 -12.41 14.06
C ASN A 25 1.47 -12.49 12.72
N ALA A 26 2.02 -13.22 11.74
CA ALA A 26 1.38 -13.43 10.43
C ALA A 26 -0.03 -14.09 10.49
N ASN A 27 -0.39 -14.70 11.63
CA ASN A 27 -1.68 -15.36 11.89
C ASN A 27 -2.74 -14.41 12.49
N CYS A 28 -2.47 -13.09 12.59
CA CYS A 28 -3.34 -12.03 13.11
C CYS A 28 -4.77 -12.15 12.54
N SER A 29 -5.77 -12.04 13.42
CA SER A 29 -7.20 -12.21 13.11
C SER A 29 -7.85 -11.13 12.23
N LEU A 30 -7.16 -10.04 11.87
CA LEU A 30 -7.68 -8.97 11.03
C LEU A 30 -7.69 -9.40 9.54
N PRO A 31 -8.86 -9.46 8.86
CA PRO A 31 -8.96 -9.85 7.44
C PRO A 31 -7.99 -9.11 6.50
N SER A 32 -7.81 -7.80 6.69
CA SER A 32 -6.93 -6.98 5.85
C SER A 32 -5.43 -7.22 6.11
N CYS A 33 -5.04 -7.52 7.36
CA CYS A 33 -3.67 -7.88 7.75
C CYS A 33 -3.24 -9.17 7.02
N GLN A 34 -4.07 -10.21 7.10
CA GLN A 34 -3.91 -11.51 6.43
C GLN A 34 -3.57 -11.34 4.93
N LYS A 35 -4.38 -10.54 4.21
CA LYS A 35 -4.19 -10.22 2.79
C LYS A 35 -2.86 -9.48 2.56
N MET A 36 -2.65 -8.37 3.29
CA MET A 36 -1.44 -7.53 3.19
C MET A 36 -0.12 -8.26 3.52
N LYS A 37 -0.13 -9.29 4.37
CA LYS A 37 1.07 -10.11 4.68
C LYS A 37 1.69 -10.69 3.40
N ARG A 38 0.85 -11.23 2.49
CA ARG A 38 1.30 -11.76 1.18
C ARG A 38 1.93 -10.67 0.31
N VAL A 39 1.35 -9.47 0.32
CA VAL A 39 1.80 -8.27 -0.41
C VAL A 39 3.21 -7.86 0.02
N VAL A 40 3.44 -7.57 1.30
CA VAL A 40 4.78 -7.19 1.80
C VAL A 40 5.82 -8.30 1.59
N GLN A 41 5.43 -9.58 1.74
CA GLN A 41 6.28 -10.75 1.48
C GLN A 41 6.66 -10.90 -0.01
N HIS A 42 5.88 -10.35 -0.94
CA HIS A 42 6.20 -10.41 -2.38
C HIS A 42 7.40 -9.52 -2.72
N THR A 43 7.26 -8.20 -2.57
CA THR A 43 8.31 -7.22 -2.93
C THR A 43 9.68 -7.50 -2.30
N LYS A 44 9.72 -7.97 -1.04
CA LYS A 44 10.99 -8.27 -0.33
C LYS A 44 11.75 -9.50 -0.88
N GLY A 45 11.14 -10.30 -1.76
CA GLY A 45 11.72 -11.51 -2.36
C GLY A 45 11.48 -11.69 -3.87
N CYS A 46 10.93 -10.68 -4.56
CA CYS A 46 10.63 -10.73 -5.99
C CYS A 46 11.89 -10.98 -6.86
N LYS A 47 11.71 -11.76 -7.92
CA LYS A 47 12.76 -12.15 -8.89
C LYS A 47 13.20 -10.99 -9.79
N ARG A 48 12.42 -9.91 -9.90
CA ARG A 48 12.74 -8.72 -10.73
C ARG A 48 12.35 -7.36 -10.15
N LYS A 49 11.36 -7.28 -9.23
CA LYS A 49 10.87 -6.05 -8.58
C LYS A 49 10.47 -4.94 -9.57
N THR A 50 10.30 -3.71 -9.08
CA THR A 50 10.04 -2.51 -9.89
C THR A 50 11.17 -2.23 -10.89
N ASN A 51 12.41 -2.65 -10.60
CA ASN A 51 13.57 -2.53 -11.48
C ASN A 51 13.35 -3.24 -12.82
N GLY A 52 12.83 -4.48 -12.78
CA GLY A 52 12.49 -5.27 -13.97
C GLY A 52 11.07 -5.01 -14.51
N GLY A 53 10.26 -4.25 -13.78
CA GLY A 53 8.90 -3.84 -14.16
C GLY A 53 7.74 -4.66 -13.58
N CYS A 54 7.95 -5.39 -12.47
CA CYS A 54 6.93 -6.21 -11.81
C CYS A 54 5.66 -5.39 -11.46
N PRO A 55 4.48 -5.67 -12.06
CA PRO A 55 3.25 -4.91 -11.83
C PRO A 55 2.84 -4.80 -10.36
N VAL A 56 2.82 -5.93 -9.62
CA VAL A 56 2.47 -5.99 -8.19
C VAL A 56 3.41 -5.14 -7.34
N CYS A 57 4.74 -5.27 -7.51
CA CYS A 57 5.70 -4.43 -6.80
C CYS A 57 5.41 -2.94 -7.07
N LYS A 58 5.22 -2.54 -8.33
CA LYS A 58 4.87 -1.16 -8.71
C LYS A 58 3.60 -0.70 -7.98
N GLN A 59 2.53 -1.50 -7.97
CA GLN A 59 1.30 -1.17 -7.27
C GLN A 59 1.52 -0.97 -5.76
N LEU A 60 2.31 -1.84 -5.12
CA LEU A 60 2.64 -1.73 -3.69
C LEU A 60 3.46 -0.46 -3.40
N ILE A 61 4.50 -0.20 -4.20
CA ILE A 61 5.34 1.01 -4.09
C ILE A 61 4.51 2.28 -4.32
N ALA A 62 3.48 2.25 -5.18
CA ALA A 62 2.57 3.39 -5.38
C ALA A 62 1.90 3.81 -4.06
N LEU A 63 1.38 2.85 -3.28
CA LEU A 63 0.78 3.09 -1.96
C LEU A 63 1.85 3.54 -0.94
N CYS A 64 3.05 2.94 -0.95
CA CYS A 64 4.16 3.37 -0.10
C CYS A 64 4.52 4.85 -0.37
N CYS A 65 4.55 5.25 -1.64
CA CYS A 65 4.79 6.62 -2.09
C CYS A 65 3.67 7.57 -1.64
N TYR A 66 2.40 7.22 -1.90
CA TYR A 66 1.23 8.00 -1.48
C TYR A 66 1.20 8.20 0.04
N HIS A 67 1.59 7.18 0.81
CA HIS A 67 1.74 7.26 2.27
C HIS A 67 2.88 8.24 2.62
N ALA A 68 4.10 7.98 2.15
CA ALA A 68 5.31 8.80 2.40
C ALA A 68 5.17 10.29 2.06
N LYS A 69 4.36 10.63 1.04
CA LYS A 69 4.05 11.99 0.61
C LYS A 69 3.46 12.82 1.76
N HIS A 70 2.52 12.22 2.49
CA HIS A 70 1.80 12.80 3.62
C HIS A 70 2.49 12.55 4.98
N CYS A 71 3.26 11.45 5.12
CA CYS A 71 3.97 11.07 6.34
C CYS A 71 5.12 12.04 6.69
N GLN A 72 5.61 11.94 7.93
CA GLN A 72 6.69 12.74 8.52
C GLN A 72 7.45 12.05 9.68
N GLU A 73 7.05 10.85 10.11
CA GLU A 73 7.68 10.10 11.19
C GLU A 73 9.08 9.60 10.76
N ASN A 74 10.15 10.07 11.43
CA ASN A 74 11.54 9.72 11.11
C ASN A 74 11.87 8.21 11.27
N LYS A 75 11.04 7.45 11.98
CA LYS A 75 11.20 6.01 12.28
C LYS A 75 9.95 5.17 11.97
N CYS A 76 9.15 5.59 10.97
CA CYS A 76 7.92 4.94 10.52
C CYS A 76 8.13 3.43 10.27
N PRO A 77 7.22 2.53 10.72
CA PRO A 77 7.39 1.08 10.60
C PRO A 77 7.40 0.55 9.15
N VAL A 78 6.83 1.27 8.19
CA VAL A 78 6.83 0.92 6.76
C VAL A 78 8.26 1.09 6.22
N PRO A 79 8.93 0.02 5.71
CA PRO A 79 10.33 0.11 5.27
C PRO A 79 10.54 1.04 4.06
N PHE A 80 9.60 1.02 3.12
CA PHE A 80 9.65 1.86 1.91
C PHE A 80 9.33 3.34 2.18
N CYS A 81 8.52 3.65 3.20
CA CYS A 81 8.12 5.01 3.57
C CYS A 81 9.34 5.93 3.70
N LEU A 82 10.20 5.66 4.70
CA LEU A 82 11.43 6.39 4.98
C LEU A 82 12.34 6.55 3.77
N ASN A 83 12.48 5.50 2.96
CA ASN A 83 13.26 5.52 1.72
C ASN A 83 12.68 6.56 0.74
N ILE A 84 11.37 6.52 0.47
CA ILE A 84 10.69 7.52 -0.37
C ILE A 84 10.85 8.92 0.24
N LYS A 85 10.62 9.12 1.55
CA LYS A 85 10.81 10.42 2.22
C LYS A 85 12.20 10.99 1.95
N HIS A 86 13.25 10.17 2.10
CA HIS A 86 14.64 10.54 1.81
C HIS A 86 14.80 11.00 0.35
N LYS A 87 14.30 10.22 -0.62
CA LYS A 87 14.30 10.55 -2.06
C LYS A 87 13.61 11.89 -2.33
N LEU A 88 12.45 12.13 -1.72
CA LEU A 88 11.67 13.38 -1.81
C LEU A 88 12.49 14.62 -1.38
N ARG A 89 13.39 14.50 -0.39
CA ARG A 89 14.27 15.61 0.06
C ARG A 89 15.41 15.93 -0.93
N GLN A 90 15.71 15.04 -1.89
CA GLN A 90 16.76 15.25 -2.90
C GLN A 90 16.31 16.10 -4.10
N GLN A 91 15.01 16.44 -4.21
CA GLN A 91 14.42 17.24 -5.29
C GLN A 91 14.96 18.69 -5.31
N GLN A 92 14.78 19.38 -6.45
CA GLN A 92 15.19 20.77 -6.66
C GLN A 92 14.49 21.74 -5.70
N SER B 1 -10.69 -19.37 18.53
CA SER B 1 -11.68 -20.45 18.51
C SER B 1 -12.75 -20.28 17.43
N HIS B 2 -12.72 -19.18 16.68
CA HIS B 2 -13.65 -18.84 15.59
C HIS B 2 -12.96 -18.06 14.45
N MET B 3 -13.67 -17.86 13.34
CA MET B 3 -13.21 -17.11 12.16
C MET B 3 -13.05 -15.60 12.44
N ALA B 4 -12.39 -14.87 11.52
CA ALA B 4 -12.17 -13.43 11.63
C ALA B 4 -13.49 -12.61 11.61
N PRO B 5 -13.51 -11.41 12.23
CA PRO B 5 -14.67 -10.50 12.22
C PRO B 5 -14.68 -9.71 10.88
N GLU B 6 -14.61 -8.38 10.93
CA GLU B 6 -14.53 -7.49 9.75
C GLU B 6 -13.82 -6.17 10.10
N ASP B 7 -13.49 -5.37 9.08
CA ASP B 7 -12.84 -4.05 9.19
C ASP B 7 -13.15 -3.20 7.96
N PRO B 8 -13.18 -1.85 8.06
CA PRO B 8 -13.53 -0.98 6.94
C PRO B 8 -12.45 -0.86 5.85
N ASN B 9 -11.23 -1.38 6.09
CA ASN B 9 -10.12 -1.30 5.14
C ASN B 9 -10.12 -2.47 4.13
N GLU B 10 -10.61 -3.65 4.51
CA GLU B 10 -10.63 -4.85 3.65
C GLU B 10 -11.45 -4.64 2.37
N GLU B 11 -12.44 -3.74 2.43
CA GLU B 11 -13.28 -3.32 1.30
C GLU B 11 -12.43 -2.71 0.17
N ALA B 12 -11.40 -1.95 0.52
CA ALA B 12 -10.44 -1.39 -0.43
C ALA B 12 -9.39 -2.43 -0.84
N VAL B 13 -8.87 -3.22 0.11
CA VAL B 13 -7.89 -4.28 -0.19
C VAL B 13 -8.46 -5.31 -1.17
N SER B 14 -9.76 -5.64 -1.09
CA SER B 14 -10.45 -6.62 -1.95
C SER B 14 -10.43 -6.32 -3.45
N GLN B 15 -10.28 -5.07 -3.88
CA GLN B 15 -10.15 -4.75 -5.32
C GLN B 15 -8.69 -4.77 -5.80
N ILE B 16 -7.73 -4.59 -4.89
CA ILE B 16 -6.27 -4.59 -5.14
C ILE B 16 -5.66 -6.01 -5.01
N PHE B 17 -5.88 -6.66 -3.87
CA PHE B 17 -5.38 -7.99 -3.50
C PHE B 17 -6.42 -8.79 -2.67
N PRO B 18 -7.50 -9.33 -3.27
CA PRO B 18 -8.49 -10.12 -2.54
C PRO B 18 -7.91 -11.43 -1.97
N ASP B 19 -8.70 -12.13 -1.14
CA ASP B 19 -8.31 -13.40 -0.53
C ASP B 19 -8.09 -14.55 -1.55
N SER B 20 -8.64 -14.40 -2.76
CA SER B 20 -8.54 -15.35 -3.88
C SER B 20 -7.21 -15.27 -4.62
N VAL B 21 -6.81 -14.07 -5.08
CA VAL B 21 -5.59 -13.81 -5.88
C VAL B 21 -4.91 -12.48 -5.56
N MET B 22 -3.63 -12.35 -5.93
CA MET B 22 -2.87 -11.09 -5.85
C MET B 22 -3.09 -10.29 -7.14
N LEU B 23 -4.32 -9.82 -7.36
CA LEU B 23 -4.79 -9.14 -8.59
C LEU B 23 -3.89 -8.02 -9.11
N ALA B 24 -3.12 -7.33 -8.25
CA ALA B 24 -2.16 -6.29 -8.65
C ALA B 24 -1.12 -6.75 -9.69
N VAL B 25 -0.87 -8.06 -9.84
CA VAL B 25 0.02 -8.62 -10.87
C VAL B 25 -0.56 -8.47 -12.29
N GLN B 26 -1.87 -8.19 -12.42
CA GLN B 26 -2.61 -8.04 -13.68
C GLN B 26 -3.55 -6.81 -13.74
N GLU B 27 -3.64 -6.01 -12.68
CA GLU B 27 -4.50 -4.81 -12.58
C GLU B 27 -3.75 -3.61 -11.97
N GLY B 28 -4.09 -2.39 -12.42
CA GLY B 28 -3.49 -1.13 -11.96
C GLY B 28 -4.35 -0.39 -10.93
N ILE B 29 -3.69 0.28 -9.97
CA ILE B 29 -4.32 1.08 -8.90
C ILE B 29 -4.75 2.47 -9.40
N ASP B 30 -5.78 3.03 -8.75
CA ASP B 30 -6.39 4.36 -8.98
C ASP B 30 -5.52 5.58 -8.57
N LEU B 31 -4.19 5.44 -8.60
CA LEU B 31 -3.19 6.49 -8.27
C LEU B 31 -3.40 7.79 -9.08
N LEU B 32 -4.06 7.68 -10.25
CA LEU B 32 -4.43 8.74 -11.20
C LEU B 32 -5.03 10.00 -10.53
N THR B 33 -5.66 9.83 -9.36
CA THR B 33 -6.28 10.88 -8.55
C THR B 33 -5.30 11.89 -7.93
N PHE B 34 -3.99 11.60 -7.93
CA PHE B 34 -2.95 12.46 -7.35
C PHE B 34 -2.80 13.84 -8.07
N PRO B 35 -2.15 14.85 -7.44
CA PRO B 35 -1.96 16.17 -8.04
C PRO B 35 -1.23 16.18 -9.40
N PRO B 36 -1.48 17.18 -10.27
CA PRO B 36 -0.82 17.31 -11.58
C PRO B 36 0.66 17.72 -11.46
N ALA B 37 1.39 17.67 -12.58
CA ALA B 37 2.80 18.06 -12.66
C ALA B 37 3.02 19.57 -12.33
N PRO B 38 4.19 19.95 -11.78
CA PRO B 38 4.49 21.34 -11.43
C PRO B 38 4.78 22.27 -12.63
N GLY B 39 5.02 21.71 -13.83
CA GLY B 39 5.30 22.44 -15.07
C GLY B 39 5.53 21.53 -16.27
N SER B 40 5.81 22.12 -17.43
CA SER B 40 6.08 21.44 -18.70
C SER B 40 7.44 20.68 -18.66
N PRO B 41 7.61 19.60 -19.42
CA PRO B 41 8.85 18.82 -19.43
C PRO B 41 10.03 19.49 -20.17
N GLU B 42 9.77 20.56 -20.93
CA GLU B 42 10.76 21.32 -21.71
C GLU B 42 11.86 21.92 -20.81
N SER A 1 -18.49 11.59 -6.94
CA SER A 1 -17.20 12.29 -6.89
C SER A 1 -16.02 11.31 -7.00
N PRO A 2 -15.59 10.93 -8.23
CA PRO A 2 -14.48 9.99 -8.46
C PRO A 2 -13.21 10.30 -7.67
N GLN A 3 -12.78 11.58 -7.63
CA GLN A 3 -11.61 12.03 -6.86
C GLN A 3 -11.71 11.64 -5.38
N GLU A 4 -12.85 11.92 -4.74
CA GLU A 4 -13.11 11.54 -3.34
C GLU A 4 -13.08 10.02 -3.17
N SER A 5 -13.82 9.26 -3.98
CA SER A 5 -13.85 7.79 -3.93
C SER A 5 -12.44 7.17 -4.03
N ARG A 6 -11.60 7.68 -4.94
CA ARG A 6 -10.20 7.27 -5.12
C ARG A 6 -9.37 7.58 -3.88
N ARG A 7 -9.41 8.84 -3.40
CA ARG A 7 -8.70 9.32 -2.20
C ARG A 7 -9.11 8.55 -0.93
N LEU A 8 -10.35 8.08 -0.85
CA LEU A 8 -10.85 7.23 0.25
C LEU A 8 -10.26 5.82 0.10
N SER A 9 -10.40 5.18 -1.06
CA SER A 9 -9.85 3.83 -1.32
C SER A 9 -8.36 3.72 -1.00
N ILE A 10 -7.55 4.65 -1.51
CA ILE A 10 -6.10 4.69 -1.28
C ILE A 10 -5.74 4.87 0.21
N GLN A 11 -6.32 5.85 0.92
CA GLN A 11 -6.03 6.06 2.34
C GLN A 11 -6.47 4.88 3.23
N ARG A 12 -7.64 4.26 2.95
CA ARG A 12 -8.13 3.07 3.66
C ARG A 12 -7.14 1.91 3.51
N CYS A 13 -6.78 1.57 2.28
CA CYS A 13 -5.78 0.52 2.01
C CYS A 13 -4.45 0.79 2.72
N ILE A 14 -4.01 2.06 2.79
CA ILE A 14 -2.79 2.46 3.50
C ILE A 14 -2.89 2.24 5.02
N GLN A 15 -4.07 2.29 5.64
CA GLN A 15 -4.20 1.94 7.08
C GLN A 15 -3.83 0.47 7.30
N SER A 16 -4.37 -0.41 6.44
CA SER A 16 -4.07 -1.86 6.42
C SER A 16 -2.59 -2.14 6.19
N LEU A 17 -1.94 -1.36 5.30
CA LEU A 17 -0.51 -1.44 5.01
C LEU A 17 0.32 -1.16 6.27
N VAL A 18 0.04 -0.06 6.98
CA VAL A 18 0.73 0.27 8.25
C VAL A 18 0.58 -0.87 9.26
N HIS A 19 -0.62 -1.41 9.47
CA HIS A 19 -0.86 -2.54 10.38
C HIS A 19 0.08 -3.71 10.04
N ALA A 20 0.05 -4.23 8.81
CA ALA A 20 0.89 -5.33 8.37
C ALA A 20 2.40 -5.07 8.53
N CYS A 21 2.85 -3.81 8.46
CA CYS A 21 4.25 -3.42 8.65
C CYS A 21 4.69 -3.37 10.13
N GLN A 22 3.76 -3.40 11.10
CA GLN A 22 4.04 -3.38 12.55
C GLN A 22 3.52 -4.60 13.33
N CYS A 23 2.65 -5.42 12.73
CA CYS A 23 2.06 -6.62 13.33
C CYS A 23 3.14 -7.66 13.74
N ARG A 24 3.16 -8.00 15.02
CA ARG A 24 4.12 -8.89 15.69
C ARG A 24 3.92 -10.39 15.43
N ASN A 25 2.78 -10.81 14.88
CA ASN A 25 2.43 -12.21 14.64
C ASN A 25 1.90 -12.46 13.21
N ALA A 26 2.66 -13.17 12.38
CA ALA A 26 2.28 -13.52 11.00
C ALA A 26 0.94 -14.31 10.89
N ASN A 27 0.45 -14.90 11.99
CA ASN A 27 -0.79 -15.67 12.08
C ASN A 27 -2.03 -14.81 12.42
N CYS A 28 -1.90 -13.48 12.51
CA CYS A 28 -2.95 -12.49 12.81
C CYS A 28 -4.23 -12.76 11.97
N SER A 29 -5.37 -12.92 12.65
CA SER A 29 -6.67 -13.26 12.06
C SER A 29 -7.42 -12.10 11.39
N LEU A 30 -6.89 -10.88 11.39
CA LEU A 30 -7.51 -9.71 10.75
C LEU A 30 -7.56 -9.90 9.22
N PRO A 31 -8.72 -9.69 8.53
CA PRO A 31 -8.81 -9.83 7.07
C PRO A 31 -7.77 -8.98 6.32
N SER A 32 -7.59 -7.73 6.76
CA SER A 32 -6.67 -6.75 6.18
C SER A 32 -5.20 -7.19 6.26
N CYS A 33 -4.76 -7.62 7.46
CA CYS A 33 -3.41 -8.11 7.72
C CYS A 33 -3.08 -9.29 6.77
N GLN A 34 -3.96 -10.30 6.71
CA GLN A 34 -3.84 -11.47 5.83
C GLN A 34 -3.70 -11.08 4.36
N LYS A 35 -4.55 -10.17 3.84
CA LYS A 35 -4.45 -9.66 2.45
C LYS A 35 -3.07 -9.03 2.18
N MET A 36 -2.64 -8.10 3.04
CA MET A 36 -1.32 -7.47 2.97
C MET A 36 -0.17 -8.47 2.97
N LYS A 37 -0.20 -9.49 3.84
CA LYS A 37 0.86 -10.51 3.94
C LYS A 37 1.22 -11.13 2.60
N ARG A 38 0.26 -11.35 1.69
CA ARG A 38 0.53 -11.88 0.33
C ARG A 38 1.46 -10.96 -0.47
N VAL A 39 1.09 -9.69 -0.66
CA VAL A 39 1.92 -8.72 -1.39
C VAL A 39 3.23 -8.40 -0.66
N VAL A 40 3.23 -8.39 0.68
CA VAL A 40 4.44 -8.20 1.52
C VAL A 40 5.44 -9.34 1.27
N GLN A 41 4.99 -10.60 1.34
CA GLN A 41 5.82 -11.77 1.05
C GLN A 41 6.31 -11.79 -0.41
N HIS A 42 5.57 -11.19 -1.35
CA HIS A 42 5.97 -11.06 -2.75
C HIS A 42 7.14 -10.07 -2.88
N THR A 43 6.94 -8.78 -2.57
CA THR A 43 7.96 -7.73 -2.75
C THR A 43 9.30 -8.03 -2.06
N LYS A 44 9.31 -8.69 -0.89
CA LYS A 44 10.55 -9.05 -0.19
C LYS A 44 11.35 -10.20 -0.82
N GLY A 45 10.76 -10.98 -1.73
CA GLY A 45 11.38 -12.15 -2.38
C GLY A 45 11.40 -12.15 -3.92
N CYS A 46 10.70 -11.22 -4.57
CA CYS A 46 10.61 -11.09 -6.03
C CYS A 46 12.00 -10.90 -6.69
N LYS A 47 12.16 -11.48 -7.88
CA LYS A 47 13.37 -11.44 -8.72
C LYS A 47 13.25 -10.45 -9.89
N ARG A 48 12.08 -9.83 -10.08
CA ARG A 48 11.78 -8.85 -11.13
C ARG A 48 11.76 -7.43 -10.54
N LYS A 49 10.89 -7.19 -9.54
CA LYS A 49 10.66 -5.93 -8.82
C LYS A 49 10.34 -4.72 -9.70
N THR A 50 10.06 -3.57 -9.09
CA THR A 50 9.70 -2.32 -9.79
C THR A 50 10.76 -1.85 -10.79
N ASN A 51 12.05 -2.01 -10.47
CA ASN A 51 13.17 -1.66 -11.36
C ASN A 51 13.21 -2.51 -12.65
N GLY A 52 12.63 -3.71 -12.64
CA GLY A 52 12.52 -4.61 -13.80
C GLY A 52 11.17 -4.50 -14.52
N GLY A 53 10.13 -4.00 -13.85
CA GLY A 53 8.77 -3.80 -14.38
C GLY A 53 7.68 -4.67 -13.73
N CYS A 54 7.93 -5.31 -12.60
CA CYS A 54 6.97 -6.18 -11.90
C CYS A 54 5.70 -5.39 -11.46
N PRO A 55 4.49 -5.78 -11.91
CA PRO A 55 3.26 -5.09 -11.58
C PRO A 55 2.86 -5.19 -10.10
N VAL A 56 3.04 -6.35 -9.45
CA VAL A 56 2.70 -6.55 -8.01
C VAL A 56 3.47 -5.58 -7.13
N CYS A 57 4.80 -5.57 -7.23
CA CYS A 57 5.68 -4.67 -6.50
C CYS A 57 5.27 -3.21 -6.74
N LYS A 58 4.98 -2.81 -7.99
CA LYS A 58 4.51 -1.45 -8.34
C LYS A 58 3.25 -1.06 -7.57
N GLN A 59 2.27 -1.96 -7.42
CA GLN A 59 1.04 -1.65 -6.67
C GLN A 59 1.35 -1.33 -5.20
N LEU A 60 2.28 -2.07 -4.56
CA LEU A 60 2.72 -1.79 -3.20
C LEU A 60 3.47 -0.45 -3.11
N ILE A 61 4.51 -0.25 -3.95
CA ILE A 61 5.32 0.97 -3.96
C ILE A 61 4.48 2.23 -4.22
N ALA A 62 3.45 2.18 -5.09
CA ALA A 62 2.54 3.29 -5.34
C ALA A 62 1.88 3.80 -4.03
N LEU A 63 1.32 2.88 -3.23
CA LEU A 63 0.72 3.19 -1.93
C LEU A 63 1.77 3.62 -0.91
N CYS A 64 2.96 3.03 -0.91
CA CYS A 64 4.07 3.48 -0.05
C CYS A 64 4.45 4.94 -0.36
N CYS A 65 4.47 5.33 -1.64
CA CYS A 65 4.74 6.69 -2.08
C CYS A 65 3.65 7.66 -1.60
N TYR A 66 2.37 7.32 -1.81
CA TYR A 66 1.25 8.15 -1.34
C TYR A 66 1.25 8.31 0.19
N HIS A 67 1.61 7.25 0.92
CA HIS A 67 1.78 7.29 2.38
C HIS A 67 2.92 8.26 2.75
N ALA A 68 4.14 8.02 2.24
CA ALA A 68 5.35 8.82 2.50
C ALA A 68 5.18 10.34 2.21
N LYS A 69 4.33 10.70 1.25
CA LYS A 69 4.00 12.09 0.88
C LYS A 69 3.46 12.87 2.09
N HIS A 70 2.52 12.24 2.80
CA HIS A 70 1.81 12.78 3.96
C HIS A 70 2.49 12.47 5.31
N CYS A 71 3.25 11.37 5.42
CA CYS A 71 3.92 10.92 6.64
C CYS A 71 5.00 11.90 7.15
N GLN A 72 5.21 11.92 8.47
CA GLN A 72 6.16 12.79 9.19
C GLN A 72 6.96 12.05 10.31
N GLU A 73 6.68 10.78 10.58
CA GLU A 73 7.38 9.98 11.60
C GLU A 73 8.79 9.55 11.13
N ASN A 74 9.84 10.07 11.77
CA ASN A 74 11.25 9.79 11.43
C ASN A 74 11.67 8.30 11.54
N LYS A 75 10.87 7.45 12.20
CA LYS A 75 11.09 6.00 12.42
C LYS A 75 9.86 5.14 12.07
N CYS A 76 9.06 5.57 11.09
CA CYS A 76 7.84 4.91 10.61
C CYS A 76 8.05 3.39 10.32
N PRO A 77 7.14 2.49 10.75
CA PRO A 77 7.28 1.04 10.57
C PRO A 77 7.23 0.54 9.12
N VAL A 78 6.65 1.30 8.18
CA VAL A 78 6.56 0.94 6.75
C VAL A 78 7.98 0.91 6.14
N PRO A 79 8.49 -0.24 5.64
CA PRO A 79 9.85 -0.39 5.11
C PRO A 79 10.29 0.67 4.09
N PHE A 80 9.47 0.90 3.06
CA PHE A 80 9.78 1.82 1.96
C PHE A 80 9.56 3.31 2.28
N CYS A 81 8.66 3.65 3.22
CA CYS A 81 8.29 5.00 3.62
C CYS A 81 9.50 5.96 3.75
N LEU A 82 10.36 5.71 4.75
CA LEU A 82 11.57 6.49 5.04
C LEU A 82 12.51 6.66 3.83
N ASN A 83 12.63 5.64 2.97
CA ASN A 83 13.42 5.73 1.74
C ASN A 83 12.78 6.73 0.77
N ILE A 84 11.47 6.63 0.54
CA ILE A 84 10.73 7.57 -0.32
C ILE A 84 10.86 9.01 0.22
N LYS A 85 10.69 9.24 1.53
CA LYS A 85 10.86 10.57 2.15
C LYS A 85 12.19 11.21 1.76
N HIS A 86 13.29 10.45 1.81
CA HIS A 86 14.62 10.92 1.42
C HIS A 86 14.65 11.28 -0.08
N LYS A 87 14.21 10.35 -0.95
CA LYS A 87 14.09 10.54 -2.40
C LYS A 87 13.32 11.81 -2.76
N LEU A 88 12.23 12.11 -2.04
CA LEU A 88 11.39 13.31 -2.18
C LEU A 88 12.11 14.64 -1.96
N ARG A 89 13.24 14.66 -1.23
CA ARG A 89 14.09 15.85 -1.02
C ARG A 89 15.37 15.79 -1.87
N GLN A 90 15.85 14.58 -2.20
CA GLN A 90 17.02 14.32 -3.05
C GLN A 90 16.75 14.64 -4.54
N GLN A 91 15.51 14.49 -5.00
CA GLN A 91 15.07 14.78 -6.38
C GLN A 91 15.21 16.26 -6.77
N GLN A 92 15.08 16.57 -8.06
CA GLN A 92 15.14 17.92 -8.62
C GLN A 92 14.03 18.83 -8.06
N SER B 1 -11.94 -23.24 11.74
CA SER B 1 -11.91 -23.17 13.21
C SER B 1 -11.31 -21.86 13.76
N HIS B 2 -10.73 -21.03 12.89
CA HIS B 2 -10.07 -19.75 13.18
C HIS B 2 -10.61 -18.63 12.27
N MET B 3 -11.94 -18.58 12.11
CA MET B 3 -12.68 -17.61 11.29
C MET B 3 -12.34 -16.15 11.64
N ALA B 4 -11.98 -15.36 10.62
CA ALA B 4 -11.63 -13.94 10.76
C ALA B 4 -12.82 -13.07 11.22
N PRO B 5 -12.57 -11.96 11.95
CA PRO B 5 -13.60 -11.00 12.36
C PRO B 5 -13.91 -10.04 11.17
N GLU B 6 -13.70 -8.73 11.32
CA GLU B 6 -13.86 -7.71 10.27
C GLU B 6 -12.94 -6.51 10.50
N ASP B 7 -12.83 -5.63 9.51
CA ASP B 7 -12.04 -4.39 9.54
C ASP B 7 -12.66 -3.34 8.58
N PRO B 8 -12.81 -2.06 8.96
CA PRO B 8 -13.45 -1.05 8.10
C PRO B 8 -12.69 -0.71 6.80
N ASN B 9 -11.41 -1.09 6.70
CA ASN B 9 -10.56 -0.85 5.52
C ASN B 9 -10.49 -2.04 4.55
N GLU B 10 -10.95 -3.25 4.95
CA GLU B 10 -10.78 -4.49 4.16
C GLU B 10 -11.39 -4.44 2.74
N GLU B 11 -12.47 -3.68 2.58
CA GLU B 11 -13.17 -3.50 1.30
C GLU B 11 -12.27 -2.76 0.29
N ALA B 12 -11.58 -1.71 0.77
CA ALA B 12 -10.66 -0.92 -0.03
C ALA B 12 -9.40 -1.70 -0.45
N VAL B 13 -9.01 -2.74 0.30
CA VAL B 13 -7.88 -3.63 -0.03
C VAL B 13 -8.31 -4.69 -1.03
N SER B 14 -9.45 -5.35 -0.79
CA SER B 14 -10.01 -6.45 -1.60
C SER B 14 -10.15 -6.12 -3.09
N GLN B 15 -10.52 -4.89 -3.44
CA GLN B 15 -10.64 -4.45 -4.85
C GLN B 15 -9.26 -4.37 -5.56
N ILE B 16 -8.16 -4.19 -4.79
CA ILE B 16 -6.77 -4.08 -5.25
C ILE B 16 -6.11 -5.48 -5.29
N PHE B 17 -6.13 -6.19 -4.15
CA PHE B 17 -5.61 -7.54 -3.94
C PHE B 17 -6.40 -8.27 -2.84
N PRO B 18 -7.38 -9.15 -3.19
CA PRO B 18 -8.15 -9.91 -2.21
C PRO B 18 -7.35 -11.10 -1.65
N ASP B 19 -7.88 -11.78 -0.63
CA ASP B 19 -7.21 -12.92 0.01
C ASP B 19 -7.17 -14.19 -0.89
N SER B 20 -8.05 -14.27 -1.88
CA SER B 20 -8.19 -15.41 -2.81
C SER B 20 -7.08 -15.49 -3.88
N VAL B 21 -6.75 -14.39 -4.56
CA VAL B 21 -5.76 -14.34 -5.65
C VAL B 21 -4.87 -13.09 -5.64
N MET B 22 -3.70 -13.17 -6.29
CA MET B 22 -2.75 -12.07 -6.47
C MET B 22 -3.21 -11.12 -7.59
N LEU B 23 -4.37 -10.48 -7.42
CA LEU B 23 -4.95 -9.53 -8.40
C LEU B 23 -3.99 -8.36 -8.73
N ALA B 24 -3.07 -8.03 -7.83
CA ALA B 24 -2.03 -7.03 -8.03
C ALA B 24 -1.13 -7.29 -9.27
N VAL B 25 -1.06 -8.53 -9.78
CA VAL B 25 -0.28 -8.87 -11.00
C VAL B 25 -0.93 -8.36 -12.29
N GLN B 26 -2.22 -8.01 -12.25
CA GLN B 26 -3.00 -7.50 -13.39
C GLN B 26 -3.65 -6.12 -13.13
N GLU B 27 -3.81 -5.72 -11.86
CA GLU B 27 -4.37 -4.42 -11.45
C GLU B 27 -3.39 -3.26 -11.75
N GLY B 28 -3.93 -2.04 -11.89
CA GLY B 28 -3.21 -0.79 -12.14
C GLY B 28 -3.87 0.36 -11.37
N ILE B 29 -3.42 0.59 -10.12
CA ILE B 29 -3.97 1.59 -9.20
C ILE B 29 -4.05 3.00 -9.81
N ASP B 30 -5.21 3.63 -9.62
CA ASP B 30 -5.65 4.96 -10.07
C ASP B 30 -4.83 6.19 -9.59
N LEU B 31 -3.66 6.01 -8.96
CA LEU B 31 -2.77 7.08 -8.46
C LEU B 31 -2.34 8.09 -9.56
N LEU B 32 -2.40 7.70 -10.84
CA LEU B 32 -1.98 8.49 -12.00
C LEU B 32 -2.59 9.91 -12.07
N THR B 33 -3.84 10.05 -11.64
CA THR B 33 -4.62 11.31 -11.70
C THR B 33 -4.40 12.26 -10.52
N PHE B 34 -3.66 11.85 -9.48
CA PHE B 34 -3.42 12.66 -8.28
C PHE B 34 -2.33 13.74 -8.47
N PRO B 35 -2.44 14.90 -7.79
CA PRO B 35 -1.44 15.98 -7.87
C PRO B 35 -0.15 15.64 -7.08
N PRO B 36 0.98 16.34 -7.32
CA PRO B 36 2.24 16.15 -6.61
C PRO B 36 2.16 16.32 -5.08
N ALA B 37 1.25 17.17 -4.61
CA ALA B 37 0.99 17.48 -3.20
C ALA B 37 -0.53 17.69 -2.95
N PRO B 38 -1.03 17.48 -1.72
CA PRO B 38 -2.45 17.65 -1.40
C PRO B 38 -2.90 19.11 -1.53
N GLY B 39 -3.80 19.36 -2.48
CA GLY B 39 -4.34 20.70 -2.79
C GLY B 39 -5.39 21.25 -1.81
N SER B 40 -5.71 20.52 -0.73
CA SER B 40 -6.68 20.91 0.30
C SER B 40 -6.22 22.18 1.05
N PRO B 41 -7.15 23.06 1.49
CA PRO B 41 -6.80 24.31 2.16
C PRO B 41 -6.29 24.17 3.61
N GLU B 42 -6.47 22.99 4.23
CA GLU B 42 -6.04 22.69 5.61
C GLU B 42 -4.52 22.80 5.76
N SER A 1 -16.65 13.57 -8.93
CA SER A 1 -15.28 13.09 -9.14
C SER A 1 -15.14 11.59 -8.82
N PRO A 2 -15.47 10.67 -9.76
CA PRO A 2 -15.38 9.21 -9.58
C PRO A 2 -14.03 8.71 -9.03
N GLN A 3 -12.92 9.38 -9.38
CA GLN A 3 -11.56 9.06 -8.92
C GLN A 3 -11.39 9.15 -7.40
N GLU A 4 -12.28 9.86 -6.69
CA GLU A 4 -12.28 9.98 -5.23
C GLU A 4 -12.42 8.60 -4.55
N SER A 5 -13.10 7.64 -5.20
CA SER A 5 -13.21 6.25 -4.72
C SER A 5 -11.82 5.61 -4.55
N ARG A 6 -10.89 5.87 -5.48
CA ARG A 6 -9.49 5.40 -5.39
C ARG A 6 -8.74 6.14 -4.29
N ARG A 7 -8.92 7.47 -4.12
CA ARG A 7 -8.30 8.26 -3.04
C ARG A 7 -8.63 7.67 -1.66
N LEU A 8 -9.91 7.38 -1.43
CA LEU A 8 -10.42 6.76 -0.21
C LEU A 8 -9.92 5.31 -0.06
N SER A 9 -9.85 4.54 -1.16
CA SER A 9 -9.36 3.16 -1.11
C SER A 9 -7.86 3.08 -0.81
N ILE A 10 -7.05 3.99 -1.36
CA ILE A 10 -5.61 4.09 -1.10
C ILE A 10 -5.37 4.27 0.41
N GLN A 11 -5.90 5.35 1.01
CA GLN A 11 -5.72 5.63 2.45
C GLN A 11 -6.26 4.51 3.35
N ARG A 12 -7.36 3.84 2.98
CA ARG A 12 -7.91 2.68 3.70
C ARG A 12 -6.91 1.51 3.65
N CYS A 13 -6.46 1.11 2.46
CA CYS A 13 -5.44 0.07 2.28
C CYS A 13 -4.11 0.42 3.01
N ILE A 14 -3.76 1.71 3.12
CA ILE A 14 -2.59 2.17 3.89
C ILE A 14 -2.74 1.88 5.39
N GLN A 15 -3.95 1.85 5.96
CA GLN A 15 -4.14 1.45 7.37
C GLN A 15 -3.69 -0.01 7.55
N SER A 16 -4.06 -0.88 6.60
CA SER A 16 -3.67 -2.28 6.52
C SER A 16 -2.15 -2.41 6.38
N LEU A 17 -1.54 -1.58 5.52
CA LEU A 17 -0.10 -1.48 5.29
C LEU A 17 0.65 -1.18 6.60
N VAL A 18 0.33 -0.05 7.25
CA VAL A 18 0.93 0.37 8.54
C VAL A 18 0.78 -0.73 9.59
N HIS A 19 -0.42 -1.30 9.77
CA HIS A 19 -0.66 -2.41 10.71
C HIS A 19 0.30 -3.58 10.41
N ALA A 20 0.24 -4.15 9.21
CA ALA A 20 1.06 -5.29 8.81
C ALA A 20 2.59 -5.04 8.93
N CYS A 21 3.07 -3.80 8.79
CA CYS A 21 4.48 -3.44 8.95
C CYS A 21 4.97 -3.46 10.42
N GLN A 22 4.07 -3.43 11.41
CA GLN A 22 4.40 -3.46 12.84
C GLN A 22 3.80 -4.67 13.61
N CYS A 23 2.83 -5.38 13.01
CA CYS A 23 2.14 -6.55 13.56
C CYS A 23 3.14 -7.63 14.06
N ARG A 24 3.09 -7.91 15.37
CA ARG A 24 3.97 -8.86 16.08
C ARG A 24 3.70 -10.34 15.76
N ASN A 25 2.66 -10.66 14.99
CA ASN A 25 2.25 -12.02 14.61
C ASN A 25 2.06 -12.18 13.10
N ALA A 26 2.96 -12.90 12.43
CA ALA A 26 2.89 -13.19 10.99
C ALA A 26 1.60 -13.93 10.54
N ASN A 27 0.83 -14.48 11.48
CA ASN A 27 -0.41 -15.24 11.24
C ASN A 27 -1.69 -14.51 11.69
N CYS A 28 -1.62 -13.21 12.04
CA CYS A 28 -2.72 -12.34 12.46
C CYS A 28 -3.97 -12.52 11.55
N SER A 29 -5.06 -13.03 12.12
CA SER A 29 -6.29 -13.41 11.40
C SER A 29 -7.17 -12.25 10.90
N LEU A 30 -6.77 -10.99 11.09
CA LEU A 30 -7.49 -9.80 10.63
C LEU A 30 -7.54 -9.82 9.08
N PRO A 31 -8.70 -9.70 8.41
CA PRO A 31 -8.78 -9.84 6.95
C PRO A 31 -7.90 -8.86 6.16
N SER A 32 -7.73 -7.64 6.67
CA SER A 32 -6.82 -6.64 6.10
C SER A 32 -5.35 -7.09 6.22
N CYS A 33 -4.90 -7.45 7.43
CA CYS A 33 -3.55 -7.94 7.72
C CYS A 33 -3.22 -9.19 6.86
N GLN A 34 -4.12 -10.19 6.84
CA GLN A 34 -4.04 -11.40 6.02
C GLN A 34 -3.68 -11.07 4.57
N LYS A 35 -4.50 -10.25 3.89
CA LYS A 35 -4.24 -9.84 2.50
C LYS A 35 -2.96 -9.03 2.35
N MET A 36 -2.67 -8.13 3.28
CA MET A 36 -1.44 -7.32 3.24
C MET A 36 -0.18 -8.19 3.29
N LYS A 37 -0.16 -9.25 4.11
CA LYS A 37 0.96 -10.19 4.21
C LYS A 37 1.33 -10.81 2.86
N ARG A 38 0.38 -11.09 1.96
CA ARG A 38 0.65 -11.61 0.62
C ARG A 38 1.51 -10.65 -0.20
N VAL A 39 1.08 -9.39 -0.38
CA VAL A 39 1.87 -8.39 -1.12
C VAL A 39 3.20 -8.06 -0.43
N VAL A 40 3.24 -8.00 0.91
CA VAL A 40 4.46 -7.78 1.70
C VAL A 40 5.48 -8.90 1.45
N GLN A 41 5.07 -10.16 1.56
CA GLN A 41 5.92 -11.33 1.28
C GLN A 41 6.38 -11.38 -0.19
N HIS A 42 5.57 -10.86 -1.11
CA HIS A 42 5.91 -10.78 -2.53
C HIS A 42 7.05 -9.76 -2.74
N THR A 43 6.83 -8.47 -2.49
CA THR A 43 7.84 -7.41 -2.74
C THR A 43 9.21 -7.66 -2.09
N LYS A 44 9.26 -8.28 -0.89
CA LYS A 44 10.53 -8.58 -0.21
C LYS A 44 11.35 -9.75 -0.81
N GLY A 45 10.78 -10.53 -1.75
CA GLY A 45 11.43 -11.71 -2.34
C GLY A 45 11.18 -11.98 -3.84
N CYS A 46 10.52 -11.07 -4.57
CA CYS A 46 10.20 -11.20 -5.98
C CYS A 46 11.44 -11.45 -6.88
N LYS A 47 11.23 -12.22 -7.94
CA LYS A 47 12.23 -12.59 -8.96
C LYS A 47 12.73 -11.40 -9.79
N ARG A 48 11.96 -10.32 -9.89
CA ARG A 48 12.31 -9.12 -10.69
C ARG A 48 12.10 -7.76 -9.99
N LYS A 49 11.11 -7.63 -9.08
CA LYS A 49 10.77 -6.39 -8.36
C LYS A 49 10.47 -5.18 -9.27
N THR A 50 10.26 -4.00 -8.70
CA THR A 50 10.01 -2.74 -9.42
C THR A 50 11.10 -2.41 -10.43
N ASN A 51 12.38 -2.56 -10.06
CA ASN A 51 13.54 -2.33 -10.91
C ASN A 51 13.58 -3.25 -12.16
N GLY A 52 12.90 -4.40 -12.12
CA GLY A 52 12.77 -5.35 -13.22
C GLY A 52 11.41 -5.27 -13.95
N GLY A 53 10.47 -4.47 -13.45
CA GLY A 53 9.15 -4.21 -14.05
C GLY A 53 7.94 -4.94 -13.44
N CYS A 54 8.07 -5.57 -12.26
CA CYS A 54 6.96 -6.31 -11.63
C CYS A 54 5.75 -5.42 -11.26
N PRO A 55 4.54 -5.69 -11.80
CA PRO A 55 3.34 -4.90 -11.51
C PRO A 55 2.87 -5.01 -10.05
N VAL A 56 2.99 -6.16 -9.39
CA VAL A 56 2.59 -6.36 -7.98
C VAL A 56 3.43 -5.45 -7.07
N CYS A 57 4.76 -5.52 -7.19
CA CYS A 57 5.70 -4.69 -6.45
C CYS A 57 5.39 -3.21 -6.69
N LYS A 58 5.25 -2.78 -7.95
CA LYS A 58 4.89 -1.39 -8.32
C LYS A 58 3.61 -0.95 -7.59
N GLN A 59 2.58 -1.79 -7.56
CA GLN A 59 1.34 -1.51 -6.85
C GLN A 59 1.57 -1.26 -5.35
N LEU A 60 2.34 -2.11 -4.65
CA LEU A 60 2.64 -1.88 -3.23
C LEU A 60 3.41 -0.55 -3.04
N ILE A 61 4.43 -0.31 -3.87
CA ILE A 61 5.23 0.92 -3.86
C ILE A 61 4.39 2.17 -4.17
N ALA A 62 3.37 2.10 -5.03
CA ALA A 62 2.46 3.22 -5.32
C ALA A 62 1.73 3.64 -4.04
N LEU A 63 1.31 2.66 -3.23
CA LEU A 63 0.69 2.89 -1.92
C LEU A 63 1.70 3.50 -0.93
N CYS A 64 2.93 2.98 -0.90
CA CYS A 64 4.02 3.52 -0.08
C CYS A 64 4.32 4.99 -0.47
N CYS A 65 4.21 5.33 -1.76
CA CYS A 65 4.36 6.70 -2.25
C CYS A 65 3.28 7.61 -1.67
N TYR A 66 1.99 7.25 -1.78
CA TYR A 66 0.90 8.03 -1.18
C TYR A 66 1.10 8.20 0.34
N HIS A 67 1.50 7.14 1.04
CA HIS A 67 1.80 7.19 2.46
C HIS A 67 2.93 8.22 2.74
N ALA A 68 4.13 8.01 2.18
CA ALA A 68 5.31 8.88 2.34
C ALA A 68 5.07 10.35 1.95
N LYS A 69 4.20 10.62 0.97
CA LYS A 69 3.81 11.96 0.50
C LYS A 69 3.24 12.80 1.65
N HIS A 70 2.34 12.21 2.42
CA HIS A 70 1.64 12.79 3.56
C HIS A 70 2.34 12.60 4.93
N CYS A 71 3.22 11.60 5.06
CA CYS A 71 3.93 11.27 6.31
C CYS A 71 4.91 12.37 6.78
N GLN A 72 5.33 12.26 8.04
CA GLN A 72 6.26 13.18 8.74
C GLN A 72 7.08 12.54 9.88
N GLU A 73 6.88 11.27 10.22
CA GLU A 73 7.59 10.57 11.30
C GLU A 73 9.06 10.27 10.90
N ASN A 74 10.02 10.64 11.75
CA ASN A 74 11.46 10.45 11.52
C ASN A 74 11.92 8.98 11.54
N LYS A 75 11.16 8.08 12.18
CA LYS A 75 11.42 6.63 12.32
C LYS A 75 10.13 5.79 12.11
N CYS A 76 9.41 6.09 11.04
CA CYS A 76 8.15 5.44 10.65
C CYS A 76 8.31 3.89 10.53
N PRO A 77 7.38 3.06 11.04
CA PRO A 77 7.48 1.60 11.01
C PRO A 77 7.43 0.97 9.60
N VAL A 78 6.91 1.68 8.60
CA VAL A 78 6.83 1.21 7.20
C VAL A 78 8.23 1.19 6.56
N PRO A 79 8.79 0.03 6.15
CA PRO A 79 10.13 -0.08 5.56
C PRO A 79 10.43 0.87 4.39
N PHE A 80 9.51 0.96 3.43
CA PHE A 80 9.66 1.77 2.21
C PHE A 80 9.42 3.28 2.42
N CYS A 81 8.68 3.70 3.45
CA CYS A 81 8.32 5.09 3.73
C CYS A 81 9.55 6.03 3.67
N LEU A 82 10.49 5.88 4.62
CA LEU A 82 11.72 6.66 4.70
C LEU A 82 12.54 6.66 3.41
N ASN A 83 12.61 5.52 2.71
CA ASN A 83 13.27 5.41 1.41
C ASN A 83 12.60 6.33 0.38
N ILE A 84 11.27 6.29 0.25
CA ILE A 84 10.51 7.20 -0.63
C ILE A 84 10.73 8.66 -0.21
N LYS A 85 10.66 9.00 1.08
CA LYS A 85 10.93 10.38 1.56
C LYS A 85 12.26 10.90 1.03
N HIS A 86 13.32 10.08 1.09
CA HIS A 86 14.64 10.43 0.53
C HIS A 86 14.55 10.62 -1.00
N LYS A 87 13.91 9.70 -1.73
CA LYS A 87 13.71 9.80 -3.19
C LYS A 87 13.04 11.13 -3.60
N LEU A 88 12.06 11.59 -2.81
CA LEU A 88 11.33 12.85 -3.01
C LEU A 88 12.21 14.11 -2.86
N ARG A 89 13.22 14.11 -1.99
CA ARG A 89 14.13 15.26 -1.78
C ARG A 89 15.30 15.31 -2.76
N GLN A 90 15.81 14.16 -3.21
CA GLN A 90 16.95 14.09 -4.15
C GLN A 90 16.61 14.48 -5.60
N GLN A 91 15.33 14.74 -5.91
CA GLN A 91 14.84 15.16 -7.24
C GLN A 91 15.49 16.45 -7.77
N GLN A 92 15.97 17.32 -6.89
CA GLN A 92 16.64 18.59 -7.23
C GLN A 92 17.95 18.35 -8.00
N SER B 1 -15.56 -15.92 18.38
CA SER B 1 -14.61 -15.03 19.03
C SER B 1 -13.15 -15.51 18.96
N HIS B 2 -12.91 -16.71 18.42
CA HIS B 2 -11.59 -17.33 18.27
C HIS B 2 -10.67 -16.62 17.26
N MET B 3 -11.22 -15.77 16.39
CA MET B 3 -10.53 -14.96 15.38
C MET B 3 -11.24 -13.61 15.15
N ALA B 4 -10.62 -12.71 14.38
CA ALA B 4 -11.17 -11.39 14.06
C ALA B 4 -12.51 -11.48 13.27
N PRO B 5 -13.50 -10.61 13.55
CA PRO B 5 -14.80 -10.62 12.87
C PRO B 5 -14.71 -10.11 11.42
N GLU B 6 -14.30 -8.85 11.24
CA GLU B 6 -14.14 -8.11 9.99
C GLU B 6 -13.25 -6.87 10.19
N ASP B 7 -12.93 -6.15 9.13
CA ASP B 7 -12.14 -4.91 9.16
C ASP B 7 -12.64 -3.93 8.06
N PRO B 8 -12.93 -2.65 8.36
CA PRO B 8 -13.50 -1.72 7.37
C PRO B 8 -12.60 -1.41 6.17
N ASN B 9 -11.29 -1.66 6.26
CA ASN B 9 -10.34 -1.44 5.16
C ASN B 9 -10.32 -2.61 4.14
N GLU B 10 -10.86 -3.80 4.48
CA GLU B 10 -10.82 -4.98 3.61
C GLU B 10 -11.53 -4.78 2.26
N GLU B 11 -12.55 -3.93 2.20
CA GLU B 11 -13.30 -3.59 0.98
C GLU B 11 -12.39 -2.86 -0.02
N ALA B 12 -11.62 -1.88 0.46
CA ALA B 12 -10.64 -1.13 -0.31
C ALA B 12 -9.48 -2.04 -0.76
N VAL B 13 -8.91 -2.83 0.17
CA VAL B 13 -7.85 -3.81 -0.12
C VAL B 13 -8.28 -4.73 -1.25
N SER B 14 -9.51 -5.24 -1.20
CA SER B 14 -10.07 -6.16 -2.20
C SER B 14 -10.12 -5.58 -3.63
N GLN B 15 -10.25 -4.26 -3.83
CA GLN B 15 -10.21 -3.71 -5.19
C GLN B 15 -8.79 -3.68 -5.78
N ILE B 16 -7.76 -3.71 -4.94
CA ILE B 16 -6.34 -3.76 -5.32
C ILE B 16 -5.87 -5.23 -5.45
N PHE B 17 -6.08 -6.05 -4.41
CA PHE B 17 -5.73 -7.47 -4.33
C PHE B 17 -6.73 -8.27 -3.43
N PRO B 18 -7.80 -8.87 -4.00
CA PRO B 18 -8.80 -9.65 -3.25
C PRO B 18 -8.31 -11.04 -2.81
N ASP B 19 -9.11 -11.71 -1.98
CA ASP B 19 -8.84 -13.07 -1.48
C ASP B 19 -8.91 -14.17 -2.58
N SER B 20 -9.57 -13.87 -3.70
CA SER B 20 -9.73 -14.77 -4.84
C SER B 20 -8.46 -14.90 -5.70
N VAL B 21 -7.87 -13.77 -6.12
CA VAL B 21 -6.69 -13.70 -7.00
C VAL B 21 -5.76 -12.53 -6.66
N MET B 22 -4.48 -12.63 -7.04
CA MET B 22 -3.44 -11.60 -6.91
C MET B 22 -3.62 -10.46 -7.94
N LEU B 23 -4.81 -9.85 -7.98
CA LEU B 23 -5.26 -8.81 -8.93
C LEU B 23 -4.27 -7.66 -9.18
N ALA B 24 -3.42 -7.34 -8.20
CA ALA B 24 -2.37 -6.33 -8.33
C ALA B 24 -1.35 -6.61 -9.45
N VAL B 25 -1.30 -7.85 -9.97
CA VAL B 25 -0.48 -8.24 -11.13
C VAL B 25 -1.04 -7.70 -12.46
N GLN B 26 -2.30 -7.25 -12.49
CA GLN B 26 -2.97 -6.72 -13.69
C GLN B 26 -3.70 -5.37 -13.50
N GLU B 27 -4.21 -5.04 -12.31
CA GLU B 27 -4.86 -3.74 -12.06
C GLU B 27 -3.84 -2.59 -11.88
N GLY B 28 -4.31 -1.34 -11.87
CA GLY B 28 -3.46 -0.15 -11.76
C GLY B 28 -4.01 0.92 -10.81
N ILE B 29 -3.30 1.18 -9.71
CA ILE B 29 -3.62 2.22 -8.71
C ILE B 29 -3.48 3.61 -9.35
N ASP B 30 -4.60 4.32 -9.52
CA ASP B 30 -4.65 5.69 -10.05
C ASP B 30 -4.19 6.71 -8.98
N LEU B 31 -2.90 6.65 -8.63
CA LEU B 31 -2.21 7.49 -7.63
C LEU B 31 -2.37 9.00 -7.90
N LEU B 32 -2.64 9.37 -9.16
CA LEU B 32 -2.91 10.73 -9.67
C LEU B 32 -4.08 11.42 -8.94
N THR B 33 -4.97 10.63 -8.32
CA THR B 33 -6.15 11.07 -7.56
C THR B 33 -5.86 11.84 -6.26
N PHE B 34 -4.62 11.80 -5.76
CA PHE B 34 -4.23 12.43 -4.48
C PHE B 34 -4.66 13.91 -4.33
N PRO B 35 -4.94 14.37 -3.08
CA PRO B 35 -5.37 15.75 -2.82
C PRO B 35 -4.24 16.77 -3.12
N PRO B 36 -4.43 17.73 -4.04
CA PRO B 36 -3.42 18.74 -4.39
C PRO B 36 -3.31 19.85 -3.32
N ALA B 37 -2.34 20.74 -3.50
CA ALA B 37 -2.07 21.89 -2.62
C ALA B 37 -1.91 23.21 -3.44
N PRO B 38 -2.99 23.76 -4.02
CA PRO B 38 -2.93 24.98 -4.84
C PRO B 38 -2.67 26.27 -4.04
N GLY B 39 -2.74 26.22 -2.70
CA GLY B 39 -2.49 27.34 -1.79
C GLY B 39 -1.00 27.62 -1.48
N SER B 40 -0.07 26.92 -2.15
CA SER B 40 1.39 27.02 -2.03
C SER B 40 1.90 28.48 -2.17
N PRO B 41 2.37 29.13 -1.08
CA PRO B 41 2.84 30.53 -1.12
C PRO B 41 3.91 30.85 -2.16
N GLU B 42 4.81 29.92 -2.45
CA GLU B 42 5.87 30.05 -3.46
C GLU B 42 5.31 30.12 -4.88
#